data_5ZX5
#
_entry.id   5ZX5
#
_cell.length_a   1.00
_cell.length_b   1.00
_cell.length_c   1.00
_cell.angle_alpha   90.00
_cell.angle_beta   90.00
_cell.angle_gamma   90.00
#
_symmetry.space_group_name_H-M   'P 1'
#
loop_
_entity.id
_entity.type
_entity.pdbx_description
1 polymer 'Transient receptor potential cation channel subfamily M member 7'
2 non-polymer 'CHOLESTEROL HEMISUCCINATE'
#
_entity_poly.entity_id   1
_entity_poly.type   'polypeptide(L)'
_entity_poly.pdbx_seq_one_letter_code
;SQKSWIESTLTKRECVYIIPSSKDPHRCLPGCQICQQLVRCFCGRLVKQHACFTASLAMKYSDVKLGEHFNQAIEEWSVE
KHTEQSPTDAYGVINFQGGSHSYRAKYVRLSYDTKPEIILQLLLKEWQMELPKLVISVHGGMQKFELHPRIKQLLGKGLI
KAAVTTGAWILTGGVNTGVAKHVGDALKEHASRSSRKICTIGIAPWGVIENRNDLVGRDVVAPYQTLLNPLSKLNVLNNL
HSHFILVDDGTVGKYGAEVRLRRELEKTINQQRIHARIGQGVPVVALIFEGGPNVILTVLEYLQESPPVPVVVCEGTGRA
ADLLAYIHKQTEEGGNLPDAAEPDIISTIKKTFNFGQSEAVHLFQTMMECMKKKELITVFHIGSEDHQDIDVAILTALLK
GTNASAFDQLILTLAWDRVDIAKNHVFVYGQQWLVGSLEQAMLDALVMDRVSFVKLLIENGVSMHKFLTIPRLEELYNTK
QGPTNPMLFHLIRDVKQGNLPPGYKITLIDIGLVIEYLMGGTYRCTYTRKRFRLIYNSLGGNNRRSGRNTSSSTPQLRKS
HETFGNRADKKEKMRHNHFIKTAQPYRPKMDASMEEGKKKRTKDEIVDIDDPETKRFPYPLNELLIWACLMKRQVMARFL
WQHGEESMAKALVACKIYRSMAYEAKQSDLVDDTSEELKQYSNDFGQLAVELLEQSFRQDETMAMKLLTYELKNWSNSTC
LKLAVSSRLRPFVAHTCTQMLLSDMWMGRLNMRKNSWYKVILSILVPPAILMLEYKTKAEMSHIPQSQDAHQMTMEDSEN
NFHNITEEIPMEVFKEVKILDSSDGKNEMEIHIKSKKLPITRKFYAFYHAPIVKFWFNTLAYLGFLMLYTFVVLVKMEQL
PSVQEWIVIAYIFTYAIEKVREVFMSEAGKISQKIKVWFSDYFNVSDTIAIISFFVGFGLRFGAKWNYINAYDNHVFVAG
RLIYCLNIIFWYVRLLDFLAVNQQAGPYVMMIGKMVANMFYIVVIMALVLLSFGVPRKAILYPHEEPSWSLAKDIVFHPY
WMIFGEVYAYEIDVCANDSTLPTICGPGTWLTPFLQAVYLFVQYIIMVNLLIAFFNNVYLQVKAISNIVWKYQRYHFIMA
YHEKPVLPPPLIILSHIVSLFCCVCKRRKKDKTSDGPKLFLTEEDQKKLHDFEEQCVEMYFDEKDDKFNSGSEERIRVTF
ERVEQMSIQIKEVGDRVNYIKRSLQSLDS
;
_entity_poly.pdbx_strand_id   A,B,C,D
#
loop_
_chem_comp.id
_chem_comp.type
_chem_comp.name
_chem_comp.formula
Y01 non-polymer 'CHOLESTEROL HEMISUCCINATE' 'C31 H50 O4'
#
# COMPACT_ATOMS: atom_id res chain seq x y z
N TRP A 5 30.94 31.05 36.60
CA TRP A 5 30.43 30.41 37.80
C TRP A 5 28.95 30.16 37.67
N ILE A 6 28.16 30.82 38.52
CA ILE A 6 26.74 30.53 38.60
C ILE A 6 26.02 30.95 37.32
N GLU A 7 26.40 32.07 36.74
CA GLU A 7 25.80 32.51 35.49
C GLU A 7 26.26 31.66 34.30
N SER A 8 27.45 31.08 34.40
CA SER A 8 27.96 30.29 33.29
C SER A 8 27.42 28.86 33.33
N THR A 9 27.26 28.29 34.53
CA THR A 9 26.69 26.95 34.63
C THR A 9 25.19 26.95 34.34
N LEU A 10 24.50 28.05 34.67
CA LEU A 10 23.08 28.13 34.37
C LEU A 10 22.84 28.29 32.88
N THR A 11 23.70 29.05 32.20
CA THR A 11 23.59 29.20 30.76
C THR A 11 23.96 27.91 30.04
N LYS A 12 24.80 27.09 30.67
CA LYS A 12 25.10 25.76 30.13
C LYS A 12 23.88 24.85 30.24
N ARG A 13 23.24 24.84 31.41
CA ARG A 13 22.11 23.97 31.64
C ARG A 13 20.88 24.41 30.86
N GLU A 14 20.74 25.71 30.62
CA GLU A 14 19.61 26.19 29.83
C GLU A 14 19.80 25.86 28.35
N CYS A 15 21.03 25.98 27.86
CA CYS A 15 21.33 25.57 26.48
C CYS A 15 21.40 24.06 26.35
N VAL A 16 21.67 23.35 27.45
CA VAL A 16 21.81 21.89 27.50
C VAL A 16 22.82 21.33 26.49
N HIS A 50 9.11 27.73 56.72
CA HIS A 50 9.52 28.83 55.85
C HIS A 50 10.10 28.29 54.55
N ALA A 51 9.30 28.30 53.48
CA ALA A 51 9.73 27.81 52.18
C ALA A 51 9.28 28.80 51.11
N CYS A 52 10.14 29.02 50.13
CA CYS A 52 9.82 29.84 48.98
C CYS A 52 10.09 29.03 47.71
N PHE A 53 9.26 29.19 46.71
CA PHE A 53 9.54 28.69 45.36
C PHE A 53 9.58 29.85 44.38
N THR A 54 10.70 30.00 43.68
CA THR A 54 10.86 31.08 42.71
C THR A 54 10.37 30.61 41.35
N ALA A 55 9.49 31.37 40.72
CA ALA A 55 8.90 30.96 39.46
C ALA A 55 9.22 31.94 38.34
N TYR A 61 17.38 29.94 55.69
CA TYR A 61 16.29 30.37 54.83
C TYR A 61 16.37 29.67 53.48
N SER A 62 15.74 28.52 53.35
CA SER A 62 15.95 27.62 52.23
C SER A 62 14.78 27.70 51.26
N ASP A 63 15.09 27.94 50.00
CA ASP A 63 14.06 28.15 48.99
C ASP A 63 14.33 27.30 47.75
N VAL A 64 13.35 26.49 47.35
CA VAL A 64 13.44 25.73 46.12
C VAL A 64 13.20 26.63 44.92
N LYS A 65 13.26 26.05 43.73
CA LYS A 65 13.05 26.79 42.51
C LYS A 65 12.15 26.02 41.56
N LEU A 66 11.58 26.73 40.60
CA LEU A 66 10.66 26.15 39.63
C LEU A 66 10.63 26.92 38.33
N GLN A 72 18.48 27.52 34.44
CA GLN A 72 18.67 28.25 35.68
C GLN A 72 18.88 27.29 36.84
N ALA A 73 19.59 27.76 37.87
CA ALA A 73 20.01 26.92 38.98
C ALA A 73 18.81 26.58 39.84
N ILE A 74 18.26 25.39 39.64
CA ILE A 74 17.07 24.93 40.35
C ILE A 74 17.48 24.33 41.68
N GLU A 75 17.56 25.15 42.71
CA GLU A 75 17.97 24.71 44.04
C GLU A 75 16.93 23.78 44.64
N GLU A 76 17.28 23.20 45.79
CA GLU A 76 16.36 22.32 46.48
C GLU A 76 16.63 22.31 47.98
N ASP A 89 19.15 18.24 40.79
CA ASP A 89 20.36 18.76 40.17
C ASP A 89 20.91 19.93 40.98
N ALA A 90 21.11 21.07 40.33
CA ALA A 90 22.02 22.11 40.80
C ALA A 90 21.58 22.81 42.07
N TYR A 91 22.05 22.33 43.22
CA TYR A 91 21.68 22.92 44.51
C TYR A 91 22.58 24.11 44.78
N GLY A 92 22.25 25.23 44.15
CA GLY A 92 23.05 26.44 44.26
C GLY A 92 22.94 27.05 45.64
N VAL A 93 24.09 27.36 46.24
CA VAL A 93 24.11 27.89 47.59
C VAL A 93 24.91 29.18 47.65
N ARG A 150 33.33 27.86 21.43
CA ARG A 150 33.99 26.56 21.52
C ARG A 150 34.22 26.15 22.97
N ILE A 151 35.03 26.94 23.69
CA ILE A 151 35.39 26.57 25.06
C ILE A 151 34.19 26.81 25.99
N LYS A 152 33.33 27.76 25.67
CA LYS A 152 32.13 27.99 26.47
C LYS A 152 31.17 26.81 26.38
N GLN A 153 31.08 26.18 25.21
CA GLN A 153 30.22 25.02 25.07
C GLN A 153 30.93 23.71 25.37
N LEU A 154 32.25 23.68 25.42
CA LEU A 154 32.92 22.47 25.87
C LEU A 154 32.93 22.38 27.38
N LEU A 155 33.34 23.44 28.07
CA LEU A 155 33.22 23.44 29.52
C LEU A 155 31.78 23.61 29.97
N GLY A 156 30.91 24.07 29.08
CA GLY A 156 29.50 24.16 29.40
C GLY A 156 28.76 22.84 29.20
N LYS A 157 28.94 22.22 28.05
CA LYS A 157 28.27 20.97 27.72
C LYS A 157 29.04 19.75 28.16
N GLY A 158 30.20 19.92 28.78
CA GLY A 158 30.92 18.78 29.31
C GLY A 158 30.38 18.36 30.65
N LEU A 159 30.19 19.31 31.56
CA LEU A 159 29.69 18.95 32.89
C LEU A 159 28.22 18.59 32.86
N ILE A 160 27.50 18.91 31.79
CA ILE A 160 26.14 18.42 31.65
C ILE A 160 26.13 16.93 31.39
N LYS A 161 26.94 16.48 30.43
CA LYS A 161 27.08 15.04 30.21
C LYS A 161 27.87 14.35 31.32
N ALA A 162 28.53 15.09 32.18
CA ALA A 162 29.12 14.49 33.37
C ALA A 162 28.18 14.48 34.56
N ALA A 163 27.12 15.29 34.54
CA ALA A 163 26.21 15.37 35.66
C ALA A 163 24.89 14.65 35.42
N VAL A 164 24.54 14.39 34.17
CA VAL A 164 23.34 13.62 33.88
C VAL A 164 23.58 12.15 34.10
N THR A 165 24.71 11.64 33.61
CA THR A 165 24.99 10.22 33.63
C THR A 165 25.37 9.71 35.02
N THR A 166 25.57 10.59 35.99
CA THR A 166 25.84 10.20 37.36
C THR A 166 24.80 10.70 38.36
N GLY A 167 23.97 11.66 37.98
CA GLY A 167 22.98 12.20 38.89
C GLY A 167 23.63 13.01 39.99
N ALA A 168 24.14 14.19 39.65
CA ALA A 168 25.01 14.92 40.56
C ALA A 168 24.27 16.06 41.25
N TRP A 169 24.98 16.69 42.18
CA TRP A 169 24.58 17.96 42.78
C TRP A 169 25.64 18.98 42.44
N ILE A 170 25.39 19.80 41.43
CA ILE A 170 26.30 20.89 41.14
C ILE A 170 26.07 22.00 42.16
N LEU A 171 27.14 22.50 42.77
CA LEU A 171 26.92 23.43 43.87
C LEU A 171 26.98 24.89 43.47
N THR A 172 27.83 25.26 42.50
CA THR A 172 28.00 26.65 42.00
C THR A 172 28.20 27.72 43.07
N ARG A 260 29.74 29.89 53.22
CA ARG A 260 30.82 29.00 52.87
C ARG A 260 30.96 27.86 53.88
N LEU A 261 30.65 28.16 55.14
CA LEU A 261 30.70 27.13 56.17
C LEU A 261 29.59 26.11 55.99
N ARG A 262 28.40 26.55 55.56
CA ARG A 262 27.34 25.61 55.23
C ARG A 262 27.69 24.81 53.99
N ARG A 263 28.47 25.38 53.08
CA ARG A 263 28.86 24.67 51.88
C ARG A 263 29.89 23.58 52.20
N GLU A 264 30.94 23.92 52.92
CA GLU A 264 31.97 22.93 53.26
C GLU A 264 31.45 21.90 54.25
N LEU A 265 30.54 22.32 55.15
CA LEU A 265 29.90 21.34 56.02
C LEU A 265 29.02 20.39 55.22
N GLU A 266 28.33 20.92 54.20
CA GLU A 266 27.51 20.06 53.34
C GLU A 266 28.37 19.10 52.53
N LYS A 267 29.58 19.51 52.16
CA LYS A 267 30.45 18.58 51.44
C LYS A 267 31.03 17.53 52.37
N THR A 268 31.59 17.94 53.50
CA THR A 268 32.24 16.98 54.37
C THR A 268 31.25 16.08 55.10
N ILE A 269 29.95 16.40 55.05
CA ILE A 269 28.93 15.48 55.54
C ILE A 269 28.26 14.74 54.40
N ASN A 270 28.27 15.30 53.19
CA ASN A 270 27.74 14.57 52.03
C ASN A 270 28.69 13.46 51.61
N GLN A 271 30.00 13.66 51.77
CA GLN A 271 30.97 12.64 51.40
C GLN A 271 31.03 11.51 52.42
N GLN A 272 30.51 11.69 53.62
CA GLN A 272 30.50 10.63 54.62
C GLN A 272 29.25 9.78 54.54
N ARG A 273 28.51 9.87 53.43
CA ARG A 273 27.33 9.09 53.18
C ARG A 273 27.74 7.73 52.60
N ILE A 274 26.79 6.80 52.45
CA ILE A 274 27.03 5.47 51.91
C ILE A 274 26.06 5.28 50.75
N HIS A 275 26.52 4.58 49.70
CA HIS A 275 25.65 4.15 48.61
C HIS A 275 24.87 2.89 48.99
N ALA A 276 24.26 2.26 47.98
CA ALA A 276 23.30 1.19 48.25
C ALA A 276 23.98 -0.08 48.77
N ARG A 277 24.91 -0.63 48.00
CA ARG A 277 25.59 -1.88 48.34
C ARG A 277 27.09 -1.63 48.44
N ILE A 278 27.49 -0.37 48.42
CA ILE A 278 28.87 0.03 48.19
C ILE A 278 29.40 0.71 49.44
N GLY A 279 30.62 0.36 49.84
CA GLY A 279 31.13 0.84 51.11
C GLY A 279 31.52 2.30 51.08
N GLN A 280 31.90 2.80 49.90
CA GLN A 280 32.48 4.13 49.78
C GLN A 280 31.49 5.26 49.98
N GLY A 281 32.05 6.46 50.09
CA GLY A 281 31.28 7.67 50.21
C GLY A 281 31.09 8.36 48.87
N VAL A 282 30.13 9.28 48.86
CA VAL A 282 29.79 10.06 47.68
C VAL A 282 30.99 10.91 47.29
N PRO A 283 31.50 10.82 46.09
CA PRO A 283 32.75 11.51 45.80
C PRO A 283 32.57 12.96 45.35
N VAL A 284 33.41 13.85 45.86
CA VAL A 284 33.31 15.28 45.64
C VAL A 284 34.45 15.71 44.73
N VAL A 285 34.14 16.48 43.69
CA VAL A 285 35.11 17.01 42.76
C VAL A 285 34.99 18.53 42.77
N ALA A 286 36.11 19.22 42.87
CA ALA A 286 36.14 20.67 42.75
C ALA A 286 36.48 21.05 41.33
N LEU A 287 35.60 21.77 40.67
CA LEU A 287 35.82 22.23 39.31
C LEU A 287 36.05 23.73 39.40
N ILE A 288 37.32 24.13 39.55
CA ILE A 288 37.67 25.52 39.80
C ILE A 288 38.06 26.15 38.47
N PHE A 289 37.67 25.50 37.37
CA PHE A 289 37.90 26.08 36.05
C PHE A 289 37.06 27.33 35.83
N GLU A 290 35.82 27.33 36.32
CA GLU A 290 34.93 28.46 36.14
C GLU A 290 34.67 29.23 37.44
N GLY A 291 35.57 29.11 38.42
CA GLY A 291 35.43 29.85 39.66
C GLY A 291 34.93 29.05 40.84
N GLY A 292 35.12 27.74 40.87
CA GLY A 292 34.67 26.97 42.01
C GLY A 292 33.42 26.09 42.01
N PRO A 293 32.80 25.78 40.80
CA PRO A 293 31.63 24.88 40.94
C PRO A 293 32.12 23.58 41.56
N ASN A 294 31.31 22.91 42.37
CA ASN A 294 31.80 21.73 43.05
C ASN A 294 30.84 20.60 42.76
N VAL A 295 31.09 19.86 41.68
CA VAL A 295 30.22 18.78 41.29
C VAL A 295 30.36 17.64 42.29
N ILE A 296 29.24 17.25 42.88
CA ILE A 296 29.20 16.12 43.79
C ILE A 296 28.65 15.06 42.87
N LEU A 297 29.42 14.01 42.66
CA LEU A 297 29.10 12.95 41.70
C LEU A 297 27.89 12.01 41.80
N THR A 298 27.51 11.56 42.99
CA THR A 298 26.40 10.60 43.11
C THR A 298 25.61 10.90 44.38
N VAL A 299 24.68 11.85 44.26
CA VAL A 299 23.94 12.29 45.40
C VAL A 299 22.66 11.48 45.56
N LEU A 300 21.99 11.70 46.69
CA LEU A 300 20.90 10.85 47.13
C LEU A 300 19.52 11.30 46.67
N GLU A 301 19.43 12.10 45.59
CA GLU A 301 18.20 12.49 44.88
C GLU A 301 17.08 13.02 45.80
N TYR A 302 17.48 13.79 46.82
CA TYR A 302 16.58 14.19 47.89
C TYR A 302 15.44 15.08 47.41
N LEU A 303 14.32 14.98 48.12
CA LEU A 303 13.19 15.87 47.95
C LEU A 303 13.27 16.95 49.03
N GLN A 304 12.91 18.17 48.66
CA GLN A 304 13.03 19.29 49.60
C GLN A 304 11.96 19.20 50.68
N VAL A 309 18.07 17.56 52.49
CA VAL A 309 17.62 18.61 53.39
C VAL A 309 17.79 18.25 54.90
N PRO A 310 17.48 17.02 55.36
CA PRO A 310 17.92 16.67 56.72
C PRO A 310 19.42 16.59 56.85
N VAL A 311 20.13 16.28 55.76
CA VAL A 311 21.58 16.37 55.74
C VAL A 311 22.02 17.82 55.96
N VAL A 312 21.32 18.76 55.33
CA VAL A 312 21.63 20.17 55.51
C VAL A 312 21.24 20.62 56.92
N VAL A 313 20.25 19.98 57.53
CA VAL A 313 19.97 20.18 58.95
C VAL A 313 21.15 19.71 59.79
N CYS A 314 21.69 18.55 59.46
CA CYS A 314 22.80 17.98 60.22
C CYS A 314 24.15 18.54 59.79
N GLU A 315 24.18 19.55 58.94
CA GLU A 315 25.43 20.20 58.56
C GLU A 315 26.06 20.97 59.71
N GLY A 356 41.62 35.08 46.52
CA GLY A 356 40.76 34.60 45.46
C GLY A 356 40.48 33.12 45.57
N GLN A 357 40.42 32.45 44.41
CA GLN A 357 40.14 31.02 44.38
C GLN A 357 41.40 30.18 44.44
N SER A 358 42.55 30.74 44.07
CA SER A 358 43.80 29.98 44.13
C SER A 358 44.27 29.75 45.56
N GLU A 359 43.72 30.48 46.53
CA GLU A 359 43.87 30.15 47.93
C GLU A 359 42.76 29.24 48.42
N ALA A 360 41.79 28.92 47.57
CA ALA A 360 40.75 27.95 47.89
C ALA A 360 40.98 26.60 47.24
N VAL A 361 41.91 26.52 46.28
CA VAL A 361 42.37 25.23 45.78
C VAL A 361 43.06 24.46 46.88
N HIS A 362 43.89 25.16 47.67
CA HIS A 362 44.72 24.51 48.67
C HIS A 362 43.93 24.11 49.91
N LEU A 363 42.73 24.66 50.11
CA LEU A 363 41.89 24.19 51.20
C LEU A 363 41.40 22.77 50.96
N PHE A 364 41.07 22.46 49.72
CA PHE A 364 40.53 21.15 49.39
C PHE A 364 41.57 20.04 49.44
N GLN A 365 42.84 20.36 49.24
CA GLN A 365 43.83 19.31 49.11
C GLN A 365 44.44 18.93 50.46
N THR A 366 43.88 19.40 51.57
CA THR A 366 44.22 18.92 52.89
C THR A 366 43.09 18.15 53.55
N MET A 367 41.88 18.22 53.01
CA MET A 367 40.77 17.41 53.54
C MET A 367 40.85 16.15 52.68
N MET A 368 40.63 14.96 53.27
CA MET A 368 40.77 13.60 52.65
C MET A 368 41.42 13.67 51.29
N GLU A 369 40.64 13.86 50.24
CA GLU A 369 41.27 14.12 48.96
C GLU A 369 40.76 15.40 48.32
N CYS A 370 39.46 15.43 48.02
CA CYS A 370 38.78 16.50 47.27
C CYS A 370 39.55 16.91 46.02
N MET A 371 39.66 15.97 45.08
CA MET A 371 40.36 16.16 43.81
C MET A 371 39.83 17.36 43.05
N LYS A 372 40.74 18.24 42.65
CA LYS A 372 40.37 19.51 42.03
C LYS A 372 40.78 19.51 40.57
N LYS A 373 39.82 19.71 39.68
CA LYS A 373 40.07 19.77 38.24
C LYS A 373 39.94 21.21 37.80
N LYS A 374 41.01 21.77 37.25
CA LYS A 374 41.05 23.17 36.81
C LYS A 374 41.50 23.20 35.36
N GLU A 375 40.56 23.42 34.46
CA GLU A 375 40.87 23.52 33.04
C GLU A 375 39.81 24.34 32.31
N ASP A 389 41.22 15.38 24.87
CA ASP A 389 40.58 15.34 26.19
C ASP A 389 39.20 15.98 26.17
N ILE A 390 38.26 15.33 26.84
CA ILE A 390 36.88 15.78 26.94
C ILE A 390 36.62 16.11 28.41
N ASP A 391 35.87 17.20 28.65
CA ASP A 391 35.55 17.60 30.01
C ASP A 391 34.59 16.65 30.69
N VAL A 392 33.93 15.77 29.93
CA VAL A 392 33.06 14.75 30.52
C VAL A 392 33.89 13.73 31.28
N ALA A 393 34.80 13.07 30.58
CA ALA A 393 35.57 11.99 31.17
C ALA A 393 36.73 12.48 32.04
N ILE A 394 37.10 13.75 31.94
CA ILE A 394 38.15 14.26 32.81
C ILE A 394 37.59 14.61 34.18
N LEU A 395 36.36 15.12 34.20
CA LEU A 395 35.71 15.52 35.45
C LEU A 395 35.42 14.31 36.32
N THR A 396 34.92 13.24 35.71
CA THR A 396 34.67 12.01 36.46
C THR A 396 35.92 11.16 36.60
N ALA A 397 36.83 11.21 35.64
CA ALA A 397 38.06 10.44 35.75
C ALA A 397 39.08 11.08 36.67
N LEU A 398 38.81 12.29 37.18
CA LEU A 398 39.69 12.89 38.16
C LEU A 398 39.66 12.18 39.49
N LEU A 399 38.61 11.41 39.77
CA LEU A 399 38.51 10.67 41.02
C LEU A 399 39.34 9.40 41.03
N LYS A 400 39.77 8.92 39.87
CA LYS A 400 40.64 7.75 39.80
C LYS A 400 42.12 8.12 39.83
N GLY A 401 42.47 9.20 40.51
CA GLY A 401 43.84 9.64 40.56
C GLY A 401 44.41 9.72 41.97
N THR A 402 43.60 9.34 42.96
CA THR A 402 44.06 9.29 44.34
C THR A 402 44.66 7.91 44.62
N ASN A 403 44.94 7.65 45.89
CA ASN A 403 45.60 6.41 46.30
C ASN A 403 44.62 5.25 46.51
N ALA A 404 43.39 5.35 46.01
CA ALA A 404 42.40 4.29 46.20
C ALA A 404 42.76 3.04 45.40
N SER A 405 42.29 1.90 45.90
CA SER A 405 42.51 0.61 45.27
C SER A 405 41.84 0.51 43.91
N ALA A 406 42.35 -0.38 43.06
CA ALA A 406 41.79 -0.57 41.73
C ALA A 406 40.38 -1.12 41.77
N PHE A 407 40.06 -1.92 42.79
CA PHE A 407 38.71 -2.42 42.97
C PHE A 407 37.74 -1.29 43.24
N ASP A 408 38.12 -0.37 44.12
CA ASP A 408 37.28 0.77 44.42
C ASP A 408 37.13 1.71 43.23
N GLN A 409 38.15 1.80 42.39
CA GLN A 409 38.02 2.54 41.14
C GLN A 409 37.00 1.89 40.23
N LEU A 410 36.82 0.58 40.33
CA LEU A 410 35.77 -0.04 39.54
C LEU A 410 34.41 0.21 40.15
N ILE A 411 34.29 0.18 41.48
CA ILE A 411 32.97 0.31 42.08
C ILE A 411 32.45 1.74 41.95
N LEU A 412 33.35 2.73 41.91
CA LEU A 412 32.89 4.08 41.60
C LEU A 412 32.28 4.15 40.21
N THR A 413 32.90 3.49 39.24
CA THR A 413 32.31 3.45 37.91
C THR A 413 31.05 2.60 37.88
N LEU A 414 30.92 1.67 38.81
CA LEU A 414 29.76 0.80 38.82
C LEU A 414 28.56 1.46 39.50
N ALA A 415 28.79 2.36 40.45
CA ALA A 415 27.68 3.12 41.00
C ALA A 415 27.17 4.12 39.98
N TRP A 416 28.07 4.63 39.14
CA TRP A 416 27.70 5.38 37.96
C TRP A 416 27.24 4.38 36.90
N ASP A 417 26.74 4.87 35.79
CA ASP A 417 26.44 3.96 34.69
C ASP A 417 27.55 3.95 33.67
N ARG A 418 28.74 4.41 34.04
CA ARG A 418 29.76 4.78 33.08
C ARG A 418 30.69 3.60 32.84
N VAL A 419 30.48 2.93 31.71
CA VAL A 419 31.40 1.89 31.28
C VAL A 419 32.64 2.52 30.68
N ASP A 420 32.47 3.67 30.02
CA ASP A 420 33.55 4.27 29.22
C ASP A 420 34.73 4.68 30.08
N ILE A 421 34.48 4.98 31.35
CA ILE A 421 35.58 5.17 32.28
C ILE A 421 36.19 3.84 32.67
N ALA A 422 35.36 2.80 32.85
CA ALA A 422 35.85 1.56 33.44
C ALA A 422 36.71 0.78 32.46
N LYS A 423 36.38 0.80 31.17
CA LYS A 423 37.27 0.22 30.17
C LYS A 423 38.58 0.98 30.11
N ASN A 424 38.49 2.28 29.87
CA ASN A 424 39.65 3.05 29.46
C ASN A 424 40.56 3.36 30.63
N HIS A 425 40.02 3.53 31.83
CA HIS A 425 40.79 4.03 32.95
C HIS A 425 40.84 3.11 34.15
N VAL A 426 40.05 2.04 34.18
CA VAL A 426 40.11 1.06 35.26
C VAL A 426 40.63 -0.28 34.79
N PHE A 427 40.46 -0.61 33.51
CA PHE A 427 41.03 -1.83 32.95
C PHE A 427 42.19 -1.52 32.01
N VAL A 428 43.05 -0.59 32.43
CA VAL A 428 44.31 -0.35 31.76
C VAL A 428 45.18 -1.59 31.94
N TYR A 429 45.99 -1.89 30.92
CA TYR A 429 46.94 -3.00 30.99
C TYR A 429 47.92 -2.80 32.14
N GLY A 430 48.23 -3.90 32.83
CA GLY A 430 49.05 -3.82 34.02
C GLY A 430 48.32 -3.37 35.25
N GLN A 431 47.01 -3.61 35.33
CA GLN A 431 46.21 -3.10 36.44
C GLN A 431 46.52 -3.85 37.74
N GLN A 432 46.92 -5.12 37.64
CA GLN A 432 47.29 -5.98 38.77
C GLN A 432 46.11 -6.19 39.73
N TRP A 433 45.03 -6.76 39.19
CA TRP A 433 43.86 -7.11 39.99
C TRP A 433 44.19 -8.13 41.06
N LEU A 434 43.40 -8.10 42.14
CA LEU A 434 43.43 -9.18 43.10
C LEU A 434 42.84 -10.45 42.46
N VAL A 435 43.28 -11.61 42.96
CA VAL A 435 42.88 -12.88 42.38
C VAL A 435 41.39 -13.12 42.57
N GLY A 436 40.85 -12.72 43.72
CA GLY A 436 39.43 -12.64 43.94
C GLY A 436 38.94 -11.22 43.80
N SER A 437 37.68 -11.03 44.22
CA SER A 437 37.00 -9.75 44.43
C SER A 437 36.69 -8.99 43.15
N LEU A 438 37.24 -9.38 42.00
CA LEU A 438 36.63 -8.98 40.75
C LEU A 438 35.35 -9.78 40.54
N GLU A 439 35.35 -10.99 41.08
CA GLU A 439 34.15 -11.79 41.30
C GLU A 439 33.12 -11.07 42.16
N GLN A 440 33.56 -10.25 43.11
CA GLN A 440 32.59 -9.56 43.96
C GLN A 440 31.96 -8.38 43.26
N ALA A 441 32.72 -7.68 42.42
CA ALA A 441 32.12 -6.66 41.56
C ALA A 441 31.23 -7.29 40.51
N MET A 442 31.55 -8.52 40.10
CA MET A 442 30.62 -9.29 39.29
C MET A 442 29.35 -9.61 40.05
N LEU A 443 29.43 -9.77 41.37
CA LEU A 443 28.21 -9.95 42.15
C LEU A 443 27.43 -8.66 42.29
N ASP A 444 28.11 -7.52 42.36
CA ASP A 444 27.38 -6.28 42.53
C ASP A 444 26.72 -5.84 41.23
N ALA A 445 27.38 -6.08 40.10
CA ALA A 445 26.83 -5.67 38.82
C ALA A 445 25.57 -6.44 38.47
N LEU A 446 25.45 -7.68 38.94
CA LEU A 446 24.24 -8.43 38.70
C LEU A 446 23.09 -7.94 39.56
N VAL A 447 23.34 -7.67 40.84
CA VAL A 447 22.28 -7.23 41.74
C VAL A 447 21.80 -5.84 41.37
N MET A 448 22.72 -4.95 41.04
CA MET A 448 22.37 -3.59 40.67
C MET A 448 21.91 -3.44 39.24
N ASP A 449 21.79 -4.54 38.49
CA ASP A 449 21.26 -4.61 37.13
C ASP A 449 22.13 -3.79 36.16
N ARG A 450 23.43 -3.91 36.30
CA ARG A 450 24.36 -3.22 35.40
C ARG A 450 24.74 -4.22 34.33
N VAL A 451 24.02 -4.19 33.20
CA VAL A 451 24.25 -5.15 32.12
C VAL A 451 25.60 -4.91 31.48
N SER A 452 25.88 -3.67 31.12
CA SER A 452 27.10 -3.34 30.38
C SER A 452 28.34 -3.35 31.26
N PHE A 453 28.21 -3.67 32.54
CA PHE A 453 29.32 -4.04 33.40
C PHE A 453 29.44 -5.54 33.55
N VAL A 454 28.36 -6.27 33.31
CA VAL A 454 28.51 -7.71 33.19
C VAL A 454 29.20 -8.06 31.89
N LYS A 455 28.88 -7.33 30.80
CA LYS A 455 29.57 -7.48 29.51
C LYS A 455 31.07 -7.29 29.66
N LEU A 456 31.46 -6.14 30.18
CA LEU A 456 32.86 -5.82 30.41
C LEU A 456 33.48 -6.77 31.42
N LEU A 457 32.74 -7.13 32.45
CA LEU A 457 33.39 -7.76 33.57
C LEU A 457 33.59 -9.25 33.35
N ILE A 458 32.78 -9.88 32.50
CA ILE A 458 33.14 -11.24 32.06
C ILE A 458 33.98 -11.20 30.80
N GLU A 459 33.90 -10.12 30.02
CA GLU A 459 34.73 -10.00 28.83
C GLU A 459 36.20 -9.89 29.20
N ASN A 460 36.50 -9.27 30.34
CA ASN A 460 37.91 -9.22 30.75
C ASN A 460 38.35 -10.54 31.34
N GLY A 461 37.95 -10.86 32.56
CA GLY A 461 38.55 -12.03 33.15
C GLY A 461 37.74 -12.93 34.06
N VAL A 462 36.44 -12.70 34.18
CA VAL A 462 35.64 -13.43 35.15
C VAL A 462 34.85 -14.52 34.43
N SER A 463 35.04 -15.75 34.86
CA SER A 463 34.24 -16.86 34.38
C SER A 463 33.02 -17.00 35.25
N MET A 464 31.87 -17.28 34.64
CA MET A 464 30.68 -17.53 35.42
C MET A 464 30.80 -18.84 36.17
N HIS A 465 31.46 -19.83 35.56
CA HIS A 465 31.98 -20.96 36.32
C HIS A 465 32.94 -20.42 37.37
N LYS A 466 32.81 -20.97 38.59
CA LYS A 466 33.50 -20.57 39.81
C LYS A 466 33.09 -19.18 40.30
N PHE A 467 32.20 -18.50 39.59
CA PHE A 467 31.52 -17.35 40.19
C PHE A 467 30.27 -17.77 40.93
N LEU A 468 29.40 -18.55 40.30
CA LEU A 468 28.15 -18.93 40.93
C LEU A 468 28.37 -20.12 41.83
N THR A 469 28.27 -19.90 43.12
CA THR A 469 28.08 -20.97 44.04
C THR A 469 26.62 -20.97 44.45
N ILE A 470 26.23 -21.93 45.27
CA ILE A 470 24.87 -21.99 45.77
C ILE A 470 24.52 -20.81 46.67
N PRO A 471 25.36 -20.31 47.60
CA PRO A 471 25.00 -19.04 48.25
C PRO A 471 25.07 -17.81 47.36
N ARG A 472 25.57 -17.90 46.14
CA ARG A 472 25.48 -16.78 45.22
C ARG A 472 24.15 -16.73 44.51
N LEU A 473 23.33 -17.76 44.65
CA LEU A 473 22.03 -17.74 44.03
C LEU A 473 21.03 -17.36 45.10
N GLU A 474 21.27 -17.83 46.32
CA GLU A 474 20.39 -17.49 47.42
C GLU A 474 20.55 -15.99 47.56
N GLU A 475 21.79 -15.54 47.45
CA GLU A 475 22.11 -14.12 47.47
C GLU A 475 21.80 -13.80 46.02
N LEU A 476 21.55 -12.57 45.66
CA LEU A 476 21.29 -12.31 44.26
C LEU A 476 19.88 -12.70 43.90
N TYR A 477 19.25 -13.47 44.78
CA TYR A 477 17.87 -13.80 44.59
C TYR A 477 17.01 -13.19 45.68
N ASN A 478 17.53 -13.08 46.90
CA ASN A 478 16.81 -12.53 48.02
C ASN A 478 17.28 -11.14 48.39
N THR A 479 17.93 -10.43 47.47
CA THR A 479 18.35 -9.05 47.72
C THR A 479 17.32 -8.09 47.13
N LYS A 480 16.98 -7.08 47.91
CA LYS A 480 16.11 -6.00 47.45
C LYS A 480 16.89 -4.75 47.05
N GLN A 481 18.14 -4.93 46.63
CA GLN A 481 19.03 -3.83 46.31
C GLN A 481 18.93 -3.38 44.86
N GLY A 482 18.00 -3.94 44.10
CA GLY A 482 17.80 -3.53 42.74
C GLY A 482 16.36 -3.67 42.34
N PRO A 483 16.08 -3.59 41.03
CA PRO A 483 14.70 -3.75 40.56
C PRO A 483 14.19 -5.17 40.73
N THR A 484 13.21 -5.34 41.62
CA THR A 484 12.77 -6.67 42.01
C THR A 484 11.43 -6.98 41.36
N ASN A 485 11.00 -8.22 41.49
CA ASN A 485 9.71 -8.64 40.98
C ASN A 485 8.79 -8.79 42.18
N PRO A 486 7.77 -7.94 42.32
CA PRO A 486 6.98 -7.96 43.55
C PRO A 486 6.09 -9.17 43.65
N MET A 487 5.74 -9.79 42.53
CA MET A 487 4.85 -10.94 42.56
C MET A 487 5.59 -12.26 42.67
N LEU A 488 6.93 -12.25 42.65
CA LEU A 488 7.69 -13.46 42.89
C LEU A 488 7.35 -14.07 44.24
N PHE A 489 7.12 -13.23 45.24
CA PHE A 489 6.70 -13.71 46.54
C PHE A 489 5.30 -14.29 46.52
N HIS A 490 4.44 -13.82 45.60
CA HIS A 490 3.12 -14.42 45.46
C HIS A 490 3.19 -15.84 44.90
N LEU A 491 4.23 -16.14 44.13
CA LEU A 491 4.42 -17.50 43.66
C LEU A 491 5.11 -18.38 44.70
N ILE A 492 5.88 -17.78 45.61
CA ILE A 492 6.48 -18.55 46.70
C ILE A 492 5.42 -18.87 47.76
N ARG A 493 4.27 -18.20 47.73
CA ARG A 493 3.17 -18.53 48.64
C ARG A 493 2.54 -19.90 48.38
N ASP A 494 2.94 -20.63 47.33
CA ASP A 494 2.53 -22.03 47.23
C ASP A 494 3.11 -22.87 48.36
N VAL A 495 4.28 -22.50 48.86
CA VAL A 495 4.93 -23.18 49.98
C VAL A 495 4.11 -23.09 51.27
N LYS A 505 16.09 -15.35 52.99
CA LYS A 505 14.92 -16.11 53.37
C LYS A 505 14.62 -17.16 52.30
N ILE A 506 14.80 -16.80 51.03
CA ILE A 506 14.37 -17.64 49.92
C ILE A 506 15.44 -18.68 49.65
N THR A 507 15.03 -19.94 49.64
CA THR A 507 15.90 -21.06 49.30
C THR A 507 15.63 -21.51 47.88
N LEU A 508 16.64 -22.13 47.27
CA LEU A 508 16.55 -22.56 45.87
C LEU A 508 15.51 -23.64 45.65
N ILE A 509 15.19 -24.41 46.69
CA ILE A 509 14.16 -25.42 46.55
C ILE A 509 12.79 -24.76 46.45
N ASP A 510 12.59 -23.68 47.21
CA ASP A 510 11.39 -22.88 47.07
C ASP A 510 11.35 -22.13 45.75
N ILE A 511 12.51 -21.94 45.11
CA ILE A 511 12.52 -21.36 43.77
C ILE A 511 12.10 -22.39 42.74
N GLY A 512 12.60 -23.62 42.85
CA GLY A 512 12.20 -24.58 41.84
C GLY A 512 10.82 -25.10 42.04
N LEU A 513 10.21 -24.91 43.21
CA LEU A 513 8.78 -25.15 43.26
C LEU A 513 8.04 -24.10 42.45
N VAL A 514 8.56 -22.87 42.41
CA VAL A 514 7.99 -21.86 41.55
C VAL A 514 8.19 -22.21 40.08
N ILE A 515 9.38 -22.70 39.72
CA ILE A 515 9.67 -22.99 38.32
C ILE A 515 8.88 -24.21 37.85
N GLU A 516 8.75 -25.23 38.70
CA GLU A 516 7.88 -26.34 38.36
C GLU A 516 6.41 -25.92 38.35
N TYR A 517 6.06 -24.87 39.07
CA TYR A 517 4.69 -24.39 39.00
C TYR A 517 4.43 -23.59 37.74
N LEU A 518 5.42 -22.85 37.26
CA LEU A 518 5.22 -21.99 36.11
C LEU A 518 5.29 -22.75 34.82
N MET A 519 6.04 -23.82 34.78
CA MET A 519 6.14 -24.66 33.60
C MET A 519 5.43 -25.95 33.97
N GLY A 520 4.16 -26.03 33.63
CA GLY A 520 3.30 -27.07 34.16
C GLY A 520 3.56 -28.43 33.55
N GLY A 521 2.79 -29.40 34.02
CA GLY A 521 2.98 -30.75 33.56
C GLY A 521 4.10 -31.43 34.32
N THR A 522 4.76 -32.36 33.65
CA THR A 522 5.86 -33.10 34.27
C THR A 522 7.19 -32.43 33.94
N TYR A 523 7.35 -31.21 34.46
CA TYR A 523 8.61 -30.50 34.36
C TYR A 523 9.30 -30.63 35.71
N ARG A 524 10.46 -31.27 35.72
CA ARG A 524 11.25 -31.43 36.93
C ARG A 524 12.45 -30.51 36.86
N CYS A 525 12.49 -29.51 37.73
CA CYS A 525 13.59 -28.56 37.74
C CYS A 525 14.72 -29.15 38.54
N THR A 526 15.96 -28.81 38.16
CA THR A 526 17.13 -29.47 38.71
C THR A 526 17.29 -29.26 40.20
N TYR A 527 16.71 -28.19 40.74
CA TYR A 527 16.91 -27.89 42.16
C TYR A 527 16.12 -28.83 43.05
N THR A 528 15.00 -29.37 42.57
CA THR A 528 14.20 -30.24 43.42
C THR A 528 14.59 -31.70 43.34
N ARG A 529 15.65 -32.04 42.63
CA ARG A 529 15.98 -33.44 42.57
C ARG A 529 16.83 -33.84 43.77
N LYS A 530 17.04 -35.16 43.91
CA LYS A 530 17.69 -35.71 45.08
C LYS A 530 19.15 -35.32 45.16
N ARG A 531 19.85 -35.28 44.02
CA ARG A 531 21.26 -34.95 44.04
C ARG A 531 21.49 -33.50 44.42
N PHE A 532 20.59 -32.60 44.01
CA PHE A 532 20.74 -31.22 44.43
C PHE A 532 20.29 -31.04 45.87
N ARG A 533 19.34 -31.84 46.34
CA ARG A 533 19.04 -31.74 47.76
C ARG A 533 20.08 -32.44 48.64
N LEU A 534 21.00 -33.19 48.05
CA LEU A 534 22.13 -33.72 48.82
C LEU A 534 23.34 -32.81 48.77
N ILE A 535 23.63 -32.18 47.62
CA ILE A 535 24.67 -31.16 47.61
C ILE A 535 24.24 -29.96 48.43
N TYR A 536 22.96 -29.60 48.32
CA TYR A 536 22.33 -28.66 49.21
C TYR A 536 22.15 -29.32 50.57
N ASN A 537 21.82 -28.49 51.57
CA ASN A 537 21.84 -28.82 53.00
C ASN A 537 23.23 -29.25 53.45
N SER A 538 24.25 -28.69 52.79
CA SER A 538 25.67 -28.87 53.09
C SER A 538 26.11 -30.33 53.13
N GLU A 613 33.59 -26.58 44.45
CA GLU A 613 33.92 -27.75 43.63
C GLU A 613 32.67 -28.54 43.25
N THR A 614 31.78 -28.76 44.21
CA THR A 614 30.49 -29.40 43.97
C THR A 614 29.34 -28.44 44.18
N LYS A 615 29.57 -27.32 44.82
CA LYS A 615 28.57 -26.29 44.99
C LYS A 615 28.58 -25.29 43.85
N ARG A 616 29.38 -25.51 42.82
CA ARG A 616 29.27 -24.72 41.62
C ARG A 616 28.13 -25.26 40.77
N PHE A 617 27.89 -24.61 39.65
CA PHE A 617 26.90 -25.13 38.72
C PHE A 617 27.57 -25.51 37.41
N PRO A 618 27.17 -26.60 36.79
CA PRO A 618 27.81 -27.00 35.53
C PRO A 618 27.44 -26.10 34.38
N TYR A 619 26.26 -25.49 34.42
CA TYR A 619 25.80 -24.55 33.41
C TYR A 619 25.27 -23.35 34.18
N PRO A 620 26.09 -22.35 34.37
CA PRO A 620 25.67 -21.23 35.21
C PRO A 620 24.66 -20.33 34.51
N LEU A 621 24.80 -20.14 33.21
CA LEU A 621 23.93 -19.20 32.52
C LEU A 621 22.53 -19.75 32.30
N ASN A 622 22.35 -21.06 32.45
CA ASN A 622 20.99 -21.57 32.56
C ASN A 622 20.37 -21.21 33.89
N GLU A 623 21.17 -20.91 34.91
CA GLU A 623 20.62 -20.56 36.21
C GLU A 623 20.32 -19.09 36.29
N LEU A 624 21.13 -18.27 35.66
CA LEU A 624 20.90 -16.84 35.64
C LEU A 624 19.96 -16.41 34.54
N LEU A 625 19.71 -17.25 33.55
CA LEU A 625 18.61 -16.91 32.67
C LEU A 625 17.28 -17.07 33.38
N ILE A 626 17.14 -18.12 34.19
CA ILE A 626 15.93 -18.29 34.97
C ILE A 626 15.84 -17.23 36.04
N TRP A 627 16.96 -16.89 36.67
CA TRP A 627 16.97 -15.82 37.66
C TRP A 627 16.57 -14.49 37.05
N ALA A 628 17.14 -14.14 35.91
CA ALA A 628 16.78 -12.88 35.30
C ALA A 628 15.41 -12.90 34.67
N CYS A 629 14.80 -14.06 34.48
CA CYS A 629 13.41 -14.07 34.03
C CYS A 629 12.45 -13.97 35.21
N LEU A 630 12.75 -14.64 36.32
CA LEU A 630 11.86 -14.59 37.47
C LEU A 630 11.89 -13.24 38.14
N MET A 631 13.05 -12.62 38.23
CA MET A 631 13.18 -11.30 38.81
C MET A 631 12.77 -10.19 37.86
N LYS A 632 12.29 -10.52 36.66
CA LYS A 632 11.60 -9.61 35.75
C LYS A 632 12.53 -8.48 35.32
N ARG A 633 13.77 -8.84 35.04
CA ARG A 633 14.75 -7.87 34.55
C ARG A 633 15.12 -8.31 33.14
N GLN A 634 14.62 -7.57 32.16
CA GLN A 634 14.60 -8.06 30.79
C GLN A 634 15.92 -7.87 30.09
N VAL A 635 16.60 -6.74 30.30
CA VAL A 635 17.84 -6.49 29.58
C VAL A 635 18.93 -7.42 30.09
N MET A 636 18.90 -7.74 31.39
CA MET A 636 19.77 -8.77 31.91
C MET A 636 19.43 -10.12 31.29
N ALA A 637 18.16 -10.40 31.05
CA ALA A 637 17.78 -11.70 30.52
C ALA A 637 18.16 -11.85 29.06
N ARG A 638 17.97 -10.81 28.26
CA ARG A 638 18.41 -10.87 26.87
C ARG A 638 19.91 -10.72 26.73
N PHE A 639 20.61 -10.32 27.77
CA PHE A 639 22.05 -10.45 27.70
C PHE A 639 22.53 -11.83 28.09
N LEU A 640 21.99 -12.41 29.15
CA LEU A 640 22.42 -13.73 29.58
C LEU A 640 21.92 -14.81 28.65
N TRP A 641 20.95 -14.52 27.82
CA TRP A 641 20.50 -15.49 26.84
C TRP A 641 21.53 -15.69 25.75
N GLN A 642 22.10 -14.60 25.24
CA GLN A 642 22.71 -14.68 23.92
C GLN A 642 24.10 -15.29 23.93
N HIS A 643 24.67 -15.62 25.08
CA HIS A 643 25.88 -16.40 25.07
C HIS A 643 25.79 -17.54 26.10
N GLY A 644 25.33 -18.68 25.62
CA GLY A 644 25.39 -19.93 26.34
C GLY A 644 25.20 -20.99 25.30
N GLU A 645 25.27 -22.24 25.74
CA GLU A 645 24.85 -23.29 24.82
C GLU A 645 23.33 -23.33 24.76
N GLU A 646 22.82 -24.08 23.79
CA GLU A 646 21.40 -24.45 23.59
C GLU A 646 20.45 -23.26 23.69
N SER A 647 20.74 -22.23 22.89
CA SER A 647 20.10 -20.92 23.08
C SER A 647 18.64 -20.91 22.68
N MET A 648 18.27 -21.66 21.63
CA MET A 648 16.88 -21.67 21.20
C MET A 648 15.97 -22.36 22.20
N ALA A 649 16.51 -23.22 23.03
CA ALA A 649 15.72 -23.75 24.12
C ALA A 649 15.60 -22.80 25.27
N LYS A 650 16.61 -21.96 25.51
CA LYS A 650 16.48 -20.96 26.55
C LYS A 650 15.49 -19.88 26.17
N ALA A 651 15.36 -19.58 24.88
CA ALA A 651 14.34 -18.63 24.45
C ALA A 651 12.94 -19.15 24.71
N LEU A 652 12.73 -20.45 24.59
CA LEU A 652 11.40 -21.00 24.77
C LEU A 652 11.08 -21.23 26.25
N VAL A 653 12.08 -21.59 27.03
CA VAL A 653 11.91 -21.62 28.48
C VAL A 653 11.57 -20.24 29.00
N ALA A 654 12.30 -19.22 28.56
CA ALA A 654 12.00 -17.85 28.96
C ALA A 654 10.64 -17.38 28.48
N CYS A 655 10.22 -17.82 27.29
CA CYS A 655 8.88 -17.50 26.81
C CYS A 655 7.81 -18.13 27.67
N LYS A 656 8.00 -19.39 28.07
CA LYS A 656 7.00 -20.06 28.89
C LYS A 656 6.94 -19.47 30.29
N ILE A 657 8.09 -19.18 30.89
CA ILE A 657 8.13 -18.61 32.24
C ILE A 657 7.46 -17.24 32.25
N TYR A 658 7.84 -16.36 31.32
CA TYR A 658 7.19 -15.05 31.22
C TYR A 658 5.70 -15.17 30.98
N ARG A 659 5.30 -16.05 30.07
CA ARG A 659 3.89 -16.15 29.73
C ARG A 659 3.06 -16.68 30.89
N SER A 660 3.56 -17.66 31.62
CA SER A 660 2.79 -18.15 32.75
C SER A 660 2.89 -17.24 33.97
N MET A 661 3.91 -16.39 34.07
CA MET A 661 3.85 -15.37 35.11
C MET A 661 2.84 -14.29 34.77
N ALA A 662 2.73 -13.96 33.48
CA ALA A 662 1.67 -13.05 33.05
C ALA A 662 0.30 -13.59 33.37
N TYR A 663 0.09 -14.89 33.11
CA TYR A 663 -1.19 -15.51 33.45
C TYR A 663 -1.40 -15.62 34.95
N GLU A 664 -0.33 -15.78 35.72
CA GLU A 664 -0.46 -15.79 37.18
C GLU A 664 -0.28 -14.41 37.77
N ALA A 665 -0.40 -13.38 36.96
CA ALA A 665 -0.46 -12.00 37.44
C ALA A 665 -1.71 -11.29 37.00
N LYS A 666 -2.33 -11.71 35.90
CA LYS A 666 -3.64 -11.18 35.53
C LYS A 666 -4.69 -11.53 36.59
N GLN A 667 -4.56 -12.70 37.20
CA GLN A 667 -5.56 -13.12 38.18
C GLN A 667 -5.42 -12.36 39.49
N SER A 668 -4.26 -12.42 40.12
CA SER A 668 -4.12 -11.91 41.49
C SER A 668 -3.11 -10.77 41.53
N ASP A 669 -3.57 -9.57 41.21
CA ASP A 669 -2.90 -8.30 41.46
C ASP A 669 -3.94 -7.20 41.38
N LEU A 670 -3.62 -6.06 41.97
CA LEU A 670 -4.47 -4.89 41.85
C LEU A 670 -3.78 -3.67 41.25
N VAL A 671 -2.54 -3.38 41.63
CA VAL A 671 -1.86 -2.15 41.24
C VAL A 671 -0.62 -2.51 40.46
N ASP A 672 -0.57 -2.05 39.21
CA ASP A 672 0.45 -2.43 38.22
C ASP A 672 0.60 -3.94 38.15
N ASP A 673 -0.46 -4.58 37.62
CA ASP A 673 -0.52 -6.04 37.53
C ASP A 673 0.60 -6.59 36.65
N THR A 674 1.00 -5.82 35.63
CA THR A 674 2.14 -6.04 34.73
C THR A 674 1.93 -7.23 33.83
N SER A 675 0.72 -7.77 33.70
CA SER A 675 0.50 -8.81 32.70
C SER A 675 0.68 -8.26 31.30
N GLU A 676 0.35 -6.98 31.10
CA GLU A 676 0.64 -6.30 29.85
C GLU A 676 2.14 -6.14 29.63
N GLU A 677 2.94 -6.21 30.70
CA GLU A 677 4.38 -6.07 30.59
C GLU A 677 5.08 -7.42 30.48
N LEU A 678 4.57 -8.43 31.19
CA LEU A 678 5.15 -9.77 31.09
C LEU A 678 4.79 -10.44 29.78
N LYS A 679 3.54 -10.37 29.37
CA LYS A 679 3.31 -10.51 27.96
C LYS A 679 3.94 -9.29 27.30
N GLN A 680 4.55 -9.48 26.12
CA GLN A 680 5.51 -8.65 25.38
C GLN A 680 6.92 -8.81 25.97
N TYR A 681 7.08 -9.50 27.09
CA TYR A 681 8.38 -10.08 27.41
C TYR A 681 8.45 -11.53 26.99
N SER A 682 7.34 -12.24 27.04
CA SER A 682 7.31 -13.57 26.43
C SER A 682 7.25 -13.47 24.92
N ASN A 683 6.68 -12.40 24.37
CA ASN A 683 6.65 -12.29 22.92
C ASN A 683 7.93 -11.71 22.35
N ASP A 684 8.86 -11.29 23.20
CA ASP A 684 10.17 -10.86 22.74
C ASP A 684 11.19 -11.99 22.76
N PHE A 685 10.97 -13.02 23.56
CA PHE A 685 11.74 -14.26 23.49
C PHE A 685 11.13 -15.24 22.52
N GLY A 686 9.82 -15.33 22.48
CA GLY A 686 9.15 -16.19 21.53
C GLY A 686 9.33 -15.75 20.10
N GLN A 687 9.73 -14.51 19.87
CA GLN A 687 10.14 -14.09 18.54
C GLN A 687 11.60 -14.43 18.26
N LEU A 688 12.44 -14.45 19.30
CA LEU A 688 13.82 -14.88 19.13
C LEU A 688 13.89 -16.35 18.74
N ALA A 689 13.07 -17.19 19.37
CA ALA A 689 13.02 -18.60 19.03
C ALA A 689 12.64 -18.82 17.58
N VAL A 690 11.60 -18.13 17.13
CA VAL A 690 11.17 -18.21 15.73
C VAL A 690 12.27 -17.75 14.80
N GLU A 691 12.91 -16.62 15.10
CA GLU A 691 13.96 -16.13 14.23
C GLU A 691 15.19 -17.03 14.21
N LEU A 692 15.48 -17.71 15.32
CA LEU A 692 16.58 -18.67 15.29
C LEU A 692 16.21 -19.92 14.52
N LEU A 693 14.96 -20.33 14.57
CA LEU A 693 14.59 -21.51 13.79
C LEU A 693 14.47 -21.20 12.32
N GLU A 694 14.06 -19.98 11.97
CA GLU A 694 14.11 -19.55 10.58
C GLU A 694 15.55 -19.39 10.12
N GLN A 695 16.46 -19.09 11.04
CA GLN A 695 17.88 -19.06 10.68
C GLN A 695 18.40 -20.46 10.39
N SER A 696 18.15 -21.38 11.29
CA SER A 696 18.70 -22.72 11.15
C SER A 696 17.99 -23.55 10.09
N PHE A 697 16.78 -23.18 9.71
CA PHE A 697 16.10 -23.85 8.62
C PHE A 697 16.75 -23.55 7.28
N ARG A 698 17.25 -22.33 7.10
CA ARG A 698 17.75 -21.95 5.80
C ARG A 698 19.14 -22.53 5.52
N GLN A 699 19.85 -23.00 6.53
CA GLN A 699 21.16 -23.56 6.26
C GLN A 699 21.07 -25.05 5.97
N ASP A 700 20.35 -25.81 6.79
CA ASP A 700 20.10 -27.21 6.51
C ASP A 700 18.76 -27.58 7.11
N GLU A 701 18.01 -28.41 6.41
CA GLU A 701 16.64 -28.69 6.79
C GLU A 701 16.53 -29.95 7.63
N THR A 702 17.24 -31.01 7.25
CA THR A 702 17.25 -32.23 8.03
C THR A 702 17.96 -32.06 9.37
N MET A 703 18.82 -31.05 9.51
CA MET A 703 19.42 -30.78 10.81
C MET A 703 18.53 -29.90 11.66
N ALA A 704 17.87 -28.93 11.03
CA ALA A 704 16.96 -28.06 11.76
C ALA A 704 15.79 -28.84 12.31
N MET A 705 15.33 -29.86 11.59
CA MET A 705 14.32 -30.73 12.17
C MET A 705 14.86 -31.64 13.26
N LYS A 706 16.18 -31.80 13.36
CA LYS A 706 16.72 -32.48 14.53
C LYS A 706 16.79 -31.56 15.72
N LEU A 707 16.96 -30.26 15.50
CA LEU A 707 16.99 -29.33 16.63
C LEU A 707 15.67 -29.27 17.36
N LEU A 708 14.58 -29.50 16.66
CA LEU A 708 13.26 -29.43 17.29
C LEU A 708 12.88 -30.56 18.21
N THR A 709 13.53 -31.70 18.12
CA THR A 709 13.07 -32.83 18.92
C THR A 709 14.14 -33.55 19.72
N TYR A 710 15.35 -33.02 19.81
CA TYR A 710 16.35 -33.73 20.58
C TYR A 710 16.15 -33.44 22.05
N GLU A 711 16.47 -34.43 22.89
CA GLU A 711 16.30 -34.28 24.32
C GLU A 711 17.27 -33.24 24.85
N LEU A 712 16.79 -32.36 25.72
CA LEU A 712 17.63 -31.24 26.12
C LEU A 712 18.56 -31.61 27.26
N LYS A 713 18.07 -32.37 28.24
CA LYS A 713 18.77 -32.97 29.37
C LYS A 713 19.17 -31.95 30.42
N ASN A 714 18.99 -30.65 30.18
CA ASN A 714 19.07 -29.63 31.20
C ASN A 714 17.69 -29.13 31.56
N TRP A 715 16.84 -28.98 30.55
CA TRP A 715 15.50 -28.46 30.74
C TRP A 715 14.49 -29.61 30.89
N SER A 716 14.79 -30.49 31.85
CA SER A 716 13.91 -31.56 32.29
C SER A 716 13.56 -32.56 31.19
N ASN A 717 14.54 -32.84 30.33
CA ASN A 717 14.42 -33.82 29.24
C ASN A 717 13.22 -33.54 28.36
N SER A 718 12.97 -32.27 28.09
CA SER A 718 11.84 -31.90 27.26
C SER A 718 12.34 -31.58 25.87
N THR A 719 11.62 -32.09 24.88
CA THR A 719 11.78 -31.71 23.50
C THR A 719 11.60 -30.21 23.34
N CYS A 720 12.37 -29.60 22.46
CA CYS A 720 12.28 -28.16 22.21
C CYS A 720 10.92 -27.78 21.61
N LEU A 721 10.35 -28.65 20.79
CA LEU A 721 9.06 -28.38 20.18
C LEU A 721 7.93 -28.52 21.19
N LYS A 722 8.01 -29.53 22.07
CA LYS A 722 7.03 -29.64 23.14
C LYS A 722 7.14 -28.47 24.10
N LEU A 723 8.34 -27.95 24.25
CA LEU A 723 8.58 -26.81 25.11
C LEU A 723 7.98 -25.56 24.49
N ALA A 724 7.83 -25.54 23.16
CA ALA A 724 7.15 -24.44 22.48
C ALA A 724 5.70 -24.71 22.18
N VAL A 725 5.17 -25.84 22.59
CA VAL A 725 3.73 -26.05 22.56
C VAL A 725 3.13 -25.86 23.95
N SER A 726 3.92 -26.04 25.00
CA SER A 726 3.45 -25.80 26.37
C SER A 726 3.03 -24.34 26.55
N SER A 727 3.90 -23.41 26.17
CA SER A 727 3.40 -22.09 25.84
C SER A 727 2.85 -22.14 24.44
N ARG A 728 1.76 -21.46 24.20
CA ARG A 728 1.06 -21.61 22.93
C ARG A 728 1.75 -20.67 21.98
N LEU A 729 2.88 -21.09 21.45
CA LEU A 729 3.72 -20.21 20.65
C LEU A 729 3.43 -20.59 19.22
N ARG A 730 2.38 -20.02 18.67
CA ARG A 730 1.92 -20.32 17.32
C ARG A 730 2.88 -19.99 16.19
N PRO A 731 3.67 -18.90 16.18
CA PRO A 731 4.62 -18.73 15.06
C PRO A 731 5.74 -19.74 15.01
N PHE A 732 5.95 -20.55 16.04
CA PHE A 732 6.97 -21.58 16.03
C PHE A 732 6.39 -22.88 15.50
N VAL A 733 5.25 -23.29 16.03
CA VAL A 733 4.61 -24.52 15.61
C VAL A 733 4.04 -24.38 14.20
N ALA A 734 3.78 -23.17 13.74
CA ALA A 734 3.34 -22.95 12.38
C ALA A 734 4.44 -22.50 11.46
N HIS A 735 5.70 -22.77 11.79
CA HIS A 735 6.79 -22.43 10.91
C HIS A 735 6.94 -23.56 9.91
N THR A 736 7.80 -23.40 8.92
CA THR A 736 7.91 -24.49 7.96
C THR A 736 8.83 -25.60 8.41
N CYS A 737 9.64 -25.33 9.44
CA CYS A 737 10.45 -26.36 10.05
C CYS A 737 9.61 -27.37 10.85
N THR A 738 8.62 -26.91 11.62
CA THR A 738 7.79 -27.80 12.40
C THR A 738 6.67 -28.37 11.55
N GLN A 739 6.19 -27.62 10.58
CA GLN A 739 5.20 -28.19 9.69
C GLN A 739 5.82 -29.09 8.64
N MET A 740 7.13 -29.10 8.52
CA MET A 740 7.79 -30.09 7.67
C MET A 740 8.09 -31.36 8.45
N LEU A 741 8.44 -31.20 9.73
CA LEU A 741 8.67 -32.35 10.59
C LEU A 741 7.39 -33.08 10.91
N LEU A 742 6.28 -32.35 11.08
CA LEU A 742 5.01 -33.02 11.29
C LEU A 742 4.54 -33.72 10.04
N SER A 743 4.87 -33.19 8.88
CA SER A 743 4.57 -33.90 7.65
C SER A 743 5.47 -35.09 7.43
N ASP A 744 6.62 -35.14 8.10
CA ASP A 744 7.42 -36.36 8.06
C ASP A 744 7.08 -37.34 9.17
N MET A 745 6.40 -36.92 10.22
CA MET A 745 5.87 -37.88 11.17
C MET A 745 4.56 -38.46 10.72
N TRP A 746 3.83 -37.73 9.88
CA TRP A 746 2.56 -38.23 9.38
C TRP A 746 2.78 -39.37 8.43
N MET A 747 3.83 -39.32 7.62
CA MET A 747 4.17 -40.44 6.76
C MET A 747 4.59 -41.64 7.57
N GLY A 748 5.36 -41.42 8.62
CA GLY A 748 5.86 -42.52 9.39
C GLY A 748 6.99 -43.15 8.65
N ARG A 749 6.95 -44.47 8.52
CA ARG A 749 8.01 -45.16 7.81
C ARG A 749 7.85 -45.07 6.30
N LEU A 750 6.65 -44.83 5.81
CA LEU A 750 6.35 -44.83 4.38
C LEU A 750 6.97 -43.61 3.70
N ASN A 751 6.88 -43.56 2.39
CA ASN A 751 7.55 -42.52 1.63
C ASN A 751 6.58 -41.86 0.66
N MET A 752 5.76 -40.95 1.16
CA MET A 752 4.72 -40.31 0.35
C MET A 752 5.25 -39.33 -0.67
N ARG A 753 6.55 -39.07 -0.74
CA ARG A 753 7.05 -38.21 -1.81
C ARG A 753 6.94 -38.89 -3.16
N LYS A 754 7.06 -40.22 -3.19
CA LYS A 754 6.87 -40.99 -4.40
C LYS A 754 5.75 -42.00 -4.32
N ASN A 755 5.25 -42.30 -3.12
CA ASN A 755 4.19 -43.28 -2.95
C ASN A 755 2.88 -42.69 -3.39
N SER A 756 2.02 -43.54 -3.94
CA SER A 756 0.69 -43.10 -4.33
C SER A 756 -0.15 -42.85 -3.09
N TRP A 757 -0.98 -41.81 -3.15
CA TRP A 757 -1.93 -41.57 -2.07
C TRP A 757 -2.96 -42.67 -1.96
N TYR A 758 -3.49 -43.11 -3.11
CA TYR A 758 -4.55 -44.11 -3.09
C TYR A 758 -4.02 -45.50 -2.79
N LYS A 759 -2.72 -45.72 -2.99
CA LYS A 759 -2.13 -47.01 -2.65
C LYS A 759 -2.11 -47.28 -1.16
N VAL A 760 -2.25 -46.24 -0.33
CA VAL A 760 -2.42 -46.46 1.10
C VAL A 760 -3.77 -47.06 1.39
N ILE A 761 -4.84 -46.50 0.82
CA ILE A 761 -6.18 -47.03 1.03
C ILE A 761 -6.33 -48.41 0.42
N LEU A 762 -5.71 -48.62 -0.75
CA LEU A 762 -5.71 -49.92 -1.39
C LEU A 762 -4.97 -50.95 -0.55
N SER A 763 -3.83 -50.57 0.00
CA SER A 763 -3.05 -51.48 0.83
C SER A 763 -3.68 -51.70 2.19
N ILE A 764 -4.56 -50.80 2.63
CA ILE A 764 -5.35 -51.08 3.82
C ILE A 764 -6.40 -52.13 3.52
N LEU A 765 -7.09 -51.98 2.39
CA LEU A 765 -8.14 -52.95 2.06
C LEU A 765 -7.55 -54.27 1.58
N VAL A 766 -6.41 -54.22 0.90
CA VAL A 766 -5.76 -55.41 0.36
C VAL A 766 -4.41 -55.59 1.06
N PRO A 767 -4.33 -56.42 2.09
CA PRO A 767 -3.08 -56.55 2.86
C PRO A 767 -1.89 -57.15 2.10
N PRO A 768 -2.05 -57.95 1.04
CA PRO A 768 -0.85 -58.24 0.23
C PRO A 768 -0.38 -57.08 -0.65
N ALA A 769 -1.02 -55.93 -0.64
CA ALA A 769 -0.45 -54.78 -1.32
C ALA A 769 0.44 -53.94 -0.41
N ILE A 770 0.51 -54.30 0.87
CA ILE A 770 1.44 -53.64 1.79
C ILE A 770 2.88 -53.90 1.36
N LEU A 771 3.15 -55.14 0.95
CA LEU A 771 4.53 -55.63 0.83
C LEU A 771 5.32 -54.93 -0.26
N MET A 772 4.61 -54.33 -1.22
CA MET A 772 5.26 -53.63 -2.32
C MET A 772 4.78 -52.22 -2.74
N LEU A 773 5.06 -51.18 -1.94
CA LEU A 773 4.66 -49.82 -2.32
C LEU A 773 5.90 -48.93 -2.41
N GLU A 774 6.42 -48.55 -1.26
CA GLU A 774 7.68 -47.78 -1.14
C GLU A 774 7.84 -47.40 0.31
N TYR A 775 9.09 -47.38 0.79
CA TYR A 775 9.38 -47.09 2.19
C TYR A 775 10.56 -46.14 2.31
N LYS A 776 11.03 -45.96 3.55
CA LYS A 776 12.16 -45.11 3.86
C LYS A 776 13.23 -45.88 4.60
N THR A 777 14.47 -45.48 4.38
CA THR A 777 15.63 -46.08 5.03
C THR A 777 16.00 -45.30 6.28
N LYS A 778 16.96 -45.83 7.04
CA LYS A 778 17.37 -45.18 8.28
C LYS A 778 18.14 -43.90 8.05
N ALA A 779 18.63 -43.65 6.84
CA ALA A 779 19.21 -42.36 6.55
C ALA A 779 18.16 -41.31 6.31
N GLU A 780 16.94 -41.72 5.98
CA GLU A 780 15.83 -40.82 5.80
C GLU A 780 14.96 -40.70 7.04
N MET A 781 15.05 -41.65 7.95
CA MET A 781 14.30 -41.64 9.20
C MET A 781 15.16 -41.13 10.35
N SER A 782 16.18 -40.34 10.07
CA SER A 782 17.12 -39.97 11.12
C SER A 782 16.57 -38.84 11.96
N HIS A 783 15.98 -37.84 11.33
CA HIS A 783 15.45 -36.68 12.02
C HIS A 783 14.06 -36.88 12.58
N ILE A 784 13.36 -37.93 12.17
CA ILE A 784 12.01 -38.20 12.63
C ILE A 784 12.06 -38.89 13.98
N PRO A 785 11.48 -38.33 15.00
CA PRO A 785 11.48 -38.98 16.30
C PRO A 785 10.57 -40.19 16.35
N GLN A 786 11.17 -41.36 16.38
CA GLN A 786 10.50 -42.64 16.36
C GLN A 786 10.12 -43.07 17.76
N SER A 787 9.26 -44.07 17.86
CA SER A 787 8.91 -44.59 19.18
C SER A 787 10.03 -45.48 19.69
N GLN A 788 9.84 -46.03 20.89
CA GLN A 788 10.87 -46.86 21.50
C GLN A 788 11.08 -48.16 20.74
N ASP A 789 10.03 -48.68 20.12
CA ASP A 789 10.12 -49.92 19.35
C ASP A 789 10.41 -49.62 17.88
N ALA A 790 11.51 -48.90 17.64
CA ALA A 790 12.00 -48.63 16.30
C ALA A 790 13.48 -48.30 16.34
N ILE A 840 10.59 -58.20 5.98
CA ILE A 840 9.32 -58.46 5.31
C ILE A 840 8.19 -58.40 6.34
N THR A 841 8.38 -59.04 7.49
CA THR A 841 7.44 -58.84 8.58
C THR A 841 7.69 -57.56 9.35
N ARG A 842 8.76 -56.83 9.04
CA ARG A 842 8.92 -55.47 9.53
C ARG A 842 8.23 -54.47 8.63
N LYS A 843 7.74 -54.90 7.48
CA LYS A 843 6.96 -54.02 6.62
C LYS A 843 5.50 -53.95 7.03
N PHE A 844 4.99 -54.95 7.74
CA PHE A 844 3.66 -54.86 8.33
C PHE A 844 3.67 -53.99 9.57
N TYR A 845 4.67 -54.16 10.44
CA TYR A 845 4.80 -53.30 11.60
C TYR A 845 5.13 -51.88 11.18
N ALA A 846 5.88 -51.73 10.10
CA ALA A 846 6.22 -50.40 9.62
C ALA A 846 5.02 -49.73 8.98
N PHE A 847 4.19 -50.51 8.27
CA PHE A 847 3.04 -49.91 7.60
C PHE A 847 1.93 -49.59 8.56
N TYR A 848 1.62 -50.48 9.50
CA TYR A 848 0.44 -50.28 10.31
C TYR A 848 0.61 -49.22 11.37
N HIS A 849 1.82 -48.99 11.85
CA HIS A 849 2.01 -47.98 12.87
C HIS A 849 2.28 -46.61 12.30
N ALA A 850 2.09 -46.41 11.04
CA ALA A 850 2.18 -45.06 10.54
C ALA A 850 0.90 -44.32 10.87
N PRO A 851 0.99 -43.01 11.12
CA PRO A 851 -0.21 -42.26 11.41
C PRO A 851 -1.11 -42.05 10.22
N ILE A 852 -0.61 -42.11 8.99
CA ILE A 852 -1.49 -42.14 7.83
C ILE A 852 -2.37 -43.37 7.88
N VAL A 853 -1.78 -44.53 8.18
CA VAL A 853 -2.53 -45.75 8.11
C VAL A 853 -3.46 -45.91 9.29
N LYS A 854 -3.08 -45.40 10.46
CA LYS A 854 -4.04 -45.33 11.55
C LYS A 854 -5.18 -44.38 11.21
N PHE A 855 -4.87 -43.28 10.51
CA PHE A 855 -5.89 -42.31 10.19
C PHE A 855 -6.88 -42.83 9.18
N TRP A 856 -6.39 -43.27 8.01
CA TRP A 856 -7.26 -43.79 6.98
C TRP A 856 -7.95 -45.05 7.38
N PHE A 857 -7.34 -45.85 8.24
CA PHE A 857 -8.01 -47.04 8.72
C PHE A 857 -9.16 -46.66 9.64
N ASN A 858 -8.95 -45.62 10.44
CA ASN A 858 -10.00 -45.11 11.30
C ASN A 858 -11.12 -44.42 10.53
N THR A 859 -10.81 -43.65 9.48
CA THR A 859 -11.91 -43.00 8.77
C THR A 859 -12.64 -43.93 7.85
N LEU A 860 -11.97 -44.94 7.28
CA LEU A 860 -12.72 -45.94 6.52
C LEU A 860 -13.70 -46.68 7.42
N ALA A 861 -13.29 -47.01 8.63
CA ALA A 861 -14.29 -47.60 9.52
C ALA A 861 -15.31 -46.60 10.02
N TYR A 862 -14.98 -45.31 10.02
CA TYR A 862 -15.98 -44.33 10.42
C TYR A 862 -17.01 -44.11 9.34
N LEU A 863 -16.60 -44.12 8.08
CA LEU A 863 -17.57 -44.04 7.00
C LEU A 863 -18.40 -45.30 6.92
N GLY A 864 -17.83 -46.45 7.28
CA GLY A 864 -18.65 -47.63 7.45
C GLY A 864 -19.64 -47.49 8.58
N PHE A 865 -19.25 -46.81 9.65
CA PHE A 865 -20.17 -46.54 10.74
C PHE A 865 -21.30 -45.61 10.34
N LEU A 866 -21.02 -44.59 9.53
CA LEU A 866 -22.09 -43.69 9.13
C LEU A 866 -23.00 -44.32 8.11
N MET A 867 -22.46 -45.10 7.18
CA MET A 867 -23.33 -45.78 6.23
C MET A 867 -24.23 -46.80 6.93
N LEU A 868 -23.68 -47.53 7.91
CA LEU A 868 -24.55 -48.43 8.65
C LEU A 868 -25.50 -47.69 9.54
N TYR A 869 -25.11 -46.54 10.06
CA TYR A 869 -25.99 -45.88 11.01
C TYR A 869 -27.13 -45.17 10.31
N THR A 870 -26.93 -44.74 9.08
CA THR A 870 -28.08 -44.19 8.39
C THR A 870 -28.89 -45.24 7.65
N PHE A 871 -28.33 -46.41 7.36
CA PHE A 871 -29.23 -47.50 7.02
C PHE A 871 -30.07 -47.89 8.23
N VAL A 872 -29.52 -47.78 9.44
CA VAL A 872 -30.29 -48.09 10.63
C VAL A 872 -31.42 -47.09 10.82
N VAL A 873 -31.05 -45.82 10.78
CA VAL A 873 -31.98 -44.71 10.98
C VAL A 873 -33.06 -44.49 9.93
N LEU A 874 -32.73 -44.64 8.67
CA LEU A 874 -33.69 -44.35 7.60
C LEU A 874 -34.72 -45.47 7.42
N VAL A 875 -34.35 -46.69 7.70
CA VAL A 875 -35.18 -47.86 7.46
C VAL A 875 -35.97 -48.18 8.73
N LYS A 876 -37.14 -48.82 8.56
CA LYS A 876 -38.09 -49.13 9.62
C LYS A 876 -37.45 -49.82 10.82
N MET A 877 -37.57 -49.18 11.96
CA MET A 877 -37.06 -49.75 13.19
C MET A 877 -38.02 -50.84 13.63
N GLU A 878 -37.47 -51.89 14.21
CA GLU A 878 -38.26 -53.02 14.69
C GLU A 878 -38.01 -53.18 16.17
N GLN A 879 -38.70 -54.14 16.78
CA GLN A 879 -38.58 -54.31 18.22
C GLN A 879 -37.21 -54.85 18.61
N LEU A 880 -36.73 -55.84 17.89
CA LEU A 880 -35.41 -56.41 18.09
C LEU A 880 -34.45 -55.77 17.11
N PRO A 881 -33.28 -55.32 17.55
CA PRO A 881 -32.39 -54.58 16.65
C PRO A 881 -31.83 -55.46 15.55
N SER A 882 -31.62 -54.86 14.39
CA SER A 882 -31.14 -55.60 13.25
C SER A 882 -29.65 -55.89 13.38
N VAL A 883 -29.09 -56.50 12.34
CA VAL A 883 -27.66 -56.77 12.30
C VAL A 883 -26.87 -55.47 12.27
N GLN A 884 -27.35 -54.49 11.50
CA GLN A 884 -26.65 -53.23 11.34
C GLN A 884 -26.65 -52.42 12.62
N GLU A 885 -27.69 -52.55 13.42
CA GLU A 885 -27.80 -51.73 14.60
C GLU A 885 -26.85 -52.20 15.70
N TRP A 886 -26.58 -53.50 15.79
CA TRP A 886 -25.61 -53.94 16.78
C TRP A 886 -24.20 -53.56 16.38
N ILE A 887 -23.93 -53.42 15.08
CA ILE A 887 -22.63 -52.90 14.68
C ILE A 887 -22.53 -51.43 15.05
N VAL A 888 -23.65 -50.70 14.96
CA VAL A 888 -23.63 -49.29 15.38
C VAL A 888 -23.38 -49.17 16.88
N ILE A 889 -24.08 -49.97 17.69
CA ILE A 889 -23.92 -49.90 19.14
C ILE A 889 -22.54 -50.42 19.56
N ALA A 890 -21.98 -51.36 18.80
CA ALA A 890 -20.61 -51.78 19.06
C ALA A 890 -19.62 -50.67 18.78
N TYR A 891 -19.85 -49.90 17.70
CA TYR A 891 -18.96 -48.79 17.41
C TYR A 891 -19.05 -47.72 18.48
N ILE A 892 -20.26 -47.36 18.89
CA ILE A 892 -20.36 -46.24 19.82
C ILE A 892 -19.92 -46.66 21.22
N PHE A 893 -20.15 -47.91 21.60
CA PHE A 893 -19.70 -48.40 22.90
C PHE A 893 -18.17 -48.45 22.96
N THR A 894 -17.54 -49.14 22.02
CA THR A 894 -16.09 -49.25 22.08
C THR A 894 -15.40 -47.94 21.73
N TYR A 895 -16.08 -47.08 20.97
CA TYR A 895 -15.59 -45.72 20.76
C TYR A 895 -15.60 -44.93 22.05
N ALA A 896 -16.64 -45.11 22.88
CA ALA A 896 -16.67 -44.44 24.17
C ALA A 896 -15.59 -44.97 25.09
N ILE A 897 -15.29 -46.27 25.00
CA ILE A 897 -14.19 -46.86 25.76
C ILE A 897 -12.87 -46.21 25.37
N GLU A 898 -12.64 -46.03 24.06
CA GLU A 898 -11.41 -45.38 23.61
C GLU A 898 -11.36 -43.92 24.02
N LYS A 899 -12.51 -43.25 24.11
CA LYS A 899 -12.45 -41.87 24.59
C LYS A 899 -12.18 -41.79 26.09
N VAL A 900 -12.68 -42.74 26.87
CA VAL A 900 -12.33 -42.78 28.30
C VAL A 900 -10.85 -43.08 28.48
N ARG A 901 -10.30 -43.97 27.65
CA ARG A 901 -8.87 -44.24 27.69
C ARG A 901 -8.06 -43.01 27.28
N GLU A 902 -8.58 -42.20 26.36
CA GLU A 902 -7.87 -41.01 25.94
C GLU A 902 -8.04 -39.84 26.91
N VAL A 903 -9.03 -39.87 27.78
CA VAL A 903 -9.12 -38.87 28.83
C VAL A 903 -8.29 -39.27 30.05
N PHE A 904 -8.35 -40.54 30.45
CA PHE A 904 -7.59 -41.00 31.59
C PHE A 904 -6.10 -41.12 31.29
N MET A 905 -5.71 -41.26 30.03
CA MET A 905 -4.30 -41.22 29.67
C MET A 905 -4.02 -40.23 28.54
N LYS A 914 -7.09 -32.24 33.76
CA LYS A 914 -6.84 -33.01 32.55
C LYS A 914 -8.15 -33.28 31.82
N ILE A 915 -9.26 -33.15 32.54
CA ILE A 915 -10.56 -33.25 31.89
C ILE A 915 -10.97 -31.92 31.28
N LYS A 916 -10.70 -30.82 31.98
CA LYS A 916 -10.99 -29.49 31.45
C LYS A 916 -10.06 -29.11 30.31
N VAL A 917 -8.93 -29.81 30.16
CA VAL A 917 -8.14 -29.66 28.94
C VAL A 917 -8.87 -30.30 27.77
N TRP A 918 -9.48 -31.46 28.00
CA TRP A 918 -10.11 -32.23 26.94
C TRP A 918 -11.41 -31.59 26.46
N PHE A 919 -12.08 -30.81 27.30
CA PHE A 919 -13.29 -30.11 26.91
C PHE A 919 -13.02 -28.84 26.11
N SER A 920 -11.76 -28.51 25.85
CA SER A 920 -11.49 -27.26 25.15
C SER A 920 -11.72 -27.36 23.66
N ASP A 921 -11.61 -28.55 23.09
CA ASP A 921 -11.84 -28.75 21.67
C ASP A 921 -13.33 -28.89 21.41
N TYR A 922 -13.80 -28.23 20.35
CA TYR A 922 -15.22 -28.19 20.06
C TYR A 922 -15.76 -29.50 19.51
N PHE A 923 -14.87 -30.42 19.11
CA PHE A 923 -15.30 -31.76 18.69
C PHE A 923 -15.08 -32.79 19.78
N ASN A 924 -14.94 -32.35 21.02
CA ASN A 924 -15.00 -33.23 22.18
C ASN A 924 -16.20 -32.94 23.05
N VAL A 925 -16.67 -31.71 23.07
CA VAL A 925 -17.96 -31.41 23.68
C VAL A 925 -19.06 -32.10 22.89
N SER A 926 -18.93 -32.14 21.56
CA SER A 926 -19.89 -32.84 20.74
C SER A 926 -19.77 -34.36 20.86
N ASP A 927 -18.63 -34.88 21.33
CA ASP A 927 -18.54 -36.32 21.51
C ASP A 927 -19.20 -36.78 22.78
N THR A 928 -19.17 -35.97 23.84
CA THR A 928 -19.86 -36.36 25.05
C THR A 928 -21.36 -36.33 24.87
N ILE A 929 -21.88 -35.33 24.15
CA ILE A 929 -23.31 -35.24 23.90
C ILE A 929 -23.75 -36.33 22.94
N ALA A 930 -22.88 -36.71 22.00
CA ALA A 930 -23.24 -37.76 21.06
C ALA A 930 -23.32 -39.11 21.74
N ILE A 931 -22.38 -39.40 22.63
CA ILE A 931 -22.31 -40.72 23.23
C ILE A 931 -23.34 -40.86 24.34
N ILE A 932 -23.50 -39.83 25.17
CA ILE A 932 -24.46 -39.89 26.25
C ILE A 932 -25.89 -39.94 25.73
N SER A 933 -26.21 -39.10 24.74
CA SER A 933 -27.57 -39.13 24.19
C SER A 933 -27.80 -40.31 23.28
N PHE A 934 -26.77 -41.03 22.87
CA PHE A 934 -27.05 -42.26 22.14
C PHE A 934 -27.59 -43.34 23.04
N PHE A 935 -27.06 -43.46 24.24
CA PHE A 935 -27.51 -44.52 25.12
C PHE A 935 -28.76 -44.14 25.88
N VAL A 936 -29.04 -42.85 26.04
CA VAL A 936 -30.37 -42.44 26.44
C VAL A 936 -31.37 -42.83 25.36
N GLY A 937 -30.97 -42.70 24.10
CA GLY A 937 -31.83 -43.14 23.02
C GLY A 937 -31.91 -44.65 22.93
N PHE A 938 -30.80 -45.33 23.18
CA PHE A 938 -30.84 -46.79 23.16
C PHE A 938 -31.46 -47.36 24.42
N GLY A 939 -31.41 -46.63 25.54
CA GLY A 939 -32.13 -47.07 26.72
C GLY A 939 -33.63 -47.03 26.51
N LEU A 940 -34.15 -45.97 25.90
CA LEU A 940 -35.57 -45.88 25.64
C LEU A 940 -36.00 -46.72 24.45
N ARG A 941 -35.08 -47.10 23.59
CA ARG A 941 -35.45 -47.94 22.46
C ARG A 941 -35.59 -49.38 22.88
N PHE A 942 -34.60 -49.87 23.62
CA PHE A 942 -34.43 -51.28 23.92
C PHE A 942 -35.09 -51.67 25.23
N GLY A 943 -34.78 -50.96 26.30
CA GLY A 943 -35.44 -51.17 27.57
C GLY A 943 -36.77 -50.43 27.63
N ALA A 944 -37.75 -50.94 26.90
CA ALA A 944 -39.05 -50.27 26.80
C ALA A 944 -40.17 -51.29 26.84
N LYS A 945 -41.33 -50.81 27.25
CA LYS A 945 -42.56 -51.61 27.15
C LYS A 945 -42.94 -51.74 25.68
N TRP A 946 -43.38 -52.94 25.30
CA TRP A 946 -43.75 -53.17 23.90
C TRP A 946 -45.05 -52.46 23.56
N ASN A 947 -46.12 -52.77 24.30
CA ASN A 947 -47.51 -52.39 23.97
C ASN A 947 -47.83 -52.75 22.51
N TYR A 948 -47.55 -54.01 22.18
CA TYR A 948 -47.32 -54.41 20.80
C TYR A 948 -48.61 -54.38 19.98
N ILE A 949 -48.48 -53.90 18.75
CA ILE A 949 -49.59 -53.80 17.82
C ILE A 949 -49.00 -53.88 16.42
N ASN A 950 -49.87 -53.90 15.40
CA ASN A 950 -49.42 -53.57 14.06
C ASN A 950 -48.81 -52.17 14.01
N ALA A 951 -49.39 -51.24 14.76
CA ALA A 951 -48.79 -49.94 14.99
C ALA A 951 -47.65 -50.07 16.00
N TYR A 952 -46.43 -49.82 15.54
CA TYR A 952 -45.24 -49.98 16.38
C TYR A 952 -44.97 -48.78 17.28
N ASP A 953 -45.83 -47.78 17.28
CA ASP A 953 -45.56 -46.55 18.02
C ASP A 953 -46.12 -46.63 19.44
N ASN A 954 -45.21 -46.74 20.40
CA ASN A 954 -45.48 -46.49 21.81
C ASN A 954 -44.67 -45.27 22.21
N HIS A 955 -45.10 -44.60 23.28
CA HIS A 955 -44.55 -43.29 23.62
C HIS A 955 -43.09 -43.36 24.06
N VAL A 956 -42.63 -44.51 24.53
CA VAL A 956 -41.24 -44.64 24.94
C VAL A 956 -40.37 -45.00 23.75
N PHE A 957 -40.85 -45.92 22.91
CA PHE A 957 -40.09 -46.33 21.73
C PHE A 957 -39.91 -45.19 20.74
N VAL A 958 -40.93 -44.35 20.59
CA VAL A 958 -40.86 -43.25 19.64
C VAL A 958 -39.80 -42.24 20.06
N ALA A 959 -39.77 -41.86 21.34
CA ALA A 959 -38.75 -40.93 21.80
C ALA A 959 -37.36 -41.54 21.76
N GLY A 960 -37.26 -42.85 21.92
CA GLY A 960 -35.98 -43.50 21.71
C GLY A 960 -35.55 -43.43 20.27
N ARG A 961 -36.50 -43.59 19.35
CA ARG A 961 -36.14 -43.51 17.95
C ARG A 961 -35.90 -42.06 17.51
N LEU A 962 -36.42 -41.06 18.21
CA LEU A 962 -36.14 -39.68 17.80
C LEU A 962 -34.87 -39.15 18.41
N ILE A 963 -34.50 -39.58 19.62
CA ILE A 963 -33.16 -39.32 20.13
C ILE A 963 -32.16 -40.18 19.39
N TYR A 964 -32.63 -41.17 18.65
CA TYR A 964 -31.82 -41.99 17.80
C TYR A 964 -31.67 -41.42 16.39
N CYS A 965 -32.62 -40.58 15.94
CA CYS A 965 -32.59 -39.89 14.64
C CYS A 965 -31.87 -38.57 14.71
N LEU A 966 -32.15 -37.77 15.73
CA LEU A 966 -31.47 -36.49 15.92
C LEU A 966 -30.01 -36.64 16.32
N ASN A 967 -29.53 -37.83 16.56
CA ASN A 967 -28.18 -38.03 17.03
C ASN A 967 -27.19 -38.21 15.89
N ILE A 968 -27.66 -38.46 14.67
CA ILE A 968 -26.73 -38.68 13.58
C ILE A 968 -26.06 -37.39 13.20
N ILE A 969 -26.71 -36.27 13.50
CA ILE A 969 -26.18 -34.94 13.25
C ILE A 969 -24.84 -34.77 13.95
N PHE A 970 -24.66 -35.33 15.13
CA PHE A 970 -23.39 -35.19 15.83
C PHE A 970 -22.29 -35.97 15.15
N TRP A 971 -22.63 -37.09 14.53
CA TRP A 971 -21.60 -37.89 13.89
C TRP A 971 -21.23 -37.30 12.54
N TYR A 972 -22.20 -36.71 11.84
CA TYR A 972 -21.87 -36.00 10.61
C TYR A 972 -21.06 -34.75 10.87
N VAL A 973 -21.32 -34.06 11.98
CA VAL A 973 -20.46 -32.95 12.33
C VAL A 973 -19.08 -33.45 12.68
N ARG A 974 -19.00 -34.65 13.27
CA ARG A 974 -17.70 -35.25 13.55
C ARG A 974 -16.94 -35.59 12.28
N LEU A 975 -17.61 -35.74 11.13
CA LEU A 975 -16.86 -35.84 9.88
C LEU A 975 -16.06 -34.59 9.50
N LEU A 976 -16.35 -33.44 10.09
CA LEU A 976 -15.53 -32.27 9.79
C LEU A 976 -14.20 -32.33 10.52
N ASP A 977 -14.10 -33.11 11.58
CA ASP A 977 -12.82 -33.35 12.24
C ASP A 977 -11.91 -34.17 11.35
N PHE A 978 -12.48 -35.07 10.56
CA PHE A 978 -11.68 -35.89 9.64
C PHE A 978 -11.20 -35.08 8.47
N LEU A 979 -12.14 -34.31 7.91
CA LEU A 979 -11.89 -33.49 6.74
C LEU A 979 -10.88 -32.41 7.03
N ALA A 980 -10.98 -31.84 8.22
CA ALA A 980 -10.12 -30.75 8.61
C ALA A 980 -8.71 -31.24 8.91
N VAL A 981 -8.18 -32.18 8.14
CA VAL A 981 -6.79 -32.60 8.34
C VAL A 981 -5.93 -32.39 7.11
N ASN A 982 -6.50 -32.00 5.98
CA ASN A 982 -5.65 -31.69 4.84
C ASN A 982 -5.43 -30.20 4.73
N GLN A 983 -4.48 -29.84 3.87
CA GLN A 983 -3.93 -28.49 3.81
C GLN A 983 -4.97 -27.48 3.41
N GLN A 984 -5.92 -27.88 2.57
CA GLN A 984 -6.84 -26.93 1.96
C GLN A 984 -8.17 -26.83 2.70
N ALA A 985 -8.71 -27.92 3.21
CA ALA A 985 -10.00 -27.88 3.87
C ALA A 985 -9.91 -27.70 5.35
N GLY A 986 -8.72 -27.67 5.91
CA GLY A 986 -8.55 -27.40 7.31
C GLY A 986 -8.91 -26.00 7.73
N PRO A 987 -8.30 -24.98 7.11
CA PRO A 987 -8.64 -23.61 7.45
C PRO A 987 -10.09 -23.23 7.25
N TYR A 988 -10.83 -23.87 6.35
CA TYR A 988 -12.22 -23.48 6.21
C TYR A 988 -13.06 -24.00 7.37
N VAL A 989 -12.77 -25.21 7.85
CA VAL A 989 -13.50 -25.71 9.00
C VAL A 989 -13.09 -24.95 10.24
N MET A 990 -11.81 -24.56 10.34
CA MET A 990 -11.38 -23.74 11.46
C MET A 990 -11.84 -22.30 11.31
N MET A 991 -12.41 -21.95 10.18
CA MET A 991 -12.82 -20.60 9.84
C MET A 991 -14.30 -20.36 10.00
N ILE A 992 -15.10 -21.40 9.75
CA ILE A 992 -16.55 -21.32 9.90
C ILE A 992 -16.92 -20.99 11.33
N GLY A 993 -16.33 -21.65 12.30
CA GLY A 993 -16.65 -21.33 13.68
C GLY A 993 -16.13 -19.99 14.12
N LYS A 994 -15.02 -19.56 13.53
CA LYS A 994 -14.43 -18.28 13.86
C LYS A 994 -15.19 -17.14 13.23
N MET A 995 -16.10 -17.43 12.30
CA MET A 995 -16.93 -16.38 11.75
C MET A 995 -18.38 -16.47 12.21
N VAL A 996 -18.86 -17.65 12.60
CA VAL A 996 -20.10 -17.76 13.36
C VAL A 996 -19.99 -17.04 14.69
N ALA A 997 -18.86 -17.18 15.37
CA ALA A 997 -18.66 -16.46 16.63
C ALA A 997 -18.47 -14.98 16.44
N ASN A 998 -18.44 -14.50 15.21
CA ASN A 998 -18.06 -13.15 14.88
C ASN A 998 -19.19 -12.36 14.26
N MET A 999 -20.19 -13.03 13.68
CA MET A 999 -21.34 -12.36 13.09
C MET A 999 -22.54 -12.31 14.02
N PHE A 1000 -22.34 -12.66 15.29
CA PHE A 1000 -23.46 -12.90 16.20
C PHE A 1000 -24.28 -11.66 16.41
N TYR A 1001 -23.67 -10.49 16.40
CA TYR A 1001 -24.44 -9.29 16.63
C TYR A 1001 -25.01 -8.68 15.37
N ILE A 1002 -24.75 -9.24 14.19
CA ILE A 1002 -25.60 -8.89 13.07
C ILE A 1002 -26.79 -9.82 13.05
N VAL A 1003 -26.60 -11.07 13.47
CA VAL A 1003 -27.74 -11.98 13.58
C VAL A 1003 -28.70 -11.58 14.69
N VAL A 1004 -28.24 -10.90 15.75
CA VAL A 1004 -29.17 -10.43 16.76
C VAL A 1004 -30.06 -9.32 16.21
N ILE A 1005 -29.48 -8.38 15.47
CA ILE A 1005 -30.25 -7.29 14.86
C ILE A 1005 -31.24 -7.85 13.85
N MET A 1006 -30.85 -8.88 13.10
CA MET A 1006 -31.80 -9.54 12.23
C MET A 1006 -32.90 -10.24 12.99
N ALA A 1007 -32.64 -10.67 14.22
CA ALA A 1007 -33.71 -11.29 14.99
C ALA A 1007 -34.65 -10.27 15.60
N LEU A 1008 -34.17 -9.06 15.89
CA LEU A 1008 -35.09 -8.00 16.32
C LEU A 1008 -35.97 -7.52 15.19
N VAL A 1009 -35.41 -7.39 13.99
CA VAL A 1009 -36.24 -7.05 12.85
C VAL A 1009 -37.24 -8.17 12.57
N LEU A 1010 -36.80 -9.41 12.74
CA LEU A 1010 -37.69 -10.52 12.51
C LEU A 1010 -38.86 -10.46 13.49
N LEU A 1011 -38.56 -10.16 14.74
CA LEU A 1011 -39.59 -10.06 15.78
C LEU A 1011 -40.54 -8.88 15.61
N SER A 1012 -40.00 -7.74 15.23
CA SER A 1012 -40.79 -6.53 15.04
C SER A 1012 -41.57 -6.52 13.75
N PHE A 1013 -41.37 -7.49 12.86
CA PHE A 1013 -42.41 -7.78 11.88
C PHE A 1013 -43.30 -8.94 12.27
N GLY A 1014 -42.78 -9.90 13.02
CA GLY A 1014 -43.58 -11.07 13.33
C GLY A 1014 -44.75 -10.77 14.23
N VAL A 1015 -44.61 -9.83 15.15
CA VAL A 1015 -45.66 -9.57 16.12
C VAL A 1015 -46.81 -8.73 15.55
N PRO A 1016 -46.61 -7.57 14.89
CA PRO A 1016 -47.79 -6.89 14.35
C PRO A 1016 -48.39 -7.55 13.14
N ARG A 1017 -47.73 -8.48 12.47
CA ARG A 1017 -48.37 -9.17 11.38
C ARG A 1017 -49.41 -10.15 11.89
N LYS A 1018 -49.08 -10.93 12.92
CA LYS A 1018 -50.09 -11.77 13.56
C LYS A 1018 -51.15 -10.93 14.25
N ALA A 1019 -50.71 -9.92 14.97
CA ALA A 1019 -51.62 -9.09 15.73
C ALA A 1019 -52.63 -8.36 14.86
N ILE A 1020 -52.24 -7.99 13.65
CA ILE A 1020 -53.20 -7.42 12.72
C ILE A 1020 -54.06 -8.49 12.09
N LEU A 1021 -53.45 -9.59 11.65
CA LEU A 1021 -54.21 -10.60 10.92
C LEU A 1021 -55.09 -11.45 11.82
N TYR A 1022 -54.66 -11.74 13.05
CA TYR A 1022 -55.35 -12.69 13.92
C TYR A 1022 -55.77 -12.00 15.21
N PRO A 1023 -56.89 -11.27 15.21
CA PRO A 1023 -57.29 -10.58 16.43
C PRO A 1023 -57.90 -11.50 17.47
N HIS A 1024 -58.57 -12.57 17.05
CA HIS A 1024 -59.29 -13.42 17.98
C HIS A 1024 -58.46 -14.64 18.31
N GLU A 1025 -57.59 -14.51 19.31
CA GLU A 1025 -56.78 -15.62 19.74
C GLU A 1025 -56.91 -15.80 21.25
N GLU A 1026 -56.53 -17.00 21.69
CA GLU A 1026 -56.54 -17.37 23.09
C GLU A 1026 -55.09 -17.65 23.37
N PRO A 1027 -54.60 -17.33 24.63
CA PRO A 1027 -53.17 -17.59 24.81
C PRO A 1027 -52.81 -19.05 24.58
N SER A 1028 -51.74 -19.27 23.83
CA SER A 1028 -51.28 -20.61 23.51
C SER A 1028 -49.81 -20.54 23.11
N TRP A 1029 -49.09 -21.66 23.18
CA TRP A 1029 -47.71 -21.63 22.77
C TRP A 1029 -47.55 -21.66 21.26
N SER A 1030 -48.65 -21.76 20.52
CA SER A 1030 -48.59 -21.58 19.08
C SER A 1030 -48.55 -20.12 18.67
N LEU A 1031 -48.61 -19.19 19.61
CA LEU A 1031 -48.38 -17.79 19.26
C LEU A 1031 -46.90 -17.54 18.97
N ALA A 1032 -46.01 -18.13 19.78
CA ALA A 1032 -44.57 -17.99 19.53
C ALA A 1032 -44.17 -18.61 18.21
N LYS A 1033 -44.71 -19.79 17.93
CA LYS A 1033 -44.37 -20.49 16.70
C LYS A 1033 -44.81 -19.70 15.48
N ASP A 1034 -45.96 -19.06 15.56
CA ASP A 1034 -46.42 -18.36 14.39
C ASP A 1034 -45.95 -16.91 14.30
N ILE A 1035 -45.37 -16.34 15.37
CA ILE A 1035 -44.77 -15.03 15.17
C ILE A 1035 -43.34 -15.17 14.68
N VAL A 1036 -42.64 -16.24 15.06
CA VAL A 1036 -41.29 -16.40 14.54
C VAL A 1036 -41.31 -17.11 13.19
N PHE A 1037 -42.27 -18.01 13.01
CA PHE A 1037 -42.27 -18.98 11.90
C PHE A 1037 -42.35 -18.32 10.53
N HIS A 1038 -43.46 -17.63 10.24
CA HIS A 1038 -43.66 -17.12 8.89
C HIS A 1038 -42.72 -15.99 8.48
N PRO A 1039 -42.33 -15.02 9.30
CA PRO A 1039 -41.29 -14.11 8.85
C PRO A 1039 -39.90 -14.66 8.87
N TYR A 1040 -39.67 -15.87 9.35
CA TYR A 1040 -38.32 -16.39 9.29
C TYR A 1040 -37.98 -16.88 7.90
N TRP A 1041 -38.93 -17.48 7.20
CA TRP A 1041 -38.64 -18.04 5.90
C TRP A 1041 -38.64 -16.99 4.81
N MET A 1042 -38.93 -15.74 5.13
CA MET A 1042 -38.90 -14.69 4.13
C MET A 1042 -37.51 -14.19 3.88
N ILE A 1043 -36.57 -14.49 4.78
CA ILE A 1043 -35.18 -14.19 4.53
C ILE A 1043 -34.64 -15.10 3.44
N PHE A 1044 -35.24 -16.27 3.28
CA PHE A 1044 -34.67 -17.37 2.54
C PHE A 1044 -35.37 -17.60 1.22
N GLY A 1045 -36.22 -16.69 0.80
CA GLY A 1045 -36.77 -16.79 -0.53
C GLY A 1045 -38.27 -16.82 -0.58
N GLU A 1046 -38.92 -17.38 0.44
CA GLU A 1046 -40.36 -17.54 0.37
C GLU A 1046 -41.04 -16.26 0.80
N VAL A 1047 -41.72 -15.62 -0.14
CA VAL A 1047 -42.35 -14.33 0.14
C VAL A 1047 -43.80 -14.51 0.57
N TYR A 1048 -44.34 -15.73 0.46
CA TYR A 1048 -45.73 -16.07 0.73
C TYR A 1048 -46.65 -15.18 -0.07
N ALA A 1049 -46.55 -15.32 -1.39
CA ALA A 1049 -47.03 -14.30 -2.31
C ALA A 1049 -48.55 -14.16 -2.28
N TYR A 1050 -49.25 -15.27 -2.05
CA TYR A 1050 -50.71 -15.19 -2.06
C TYR A 1050 -51.25 -14.81 -0.71
N GLU A 1051 -50.46 -14.99 0.35
CA GLU A 1051 -50.92 -14.57 1.67
C GLU A 1051 -50.81 -13.07 1.87
N ILE A 1052 -49.95 -12.40 1.11
CA ILE A 1052 -49.96 -10.94 1.05
C ILE A 1052 -51.25 -10.53 0.38
N ASP A 1053 -51.78 -9.34 0.71
CA ASP A 1053 -53.09 -8.86 0.27
C ASP A 1053 -54.16 -9.91 0.56
N VAL A 1054 -54.45 -10.06 1.85
CA VAL A 1054 -55.33 -11.13 2.26
C VAL A 1054 -56.75 -10.80 1.83
N CYS A 1055 -57.05 -9.51 1.68
CA CYS A 1055 -58.35 -9.06 1.21
C CYS A 1055 -58.56 -9.31 -0.27
N ALA A 1056 -57.50 -9.41 -1.06
CA ALA A 1056 -57.63 -9.40 -2.51
C ALA A 1056 -58.15 -10.74 -3.03
N ASN A 1057 -58.64 -10.71 -4.27
CA ASN A 1057 -58.86 -11.94 -4.99
C ASN A 1057 -57.53 -12.54 -5.41
N ASP A 1058 -57.59 -13.77 -5.93
CA ASP A 1058 -56.42 -14.59 -6.27
C ASP A 1058 -55.51 -14.74 -5.04
N SER A 1059 -56.13 -15.20 -3.97
CA SER A 1059 -55.49 -15.27 -2.67
C SER A 1059 -55.90 -16.52 -1.94
N THR A 1060 -54.92 -17.18 -1.35
CA THR A 1060 -55.20 -18.13 -0.29
C THR A 1060 -55.46 -17.33 0.98
N LEU A 1061 -55.87 -18.03 2.02
CA LEU A 1061 -56.41 -17.47 3.27
C LEU A 1061 -57.52 -16.44 3.08
N PRO A 1062 -58.62 -16.72 2.38
CA PRO A 1062 -59.61 -15.67 2.15
C PRO A 1062 -60.55 -15.40 3.31
N THR A 1063 -60.46 -16.20 4.38
CA THR A 1063 -61.29 -15.98 5.55
C THR A 1063 -60.75 -14.84 6.40
N ILE A 1064 -59.48 -14.50 6.25
CA ILE A 1064 -58.90 -13.42 7.04
C ILE A 1064 -59.10 -12.11 6.28
N CYS A 1065 -60.27 -11.51 6.40
CA CYS A 1065 -60.52 -10.27 5.69
C CYS A 1065 -61.09 -9.22 6.64
N GLY A 1066 -60.66 -9.26 7.90
CA GLY A 1066 -61.08 -8.30 8.89
C GLY A 1066 -60.60 -6.90 8.59
N PRO A 1067 -61.16 -5.93 9.31
CA PRO A 1067 -60.63 -4.56 9.21
C PRO A 1067 -59.20 -4.47 9.65
N GLY A 1068 -58.36 -3.79 8.88
CA GLY A 1068 -56.99 -3.58 9.22
C GLY A 1068 -56.00 -4.44 8.47
N THR A 1069 -56.44 -5.49 7.79
CA THR A 1069 -55.53 -6.40 7.14
C THR A 1069 -54.92 -5.84 5.87
N TRP A 1070 -55.26 -4.62 5.46
CA TRP A 1070 -54.61 -3.94 4.36
C TRP A 1070 -53.26 -3.36 4.74
N LEU A 1071 -52.86 -3.47 6.00
CA LEU A 1071 -51.58 -2.95 6.44
C LEU A 1071 -50.44 -3.92 6.25
N THR A 1072 -50.72 -5.22 6.24
CA THR A 1072 -49.65 -6.20 6.18
C THR A 1072 -48.83 -6.25 4.88
N PRO A 1073 -49.32 -5.88 3.69
CA PRO A 1073 -48.36 -5.72 2.60
C PRO A 1073 -47.38 -4.58 2.78
N PHE A 1074 -47.76 -3.54 3.52
CA PHE A 1074 -46.79 -2.47 3.75
C PHE A 1074 -45.78 -2.89 4.81
N LEU A 1075 -46.22 -3.63 5.82
CA LEU A 1075 -45.27 -4.12 6.82
C LEU A 1075 -44.35 -5.17 6.24
N GLN A 1076 -44.86 -6.02 5.36
CA GLN A 1076 -43.99 -7.00 4.73
C GLN A 1076 -43.08 -6.36 3.71
N ALA A 1077 -43.51 -5.26 3.11
CA ALA A 1077 -42.63 -4.55 2.19
C ALA A 1077 -41.46 -3.90 2.90
N VAL A 1078 -41.72 -3.26 4.04
CA VAL A 1078 -40.63 -2.64 4.79
C VAL A 1078 -39.76 -3.70 5.43
N TYR A 1079 -40.34 -4.81 5.86
CA TYR A 1079 -39.56 -5.89 6.47
C TYR A 1079 -38.64 -6.55 5.47
N LEU A 1080 -39.13 -6.84 4.27
CA LEU A 1080 -38.25 -7.46 3.28
C LEU A 1080 -37.23 -6.49 2.75
N PHE A 1081 -37.56 -5.20 2.72
CA PHE A 1081 -36.55 -4.23 2.31
C PHE A 1081 -35.43 -4.17 3.31
N VAL A 1082 -35.76 -4.06 4.59
CA VAL A 1082 -34.73 -3.91 5.62
C VAL A 1082 -33.94 -5.18 5.79
N GLN A 1083 -34.63 -6.31 5.85
CA GLN A 1083 -33.99 -7.60 6.05
C GLN A 1083 -33.12 -7.96 4.86
N TYR A 1084 -33.72 -8.04 3.68
CA TYR A 1084 -33.04 -8.57 2.52
C TYR A 1084 -32.12 -7.57 1.86
N ILE A 1085 -32.35 -6.28 2.00
CA ILE A 1085 -31.54 -5.31 1.28
C ILE A 1085 -30.55 -4.65 2.22
N ILE A 1086 -30.85 -4.57 3.51
CA ILE A 1086 -29.90 -4.00 4.43
C ILE A 1086 -29.18 -5.04 5.24
N MET A 1087 -29.91 -6.01 5.81
CA MET A 1087 -29.25 -6.82 6.83
C MET A 1087 -28.47 -7.97 6.22
N VAL A 1088 -29.08 -8.71 5.29
CA VAL A 1088 -28.37 -9.84 4.69
C VAL A 1088 -27.38 -9.35 3.65
N ASN A 1089 -27.37 -8.07 3.38
CA ASN A 1089 -26.43 -7.44 2.48
C ASN A 1089 -25.37 -6.68 3.24
N LEU A 1090 -25.57 -6.41 4.51
CA LEU A 1090 -24.52 -5.99 5.42
C LEU A 1090 -23.78 -7.18 6.00
N LEU A 1091 -24.36 -8.37 5.86
CA LEU A 1091 -23.70 -9.58 6.29
C LEU A 1091 -22.74 -10.10 5.24
N ILE A 1092 -23.07 -9.92 3.95
CA ILE A 1092 -22.13 -10.23 2.88
C ILE A 1092 -20.92 -9.30 2.95
N ALA A 1093 -21.16 -8.01 3.21
CA ALA A 1093 -20.07 -7.07 3.37
C ALA A 1093 -19.24 -7.38 4.60
N PHE A 1094 -19.88 -7.87 5.65
CA PHE A 1094 -19.15 -8.24 6.86
C PHE A 1094 -18.22 -9.42 6.62
N PHE A 1095 -18.72 -10.50 6.03
CA PHE A 1095 -17.86 -11.65 5.75
C PHE A 1095 -16.80 -11.32 4.74
N ASN A 1096 -17.17 -10.48 3.80
CA ASN A 1096 -16.29 -10.08 2.74
C ASN A 1096 -15.09 -9.32 3.21
N ASN A 1097 -15.28 -8.44 4.19
CA ASN A 1097 -14.19 -7.63 4.69
C ASN A 1097 -13.49 -8.25 5.89
N VAL A 1098 -14.09 -9.26 6.51
CA VAL A 1098 -13.45 -10.00 7.61
C VAL A 1098 -12.70 -11.23 7.12
N TYR A 1099 -12.97 -11.67 5.89
CA TYR A 1099 -12.49 -12.94 5.37
C TYR A 1099 -10.98 -13.04 5.40
N LEU A 1100 -10.27 -11.99 5.07
CA LEU A 1100 -8.84 -12.15 4.86
C LEU A 1100 -8.09 -12.23 6.17
N GLN A 1101 -8.53 -11.48 7.17
CA GLN A 1101 -7.90 -11.60 8.48
C GLN A 1101 -8.30 -12.90 9.17
N VAL A 1102 -9.51 -13.40 8.93
CA VAL A 1102 -9.86 -14.67 9.55
C VAL A 1102 -9.25 -15.85 8.79
N LYS A 1103 -8.92 -15.68 7.52
CA LYS A 1103 -8.17 -16.71 6.84
C LYS A 1103 -6.73 -16.74 7.31
N ALA A 1104 -6.14 -15.58 7.56
CA ALA A 1104 -4.76 -15.56 8.05
C ALA A 1104 -4.67 -16.07 9.47
N ILE A 1105 -5.65 -15.79 10.31
CA ILE A 1105 -5.66 -16.33 11.68
C ILE A 1105 -5.94 -17.82 11.67
N SER A 1106 -6.97 -18.22 10.96
CA SER A 1106 -7.45 -19.59 10.96
C SER A 1106 -6.49 -20.55 10.30
N ASN A 1107 -5.67 -20.06 9.38
CA ASN A 1107 -4.64 -20.89 8.79
C ASN A 1107 -3.58 -21.24 9.83
N ILE A 1108 -3.20 -20.27 10.67
CA ILE A 1108 -2.22 -20.51 11.71
C ILE A 1108 -2.79 -21.35 12.84
N VAL A 1109 -4.07 -21.18 13.16
CA VAL A 1109 -4.69 -22.04 14.16
C VAL A 1109 -4.79 -23.47 13.67
N TRP A 1110 -4.99 -23.68 12.37
CA TRP A 1110 -4.93 -25.03 11.84
C TRP A 1110 -3.53 -25.60 11.92
N LYS A 1111 -2.52 -24.84 11.48
CA LYS A 1111 -1.14 -25.31 11.52
C LYS A 1111 -0.66 -25.60 12.93
N TYR A 1112 -1.23 -24.92 13.93
CA TYR A 1112 -0.87 -25.24 15.30
C TYR A 1112 -1.59 -26.48 15.78
N GLN A 1113 -2.87 -26.64 15.46
CA GLN A 1113 -3.58 -27.81 15.96
C GLN A 1113 -3.25 -29.08 15.22
N ARG A 1114 -2.55 -28.98 14.10
CA ARG A 1114 -2.00 -30.15 13.42
C ARG A 1114 -0.98 -30.88 14.28
N TYR A 1115 -0.29 -30.18 15.19
CA TYR A 1115 0.60 -30.85 16.13
C TYR A 1115 -0.16 -31.76 17.06
N HIS A 1116 -1.19 -31.25 17.73
CA HIS A 1116 -2.00 -32.04 18.63
C HIS A 1116 -2.81 -33.09 17.91
N PHE A 1117 -2.99 -32.94 16.61
CA PHE A 1117 -3.65 -34.00 15.87
C PHE A 1117 -2.70 -35.14 15.56
N ILE A 1118 -1.46 -34.85 15.19
CA ILE A 1118 -0.52 -35.92 14.84
C ILE A 1118 -0.03 -36.66 16.07
N MET A 1119 0.22 -35.93 17.16
CA MET A 1119 0.62 -36.59 18.39
C MET A 1119 -0.48 -37.41 19.04
N ALA A 1120 -1.72 -37.32 18.57
CA ALA A 1120 -2.70 -38.30 19.00
C ALA A 1120 -2.53 -39.59 18.23
N TYR A 1121 -2.18 -39.51 16.96
CA TYR A 1121 -1.98 -40.71 16.16
C TYR A 1121 -0.64 -41.36 16.37
N HIS A 1122 0.26 -40.78 17.15
CA HIS A 1122 1.33 -41.61 17.67
C HIS A 1122 0.94 -42.41 18.90
N GLU A 1123 -0.29 -42.28 19.36
CA GLU A 1123 -0.72 -42.94 20.58
C GLU A 1123 -1.90 -43.87 20.37
N LYS A 1124 -2.68 -43.68 19.31
CA LYS A 1124 -3.82 -44.54 19.05
C LYS A 1124 -3.37 -45.94 18.65
N PRO A 1125 -4.04 -46.98 19.14
CA PRO A 1125 -3.67 -48.34 18.75
C PRO A 1125 -4.11 -48.61 17.32
N VAL A 1126 -3.41 -49.52 16.67
CA VAL A 1126 -3.64 -49.77 15.26
C VAL A 1126 -4.85 -50.60 14.89
N LEU A 1127 -6.00 -50.11 15.32
CA LEU A 1127 -7.26 -50.74 14.99
C LEU A 1127 -8.31 -49.67 15.14
N PRO A 1128 -9.36 -49.75 14.32
CA PRO A 1128 -10.43 -48.82 14.46
C PRO A 1128 -11.36 -49.28 15.55
N PRO A 1129 -12.19 -48.39 16.10
CA PRO A 1129 -12.99 -48.74 17.28
C PRO A 1129 -13.99 -49.88 17.16
N PRO A 1130 -14.47 -50.35 16.00
CA PRO A 1130 -15.21 -51.61 16.08
C PRO A 1130 -14.29 -52.80 16.25
N LEU A 1131 -13.10 -52.74 15.66
CA LEU A 1131 -12.08 -53.75 15.82
C LEU A 1131 -11.26 -53.54 17.08
N ILE A 1132 -11.50 -52.47 17.84
CA ILE A 1132 -10.84 -52.39 19.13
C ILE A 1132 -11.73 -53.13 20.11
N ILE A 1133 -11.63 -54.45 20.08
CA ILE A 1133 -11.91 -55.27 21.22
C ILE A 1133 -10.64 -55.98 21.66
N LEU A 1134 -9.61 -55.98 20.82
CA LEU A 1134 -8.34 -56.62 21.11
C LEU A 1134 -7.43 -55.70 21.89
N SER A 1135 -7.13 -54.51 21.34
CA SER A 1135 -6.03 -53.69 21.82
C SER A 1135 -6.32 -52.92 23.10
N HIS A 1136 -7.44 -53.17 23.79
CA HIS A 1136 -7.53 -52.80 25.20
C HIS A 1136 -7.59 -54.00 26.13
N ILE A 1137 -7.97 -55.18 25.64
CA ILE A 1137 -7.76 -56.39 26.42
C ILE A 1137 -6.27 -56.71 26.49
N VAL A 1138 -5.52 -56.39 25.43
CA VAL A 1138 -4.07 -56.56 25.44
C VAL A 1138 -3.43 -55.57 26.40
N SER A 1139 -3.62 -54.28 26.15
CA SER A 1139 -2.99 -53.24 26.97
C SER A 1139 -3.94 -52.09 27.23
N GLY A 1156 8.29 -43.08 25.15
CA GLY A 1156 7.66 -42.04 24.35
C GLY A 1156 8.10 -42.06 22.90
N PRO A 1157 7.87 -40.95 22.20
CA PRO A 1157 8.28 -40.86 20.80
C PRO A 1157 9.69 -40.32 20.58
N LYS A 1158 10.56 -40.41 21.58
CA LYS A 1158 11.87 -39.78 21.56
C LYS A 1158 12.84 -40.02 20.42
N LEU A 1159 13.43 -38.93 19.98
CA LEU A 1159 14.43 -38.95 18.92
C LEU A 1159 15.70 -39.58 19.45
N PHE A 1160 16.32 -40.41 18.62
CA PHE A 1160 17.54 -41.12 18.99
C PHE A 1160 18.70 -40.61 18.16
N LEU A 1161 19.67 -39.99 18.81
CA LEU A 1161 20.92 -39.58 18.19
C LEU A 1161 22.08 -40.31 18.86
N THR A 1162 23.07 -40.66 18.05
CA THR A 1162 24.30 -41.23 18.58
C THR A 1162 25.12 -40.17 19.30
N GLU A 1163 26.21 -40.60 19.94
CA GLU A 1163 27.12 -39.66 20.55
C GLU A 1163 27.85 -38.82 19.50
N GLU A 1164 28.03 -39.37 18.30
CA GLU A 1164 28.67 -38.62 17.24
C GLU A 1164 27.77 -37.51 16.73
N ASP A 1165 26.53 -37.85 16.38
CA ASP A 1165 25.63 -36.91 15.75
C ASP A 1165 25.02 -35.94 16.74
N GLN A 1166 25.11 -36.22 18.03
CA GLN A 1166 24.72 -35.21 19.00
C GLN A 1166 25.76 -34.10 19.06
N LYS A 1167 27.02 -34.42 18.79
CA LYS A 1167 28.04 -33.39 18.72
C LYS A 1167 28.00 -32.68 17.38
N LYS A 1168 27.77 -33.42 16.30
CA LYS A 1168 27.63 -32.80 14.98
C LYS A 1168 26.39 -31.92 14.91
N LEU A 1169 25.35 -32.27 15.65
CA LEU A 1169 24.19 -31.40 15.79
C LEU A 1169 24.50 -30.23 16.69
N HIS A 1170 25.28 -30.47 17.74
CA HIS A 1170 25.50 -29.45 18.73
C HIS A 1170 26.43 -28.35 18.25
N ASP A 1171 27.27 -28.61 17.25
CA ASP A 1171 27.96 -27.49 16.62
C ASP A 1171 27.31 -27.06 15.32
N PHE A 1172 26.13 -27.60 15.00
CA PHE A 1172 25.27 -26.96 14.01
C PHE A 1172 24.45 -25.86 14.65
N GLU A 1173 23.99 -26.08 15.87
CA GLU A 1173 23.19 -25.06 16.52
C GLU A 1173 24.02 -23.81 16.83
N GLU A 1174 25.27 -23.99 17.21
CA GLU A 1174 26.13 -22.86 17.50
C GLU A 1174 26.45 -22.07 16.25
N GLN A 1175 26.63 -22.75 15.13
CA GLN A 1175 26.87 -22.07 13.88
C GLN A 1175 25.64 -21.29 13.44
N CYS A 1176 24.45 -21.83 13.67
CA CYS A 1176 23.26 -21.08 13.27
C CYS A 1176 22.99 -19.89 14.17
N VAL A 1177 23.38 -19.97 15.44
CA VAL A 1177 23.19 -18.81 16.30
C VAL A 1177 24.20 -17.72 15.95
N GLU A 1178 25.46 -18.10 15.71
CA GLU A 1178 26.46 -17.11 15.36
C GLU A 1178 26.18 -16.48 14.00
N MET A 1179 25.62 -17.25 13.06
CA MET A 1179 25.19 -16.63 11.83
C MET A 1179 23.95 -15.79 12.02
N TYR A 1180 23.15 -16.05 13.05
CA TYR A 1180 22.01 -15.18 13.32
C TYR A 1180 22.44 -13.83 13.84
N PHE A 1181 23.41 -13.80 14.74
CA PHE A 1181 23.84 -12.50 15.24
C PHE A 1181 24.78 -11.78 14.28
N ASP A 1182 25.50 -12.50 13.42
CA ASP A 1182 26.24 -11.80 12.37
C ASP A 1182 25.30 -11.25 11.32
N GLU A 1183 24.35 -12.06 10.87
CA GLU A 1183 23.38 -11.63 9.86
C GLU A 1183 22.40 -10.60 10.40
N LYS A 1184 22.31 -10.45 11.73
CA LYS A 1184 21.50 -9.41 12.33
C LYS A 1184 22.02 -8.02 12.02
N ASP A 1185 23.29 -7.88 11.64
CA ASP A 1185 23.85 -6.61 11.17
C ASP A 1185 23.72 -6.42 9.67
N ASP A 1186 22.86 -7.17 9.00
CA ASP A 1186 22.37 -6.74 7.69
C ASP A 1186 21.32 -5.66 7.83
N LYS A 1187 20.56 -5.69 8.93
CA LYS A 1187 19.54 -4.67 9.11
C LYS A 1187 20.09 -3.46 9.84
N PHE A 1188 20.74 -3.67 10.98
CA PHE A 1188 21.09 -2.52 11.81
C PHE A 1188 22.26 -1.75 11.23
N ASN A 1189 23.24 -2.43 10.67
CA ASN A 1189 24.16 -1.77 9.76
C ASN A 1189 23.61 -1.95 8.36
N SER A 1190 24.20 -1.24 7.40
CA SER A 1190 23.93 -1.36 5.96
C SER A 1190 22.48 -1.09 5.59
N GLY A 1191 21.72 -0.45 6.46
CA GLY A 1191 20.44 0.08 6.07
C GLY A 1191 20.57 1.51 5.65
N SER A 1192 19.56 2.03 4.95
CA SER A 1192 19.58 3.43 4.55
C SER A 1192 19.60 4.34 5.76
N GLU A 1193 18.80 4.01 6.79
CA GLU A 1193 18.65 4.91 7.92
C GLU A 1193 19.90 4.96 8.79
N GLU A 1194 20.66 3.87 8.84
CA GLU A 1194 21.88 3.89 9.63
C GLU A 1194 23.02 4.54 8.88
N ARG A 1195 23.13 4.29 7.58
CA ARG A 1195 24.19 4.93 6.80
C ARG A 1195 24.00 6.43 6.70
N ILE A 1196 22.76 6.90 6.66
CA ILE A 1196 22.48 8.33 6.74
C ILE A 1196 22.87 8.85 8.13
N ARG A 1197 22.64 8.05 9.16
CA ARG A 1197 22.88 8.50 10.52
C ARG A 1197 24.37 8.65 10.79
N VAL A 1198 25.17 7.71 10.31
CA VAL A 1198 26.59 7.75 10.61
C VAL A 1198 27.28 8.86 9.83
N THR A 1199 26.89 9.06 8.57
CA THR A 1199 27.43 10.19 7.82
C THR A 1199 26.97 11.51 8.40
N PHE A 1200 25.79 11.55 9.01
CA PHE A 1200 25.38 12.76 9.72
C PHE A 1200 26.26 13.01 10.92
N GLU A 1201 26.68 11.95 11.60
CA GLU A 1201 27.60 12.12 12.72
C GLU A 1201 29.03 12.25 12.24
N ARG A 1202 29.36 11.69 11.09
CA ARG A 1202 30.71 11.87 10.59
C ARG A 1202 30.90 13.26 10.02
N VAL A 1203 29.93 13.80 9.28
CA VAL A 1203 30.11 15.12 8.67
C VAL A 1203 30.04 16.22 9.71
N GLU A 1204 29.25 16.04 10.77
CA GLU A 1204 29.12 17.06 11.81
C GLU A 1204 30.44 17.26 12.54
N GLN A 1205 31.06 16.16 12.94
CA GLN A 1205 32.36 16.20 13.58
C GLN A 1205 33.41 16.69 12.59
N MET A 1206 33.28 16.26 11.34
CA MET A 1206 34.20 16.59 10.28
C MET A 1206 34.29 18.08 9.95
N SER A 1207 33.15 18.77 9.90
CA SER A 1207 33.10 20.20 9.63
C SER A 1207 33.75 20.99 10.74
N ILE A 1208 33.66 20.47 11.98
CA ILE A 1208 34.39 21.06 13.10
C ILE A 1208 35.89 20.97 12.87
N GLN A 1209 36.35 19.83 12.35
CA GLN A 1209 37.78 19.63 12.13
C GLN A 1209 38.30 20.50 10.99
N ILE A 1210 37.50 20.70 9.94
CA ILE A 1210 37.92 21.59 8.85
C ILE A 1210 37.92 23.04 9.32
N LYS A 1211 36.94 23.41 10.15
CA LYS A 1211 36.93 24.74 10.73
C LYS A 1211 38.14 24.96 11.63
N GLU A 1212 38.57 23.92 12.34
CA GLU A 1212 39.80 24.03 13.12
C GLU A 1212 41.02 24.11 12.21
N VAL A 1213 41.08 23.26 11.18
CA VAL A 1213 42.22 23.29 10.27
C VAL A 1213 42.21 24.56 9.43
N GLY A 1214 41.02 24.97 8.98
CA GLY A 1214 40.91 26.20 8.21
C GLY A 1214 41.28 27.43 9.01
N ASP A 1215 41.03 27.41 10.31
CA ASP A 1215 41.58 28.46 11.16
C ASP A 1215 43.07 28.23 11.45
N ARG A 1216 43.51 26.98 11.43
CA ARG A 1216 44.94 26.71 11.60
C ARG A 1216 45.73 27.02 10.34
N VAL A 1217 45.13 26.87 9.17
CA VAL A 1217 45.80 27.28 7.93
C VAL A 1217 45.91 28.80 7.89
N ASN A 1218 44.87 29.50 8.33
CA ASN A 1218 44.92 30.96 8.41
C ASN A 1218 45.89 31.43 9.48
N TYR A 1219 46.13 30.61 10.51
CA TYR A 1219 47.11 30.97 11.54
C TYR A 1219 48.53 30.80 11.02
N ILE A 1220 48.79 29.73 10.27
CA ILE A 1220 50.12 29.52 9.69
C ILE A 1220 50.38 30.54 8.59
N LYS A 1221 49.37 30.92 7.83
CA LYS A 1221 49.55 31.94 6.81
C LYS A 1221 49.78 33.32 7.44
N ARG A 1222 49.13 33.59 8.58
CA ARG A 1222 49.32 34.86 9.25
C ARG A 1222 50.70 34.93 9.91
N SER A 1223 50.97 34.00 10.83
CA SER A 1223 52.18 34.12 11.65
C SER A 1223 53.44 33.78 10.87
N LEU A 1224 53.44 32.65 10.16
CA LEU A 1224 54.68 32.16 9.57
C LEU A 1224 55.00 32.86 8.25
N GLN A 1225 54.02 32.95 7.35
CA GLN A 1225 54.28 33.44 5.99
C GLN A 1225 54.52 34.93 5.94
N SER A 1226 54.00 35.70 6.90
CA SER A 1226 54.35 37.11 6.97
C SER A 1226 55.74 37.30 7.58
N LEU A 1227 56.20 36.35 8.39
CA LEU A 1227 57.49 36.43 9.05
C LEU A 1227 58.55 35.60 8.34
N ASP A 1228 58.46 35.50 7.02
CA ASP A 1228 59.44 34.77 6.22
C ASP A 1228 60.73 35.56 6.01
N SER A 1229 60.75 36.84 6.36
CA SER A 1229 61.94 37.66 6.18
C SER A 1229 62.68 37.85 7.50
N TRP B 5 27.45 49.07 -9.96
CA TRP B 5 26.33 49.93 -9.67
C TRP B 5 25.05 49.34 -10.23
N ILE B 6 24.45 50.03 -11.20
CA ILE B 6 23.14 49.64 -11.70
C ILE B 6 23.20 48.32 -12.44
N GLU B 7 24.26 48.09 -13.20
CA GLU B 7 24.41 46.82 -13.90
C GLU B 7 24.77 45.69 -12.95
N SER B 8 25.42 46.01 -11.83
CA SER B 8 25.82 44.96 -10.90
C SER B 8 24.68 44.58 -9.97
N THR B 9 23.86 45.56 -9.55
CA THR B 9 22.72 45.23 -8.71
C THR B 9 21.61 44.53 -9.49
N LEU B 10 21.48 44.85 -10.78
CA LEU B 10 20.48 44.17 -11.60
C LEU B 10 20.88 42.73 -11.88
N THR B 11 22.17 42.49 -12.08
CA THR B 11 22.65 41.13 -12.28
C THR B 11 22.56 40.32 -11.00
N LYS B 12 22.62 40.99 -9.85
CA LYS B 12 22.40 40.33 -8.57
C LYS B 12 20.94 39.92 -8.42
N ARG B 13 20.02 40.83 -8.74
CA ARG B 13 18.61 40.55 -8.58
C ARG B 13 18.10 39.55 -9.61
N GLU B 14 18.71 39.52 -10.79
CA GLU B 14 18.31 38.55 -11.80
C GLU B 14 18.80 37.15 -11.43
N CYS B 15 20.02 37.06 -10.90
CA CYS B 15 20.52 35.78 -10.41
C CYS B 15 19.89 35.39 -9.09
N VAL B 16 19.39 36.37 -8.32
CA VAL B 16 18.77 36.19 -7.00
C VAL B 16 19.65 35.43 -6.01
N HIS B 50 1.41 61.09 -18.33
CA HIS B 50 2.57 60.59 -19.06
C HIS B 50 3.22 59.44 -18.31
N ALA B 51 2.95 58.20 -18.75
CA ALA B 51 3.50 57.01 -18.12
C ALA B 51 3.99 56.06 -19.20
N CYS B 52 5.13 55.43 -18.96
CA CYS B 52 5.66 54.41 -19.83
C CYS B 52 5.92 53.15 -19.01
N PHE B 53 5.67 51.99 -19.60
CA PHE B 53 6.11 50.72 -19.03
C PHE B 53 7.05 50.03 -20.01
N THR B 54 8.26 49.72 -19.57
CA THR B 54 9.25 49.05 -20.41
C THR B 54 9.09 47.54 -20.28
N ALA B 55 8.97 46.85 -21.40
CA ALA B 55 8.73 45.41 -21.36
C ALA B 55 9.85 44.64 -22.04
N TYR B 61 9.48 62.90 -15.90
CA TYR B 61 9.11 61.86 -16.85
C TYR B 61 9.30 60.49 -16.22
N SER B 62 8.27 59.97 -15.57
CA SER B 62 8.39 58.81 -14.70
C SER B 62 7.82 57.58 -15.40
N ASP B 63 8.62 56.52 -15.45
CA ASP B 63 8.24 55.32 -16.18
C ASP B 63 8.46 54.08 -15.32
N VAL B 64 7.42 53.27 -15.15
CA VAL B 64 7.54 52.00 -14.47
C VAL B 64 8.21 50.97 -15.37
N LYS B 65 8.38 49.76 -14.86
CA LYS B 65 8.99 48.69 -15.61
C LYS B 65 8.22 47.40 -15.43
N LEU B 66 8.44 46.46 -16.35
CA LEU B 66 7.74 45.18 -16.34
C LEU B 66 8.54 44.10 -17.03
N GLN B 72 16.46 42.81 -13.48
CA GLN B 72 16.55 44.16 -13.99
C GLN B 72 15.85 45.13 -13.05
N ALA B 73 16.29 46.39 -13.07
CA ALA B 73 15.85 47.40 -12.12
C ALA B 73 14.42 47.80 -12.45
N ILE B 74 13.46 47.23 -11.72
CA ILE B 74 12.04 47.47 -11.95
C ILE B 74 11.62 48.73 -11.20
N GLU B 75 11.74 49.87 -11.86
CA GLU B 75 11.40 51.14 -11.25
C GLU B 75 9.90 51.25 -11.00
N GLU B 76 9.51 52.31 -10.31
CA GLU B 76 8.10 52.53 -10.02
C GLU B 76 7.80 54.02 -9.87
N ASP B 89 10.31 47.23 -5.15
CA ASP B 89 11.74 47.08 -4.97
C ASP B 89 12.47 48.22 -5.67
N ALA B 90 13.41 47.89 -6.54
CA ALA B 90 14.49 48.78 -6.96
C ALA B 90 14.05 49.98 -7.77
N TYR B 91 13.80 51.11 -7.10
CA TYR B 91 13.34 52.33 -7.78
C TYR B 91 14.55 53.06 -8.33
N GLY B 92 15.05 52.58 -9.46
CA GLY B 92 16.24 53.13 -10.07
C GLY B 92 15.98 54.52 -10.63
N VAL B 93 16.85 55.47 -10.29
CA VAL B 93 16.67 56.84 -10.72
C VAL B 93 17.92 57.37 -11.40
N ARG B 150 33.01 34.90 -6.15
CA ARG B 150 32.88 34.94 -4.69
C ARG B 150 32.37 36.30 -4.21
N ILE B 151 33.15 37.34 -4.45
CA ILE B 151 32.79 38.66 -3.93
C ILE B 151 31.63 39.24 -4.75
N LYS B 152 31.51 38.87 -6.02
CA LYS B 152 30.39 39.32 -6.83
C LYS B 152 29.07 38.74 -6.33
N GLN B 153 29.09 37.50 -5.85
CA GLN B 153 27.88 36.91 -5.31
C GLN B 153 27.71 37.15 -3.82
N LEU B 154 28.74 37.56 -3.10
CA LEU B 154 28.53 37.96 -1.72
C LEU B 154 27.98 39.36 -1.62
N LEU B 155 28.60 40.32 -2.30
CA LEU B 155 28.00 41.65 -2.35
C LEU B 155 26.77 41.69 -3.25
N GLY B 156 26.60 40.69 -4.10
CA GLY B 156 25.40 40.60 -4.91
C GLY B 156 24.24 39.96 -4.17
N LYS B 157 24.48 38.81 -3.56
CA LYS B 157 23.43 38.08 -2.85
C LYS B 157 23.31 38.49 -1.40
N GLY B 158 24.11 39.43 -0.93
CA GLY B 158 23.95 39.93 0.42
C GLY B 158 22.86 40.95 0.51
N LEU B 159 22.85 41.93 -0.39
CA LEU B 159 21.82 42.96 -0.33
C LEU B 159 20.47 42.45 -0.80
N ILE B 160 20.42 41.30 -1.45
CA ILE B 160 19.13 40.68 -1.75
C ILE B 160 18.49 40.16 -0.48
N LYS B 161 19.25 39.40 0.31
CA LYS B 161 18.74 38.96 1.61
C LYS B 161 18.65 40.10 2.62
N ALA B 162 19.25 41.25 2.35
CA ALA B 162 19.03 42.42 3.18
C ALA B 162 17.86 43.27 2.70
N ALA B 163 17.41 43.10 1.46
CA ALA B 163 16.33 43.90 0.94
C ALA B 163 15.00 43.16 0.86
N VAL B 164 15.03 41.83 0.88
CA VAL B 164 13.78 41.08 0.90
C VAL B 164 13.18 41.08 2.29
N THR B 165 14.01 40.84 3.31
CA THR B 165 13.53 40.69 4.67
C THR B 165 13.12 42.00 5.31
N THR B 166 13.37 43.14 4.68
CA THR B 166 12.93 44.42 5.16
C THR B 166 12.00 45.16 4.21
N GLY B 167 11.93 44.75 2.95
CA GLY B 167 11.09 45.41 1.98
C GLY B 167 11.62 46.79 1.64
N ALA B 168 12.72 46.83 0.90
CA ALA B 168 13.47 48.07 0.74
C ALA B 168 13.20 48.72 -0.61
N TRP B 169 13.75 49.92 -0.77
CA TRP B 169 13.85 50.60 -2.06
C TRP B 169 15.32 50.78 -2.38
N ILE B 170 15.86 49.91 -3.22
CA ILE B 170 17.22 50.11 -3.67
C ILE B 170 17.22 51.21 -4.73
N LEU B 171 18.12 52.18 -4.59
CA LEU B 171 18.02 53.32 -5.49
C LEU B 171 18.92 53.24 -6.71
N THR B 172 20.11 52.64 -6.59
CA THR B 172 21.09 52.48 -7.69
C THR B 172 21.42 53.74 -8.49
N ARG B 260 20.23 64.13 -9.44
CA ARG B 260 20.79 63.94 -8.11
C ARG B 260 20.00 64.72 -7.06
N LEU B 261 19.46 65.87 -7.46
CA LEU B 261 18.64 66.66 -6.55
C LEU B 261 17.33 65.97 -6.26
N ARG B 262 16.73 65.32 -7.26
CA ARG B 262 15.53 64.52 -7.02
C ARG B 262 15.84 63.31 -6.16
N ARG B 263 17.07 62.79 -6.25
CA ARG B 263 17.44 61.64 -5.45
C ARG B 263 17.62 62.03 -3.98
N GLU B 264 18.39 63.08 -3.72
CA GLU B 264 18.62 63.50 -2.34
C GLU B 264 17.36 64.09 -1.72
N LEU B 265 16.53 64.75 -2.54
CA LEU B 265 15.24 65.21 -2.03
C LEU B 265 14.34 64.03 -1.69
N GLU B 266 14.40 62.96 -2.51
CA GLU B 266 13.61 61.77 -2.21
C GLU B 266 14.11 61.07 -0.96
N LYS B 267 15.40 61.14 -0.67
CA LYS B 267 15.90 60.54 0.57
C LYS B 267 15.54 61.38 1.78
N THR B 268 15.80 62.68 1.73
CA THR B 268 15.55 63.51 2.89
C THR B 268 14.07 63.74 3.15
N ILE B 269 13.20 63.39 2.20
CA ILE B 269 11.77 63.37 2.46
C ILE B 269 11.25 61.97 2.73
N ASN B 270 11.95 60.94 2.24
CA ASN B 270 11.57 59.57 2.58
C ASN B 270 11.93 59.24 4.02
N GLN B 271 13.03 59.80 4.53
CA GLN B 271 13.43 59.54 5.90
C GLN B 271 12.58 60.31 6.91
N GLN B 272 11.84 61.32 6.49
CA GLN B 272 10.98 62.06 7.40
C GLN B 272 9.58 61.47 7.47
N ARG B 273 9.42 60.23 7.00
CA ARG B 273 8.17 59.50 7.05
C ARG B 273 8.04 58.83 8.42
N ILE B 274 6.87 58.24 8.71
CA ILE B 274 6.60 57.56 9.97
C ILE B 274 6.13 56.14 9.61
N HIS B 275 6.51 55.16 10.43
CA HIS B 275 5.98 53.81 10.34
C HIS B 275 4.61 53.71 11.00
N ALA B 276 4.15 52.47 11.22
CA ALA B 276 2.77 52.24 11.63
C ALA B 276 2.52 52.69 13.08
N ARG B 277 3.26 52.13 14.03
CA ARG B 277 3.08 52.41 15.44
C ARG B 277 4.37 52.98 16.02
N ILE B 278 5.32 53.31 15.16
CA ILE B 278 6.70 53.57 15.53
C ILE B 278 7.02 55.02 15.24
N GLY B 279 7.70 55.68 16.18
CA GLY B 279 7.91 57.11 16.05
C GLY B 279 8.94 57.47 15.00
N GLN B 280 9.89 56.56 14.76
CA GLN B 280 11.06 56.87 13.93
C GLN B 280 10.74 56.98 12.46
N GLY B 281 11.74 57.47 11.73
CA GLY B 281 11.67 57.58 10.29
C GLY B 281 12.31 56.41 9.59
N VAL B 282 11.99 56.29 8.30
CA VAL B 282 12.50 55.23 7.46
C VAL B 282 14.01 55.37 7.35
N PRO B 283 14.79 54.37 7.68
CA PRO B 283 16.24 54.58 7.74
C PRO B 283 16.95 54.38 6.41
N VAL B 284 17.88 55.27 6.09
CA VAL B 284 18.57 55.29 4.82
C VAL B 284 20.01 54.85 5.04
N VAL B 285 20.49 53.93 4.21
CA VAL B 285 21.85 53.43 4.25
C VAL B 285 22.49 53.70 2.90
N ALA B 286 23.69 54.23 2.89
CA ALA B 286 24.46 54.40 1.67
C ALA B 286 25.41 53.24 1.50
N LEU B 287 25.28 52.50 0.42
CA LEU B 287 26.14 51.37 0.14
C LEU B 287 27.03 51.80 -1.02
N ILE B 288 28.19 52.38 -0.70
CA ILE B 288 29.06 52.98 -1.70
C ILE B 288 30.14 51.96 -2.05
N PHE B 289 29.89 50.69 -1.71
CA PHE B 289 30.80 49.63 -2.10
C PHE B 289 30.82 49.41 -3.60
N GLU B 290 29.66 49.51 -4.25
CA GLU B 290 29.55 49.30 -5.68
C GLU B 290 29.27 50.59 -6.45
N GLY B 291 29.60 51.75 -5.88
CA GLY B 291 29.43 53.01 -6.56
C GLY B 291 28.23 53.83 -6.13
N GLY B 292 27.73 53.66 -4.91
CA GLY B 292 26.61 54.46 -4.48
C GLY B 292 25.17 53.94 -4.38
N PRO B 293 24.94 52.57 -4.45
CA PRO B 293 23.52 52.19 -4.30
C PRO B 293 23.07 52.67 -2.93
N ASN B 294 21.81 53.07 -2.77
CA ASN B 294 21.39 53.64 -1.50
C ASN B 294 20.17 52.87 -1.04
N VAL B 295 20.38 51.80 -0.29
CA VAL B 295 19.29 50.98 0.18
C VAL B 295 18.51 51.75 1.23
N ILE B 296 17.22 52.00 0.94
CA ILE B 296 16.31 52.64 1.88
C ILE B 296 15.42 51.55 2.45
N LEU B 297 15.59 51.25 3.73
CA LEU B 297 15.31 49.91 4.22
C LEU B 297 13.83 49.56 4.37
N THR B 298 13.01 50.45 4.94
CA THR B 298 11.61 50.07 5.17
C THR B 298 10.68 51.08 4.51
N VAL B 299 10.44 50.88 3.22
CA VAL B 299 9.67 51.83 2.47
C VAL B 299 8.19 51.46 2.50
N LEU B 300 7.38 52.37 1.98
CA LEU B 300 5.94 52.31 2.13
C LEU B 300 5.21 51.56 1.02
N GLU B 301 5.90 50.67 0.28
CA GLU B 301 5.34 49.73 -0.70
C GLU B 301 4.38 50.37 -1.72
N TYR B 302 4.73 51.58 -2.17
CA TYR B 302 3.84 52.41 -2.96
C TYR B 302 3.52 51.79 -4.32
N LEU B 303 2.32 52.11 -4.82
CA LEU B 303 1.91 51.81 -6.17
C LEU B 303 2.14 53.04 -7.04
N GLN B 304 2.56 52.82 -8.27
CA GLN B 304 2.89 53.94 -9.15
C GLN B 304 1.61 54.63 -9.63
N VAL B 309 5.10 57.78 -5.02
CA VAL B 309 4.94 58.70 -6.14
C VAL B 309 4.39 60.10 -5.73
N PRO B 310 3.38 60.21 -4.84
CA PRO B 310 3.09 61.55 -4.30
C PRO B 310 4.22 62.09 -3.44
N VAL B 311 5.01 61.21 -2.82
CA VAL B 311 6.23 61.63 -2.14
C VAL B 311 7.21 62.23 -3.14
N VAL B 312 7.32 61.60 -4.32
CA VAL B 312 8.20 62.13 -5.36
C VAL B 312 7.62 63.43 -5.93
N VAL B 313 6.30 63.59 -5.90
CA VAL B 313 5.69 64.88 -6.20
C VAL B 313 6.12 65.93 -5.17
N CYS B 314 6.10 65.56 -3.90
CA CYS B 314 6.45 66.48 -2.83
C CYS B 314 7.96 66.57 -2.60
N GLU B 315 8.77 65.97 -3.46
CA GLU B 315 10.22 66.09 -3.37
C GLU B 315 10.71 67.50 -3.68
N GLY B 356 34.60 62.21 -7.73
CA GLY B 356 34.03 60.88 -7.78
C GLY B 356 33.05 60.62 -6.66
N GLN B 357 33.07 59.39 -6.13
CA GLN B 357 32.16 59.02 -5.06
C GLN B 357 32.74 59.28 -3.68
N SER B 358 34.07 59.36 -3.56
CA SER B 358 34.69 59.63 -2.26
C SER B 358 34.46 61.07 -1.81
N GLU B 359 34.04 61.96 -2.71
CA GLU B 359 33.52 63.26 -2.33
C GLU B 359 32.01 63.23 -2.13
N ALA B 360 31.37 62.09 -2.38
CA ALA B 360 29.95 61.92 -2.09
C ALA B 360 29.71 61.11 -0.82
N VAL B 361 30.74 60.47 -0.28
CA VAL B 361 30.66 59.88 1.06
C VAL B 361 30.46 60.98 2.09
N HIS B 362 31.19 62.09 1.93
CA HIS B 362 31.20 63.14 2.93
C HIS B 362 29.94 64.01 2.87
N LEU B 363 29.18 63.95 1.78
CA LEU B 363 27.90 64.65 1.75
C LEU B 363 26.91 64.02 2.70
N PHE B 364 26.91 62.70 2.79
CA PHE B 364 25.95 61.99 3.62
C PHE B 364 26.23 62.13 5.10
N GLN B 365 27.47 62.36 5.49
CA GLN B 365 27.79 62.34 6.91
C GLN B 365 27.64 63.70 7.56
N THR B 366 27.04 64.67 6.87
CA THR B 366 26.63 65.92 7.48
C THR B 366 25.12 66.07 7.55
N MET B 367 24.36 65.23 6.86
CA MET B 367 22.90 65.26 6.97
C MET B 367 22.64 64.24 8.08
N MET B 368 21.68 64.51 8.99
CA MET B 368 21.34 63.71 10.21
C MET B 368 22.37 62.63 10.48
N GLU B 369 22.19 61.46 9.90
CA GLU B 369 23.27 60.48 9.99
C GLU B 369 23.70 59.98 8.63
N CYS B 370 22.77 59.33 7.92
CA CYS B 370 23.01 58.63 6.65
C CYS B 370 24.25 57.75 6.69
N MET B 371 24.20 56.73 7.54
CA MET B 371 25.29 55.77 7.73
C MET B 371 25.71 55.13 6.42
N LYS B 372 27.01 55.17 6.13
CA LYS B 372 27.54 54.72 4.86
C LYS B 372 28.37 53.47 5.06
N LYS B 373 28.01 52.40 4.38
CA LYS B 373 28.72 51.13 4.44
C LYS B 373 29.47 50.94 3.14
N LYS B 374 30.80 50.84 3.21
CA LYS B 374 31.66 50.70 2.04
C LYS B 374 32.53 49.47 2.23
N GLU B 375 32.20 48.39 1.54
CA GLU B 375 32.98 47.17 1.61
C GLU B 375 32.78 46.33 0.35
N ASP B 389 32.09 38.08 8.65
CA ASP B 389 31.11 39.12 8.36
C ASP B 389 30.31 38.83 7.10
N ILE B 390 29.01 39.07 7.17
CA ILE B 390 28.09 38.85 6.06
C ILE B 390 27.54 40.21 5.66
N ASP B 391 27.39 40.43 4.35
CA ASP B 391 26.86 41.69 3.85
C ASP B 391 25.38 41.87 4.16
N VAL B 392 24.69 40.81 4.56
CA VAL B 392 23.30 40.92 4.99
C VAL B 392 23.20 41.68 6.30
N ALA B 393 23.85 41.17 7.33
CA ALA B 393 23.74 41.74 8.66
C ALA B 393 24.61 42.98 8.85
N ILE B 394 25.57 43.23 7.96
CA ILE B 394 26.36 44.45 8.08
C ILE B 394 25.61 45.63 7.51
N LEU B 395 24.86 45.40 6.42
CA LEU B 395 24.11 46.46 5.76
C LEU B 395 22.99 46.96 6.65
N THR B 396 22.27 46.05 7.30
CA THR B 396 21.21 46.46 8.22
C THR B 396 21.76 46.79 9.61
N ALA B 397 22.84 46.15 10.03
CA ALA B 397 23.42 46.46 11.33
C ALA B 397 24.23 47.74 11.32
N LEU B 398 24.43 48.37 10.15
CA LEU B 398 25.10 49.65 10.10
C LEU B 398 24.27 50.77 10.72
N LEU B 399 22.95 50.58 10.83
CA LEU B 399 22.08 51.59 11.41
C LEU B 399 22.12 51.60 12.93
N LYS B 400 22.64 50.55 13.55
CA LYS B 400 22.79 50.51 15.00
C LYS B 400 24.15 51.03 15.46
N GLY B 401 24.72 51.98 14.73
CA GLY B 401 26.02 52.50 15.07
C GLY B 401 26.03 54.00 15.32
N THR B 402 24.86 54.63 15.23
CA THR B 402 24.73 56.04 15.53
C THR B 402 24.45 56.22 17.02
N ASN B 403 24.11 57.45 17.40
CA ASN B 403 23.89 57.79 18.80
C ASN B 403 22.47 57.49 19.28
N ALA B 404 21.70 56.69 18.55
CA ALA B 404 20.33 56.38 18.94
C ALA B 404 20.28 55.50 20.19
N SER B 405 19.17 55.62 20.92
CA SER B 405 18.94 54.85 22.13
C SER B 405 18.82 53.36 21.84
N ALA B 406 19.08 52.55 22.86
CA ALA B 406 18.99 51.10 22.72
C ALA B 406 17.58 50.63 22.45
N PHE B 407 16.59 51.35 22.98
CA PHE B 407 15.20 51.03 22.70
C PHE B 407 14.87 51.22 21.24
N ASP B 408 15.33 52.33 20.65
CA ASP B 408 15.11 52.58 19.25
C ASP B 408 15.85 51.60 18.36
N GLN B 409 17.00 51.12 18.81
CA GLN B 409 17.69 50.05 18.09
C GLN B 409 16.86 48.77 18.10
N LEU B 410 16.04 48.57 19.13
CA LEU B 410 15.17 47.41 19.11
C LEU B 410 13.99 47.64 18.18
N ILE B 411 13.42 48.85 18.16
CA ILE B 411 12.22 49.06 17.36
C ILE B 411 12.55 49.05 15.88
N LEU B 412 13.76 49.46 15.50
CA LEU B 412 14.16 49.29 14.11
C LEU B 412 14.18 47.82 13.71
N THR B 413 14.69 46.96 14.59
CA THR B 413 14.65 45.54 14.31
C THR B 413 13.23 44.99 14.37
N LEU B 414 12.36 45.65 15.11
CA LEU B 414 11.00 45.16 15.24
C LEU B 414 10.13 45.58 14.07
N ALA B 415 10.42 46.71 13.43
CA ALA B 415 9.71 47.05 12.20
C ALA B 415 10.14 46.13 11.07
N TRP B 416 11.39 45.70 11.10
CA TRP B 416 11.87 44.62 10.26
C TRP B 416 11.38 43.31 10.85
N ASP B 417 11.59 42.21 10.17
CA ASP B 417 11.29 40.93 10.78
C ASP B 417 12.53 40.29 11.35
N ARG B 418 13.58 41.06 11.59
CA ARG B 418 14.91 40.52 11.79
C ARG B 418 15.15 40.34 13.28
N VAL B 419 15.05 39.09 13.73
CA VAL B 419 15.43 38.76 15.09
C VAL B 419 16.94 38.67 15.20
N ASP B 420 17.59 38.21 14.13
CA ASP B 420 19.01 37.89 14.17
C ASP B 420 19.87 39.10 14.44
N ILE B 421 19.39 40.28 14.07
CA ILE B 421 20.04 41.51 14.49
C ILE B 421 19.75 41.80 15.95
N ALA B 422 18.52 41.54 16.40
CA ALA B 422 18.11 42.00 17.72
C ALA B 422 18.74 41.19 18.82
N LYS B 423 18.94 39.88 18.62
CA LYS B 423 19.71 39.08 19.57
C LYS B 423 21.15 39.55 19.61
N ASN B 424 21.80 39.54 18.45
CA ASN B 424 23.24 39.63 18.39
C ASN B 424 23.73 41.05 18.62
N HIS B 425 22.96 42.06 18.20
CA HIS B 425 23.44 43.42 18.18
C HIS B 425 22.62 44.39 19.01
N VAL B 426 21.45 43.99 19.51
CA VAL B 426 20.66 44.84 20.38
C VAL B 426 20.58 44.30 21.79
N PHE B 427 20.72 42.99 21.98
CA PHE B 427 20.78 42.40 23.31
C PHE B 427 22.18 41.91 23.64
N VAL B 428 23.18 42.72 23.30
CA VAL B 428 24.54 42.50 23.75
C VAL B 428 24.57 42.69 25.27
N TYR B 429 25.42 41.90 25.93
CA TYR B 429 25.62 42.03 27.37
C TYR B 429 26.11 43.44 27.73
N GLY B 430 25.59 43.96 28.83
CA GLY B 430 25.88 45.33 29.21
C GLY B 430 25.09 46.36 28.45
N GLN B 431 23.89 46.02 27.97
CA GLN B 431 23.12 46.93 27.14
C GLN B 431 22.56 48.09 27.94
N GLN B 432 22.30 47.87 29.24
CA GLN B 432 21.78 48.88 30.18
C GLN B 432 20.41 49.41 29.75
N TRP B 433 19.45 48.49 29.66
CA TRP B 433 18.07 48.84 29.36
C TRP B 433 17.47 49.75 30.42
N LEU B 434 16.48 50.53 29.99
CA LEU B 434 15.65 51.25 30.93
C LEU B 434 14.78 50.24 31.70
N VAL B 435 14.39 50.62 32.92
CA VAL B 435 13.65 49.72 33.80
C VAL B 435 12.27 49.43 33.22
N GLY B 436 11.64 50.43 32.61
CA GLY B 436 10.46 50.24 31.81
C GLY B 436 10.80 50.24 30.33
N SER B 437 9.75 50.30 29.52
CA SER B 437 9.75 50.54 28.08
C SER B 437 10.31 49.39 27.25
N LEU B 438 10.95 48.40 27.87
CA LEU B 438 11.08 47.12 27.19
C LEU B 438 9.74 46.41 27.20
N GLU B 439 8.96 46.69 28.24
CA GLU B 439 7.54 46.39 28.29
C GLU B 439 6.77 47.06 27.15
N GLN B 440 7.19 48.23 26.70
CA GLN B 440 6.46 48.88 25.61
C GLN B 440 6.77 48.26 24.27
N ALA B 441 8.01 47.82 24.05
CA ALA B 441 8.32 47.03 22.87
C ALA B 441 7.66 45.66 22.93
N MET B 442 7.46 45.14 24.14
CA MET B 442 6.61 43.98 24.31
C MET B 442 5.17 44.26 23.92
N LEU B 443 4.70 45.49 24.11
CA LEU B 443 3.37 45.84 23.64
C LEU B 443 3.32 45.99 22.13
N ASP B 444 4.40 46.47 21.51
CA ASP B 444 4.36 46.65 20.07
C ASP B 444 4.49 45.32 19.34
N ALA B 445 5.29 44.41 19.88
CA ALA B 445 5.49 43.12 19.23
C ALA B 445 4.22 42.28 19.23
N LEU B 446 3.36 42.46 20.23
CA LEU B 446 2.10 41.75 20.24
C LEU B 446 1.13 42.31 19.22
N VAL B 447 1.02 43.64 19.14
CA VAL B 447 0.08 44.26 18.22
C VAL B 447 0.49 44.03 16.78
N MET B 448 1.78 44.16 16.50
CA MET B 448 2.29 43.97 15.15
C MET B 448 2.49 42.52 14.77
N ASP B 449 2.11 41.57 15.64
CA ASP B 449 2.12 40.13 15.40
C ASP B 449 3.54 39.62 15.14
N ARG B 450 4.48 40.10 15.93
CA ARG B 450 5.87 39.65 15.82
C ARG B 450 6.06 38.56 16.86
N VAL B 451 5.88 37.30 16.44
CA VAL B 451 5.96 36.19 17.37
C VAL B 451 7.39 36.01 17.87
N SER B 452 8.34 35.98 16.95
CA SER B 452 9.73 35.70 17.29
C SER B 452 10.43 36.88 17.96
N PHE B 453 9.72 37.99 18.18
CA PHE B 453 10.14 39.04 19.09
C PHE B 453 9.46 38.94 20.43
N VAL B 454 8.31 38.27 20.49
CA VAL B 454 7.77 37.93 21.79
C VAL B 454 8.61 36.84 22.44
N LYS B 455 9.08 35.86 21.64
CA LYS B 455 10.00 34.82 22.11
C LYS B 455 11.24 35.43 22.74
N LEU B 456 11.94 36.24 21.96
CA LEU B 456 13.13 36.92 22.42
C LEU B 456 12.83 37.87 23.57
N LEU B 457 11.71 38.56 23.50
CA LEU B 457 11.54 39.68 24.39
C LEU B 457 11.05 39.25 25.76
N ILE B 458 10.38 38.10 25.87
CA ILE B 458 10.16 37.54 27.21
C ILE B 458 11.28 36.60 27.60
N GLU B 459 12.01 36.04 26.63
CA GLU B 459 13.15 35.20 26.95
C GLU B 459 14.25 35.98 27.62
N ASN B 460 14.41 37.26 27.27
CA ASN B 460 15.41 38.06 27.96
C ASN B 460 14.93 38.49 29.33
N GLY B 461 14.03 39.46 29.40
CA GLY B 461 13.75 39.97 30.72
C GLY B 461 12.34 40.42 31.07
N VAL B 462 11.37 40.20 30.20
CA VAL B 462 10.04 40.75 30.41
C VAL B 462 9.12 39.63 30.92
N SER B 463 8.53 39.87 32.07
CA SER B 463 7.51 38.98 32.60
C SER B 463 6.16 39.43 32.08
N MET B 464 5.31 38.46 31.72
CA MET B 464 3.96 38.81 31.32
C MET B 464 3.17 39.31 32.51
N HIS B 465 3.42 38.74 33.69
CA HIS B 465 3.03 39.39 34.93
C HIS B 465 3.70 40.75 34.99
N LYS B 466 2.91 41.75 35.40
CA LYS B 466 3.25 43.18 35.43
C LYS B 466 3.42 43.78 34.04
N PHE B 467 3.28 42.99 32.98
CA PHE B 467 3.09 43.57 31.65
C PHE B 467 1.63 43.83 31.37
N LEU B 468 0.76 42.84 31.57
CA LEU B 468 -0.64 43.00 31.25
C LEU B 468 -1.34 43.69 32.39
N THR B 469 -1.76 44.91 32.16
CA THR B 469 -2.75 45.52 32.99
C THR B 469 -4.06 45.48 32.23
N ILE B 470 -5.13 45.97 32.85
CA ILE B 470 -6.43 46.03 32.20
C ILE B 470 -6.43 47.00 31.01
N PRO B 471 -5.84 48.20 31.04
CA PRO B 471 -5.73 48.95 29.77
C PRO B 471 -4.77 48.37 28.75
N ARG B 472 -3.99 47.35 29.08
CA ARG B 472 -3.20 46.66 28.07
C ARG B 472 -4.00 45.62 27.32
N LEU B 473 -5.21 45.33 27.78
CA LEU B 473 -6.03 44.37 27.07
C LEU B 473 -7.01 45.17 26.24
N GLU B 474 -7.49 46.28 26.80
CA GLU B 474 -8.42 47.13 26.09
C GLU B 474 -7.64 47.58 24.89
N GLU B 475 -6.40 47.96 25.14
CA GLU B 475 -5.47 48.30 24.09
C GLU B 475 -5.01 46.91 23.80
N LEU B 476 -4.53 46.65 22.59
CA LEU B 476 -4.06 45.33 22.20
C LEU B 476 -5.26 44.51 21.79
N TYR B 477 -6.44 45.08 21.99
CA TYR B 477 -7.65 44.45 21.55
C TYR B 477 -8.42 45.33 20.59
N ASN B 478 -8.36 46.65 20.78
CA ASN B 478 -9.05 47.60 19.94
C ASN B 478 -8.12 48.35 19.01
N THR B 479 -6.94 47.80 18.73
CA THR B 479 -6.01 48.41 17.78
C THR B 479 -6.18 47.74 16.42
N LYS B 480 -6.22 48.56 15.38
CA LYS B 480 -6.24 48.08 14.00
C LYS B 480 -4.87 48.17 13.34
N GLN B 481 -3.80 48.09 14.14
CA GLN B 481 -2.44 48.25 13.66
C GLN B 481 -1.81 46.95 13.21
N GLY B 482 -2.57 45.87 13.20
CA GLY B 482 -2.07 44.61 12.73
C GLY B 482 -3.15 43.79 12.10
N PRO B 483 -2.88 42.50 11.87
CA PRO B 483 -3.91 41.63 11.28
C PRO B 483 -5.07 41.37 12.22
N THR B 484 -6.24 41.90 11.87
CA THR B 484 -7.38 41.90 12.77
C THR B 484 -8.38 40.84 12.33
N ASN B 485 -9.38 40.60 13.17
CA ASN B 485 -10.45 39.68 12.86
C ASN B 485 -11.67 40.51 12.50
N PRO B 486 -12.12 40.50 11.25
CA PRO B 486 -13.19 41.43 10.87
C PRO B 486 -14.53 41.05 11.43
N MET B 487 -14.73 39.78 11.77
CA MET B 487 -16.01 39.34 12.29
C MET B 487 -16.10 39.40 13.80
N LEU B 488 -15.02 39.77 14.49
CA LEU B 488 -15.08 39.99 15.93
C LEU B 488 -16.11 41.04 16.28
N PHE B 489 -16.23 42.08 15.45
CA PHE B 489 -17.24 43.09 15.66
C PHE B 489 -18.64 42.56 15.42
N HIS B 490 -18.79 41.54 14.56
CA HIS B 490 -20.10 40.91 14.38
C HIS B 490 -20.53 40.14 15.63
N LEU B 491 -19.59 39.66 16.42
CA LEU B 491 -19.93 39.02 17.67
C LEU B 491 -20.16 40.03 18.79
N ILE B 492 -19.56 41.21 18.70
CA ILE B 492 -19.83 42.27 19.67
C ILE B 492 -21.20 42.90 19.41
N ARG B 493 -21.79 42.67 18.23
CA ARG B 493 -23.14 43.14 17.95
C ARG B 493 -24.23 42.47 18.79
N ASP B 494 -23.91 41.46 19.61
CA ASP B 494 -24.88 40.98 20.59
C ASP B 494 -25.22 42.06 21.61
N VAL B 495 -24.27 42.94 21.91
CA VAL B 495 -24.46 44.04 22.84
C VAL B 495 -25.51 45.04 22.35
N LYS B 505 -12.71 51.54 22.02
CA LYS B 505 -14.15 51.41 22.06
C LYS B 505 -14.53 50.12 22.80
N ILE B 506 -13.78 49.06 22.57
CA ILE B 506 -14.16 47.73 23.04
C ILE B 506 -13.71 47.59 24.49
N THR B 507 -14.65 47.23 25.36
CA THR B 507 -14.38 46.95 26.76
C THR B 507 -14.33 45.45 26.98
N LEU B 508 -13.61 45.05 28.03
CA LEU B 508 -13.42 43.63 28.34
C LEU B 508 -14.70 42.93 28.72
N ILE B 509 -15.69 43.66 29.22
CA ILE B 509 -16.96 43.05 29.54
C ILE B 509 -17.70 42.68 28.26
N ASP B 510 -17.60 43.54 27.24
CA ASP B 510 -18.12 43.22 25.93
C ASP B 510 -17.34 42.11 25.26
N ILE B 511 -16.10 41.87 25.70
CA ILE B 511 -15.35 40.72 25.20
C ILE B 511 -15.84 39.45 25.84
N GLY B 512 -16.07 39.46 27.15
CA GLY B 512 -16.51 38.21 27.75
C GLY B 512 -17.95 37.91 27.48
N LEU B 513 -18.74 38.88 27.01
CA LEU B 513 -20.02 38.47 26.47
C LEU B 513 -19.83 37.69 25.18
N VAL B 514 -18.80 38.02 24.40
CA VAL B 514 -18.46 37.24 23.22
C VAL B 514 -17.98 35.86 23.62
N ILE B 515 -17.14 35.77 24.65
CA ILE B 515 -16.57 34.48 25.04
C ILE B 515 -17.63 33.58 25.66
N GLU B 516 -18.52 34.15 26.48
CA GLU B 516 -19.65 33.37 26.96
C GLU B 516 -20.62 33.03 25.84
N TYR B 517 -20.64 33.80 24.77
CA TYR B 517 -21.48 33.43 23.64
C TYR B 517 -20.87 32.32 22.82
N LEU B 518 -19.55 32.30 22.69
CA LEU B 518 -18.89 31.32 21.84
C LEU B 518 -18.77 29.98 22.52
N MET B 519 -18.67 29.96 23.82
CA MET B 519 -18.60 28.73 24.58
C MET B 519 -19.92 28.62 25.31
N GLY B 520 -20.87 27.93 24.70
CA GLY B 520 -22.24 27.99 25.15
C GLY B 520 -22.49 27.24 26.44
N GLY B 521 -23.74 27.27 26.87
CA GLY B 521 -24.09 26.64 28.12
C GLY B 521 -23.79 27.55 29.29
N THR B 522 -23.47 26.94 30.42
CA THR B 522 -23.17 27.70 31.63
C THR B 522 -21.66 27.90 31.75
N TYR B 523 -21.12 28.65 30.80
CA TYR B 523 -19.72 29.06 30.85
C TYR B 523 -19.69 30.50 31.34
N ARG B 524 -19.08 30.72 32.48
CA ARG B 524 -18.94 32.05 33.05
C ARG B 524 -17.50 32.51 32.89
N CYS B 525 -17.28 33.52 32.07
CA CYS B 525 -15.93 34.02 31.83
C CYS B 525 -15.59 34.99 32.94
N THR B 526 -14.30 35.06 33.28
CA THR B 526 -13.86 35.78 34.47
C THR B 526 -14.15 37.27 34.39
N TYR B 527 -14.27 37.81 33.17
CA TYR B 527 -14.45 39.25 33.04
C TYR B 527 -15.86 39.69 33.44
N THR B 528 -16.85 38.81 33.31
CA THR B 528 -18.21 39.22 33.64
C THR B 528 -18.58 38.98 35.08
N ARG B 529 -17.65 38.56 35.92
CA ARG B 529 -18.04 38.33 37.29
C ARG B 529 -17.97 39.63 38.09
N LYS B 530 -18.49 39.57 39.32
CA LYS B 530 -18.64 40.76 40.14
C LYS B 530 -17.30 41.33 40.57
N ARG B 531 -16.34 40.46 40.90
CA ARG B 531 -15.04 40.95 41.35
C ARG B 531 -14.28 41.64 40.24
N PHE B 532 -14.42 41.17 39.00
CA PHE B 532 -13.78 41.87 37.90
C PHE B 532 -14.54 43.12 37.52
N ARG B 533 -15.86 43.14 37.71
CA ARG B 533 -16.53 44.41 37.49
C ARG B 533 -16.35 45.40 38.64
N LEU B 534 -15.77 44.97 39.75
CA LEU B 534 -15.39 45.92 40.80
C LEU B 534 -13.95 46.39 40.66
N ILE B 535 -13.03 45.52 40.26
CA ILE B 535 -11.68 45.99 39.93
C ILE B 535 -11.72 46.86 38.69
N TYR B 536 -12.54 46.46 37.72
CA TYR B 536 -12.89 47.29 36.60
C TYR B 536 -13.82 48.39 37.07
N ASN B 537 -14.03 49.39 36.20
CA ASN B 537 -14.66 50.68 36.52
C ASN B 537 -13.90 51.43 37.61
N SER B 538 -12.59 51.20 37.66
CA SER B 538 -11.64 51.86 38.56
C SER B 538 -12.01 51.75 40.04
N GLU B 613 -1.21 46.44 40.65
CA GLU B 613 -1.23 45.55 41.81
C GLU B 613 -2.49 44.68 41.83
N THR B 614 -3.64 45.29 41.56
CA THR B 614 -4.90 44.57 41.43
C THR B 614 -5.43 44.61 40.02
N LYS B 615 -4.92 45.50 39.19
CA LYS B 615 -5.28 45.56 37.79
C LYS B 615 -4.39 44.68 36.92
N ARG B 616 -3.50 43.90 37.53
CA ARG B 616 -2.80 42.89 36.77
C ARG B 616 -3.69 41.66 36.63
N PHE B 617 -3.18 40.66 35.95
CA PHE B 617 -3.91 39.41 35.86
C PHE B 617 -3.10 38.30 36.52
N PRO B 618 -3.75 37.39 37.24
CA PRO B 618 -2.99 36.32 37.90
C PRO B 618 -2.46 35.30 36.93
N TYR B 619 -3.13 35.12 35.80
CA TYR B 619 -2.69 34.21 34.74
C TYR B 619 -2.80 35.00 33.45
N PRO B 620 -1.71 35.61 33.02
CA PRO B 620 -1.79 36.48 31.86
C PRO B 620 -1.92 35.71 30.56
N LEU B 621 -1.28 34.56 30.45
CA LEU B 621 -1.28 33.84 29.19
C LEU B 621 -2.59 33.13 28.93
N ASN B 622 -3.43 32.97 29.95
CA ASN B 622 -4.81 32.59 29.68
C ASN B 622 -5.59 33.73 29.06
N GLU B 623 -5.14 34.97 29.23
CA GLU B 623 -5.87 36.09 28.66
C GLU B 623 -5.41 36.36 27.25
N LEU B 624 -4.15 36.16 26.98
CA LEU B 624 -3.63 36.34 25.64
C LEU B 624 -3.80 35.12 24.77
N LEU B 625 -4.07 33.96 25.34
CA LEU B 625 -4.48 32.88 24.46
C LEU B 625 -5.87 33.13 23.92
N ILE B 626 -6.77 33.65 24.75
CA ILE B 626 -8.10 34.01 24.27
C ILE B 626 -8.02 35.19 23.32
N TRP B 627 -7.17 36.17 23.63
CA TRP B 627 -6.98 37.30 22.73
C TRP B 627 -6.45 36.86 21.38
N ALA B 628 -5.43 36.02 21.37
CA ALA B 628 -4.89 35.57 20.10
C ALA B 628 -5.79 34.58 19.40
N CYS B 629 -6.78 34.01 20.06
CA CYS B 629 -7.74 33.19 19.34
C CYS B 629 -8.87 34.04 18.77
N LEU B 630 -9.34 35.04 19.51
CA LEU B 630 -10.42 35.88 19.01
C LEU B 630 -9.97 36.78 17.88
N MET B 631 -8.76 37.31 17.96
CA MET B 631 -8.22 38.14 16.91
C MET B 631 -7.68 37.34 15.74
N LYS B 632 -7.82 36.01 15.76
CA LYS B 632 -7.61 35.13 14.61
C LYS B 632 -6.17 35.20 14.13
N ARG B 633 -5.24 35.22 15.08
CA ARG B 633 -3.83 35.22 14.76
C ARG B 633 -3.26 33.92 15.32
N GLN B 634 -2.96 33.00 14.42
CA GLN B 634 -2.75 31.62 14.80
C GLN B 634 -1.36 31.37 15.33
N VAL B 635 -0.33 31.97 14.72
CA VAL B 635 1.03 31.70 15.14
C VAL B 635 1.28 32.32 16.51
N MET B 636 0.66 33.47 16.78
CA MET B 636 0.68 34.01 18.12
C MET B 636 -0.05 33.09 19.09
N ALA B 637 -1.12 32.44 18.66
CA ALA B 637 -1.88 31.60 19.57
C ALA B 637 -1.14 30.30 19.88
N ARG B 638 -0.51 29.69 18.88
CA ARG B 638 0.29 28.50 19.16
C ARG B 638 1.61 28.83 19.80
N PHE B 639 2.01 30.08 19.85
CA PHE B 639 3.13 30.41 20.70
C PHE B 639 2.72 30.64 22.13
N LEU B 640 1.63 31.38 22.36
CA LEU B 640 1.18 31.67 23.71
C LEU B 640 0.57 30.44 24.37
N TRP B 641 0.22 29.44 23.60
CA TRP B 641 -0.28 28.21 24.18
C TRP B 641 0.83 27.44 24.88
N GLN B 642 1.99 27.33 24.24
CA GLN B 642 2.89 26.26 24.62
C GLN B 642 3.71 26.54 25.86
N HIS B 643 3.61 27.73 26.45
CA HIS B 643 4.20 27.92 27.75
C HIS B 643 3.22 28.65 28.68
N GLY B 644 2.46 27.86 29.41
CA GLY B 644 1.65 28.31 30.52
C GLY B 644 1.34 27.08 31.31
N GLU B 645 0.65 27.27 32.42
CA GLU B 645 0.11 26.11 33.08
C GLU B 645 -1.12 25.60 32.33
N GLU B 646 -1.56 24.40 32.69
CA GLU B 646 -2.81 23.74 32.26
C GLU B 646 -3.03 23.78 30.75
N SER B 647 -2.02 23.31 30.01
CA SER B 647 -1.96 23.55 28.57
C SER B 647 -2.99 22.75 27.79
N MET B 648 -3.30 21.52 28.23
CA MET B 648 -4.27 20.71 27.50
C MET B 648 -5.67 21.26 27.63
N ALA B 649 -5.95 22.04 28.66
CA ALA B 649 -7.22 22.74 28.71
C ALA B 649 -7.24 23.96 27.84
N LYS B 650 -6.10 24.63 27.65
CA LYS B 650 -6.08 25.76 26.75
C LYS B 650 -6.21 25.32 25.30
N ALA B 651 -5.73 24.13 24.97
CA ALA B 651 -5.93 23.61 23.62
C ALA B 651 -7.40 23.35 23.34
N LEU B 652 -8.17 22.94 24.33
CA LEU B 652 -9.56 22.63 24.11
C LEU B 652 -10.44 23.87 24.15
N VAL B 653 -10.08 24.83 25.00
CA VAL B 653 -10.73 26.14 24.94
C VAL B 653 -10.51 26.79 23.59
N ALA B 654 -9.27 26.77 23.10
CA ALA B 654 -8.98 27.32 21.78
C ALA B 654 -9.68 26.57 20.66
N CYS B 655 -9.82 25.25 20.81
CA CYS B 655 -10.58 24.47 19.83
C CYS B 655 -12.04 24.85 19.82
N LYS B 656 -12.64 25.04 21.00
CA LYS B 656 -14.05 25.40 21.06
C LYS B 656 -14.29 26.81 20.53
N ILE B 657 -13.43 27.76 20.89
CA ILE B 657 -13.58 29.14 20.44
C ILE B 657 -13.46 29.22 18.92
N TYR B 658 -12.41 28.63 18.36
CA TYR B 658 -12.26 28.58 16.91
C TYR B 658 -13.43 27.90 16.22
N ARG B 659 -13.87 26.77 16.76
CA ARG B 659 -14.93 26.03 16.11
C ARG B 659 -16.25 26.78 16.13
N SER B 660 -16.58 27.43 17.24
CA SER B 660 -17.82 28.17 17.26
C SER B 660 -17.71 29.52 16.55
N MET B 661 -16.51 30.07 16.36
CA MET B 661 -16.43 31.22 15.47
C MET B 661 -16.59 30.81 14.02
N ALA B 662 -16.08 29.63 13.66
CA ALA B 662 -16.34 29.09 12.33
C ALA B 662 -17.81 28.89 12.08
N TYR B 663 -18.52 28.35 13.08
CA TYR B 663 -19.97 28.19 12.94
C TYR B 663 -20.71 29.51 12.94
N GLU B 664 -20.19 30.52 13.65
CA GLU B 664 -20.80 31.84 13.60
C GLU B 664 -20.19 32.72 12.52
N ALA B 665 -19.50 32.11 11.57
CA ALA B 665 -19.04 32.80 10.37
C ALA B 665 -19.55 32.16 9.10
N LYS B 666 -19.87 30.87 9.13
CA LYS B 666 -20.54 30.25 7.99
C LYS B 666 -21.91 30.88 7.75
N GLN B 667 -22.59 31.27 8.82
CA GLN B 667 -23.93 31.82 8.67
C GLN B 667 -23.90 33.23 8.11
N SER B 668 -23.22 34.15 8.77
CA SER B 668 -23.32 35.57 8.42
C SER B 668 -21.98 36.11 7.98
N ASP B 669 -21.64 35.90 6.71
CA ASP B 669 -20.58 36.57 5.98
C ASP B 669 -20.84 36.40 4.50
N LEU B 670 -20.23 37.26 3.70
CA LEU B 670 -20.30 37.12 2.25
C LEU B 670 -18.95 36.99 1.57
N VAL B 671 -17.94 37.75 1.98
CA VAL B 671 -16.67 37.81 1.27
C VAL B 671 -15.58 37.37 2.23
N ASP B 672 -14.88 36.29 1.85
CA ASP B 672 -13.91 35.58 2.70
C ASP B 672 -14.51 35.28 4.06
N ASP B 673 -15.49 34.35 4.04
CA ASP B 673 -16.21 33.98 5.25
C ASP B 673 -15.28 33.37 6.30
N THR B 674 -14.23 32.68 5.84
CA THR B 674 -13.12 32.12 6.61
C THR B 674 -13.56 30.99 7.52
N SER B 675 -14.75 30.41 7.34
CA SER B 675 -15.09 29.22 8.10
C SER B 675 -14.20 28.06 7.71
N GLU B 676 -13.77 28.02 6.45
CA GLU B 676 -12.77 27.05 6.01
C GLU B 676 -11.42 27.30 6.65
N GLU B 677 -11.18 28.52 7.14
CA GLU B 677 -9.91 28.85 7.76
C GLU B 677 -9.98 28.71 9.28
N LEU B 678 -11.12 29.04 9.89
CA LEU B 678 -11.28 28.86 11.33
C LEU B 678 -11.44 27.40 11.70
N LYS B 679 -12.27 26.67 10.99
CA LYS B 679 -12.04 25.25 10.98
C LYS B 679 -10.72 25.04 10.25
N GLN B 680 -9.91 24.08 10.72
CA GLN B 680 -8.48 23.81 10.51
C GLN B 680 -7.63 24.74 11.38
N TYR B 681 -8.22 25.71 12.07
CA TYR B 681 -7.57 26.27 13.25
C TYR B 681 -8.08 25.63 14.51
N SER B 682 -9.33 25.23 14.55
CA SER B 682 -9.79 24.39 15.65
C SER B 682 -9.27 22.97 15.52
N ASN B 683 -9.03 22.50 14.31
CA ASN B 683 -8.50 21.15 14.19
C ASN B 683 -6.99 21.08 14.35
N ASP B 684 -6.33 22.22 14.49
CA ASP B 684 -4.92 22.25 14.80
C ASP B 684 -4.65 22.35 16.29
N PHE B 685 -5.61 22.86 17.07
CA PHE B 685 -5.56 22.78 18.52
C PHE B 685 -6.20 21.50 19.04
N GLY B 686 -7.29 21.09 18.43
CA GLY B 686 -7.91 19.83 18.80
C GLY B 686 -7.07 18.62 18.50
N GLN B 687 -6.06 18.75 17.65
CA GLN B 687 -5.07 17.69 17.50
C GLN B 687 -3.98 17.79 18.54
N LEU B 688 -3.67 19.01 19.01
CA LEU B 688 -2.71 19.16 20.10
C LEU B 688 -3.24 18.54 21.38
N ALA B 689 -4.52 18.74 21.68
CA ALA B 689 -5.13 18.14 22.85
C ALA B 689 -5.04 16.63 22.83
N VAL B 690 -5.39 16.04 21.69
CA VAL B 690 -5.30 14.59 21.52
C VAL B 690 -3.87 14.11 21.69
N GLU B 691 -2.91 14.79 21.07
CA GLU B 691 -1.52 14.36 21.19
C GLU B 691 -0.97 14.53 22.59
N LEU B 692 -1.45 15.53 23.34
CA LEU B 692 -1.03 15.63 24.73
C LEU B 692 -1.66 14.57 25.60
N LEU B 693 -2.89 14.18 25.29
CA LEU B 693 -3.49 13.13 26.10
C LEU B 693 -2.94 11.76 25.76
N GLU B 694 -2.55 11.55 24.50
CA GLU B 694 -1.82 10.34 24.15
C GLU B 694 -0.43 10.35 24.76
N GLN B 695 0.13 11.53 24.98
CA GLN B 695 1.41 11.61 25.69
C GLN B 695 1.24 11.22 27.15
N SER B 696 0.28 11.83 27.83
CA SER B 696 0.12 11.60 29.26
C SER B 696 -0.49 10.24 29.58
N PHE B 697 -1.15 9.62 28.63
CA PHE B 697 -1.65 8.26 28.83
C PHE B 697 -0.52 7.26 28.90
N ARG B 698 0.53 7.45 28.12
CA ARG B 698 1.57 6.45 28.05
C ARG B 698 2.49 6.47 29.26
N GLN B 699 2.49 7.54 30.04
CA GLN B 699 3.36 7.55 31.20
C GLN B 699 2.67 6.98 32.43
N ASP B 700 1.44 7.40 32.71
CA ASP B 700 0.65 6.81 33.77
C ASP B 700 -0.81 6.92 33.39
N GLU B 701 -1.58 5.88 33.70
CA GLU B 701 -2.95 5.80 33.23
C GLU B 701 -3.94 6.32 34.25
N THR B 702 -3.76 5.97 35.52
CA THR B 702 -4.61 6.48 36.57
C THR B 702 -4.42 7.97 36.81
N MET B 703 -3.28 8.53 36.40
CA MET B 703 -3.11 9.98 36.50
C MET B 703 -3.68 10.69 35.29
N ALA B 704 -3.53 10.09 34.11
CA ALA B 704 -4.09 10.67 32.90
C ALA B 704 -5.60 10.71 32.96
N MET B 705 -6.21 9.71 33.59
CA MET B 705 -7.65 9.80 33.81
C MET B 705 -8.03 10.81 34.87
N LYS B 706 -7.08 11.26 35.70
CA LYS B 706 -7.39 12.38 36.58
C LYS B 706 -7.29 13.69 35.84
N LEU B 707 -6.44 13.78 34.82
CA LEU B 707 -6.35 15.02 34.05
C LEU B 707 -7.63 15.34 33.32
N LEU B 708 -8.38 14.33 32.94
CA LEU B 708 -9.62 14.55 32.20
C LEU B 708 -10.79 15.09 32.97
N THR B 709 -10.80 14.99 34.28
CA THR B 709 -11.99 15.39 35.01
C THR B 709 -11.76 16.32 36.19
N TYR B 710 -10.56 16.85 36.37
CA TYR B 710 -10.36 17.72 37.51
C TYR B 710 -10.88 19.11 37.17
N GLU B 711 -11.39 19.80 38.19
CA GLU B 711 -11.95 21.13 37.99
C GLU B 711 -10.85 22.10 37.61
N LEU B 712 -11.10 22.94 36.62
CA LEU B 712 -10.02 23.77 36.12
C LEU B 712 -9.84 25.03 36.92
N LYS B 713 -10.94 25.67 37.33
CA LYS B 713 -11.06 26.82 38.21
C LYS B 713 -10.60 28.12 37.56
N ASN B 714 -10.03 28.08 36.36
CA ASN B 714 -9.82 29.25 35.54
C ASN B 714 -10.80 29.29 34.39
N TRP B 715 -11.07 28.12 33.82
CA TRP B 715 -11.96 28.02 32.67
C TRP B 715 -13.37 27.65 33.13
N SER B 716 -13.90 28.48 34.04
CA SER B 716 -15.28 28.44 34.50
C SER B 716 -15.67 27.12 35.16
N ASN B 717 -14.72 26.54 35.90
CA ASN B 717 -14.92 25.29 36.67
C ASN B 717 -15.44 24.17 35.79
N SER B 718 -14.94 24.08 34.57
CA SER B 718 -15.38 23.05 33.66
C SER B 718 -14.34 21.95 33.64
N THR B 719 -14.84 20.72 33.69
CA THR B 719 -14.04 19.53 33.43
C THR B 719 -13.41 19.62 32.05
N CYS B 720 -12.18 19.12 31.93
CA CYS B 720 -11.48 19.13 30.65
C CYS B 720 -12.17 18.25 29.61
N LEU B 721 -12.78 17.15 30.05
CA LEU B 721 -13.47 16.26 29.14
C LEU B 721 -14.79 16.86 28.68
N LYS B 722 -15.52 17.51 29.59
CA LYS B 722 -16.73 18.22 29.18
C LYS B 722 -16.40 19.37 28.25
N LEU B 723 -15.23 19.95 28.44
CA LEU B 723 -14.78 21.04 27.59
C LEU B 723 -14.44 20.52 26.21
N ALA B 724 -14.09 19.24 26.10
CA ALA B 724 -13.87 18.61 24.80
C ALA B 724 -15.06 17.86 24.27
N VAL B 725 -16.19 17.88 24.97
CA VAL B 725 -17.43 17.40 24.39
C VAL B 725 -18.30 18.57 23.93
N SER B 726 -18.11 19.76 24.51
CA SER B 726 -18.83 20.94 24.07
C SER B 726 -18.52 21.26 22.61
N SER B 727 -17.25 21.33 22.27
CA SER B 727 -16.89 21.13 20.87
C SER B 727 -16.87 19.64 20.62
N ARG B 728 -17.34 19.23 19.46
CA ARG B 728 -17.54 17.81 19.21
C ARG B 728 -16.20 17.29 18.76
N LEU B 729 -15.31 17.04 19.70
CA LEU B 729 -13.94 16.69 19.39
C LEU B 729 -13.86 15.20 19.54
N ARG B 730 -14.24 14.49 18.50
CA ARG B 730 -14.30 13.03 18.50
C ARG B 730 -12.98 12.30 18.71
N PRO B 731 -11.81 12.72 18.20
CA PRO B 731 -10.58 11.97 18.54
C PRO B 731 -10.16 12.07 19.98
N PHE B 732 -10.73 12.94 20.79
CA PHE B 732 -10.41 13.03 22.20
C PHE B 732 -11.33 12.12 23.00
N VAL B 733 -12.63 12.22 22.77
CA VAL B 733 -13.60 11.41 23.47
C VAL B 733 -13.51 9.95 23.05
N ALA B 734 -12.97 9.67 21.87
CA ALA B 734 -12.75 8.30 21.44
C ALA B 734 -11.33 7.84 21.62
N HIS B 735 -10.56 8.46 22.51
CA HIS B 735 -9.22 8.01 22.78
C HIS B 735 -9.30 6.91 23.82
N THR B 736 -8.20 6.24 24.12
CA THR B 736 -8.31 5.17 25.10
C THR B 736 -8.27 5.66 26.53
N CYS B 737 -7.84 6.91 26.73
CA CYS B 737 -7.90 7.51 28.04
C CYS B 737 -9.35 7.84 28.47
N THR B 738 -10.18 8.37 27.57
CA THR B 738 -11.55 8.69 27.90
C THR B 738 -12.43 7.46 27.79
N GLN B 739 -12.12 6.56 26.89
CA GLN B 739 -12.89 5.33 26.85
C GLN B 739 -12.47 4.36 27.94
N MET B 740 -11.38 4.61 28.63
CA MET B 740 -11.04 3.82 29.80
C MET B 740 -11.68 4.41 31.06
N LEU B 741 -11.76 5.73 31.12
CA LEU B 741 -12.44 6.40 32.23
C LEU B 741 -13.93 6.19 32.18
N LEU B 742 -14.52 6.17 30.98
CA LEU B 742 -15.95 5.88 30.89
C LEU B 742 -16.24 4.44 31.23
N SER B 743 -15.31 3.54 30.94
CA SER B 743 -15.48 2.16 31.37
C SER B 743 -15.25 1.99 32.86
N ASP B 744 -14.59 2.95 33.51
CA ASP B 744 -14.53 2.92 34.96
C ASP B 744 -15.66 3.67 35.64
N MET B 745 -16.36 4.54 34.93
CA MET B 745 -17.58 5.10 35.48
C MET B 745 -18.76 4.19 35.28
N TRP B 746 -18.70 3.34 34.28
CA TRP B 746 -19.79 2.41 34.03
C TRP B 746 -19.85 1.36 35.12
N MET B 747 -18.71 0.91 35.61
CA MET B 747 -18.68 -0.01 36.73
C MET B 747 -19.21 0.65 37.98
N GLY B 748 -18.84 1.90 38.21
CA GLY B 748 -19.24 2.56 39.42
C GLY B 748 -18.38 2.07 40.53
N ARG B 749 -19.01 1.69 41.64
CA ARG B 749 -18.26 1.20 42.78
C ARG B 749 -17.83 -0.25 42.60
N LEU B 750 -18.51 -1.00 41.76
CA LEU B 750 -18.26 -2.43 41.60
C LEU B 750 -16.94 -2.66 40.87
N ASN B 751 -16.53 -3.92 40.76
CA ASN B 751 -15.22 -4.24 40.22
C ASN B 751 -15.34 -5.31 39.14
N MET B 752 -15.74 -4.91 37.95
CA MET B 752 -15.98 -5.84 36.85
C MET B 752 -14.73 -6.47 36.27
N ARG B 753 -13.54 -6.12 36.73
CA ARG B 753 -12.34 -6.81 36.25
C ARG B 753 -12.30 -8.24 36.76
N LYS B 754 -12.84 -8.49 37.95
CA LYS B 754 -12.96 -9.82 38.50
C LYS B 754 -14.38 -10.25 38.78
N ASN B 755 -15.33 -9.32 38.78
CA ASN B 755 -16.73 -9.65 39.08
C ASN B 755 -17.34 -10.34 37.88
N SER B 756 -18.26 -11.26 38.15
CA SER B 756 -18.98 -11.93 37.08
C SER B 756 -19.95 -10.95 36.44
N TRP B 757 -20.09 -11.05 35.12
CA TRP B 757 -21.11 -10.26 34.42
C TRP B 757 -22.51 -10.67 34.83
N TYR B 758 -22.76 -11.97 34.92
CA TYR B 758 -24.10 -12.45 35.21
C TYR B 758 -24.45 -12.28 36.68
N LYS B 759 -23.45 -12.13 37.54
CA LYS B 759 -23.72 -11.89 38.96
C LYS B 759 -24.35 -10.52 39.21
N VAL B 760 -24.24 -9.59 38.26
CA VAL B 760 -24.97 -8.34 38.37
C VAL B 760 -26.45 -8.57 38.18
N ILE B 761 -26.84 -9.31 37.14
CA ILE B 761 -28.25 -9.59 36.89
C ILE B 761 -28.83 -10.47 37.99
N LEU B 762 -28.03 -11.42 38.48
CA LEU B 762 -28.45 -12.27 39.58
C LEU B 762 -28.65 -11.46 40.85
N SER B 763 -27.74 -10.55 41.13
CA SER B 763 -27.84 -9.72 42.32
C SER B 763 -28.91 -8.66 42.19
N ILE B 764 -29.33 -8.33 40.97
CA ILE B 764 -30.51 -7.49 40.81
C ILE B 764 -31.76 -8.27 41.15
N LEU B 765 -31.86 -9.50 40.65
CA LEU B 765 -33.06 -10.29 40.93
C LEU B 765 -33.07 -10.82 42.36
N VAL B 766 -31.89 -11.13 42.91
CA VAL B 766 -31.76 -11.67 44.26
C VAL B 766 -31.01 -10.66 45.12
N PRO B 767 -31.70 -9.82 45.88
CA PRO B 767 -31.02 -8.76 46.65
C PRO B 767 -30.10 -9.24 47.77
N PRO B 768 -30.25 -10.44 48.36
CA PRO B 768 -29.16 -10.91 49.23
C PRO B 768 -27.91 -11.38 48.48
N ALA B 769 -27.87 -11.35 47.16
CA ALA B 769 -26.62 -11.60 46.47
C ALA B 769 -25.81 -10.34 46.23
N ILE B 770 -26.36 -9.18 46.58
CA ILE B 770 -25.61 -7.92 46.52
C ILE B 770 -24.44 -7.96 47.49
N LEU B 771 -24.68 -8.50 48.69
CA LEU B 771 -23.77 -8.31 49.82
C LEU B 771 -22.42 -8.98 49.62
N MET B 772 -22.40 -10.02 48.80
CA MET B 772 -21.17 -10.76 48.60
C MET B 772 -20.76 -11.05 47.18
N LEU B 773 -20.31 -10.02 46.48
CA LEU B 773 -19.84 -10.19 45.12
C LEU B 773 -18.42 -9.67 45.12
N GLU B 774 -18.27 -8.37 44.94
CA GLU B 774 -16.96 -7.74 44.95
C GLU B 774 -17.14 -6.24 44.96
N TYR B 775 -16.07 -5.50 45.16
CA TYR B 775 -16.17 -4.04 45.08
C TYR B 775 -14.80 -3.41 44.89
N LYS B 776 -14.77 -2.08 45.00
CA LYS B 776 -13.55 -1.31 44.86
C LYS B 776 -13.32 -0.45 46.08
N THR B 777 -12.05 -0.22 46.39
CA THR B 777 -11.63 0.61 47.51
C THR B 777 -11.39 2.03 47.05
N LYS B 778 -11.13 2.92 48.01
CA LYS B 778 -10.91 4.32 47.68
C LYS B 778 -9.60 4.57 46.99
N ALA B 779 -8.66 3.63 47.03
CA ALA B 779 -7.47 3.76 46.22
C ALA B 779 -7.71 3.42 44.77
N GLU B 780 -8.78 2.69 44.49
CA GLU B 780 -9.17 2.37 43.13
C GLU B 780 -10.24 3.31 42.59
N MET B 781 -10.94 4.01 43.46
CA MET B 781 -11.96 4.98 43.07
C MET B 781 -11.42 6.39 43.10
N SER B 782 -10.12 6.57 42.96
CA SER B 782 -9.54 7.90 43.14
C SER B 782 -9.72 8.74 41.89
N HIS B 783 -9.50 8.16 40.73
CA HIS B 783 -9.59 8.88 39.46
C HIS B 783 -11.00 8.96 38.92
N ILE B 784 -11.93 8.18 39.44
CA ILE B 784 -13.31 8.18 38.97
C ILE B 784 -14.06 9.34 39.60
N PRO B 785 -14.60 10.23 38.83
CA PRO B 785 -15.37 11.33 39.41
C PRO B 785 -16.71 10.89 39.96
N GLN B 786 -16.81 10.87 41.27
CA GLN B 786 -17.96 10.42 42.02
C GLN B 786 -18.95 11.55 42.20
N SER B 787 -20.17 11.20 42.60
CA SER B 787 -21.15 12.25 42.87
C SER B 787 -20.86 12.88 44.23
N GLN B 788 -21.70 13.85 44.61
CA GLN B 788 -21.48 14.57 45.86
C GLN B 788 -21.68 13.67 47.07
N ASP B 789 -22.57 12.69 46.95
CA ASP B 789 -22.83 11.76 48.05
C ASP B 789 -21.95 10.51 47.93
N ALA B 790 -20.64 10.75 47.89
CA ALA B 790 -19.66 9.68 47.90
C ALA B 790 -18.31 10.20 48.39
N ILE B 840 -21.92 -2.21 55.22
CA ILE B 840 -22.84 -3.25 54.78
C ILE B 840 -24.06 -2.60 54.14
N THR B 841 -24.61 -1.59 54.80
CA THR B 841 -25.65 -0.79 54.15
C THR B 841 -25.09 0.24 53.20
N ARG B 842 -23.77 0.39 53.13
CA ARG B 842 -23.14 1.16 52.06
C ARG B 842 -22.90 0.30 50.84
N LYS B 843 -23.11 -1.01 50.94
CA LYS B 843 -23.01 -1.87 49.77
C LYS B 843 -24.29 -1.89 48.95
N PHE B 844 -25.44 -1.56 49.55
CA PHE B 844 -26.66 -1.37 48.78
C PHE B 844 -26.65 -0.04 48.06
N TYR B 845 -26.23 1.03 48.74
CA TYR B 845 -26.10 2.32 48.08
C TYR B 845 -25.00 2.29 47.04
N ALA B 846 -23.96 1.52 47.29
CA ALA B 846 -22.87 1.41 46.33
C ALA B 846 -23.29 0.59 45.13
N PHE B 847 -24.09 -0.47 45.35
CA PHE B 847 -24.49 -1.31 44.24
C PHE B 847 -25.56 -0.66 43.38
N TYR B 848 -26.56 -0.04 44.00
CA TYR B 848 -27.69 0.42 43.22
C TYR B 848 -27.40 1.66 42.41
N HIS B 849 -26.48 2.50 42.85
CA HIS B 849 -26.18 3.70 42.10
C HIS B 849 -25.10 3.50 41.07
N ALA B 850 -24.73 2.30 40.79
CA ALA B 850 -23.83 2.11 39.68
C ALA B 850 -24.60 2.19 38.38
N PRO B 851 -23.98 2.70 37.31
CA PRO B 851 -24.68 2.76 36.05
C PRO B 851 -24.89 1.43 35.39
N ILE B 852 -24.10 0.40 35.69
CA ILE B 852 -24.42 -0.94 35.24
C ILE B 852 -25.74 -1.37 35.83
N VAL B 853 -25.94 -1.15 37.13
CA VAL B 853 -27.12 -1.66 37.78
C VAL B 853 -28.35 -0.84 37.44
N LYS B 854 -28.19 0.46 37.21
CA LYS B 854 -29.30 1.23 36.67
C LYS B 854 -29.63 0.76 35.26
N PHE B 855 -28.61 0.40 34.48
CA PHE B 855 -28.85 -0.02 33.11
C PHE B 855 -29.55 -1.35 33.03
N TRP B 856 -28.97 -2.39 33.65
CA TRP B 856 -29.57 -3.71 33.62
C TRP B 856 -30.87 -3.77 34.35
N PHE B 857 -31.06 -2.93 35.35
CA PHE B 857 -32.35 -2.90 36.02
C PHE B 857 -33.41 -2.30 35.11
N ASN B 858 -33.01 -1.29 34.34
CA ASN B 858 -33.89 -0.68 33.37
C ASN B 858 -34.19 -1.60 32.19
N THR B 859 -33.21 -2.35 31.68
CA THR B 859 -33.53 -3.21 30.54
C THR B 859 -34.25 -4.46 30.95
N LEU B 860 -34.02 -4.99 32.16
CA LEU B 860 -34.85 -6.11 32.61
C LEU B 860 -36.31 -5.69 32.73
N ALA B 861 -36.55 -4.49 33.24
CA ALA B 861 -37.94 -4.06 33.23
C ALA B 861 -38.44 -3.69 31.85
N TYR B 862 -37.55 -3.35 30.92
CA TYR B 862 -38.01 -3.08 29.57
C TYR B 862 -38.37 -4.35 28.84
N LEU B 863 -37.61 -5.42 29.05
CA LEU B 863 -37.98 -6.69 28.46
C LEU B 863 -39.23 -7.25 29.10
N GLY B 864 -39.46 -6.95 30.38
CA GLY B 864 -40.75 -7.25 30.96
C GLY B 864 -41.87 -6.45 30.34
N PHE B 865 -41.58 -5.21 29.97
CA PHE B 865 -42.57 -4.39 29.27
C PHE B 865 -42.88 -4.92 27.89
N LEU B 866 -41.89 -5.41 27.16
CA LEU B 866 -42.17 -5.92 25.83
C LEU B 866 -42.86 -7.26 25.87
N MET B 867 -42.49 -8.13 26.81
CA MET B 867 -43.20 -9.40 26.93
C MET B 867 -44.65 -9.18 27.34
N LEU B 868 -44.90 -8.25 28.25
CA LEU B 868 -46.29 -7.97 28.58
C LEU B 868 -47.00 -7.27 27.46
N TYR B 869 -46.31 -6.46 26.69
CA TYR B 869 -47.01 -5.69 25.68
C TYR B 869 -47.34 -6.54 24.47
N THR B 870 -46.55 -7.56 24.19
CA THR B 870 -46.97 -8.44 23.12
C THR B 870 -47.88 -9.56 23.58
N PHE B 871 -47.90 -9.90 24.87
CA PHE B 871 -49.04 -10.67 25.32
C PHE B 871 -50.32 -9.85 25.23
N VAL B 872 -50.24 -8.54 25.44
CA VAL B 872 -51.41 -7.69 25.31
C VAL B 872 -51.90 -7.66 23.87
N VAL B 873 -50.97 -7.35 22.98
CA VAL B 873 -51.24 -7.22 21.55
C VAL B 873 -51.65 -8.48 20.79
N LEU B 874 -51.01 -9.60 21.07
CA LEU B 874 -51.29 -10.82 20.32
C LEU B 874 -52.60 -11.49 20.73
N VAL B 875 -52.99 -11.35 21.97
CA VAL B 875 -54.14 -12.03 22.53
C VAL B 875 -55.37 -11.13 22.40
N LYS B 876 -56.56 -11.74 22.33
CA LYS B 876 -57.84 -11.08 22.12
C LYS B 876 -58.07 -9.91 23.05
N MET B 877 -58.24 -8.74 22.45
CA MET B 877 -58.54 -7.54 23.22
C MET B 877 -59.99 -7.61 23.65
N GLU B 878 -60.26 -7.11 24.84
CA GLU B 878 -61.61 -7.10 25.39
C GLU B 878 -61.99 -5.66 25.68
N GLN B 879 -63.22 -5.46 26.14
CA GLN B 879 -63.71 -4.11 26.37
C GLN B 879 -63.00 -3.44 27.54
N LEU B 880 -62.85 -4.17 28.63
CA LEU B 880 -62.14 -3.72 29.81
C LEU B 880 -60.72 -4.24 29.75
N PRO B 881 -59.71 -3.40 29.98
CA PRO B 881 -58.32 -3.85 29.81
C PRO B 881 -57.93 -4.89 30.85
N SER B 882 -57.07 -5.81 30.43
CA SER B 882 -56.66 -6.89 31.30
C SER B 882 -55.64 -6.38 32.32
N VAL B 883 -55.14 -7.32 33.13
CA VAL B 883 -54.11 -6.99 34.11
C VAL B 883 -52.82 -6.55 33.41
N GLN B 884 -52.48 -7.23 32.31
CA GLN B 884 -51.24 -6.95 31.60
C GLN B 884 -51.28 -5.59 30.93
N GLU B 885 -52.46 -5.16 30.50
CA GLU B 885 -52.55 -3.93 29.75
C GLU B 885 -52.39 -2.72 30.66
N TRP B 886 -52.84 -2.79 31.91
CA TRP B 886 -52.61 -1.67 32.81
C TRP B 886 -51.16 -1.57 33.21
N ILE B 887 -50.43 -2.68 33.22
CA ILE B 887 -48.99 -2.59 33.45
C ILE B 887 -48.32 -1.94 32.25
N VAL B 888 -48.83 -2.21 31.05
CA VAL B 888 -48.29 -1.54 29.86
C VAL B 888 -48.53 -0.04 29.90
N ILE B 889 -49.76 0.37 30.22
CA ILE B 889 -50.09 1.79 30.27
C ILE B 889 -49.39 2.49 31.43
N ALA B 890 -49.13 1.76 32.52
CA ALA B 890 -48.33 2.31 33.60
C ALA B 890 -46.89 2.54 33.16
N TYR B 891 -46.34 1.61 32.38
CA TYR B 891 -44.98 1.80 31.89
C TYR B 891 -44.89 2.97 30.94
N ILE B 892 -45.84 3.09 30.01
CA ILE B 892 -45.68 4.14 29.01
C ILE B 892 -46.02 5.50 29.61
N PHE B 893 -46.94 5.56 30.56
CA PHE B 893 -47.26 6.82 31.22
C PHE B 893 -46.08 7.30 32.07
N THR B 894 -45.59 6.47 32.98
CA THR B 894 -44.50 6.92 33.83
C THR B 894 -43.18 7.04 33.06
N TYR B 895 -43.05 6.29 31.97
CA TYR B 895 -41.92 6.48 31.07
C TYR B 895 -41.99 7.84 30.40
N ALA B 896 -43.19 8.29 30.02
CA ALA B 896 -43.33 9.61 29.45
C ALA B 896 -43.04 10.69 30.47
N ILE B 897 -43.40 10.45 31.74
CA ILE B 897 -43.06 11.38 32.82
C ILE B 897 -41.55 11.50 32.95
N GLU B 898 -40.83 10.37 32.90
CA GLU B 898 -39.38 10.43 32.99
C GLU B 898 -38.76 11.10 31.77
N LYS B 899 -39.39 10.98 30.60
CA LYS B 899 -38.84 11.71 29.46
C LYS B 899 -39.09 13.20 29.54
N VAL B 900 -40.23 13.62 30.11
CA VAL B 900 -40.45 15.05 30.33
C VAL B 900 -39.47 15.59 31.36
N ARG B 901 -39.18 14.81 32.40
CA ARG B 901 -38.17 15.20 33.38
C ARG B 901 -36.78 15.28 32.75
N GLU B 902 -36.49 14.42 31.78
CA GLU B 902 -35.19 14.45 31.13
C GLU B 902 -35.09 15.53 30.06
N VAL B 903 -36.20 16.05 29.57
CA VAL B 903 -36.15 17.20 28.68
C VAL B 903 -36.10 18.51 29.46
N PHE B 904 -36.90 18.63 30.52
CA PHE B 904 -36.90 19.84 31.33
C PHE B 904 -35.66 19.97 32.20
N MET B 905 -34.99 18.86 32.51
CA MET B 905 -33.71 18.94 33.21
C MET B 905 -32.62 18.14 32.50
N LYS B 914 -32.97 23.66 24.13
CA LYS B 914 -32.73 22.45 24.91
C LYS B 914 -33.66 21.33 24.45
N ILE B 915 -34.74 21.72 23.77
CA ILE B 915 -35.62 20.72 23.17
C ILE B 915 -35.08 20.27 21.81
N LYS B 916 -34.57 21.22 21.02
CA LYS B 916 -33.97 20.88 19.73
C LYS B 916 -32.65 20.15 19.88
N VAL B 917 -32.03 20.20 21.06
CA VAL B 917 -30.91 19.31 21.34
C VAL B 917 -31.41 17.88 21.49
N TRP B 918 -32.54 17.71 22.17
CA TRP B 918 -33.06 16.38 22.48
C TRP B 918 -33.62 15.68 21.25
N PHE B 919 -34.07 16.42 20.24
CA PHE B 919 -34.57 15.84 19.01
C PHE B 919 -33.46 15.41 18.06
N SER B 920 -32.20 15.58 18.43
CA SER B 920 -31.13 15.24 17.51
C SER B 920 -30.85 13.75 17.45
N ASP B 921 -31.16 13.03 18.52
CA ASP B 921 -30.94 11.58 18.55
C ASP B 921 -32.12 10.89 17.90
N TYR B 922 -31.81 9.88 17.08
CA TYR B 922 -32.84 9.21 16.30
C TYR B 922 -33.72 8.29 17.13
N PHE B 923 -33.32 8.00 18.37
CA PHE B 923 -34.17 7.23 19.29
C PHE B 923 -34.87 8.13 20.29
N ASN B 924 -34.97 9.42 20.01
CA ASN B 924 -35.84 10.32 20.73
C ASN B 924 -36.97 10.86 19.87
N VAL B 925 -36.75 10.97 18.57
CA VAL B 925 -37.85 11.22 17.65
C VAL B 925 -38.80 10.03 17.65
N SER B 926 -38.25 8.81 17.75
CA SER B 926 -39.09 7.64 17.84
C SER B 926 -39.77 7.50 19.20
N ASP B 927 -39.27 8.17 20.24
CA ASP B 927 -39.96 8.10 21.51
C ASP B 927 -41.16 9.02 21.57
N THR B 928 -41.09 10.17 20.91
CA THR B 928 -42.26 11.04 20.90
C THR B 928 -43.38 10.44 20.08
N ILE B 929 -43.06 9.81 18.95
CA ILE B 929 -44.09 9.18 18.13
C ILE B 929 -44.64 7.94 18.82
N ALA B 930 -43.81 7.24 19.59
CA ALA B 930 -44.29 6.06 20.29
C ALA B 930 -45.24 6.42 21.40
N ILE B 931 -44.93 7.47 22.15
CA ILE B 931 -45.72 7.81 23.32
C ILE B 931 -47.00 8.53 22.91
N ILE B 932 -46.91 9.46 21.95
CA ILE B 932 -48.09 10.20 21.52
C ILE B 932 -49.07 9.27 20.81
N SER B 933 -48.59 8.41 19.92
CA SER B 933 -49.50 7.50 19.22
C SER B 933 -49.95 6.36 20.11
N PHE B 934 -49.34 6.13 21.25
CA PHE B 934 -49.91 5.14 22.14
C PHE B 934 -51.18 5.63 22.79
N PHE B 935 -51.22 6.89 23.18
CA PHE B 935 -52.41 7.38 23.86
C PHE B 935 -53.48 7.80 22.89
N VAL B 936 -53.13 8.12 21.65
CA VAL B 936 -54.14 8.19 20.60
C VAL B 936 -54.76 6.82 20.40
N GLY B 937 -53.94 5.78 20.49
CA GLY B 937 -54.48 4.43 20.41
C GLY B 937 -55.24 4.04 21.65
N PHE B 938 -54.78 4.46 22.82
CA PHE B 938 -55.51 4.16 24.04
C PHE B 938 -56.72 5.07 24.22
N GLY B 939 -56.70 6.26 23.63
CA GLY B 939 -57.90 7.08 23.64
C GLY B 939 -59.02 6.46 22.82
N LEU B 940 -58.71 5.94 21.64
CA LEU B 940 -59.71 5.30 20.82
C LEU B 940 -60.06 3.91 21.30
N ARG B 941 -59.22 3.29 22.10
CA ARG B 941 -59.54 1.96 22.60
C ARG B 941 -60.49 2.05 23.77
N PHE B 942 -60.19 2.94 24.71
CA PHE B 942 -60.84 3.00 26.01
C PHE B 942 -62.01 3.97 26.00
N GLY B 943 -61.78 5.20 25.57
CA GLY B 943 -62.85 6.16 25.41
C GLY B 943 -63.58 5.97 24.10
N ALA B 944 -64.36 4.91 24.00
CA ALA B 944 -65.05 4.58 22.76
C ALA B 944 -66.45 4.10 23.04
N LYS B 945 -67.30 4.24 22.04
CA LYS B 945 -68.64 3.64 22.07
C LYS B 945 -68.51 2.13 21.97
N TRP B 946 -69.31 1.42 22.76
CA TRP B 946 -69.25 -0.04 22.75
C TRP B 946 -69.83 -0.60 21.46
N ASN B 947 -71.09 -0.27 21.17
CA ASN B 947 -71.91 -0.91 20.12
C ASN B 947 -71.84 -2.44 20.25
N TYR B 948 -72.12 -2.91 21.46
CA TYR B 948 -71.66 -4.21 21.91
C TYR B 948 -72.40 -5.34 21.20
N ILE B 949 -71.64 -6.37 20.85
CA ILE B 949 -72.16 -7.55 20.18
C ILE B 949 -71.25 -8.71 20.54
N ASN B 950 -71.61 -9.92 20.09
CA ASN B 950 -70.62 -10.99 20.03
C ASN B 950 -69.43 -10.60 19.15
N ALA B 951 -69.71 -9.89 18.06
CA ALA B 951 -68.66 -9.26 17.28
C ALA B 951 -68.16 -8.01 17.99
N TYR B 952 -66.90 -8.04 18.41
CA TYR B 952 -66.31 -6.94 19.17
C TYR B 952 -65.82 -5.80 18.30
N ASP B 953 -66.02 -5.85 17.00
CA ASP B 953 -65.46 -4.85 16.10
C ASP B 953 -66.43 -3.69 15.89
N ASN B 954 -66.08 -2.55 16.47
CA ASN B 954 -66.66 -1.25 16.13
C ASN B 954 -65.56 -0.42 15.51
N HIS B 955 -65.94 0.59 14.73
CA HIS B 955 -64.97 1.31 13.90
C HIS B 955 -63.98 2.13 14.73
N VAL B 956 -64.34 2.49 15.95
CA VAL B 956 -63.43 3.25 16.79
C VAL B 956 -62.49 2.32 17.54
N PHE B 957 -63.04 1.22 18.07
CA PHE B 957 -62.23 0.25 18.80
C PHE B 957 -61.19 -0.42 17.92
N VAL B 958 -61.55 -0.69 16.67
CA VAL B 958 -60.63 -1.37 15.75
C VAL B 958 -59.43 -0.47 15.45
N ALA B 959 -59.66 0.81 15.16
CA ALA B 959 -58.54 1.71 14.90
C ALA B 959 -57.71 1.96 16.14
N GLY B 960 -58.32 1.89 17.31
CA GLY B 960 -57.54 1.93 18.53
C GLY B 960 -56.67 0.72 18.69
N ARG B 961 -57.20 -0.45 18.32
CA ARG B 961 -56.38 -1.64 18.42
C ARG B 961 -55.33 -1.72 17.31
N LEU B 962 -55.51 -1.03 16.19
CA LEU B 962 -54.47 -1.06 15.16
C LEU B 962 -53.40 -0.03 15.37
N ILE B 963 -53.73 1.14 15.95
CA ILE B 963 -52.69 2.04 16.43
C ILE B 963 -52.06 1.48 17.68
N TYR B 964 -52.66 0.47 18.26
CA TYR B 964 -52.12 -0.26 19.38
C TYR B 964 -51.24 -1.44 18.96
N CYS B 965 -51.44 -1.98 17.74
CA CYS B 965 -50.64 -3.06 17.16
C CYS B 965 -49.43 -2.54 16.41
N LEU B 966 -49.62 -1.50 15.59
CA LEU B 966 -48.51 -0.89 14.85
C LEU B 966 -47.55 -0.13 15.75
N ASN B 967 -47.83 0.01 17.02
CA ASN B 967 -47.00 0.80 17.90
C ASN B 967 -45.91 -0.02 18.55
N ILE B 968 -45.99 -1.35 18.51
CA ILE B 968 -44.98 -2.15 19.17
C ILE B 968 -43.68 -2.07 18.42
N ILE B 969 -43.76 -1.77 17.12
CA ILE B 969 -42.60 -1.59 16.27
C ILE B 969 -41.68 -0.53 16.83
N PHE B 970 -42.21 0.54 17.42
CA PHE B 970 -41.36 1.58 17.96
C PHE B 970 -40.63 1.12 19.20
N TRP B 971 -41.23 0.22 19.97
CA TRP B 971 -40.58 -0.23 21.18
C TRP B 971 -39.53 -1.29 20.86
N TYR B 972 -39.78 -2.11 19.84
CA TYR B 972 -38.75 -3.04 19.40
C TYR B 972 -37.58 -2.33 18.75
N VAL B 973 -37.83 -1.23 18.04
CA VAL B 973 -36.72 -0.44 17.54
C VAL B 973 -35.97 0.19 18.70
N ARG B 974 -36.70 0.54 19.76
CA ARG B 974 -36.05 1.06 20.96
C ARG B 974 -35.16 0.02 21.63
N LEU B 975 -35.38 -1.27 21.40
CA LEU B 975 -34.39 -2.25 21.86
C LEU B 975 -33.02 -2.15 21.21
N LEU B 976 -32.89 -1.46 20.08
CA LEU B 976 -31.56 -1.29 19.52
C LEU B 976 -30.77 -0.23 20.27
N ASP B 977 -31.43 0.65 21.00
CA ASP B 977 -30.74 1.59 21.87
C ASP B 977 -30.11 0.86 23.04
N PHE B 978 -30.74 -0.22 23.51
CA PHE B 978 -30.18 -1.00 24.60
C PHE B 978 -29.00 -1.83 24.15
N LEU B 979 -29.19 -2.46 23.01
CA LEU B 979 -28.19 -3.33 22.41
C LEU B 979 -26.96 -2.58 22.04
N ALA B 980 -27.16 -1.38 21.51
CA ALA B 980 -26.07 -0.56 21.04
C ALA B 980 -25.27 0.03 22.18
N VAL B 981 -25.05 -0.71 23.26
CA VAL B 981 -24.21 -0.21 24.34
C VAL B 981 -22.99 -1.07 24.60
N ASN B 982 -22.87 -2.23 23.96
CA ASN B 982 -21.65 -2.99 24.13
C ASN B 982 -20.70 -2.76 22.97
N GLN B 983 -19.47 -3.23 23.15
CA GLN B 983 -18.35 -2.87 22.29
C GLN B 983 -18.56 -3.36 20.88
N GLN B 984 -19.22 -4.50 20.71
CA GLN B 984 -19.30 -5.15 19.42
C GLN B 984 -20.56 -4.83 18.64
N ALA B 985 -21.71 -4.71 19.30
CA ALA B 985 -22.95 -4.45 18.59
C ALA B 985 -23.29 -2.99 18.50
N GLY B 986 -22.52 -2.12 19.10
CA GLY B 986 -22.73 -0.71 18.98
C GLY B 986 -22.48 -0.15 17.61
N PRO B 987 -21.28 -0.37 17.05
CA PRO B 987 -21.00 0.11 15.70
C PRO B 987 -21.91 -0.43 14.62
N TYR B 988 -22.51 -1.60 14.77
CA TYR B 988 -23.39 -2.06 13.71
C TYR B 988 -24.71 -1.31 13.73
N VAL B 989 -25.23 -1.00 14.91
CA VAL B 989 -26.45 -0.23 14.97
C VAL B 989 -26.18 1.20 14.55
N MET B 990 -25.00 1.73 14.89
CA MET B 990 -24.64 3.06 14.42
C MET B 990 -24.25 3.06 12.96
N MET B 991 -24.16 1.90 12.35
CA MET B 991 -23.71 1.71 10.98
C MET B 991 -24.84 1.48 10.00
N ILE B 992 -25.90 0.83 10.47
CA ILE B 992 -27.08 0.57 9.65
C ILE B 992 -27.71 1.86 9.18
N GLY B 993 -27.88 2.83 10.06
CA GLY B 993 -28.45 4.09 9.64
C GLY B 993 -27.53 4.90 8.77
N LYS B 994 -26.24 4.74 8.98
CA LYS B 994 -25.25 5.46 8.20
C LYS B 994 -25.09 4.86 6.82
N MET B 995 -25.64 3.68 6.59
CA MET B 995 -25.61 3.12 5.25
C MET B 995 -26.97 3.12 4.57
N VAL B 996 -28.07 3.13 5.34
CA VAL B 996 -29.38 3.46 4.79
C VAL B 996 -29.39 4.88 4.25
N ALA B 997 -28.78 5.81 4.97
CA ALA B 997 -28.71 7.18 4.46
C ALA B 997 -27.76 7.34 3.30
N ASN B 998 -27.08 6.28 2.90
CA ASN B 998 -26.01 6.34 1.94
C ASN B 998 -26.33 5.58 0.66
N MET B 999 -27.25 4.62 0.71
CA MET B 999 -27.65 3.86 -0.46
C MET B 999 -28.91 4.40 -1.12
N PHE B 1000 -29.36 5.58 -0.71
CA PHE B 1000 -30.68 6.07 -1.08
C PHE B 1000 -30.80 6.26 -2.57
N TYR B 1001 -29.74 6.65 -3.25
CA TYR B 1001 -29.86 6.87 -4.66
C TYR B 1001 -29.58 5.64 -5.50
N ILE B 1002 -29.25 4.51 -4.89
CA ILE B 1002 -29.37 3.27 -5.64
C ILE B 1002 -30.77 2.74 -5.48
N VAL B 1003 -31.38 2.95 -4.31
CA VAL B 1003 -32.77 2.55 -4.13
C VAL B 1003 -33.73 3.40 -4.96
N VAL B 1004 -33.39 4.65 -5.29
CA VAL B 1004 -34.26 5.42 -6.16
C VAL B 1004 -34.24 4.86 -7.58
N ILE B 1005 -33.06 4.51 -8.09
CA ILE B 1005 -32.94 3.91 -9.42
C ILE B 1005 -33.66 2.57 -9.47
N MET B 1006 -33.60 1.80 -8.40
CA MET B 1006 -34.38 0.57 -8.33
C MET B 1006 -35.86 0.84 -8.31
N ALA B 1007 -36.28 1.99 -7.79
CA ALA B 1007 -37.71 2.30 -7.82
C ALA B 1007 -38.18 2.79 -9.18
N LEU B 1008 -37.30 3.42 -9.95
CA LEU B 1008 -37.67 3.77 -11.33
C LEU B 1008 -37.76 2.54 -12.21
N VAL B 1009 -36.83 1.60 -12.04
CA VAL B 1009 -36.94 0.35 -12.77
C VAL B 1009 -38.20 -0.41 -12.34
N LEU B 1010 -38.52 -0.31 -11.06
CA LEU B 1010 -39.73 -0.93 -10.55
C LEU B 1010 -40.98 -0.34 -11.19
N LEU B 1011 -41.06 0.98 -11.33
CA LEU B 1011 -42.21 1.59 -11.98
C LEU B 1011 -42.26 1.30 -13.46
N SER B 1012 -41.11 1.38 -14.13
CA SER B 1012 -41.09 1.20 -15.57
C SER B 1012 -41.28 -0.23 -16.00
N PHE B 1013 -41.28 -1.20 -15.08
CA PHE B 1013 -41.92 -2.47 -15.39
C PHE B 1013 -43.33 -2.57 -14.86
N GLY B 1014 -43.64 -1.91 -13.76
CA GLY B 1014 -44.96 -2.06 -13.18
C GLY B 1014 -46.07 -1.50 -14.03
N VAL B 1015 -45.81 -0.41 -14.75
CA VAL B 1015 -46.86 0.24 -15.51
C VAL B 1015 -47.18 -0.46 -16.84
N PRO B 1016 -46.23 -0.81 -17.72
CA PRO B 1016 -46.65 -1.53 -18.93
C PRO B 1016 -47.05 -2.96 -18.69
N ARG B 1017 -46.73 -3.57 -17.56
CA ARG B 1017 -47.22 -4.92 -17.31
C ARG B 1017 -48.70 -4.91 -17.01
N LYS B 1018 -49.17 -3.99 -16.17
CA LYS B 1018 -50.61 -3.84 -15.97
C LYS B 1018 -51.29 -3.34 -17.23
N ALA B 1019 -50.69 -2.35 -17.86
CA ALA B 1019 -51.28 -1.74 -19.04
C ALA B 1019 -51.43 -2.71 -20.19
N ILE B 1020 -50.53 -3.67 -20.32
CA ILE B 1020 -50.69 -4.72 -21.32
C ILE B 1020 -51.70 -5.75 -20.85
N LEU B 1021 -51.59 -6.19 -19.60
CA LEU B 1021 -52.44 -7.29 -19.15
C LEU B 1021 -53.88 -6.85 -18.87
N TYR B 1022 -54.09 -5.63 -18.39
CA TYR B 1022 -55.41 -5.19 -17.93
C TYR B 1022 -55.85 -3.97 -18.73
N PRO B 1023 -56.40 -4.15 -19.94
CA PRO B 1023 -56.80 -2.99 -20.71
C PRO B 1023 -58.09 -2.36 -20.24
N HIS B 1024 -59.01 -3.15 -19.69
CA HIS B 1024 -60.32 -2.64 -19.32
C HIS B 1024 -60.36 -2.32 -17.84
N GLU B 1025 -59.94 -1.11 -17.49
CA GLU B 1025 -59.98 -0.67 -16.12
C GLU B 1025 -60.69 0.66 -16.02
N GLU B 1026 -61.14 0.95 -14.80
CA GLU B 1026 -61.82 2.17 -14.48
C GLU B 1026 -60.89 2.78 -13.45
N PRO B 1027 -60.78 4.17 -13.47
CA PRO B 1027 -59.82 4.69 -12.47
C PRO B 1027 -60.17 4.31 -11.05
N SER B 1028 -59.16 3.92 -10.30
CA SER B 1028 -59.30 3.55 -8.90
C SER B 1028 -57.94 3.68 -8.25
N TRP B 1029 -57.93 3.64 -6.92
CA TRP B 1029 -56.66 3.65 -6.23
C TRP B 1029 -56.03 2.28 -6.13
N SER B 1030 -56.70 1.24 -6.63
CA SER B 1030 -56.08 -0.06 -6.77
C SER B 1030 -55.19 -0.16 -7.99
N LEU B 1031 -55.11 0.88 -8.82
CA LEU B 1031 -54.12 0.88 -9.88
C LEU B 1031 -52.72 1.08 -9.33
N ALA B 1032 -52.56 1.98 -8.36
CA ALA B 1032 -51.26 2.19 -7.73
C ALA B 1032 -50.79 0.95 -7.01
N LYS B 1033 -51.69 0.31 -6.29
CA LYS B 1033 -51.34 -0.88 -5.52
C LYS B 1033 -50.90 -2.00 -6.43
N ASP B 1034 -51.53 -2.14 -7.58
CA ASP B 1034 -51.16 -3.24 -8.43
C ASP B 1034 -50.05 -2.92 -9.42
N ILE B 1035 -49.67 -1.65 -9.60
CA ILE B 1035 -48.48 -1.41 -10.39
C ILE B 1035 -47.23 -1.49 -9.54
N VAL B 1036 -47.32 -1.13 -8.25
CA VAL B 1036 -46.14 -1.26 -7.42
C VAL B 1036 -46.04 -2.66 -6.84
N PHE B 1037 -47.19 -3.28 -6.57
CA PHE B 1037 -47.28 -4.50 -5.76
C PHE B 1037 -46.55 -5.69 -6.38
N HIS B 1038 -47.01 -6.16 -7.55
CA HIS B 1038 -46.46 -7.38 -8.10
C HIS B 1038 -45.01 -7.29 -8.57
N PRO B 1039 -44.50 -6.22 -9.19
CA PRO B 1039 -43.07 -6.18 -9.44
C PRO B 1039 -42.23 -5.87 -8.23
N TYR B 1040 -42.80 -5.57 -7.08
CA TYR B 1040 -41.95 -5.34 -5.93
C TYR B 1040 -41.44 -6.64 -5.35
N TRP B 1041 -42.26 -7.68 -5.34
CA TRP B 1041 -41.85 -8.93 -4.73
C TRP B 1041 -40.97 -9.75 -5.63
N MET B 1042 -40.69 -9.30 -6.85
CA MET B 1042 -39.82 -10.03 -7.74
C MET B 1042 -38.37 -9.77 -7.44
N ILE B 1043 -38.07 -8.72 -6.68
CA ILE B 1043 -36.72 -8.50 -6.22
C ILE B 1043 -36.36 -9.54 -5.17
N PHE B 1044 -37.36 -10.08 -4.48
CA PHE B 1044 -37.18 -10.82 -3.26
C PHE B 1044 -37.41 -12.30 -3.44
N GLY B 1045 -37.50 -12.77 -4.67
CA GLY B 1045 -37.54 -14.19 -4.88
C GLY B 1045 -38.74 -14.67 -5.63
N GLU B 1046 -39.88 -14.01 -5.49
CA GLU B 1046 -41.10 -14.52 -6.10
C GLU B 1046 -41.16 -14.07 -7.55
N VAL B 1047 -41.08 -15.03 -8.46
CA VAL B 1047 -41.05 -14.71 -9.89
C VAL B 1047 -42.44 -14.76 -10.48
N TYR B 1048 -43.44 -15.23 -9.72
CA TYR B 1048 -44.81 -15.45 -10.16
C TYR B 1048 -44.84 -16.30 -11.41
N ALA B 1049 -44.37 -17.54 -11.25
CA ALA B 1049 -43.96 -18.35 -12.38
C ALA B 1049 -45.11 -18.72 -13.29
N TYR B 1050 -46.30 -18.92 -12.71
CA TYR B 1050 -47.43 -19.34 -13.53
C TYR B 1050 -48.14 -18.15 -14.13
N GLU B 1051 -47.95 -16.96 -13.56
CA GLU B 1051 -48.57 -15.78 -14.13
C GLU B 1051 -47.82 -15.28 -15.36
N ILE B 1052 -46.54 -15.62 -15.49
CA ILE B 1052 -45.82 -15.41 -16.73
C ILE B 1052 -46.43 -16.33 -17.77
N ASP B 1053 -46.38 -15.95 -19.06
CA ASP B 1053 -47.06 -16.65 -20.15
C ASP B 1053 -48.52 -16.88 -19.82
N VAL B 1054 -49.26 -15.78 -19.83
CA VAL B 1054 -50.63 -15.84 -19.37
C VAL B 1054 -51.47 -16.60 -20.39
N CYS B 1055 -51.03 -16.58 -21.65
CA CYS B 1055 -51.69 -17.31 -22.72
C CYS B 1055 -51.48 -18.81 -22.63
N ALA B 1056 -50.41 -19.26 -22.00
CA ALA B 1056 -50.01 -20.66 -22.09
C ALA B 1056 -50.90 -21.55 -21.23
N ASN B 1057 -50.85 -22.85 -21.52
CA ASN B 1057 -51.39 -23.83 -20.59
C ASN B 1057 -50.46 -23.94 -19.39
N ASP B 1058 -50.93 -24.68 -18.38
CA ASP B 1058 -50.28 -24.81 -17.07
C ASP B 1058 -50.04 -23.43 -16.46
N SER B 1059 -51.14 -22.69 -16.38
CA SER B 1059 -51.09 -21.30 -15.97
C SER B 1059 -52.28 -20.96 -15.11
N THR B 1060 -52.02 -20.24 -14.03
CA THR B 1060 -53.07 -19.51 -13.36
C THR B 1060 -53.33 -18.24 -14.16
N LEU B 1061 -54.36 -17.51 -13.77
CA LEU B 1061 -54.94 -16.39 -14.51
C LEU B 1061 -55.27 -16.69 -15.98
N PRO B 1062 -56.05 -17.72 -16.32
CA PRO B 1062 -56.25 -18.03 -17.73
C PRO B 1062 -57.27 -17.15 -18.44
N THR B 1063 -57.96 -16.27 -17.70
CA THR B 1063 -58.92 -15.37 -18.31
C THR B 1063 -58.22 -14.20 -18.99
N ILE B 1064 -56.98 -13.92 -18.62
CA ILE B 1064 -56.25 -12.81 -19.23
C ILE B 1064 -55.53 -13.34 -20.46
N CYS B 1065 -56.21 -13.45 -21.58
CA CYS B 1065 -55.56 -13.95 -22.78
C CYS B 1065 -55.83 -13.02 -23.96
N GLY B 1066 -55.94 -11.73 -23.69
CA GLY B 1066 -56.15 -10.74 -24.71
C GLY B 1066 -54.98 -10.62 -25.66
N PRO B 1067 -55.19 -9.93 -26.78
CA PRO B 1067 -54.07 -9.61 -27.67
C PRO B 1067 -53.03 -8.77 -26.99
N GLY B 1068 -51.76 -9.13 -27.14
CA GLY B 1068 -50.67 -8.38 -26.60
C GLY B 1068 -50.04 -8.95 -25.36
N THR B 1069 -50.68 -9.91 -24.71
CA THR B 1069 -50.16 -10.44 -23.46
C THR B 1069 -48.97 -11.35 -23.63
N TRP B 1070 -48.51 -11.60 -24.85
CA TRP B 1070 -47.27 -12.32 -25.11
C TRP B 1070 -46.03 -11.47 -24.89
N LEU B 1071 -46.19 -10.19 -24.57
CA LEU B 1071 -45.07 -9.31 -24.34
C LEU B 1071 -44.56 -9.35 -22.93
N THR B 1072 -45.42 -9.67 -21.96
CA THR B 1072 -45.01 -9.61 -20.57
C THR B 1072 -43.94 -10.60 -20.11
N PRO B 1073 -43.74 -11.79 -20.69
CA PRO B 1073 -42.52 -12.52 -20.34
C PRO B 1073 -41.24 -11.85 -20.80
N PHE B 1074 -41.28 -11.07 -21.87
CA PHE B 1074 -40.07 -10.37 -22.28
C PHE B 1074 -39.82 -9.17 -21.38
N LEU B 1075 -40.88 -8.48 -20.97
CA LEU B 1075 -40.70 -7.36 -20.05
C LEU B 1075 -40.28 -7.84 -18.68
N GLN B 1076 -40.80 -8.97 -18.22
CA GLN B 1076 -40.36 -9.50 -16.95
C GLN B 1076 -38.97 -10.08 -17.03
N ALA B 1077 -38.57 -10.56 -18.19
CA ALA B 1077 -37.21 -11.04 -18.35
C ALA B 1077 -36.20 -9.91 -18.29
N VAL B 1078 -36.48 -8.79 -18.96
CA VAL B 1078 -35.56 -7.66 -18.91
C VAL B 1078 -35.60 -7.00 -17.54
N TYR B 1079 -36.75 -6.97 -16.90
CA TYR B 1079 -36.86 -6.39 -15.56
C TYR B 1079 -36.10 -7.18 -14.53
N LEU B 1080 -36.22 -8.50 -14.55
CA LEU B 1080 -35.48 -9.29 -13.57
C LEU B 1080 -34.01 -9.32 -13.87
N PHE B 1081 -33.63 -9.21 -15.15
CA PHE B 1081 -32.21 -9.12 -15.45
C PHE B 1081 -31.63 -7.84 -14.91
N VAL B 1082 -32.27 -6.72 -15.16
CA VAL B 1082 -31.73 -5.43 -14.74
C VAL B 1082 -31.77 -5.27 -13.24
N GLN B 1083 -32.89 -5.63 -12.64
CA GLN B 1083 -33.07 -5.50 -11.20
C GLN B 1083 -32.15 -6.43 -10.45
N TYR B 1084 -32.26 -7.73 -10.71
CA TYR B 1084 -31.58 -8.72 -9.91
C TYR B 1084 -30.13 -8.89 -10.29
N ILE B 1085 -29.73 -8.58 -11.51
CA ILE B 1085 -28.36 -8.85 -11.92
C ILE B 1085 -27.56 -7.56 -11.96
N ILE B 1086 -28.21 -6.42 -12.17
CA ILE B 1086 -27.47 -5.17 -12.15
C ILE B 1086 -27.69 -4.40 -10.88
N MET B 1087 -28.94 -4.25 -10.43
CA MET B 1087 -29.16 -3.25 -9.39
C MET B 1087 -28.88 -3.82 -8.00
N VAL B 1088 -29.41 -5.01 -7.70
CA VAL B 1088 -29.18 -5.58 -6.37
C VAL B 1088 -27.80 -6.19 -6.28
N ASN B 1089 -27.07 -6.19 -7.37
CA ASN B 1089 -25.71 -6.65 -7.42
C ASN B 1089 -24.74 -5.49 -7.51
N LEU B 1090 -25.21 -4.30 -7.83
CA LEU B 1090 -24.46 -3.07 -7.64
C LEU B 1090 -24.66 -2.54 -6.23
N LEU B 1091 -25.64 -3.06 -5.52
CA LEU B 1091 -25.85 -2.68 -4.14
C LEU B 1091 -24.98 -3.50 -3.20
N ILE B 1092 -24.72 -4.76 -3.54
CA ILE B 1092 -23.75 -5.56 -2.80
C ILE B 1092 -22.35 -4.98 -2.96
N ALA B 1093 -22.00 -4.56 -4.18
CA ALA B 1093 -20.72 -3.92 -4.41
C ALA B 1093 -20.63 -2.59 -3.70
N PHE B 1094 -21.74 -1.87 -3.61
CA PHE B 1094 -21.75 -0.59 -2.90
C PHE B 1094 -21.49 -0.77 -1.41
N PHE B 1095 -22.22 -1.67 -0.75
CA PHE B 1095 -21.99 -1.90 0.67
C PHE B 1095 -20.64 -2.48 0.93
N ASN B 1096 -20.20 -3.32 0.02
CA ASN B 1096 -18.94 -3.99 0.12
C ASN B 1096 -17.76 -3.06 0.10
N ASN B 1097 -17.82 -2.03 -0.73
CA ASN B 1097 -16.72 -1.10 -0.85
C ASN B 1097 -16.87 0.12 0.05
N VAL B 1098 -18.06 0.34 0.61
CA VAL B 1098 -18.28 1.42 1.58
C VAL B 1098 -18.12 0.95 3.02
N TYR B 1099 -18.12 -0.37 3.25
CA TYR B 1099 -18.17 -0.96 4.57
C TYR B 1099 -17.03 -0.51 5.45
N LEU B 1100 -15.83 -0.42 4.91
CA LEU B 1100 -14.68 -0.25 5.79
C LEU B 1100 -14.57 1.19 6.27
N GLN B 1101 -14.90 2.14 5.41
CA GLN B 1101 -14.90 3.53 5.86
C GLN B 1101 -16.09 3.82 6.76
N VAL B 1102 -17.23 3.15 6.55
CA VAL B 1102 -18.35 3.40 7.46
C VAL B 1102 -18.16 2.65 8.78
N LYS B 1103 -17.38 1.58 8.79
CA LYS B 1103 -17.06 0.95 10.06
C LYS B 1103 -16.07 1.81 10.84
N ALA B 1104 -15.11 2.43 10.16
CA ALA B 1104 -14.16 3.28 10.87
C ALA B 1104 -14.83 4.56 11.37
N ILE B 1105 -15.77 5.12 10.63
CA ILE B 1105 -16.50 6.29 11.09
C ILE B 1105 -17.45 5.93 12.21
N SER B 1106 -18.23 4.89 12.01
CA SER B 1106 -19.29 4.50 12.93
C SER B 1106 -18.76 3.98 14.24
N ASN B 1107 -17.55 3.43 14.24
CA ASN B 1107 -16.92 3.03 15.48
C ASN B 1107 -16.60 4.24 16.35
N ILE B 1108 -16.11 5.31 15.73
CA ILE B 1108 -15.79 6.54 16.45
C ILE B 1108 -17.05 7.27 16.88
N VAL B 1109 -18.11 7.24 16.08
CA VAL B 1109 -19.37 7.84 16.49
C VAL B 1109 -19.97 7.08 17.66
N TRP B 1110 -19.79 5.77 17.71
CA TRP B 1110 -20.22 5.03 18.89
C TRP B 1110 -19.40 5.40 20.11
N LYS B 1111 -18.06 5.42 19.98
CA LYS B 1111 -17.20 5.77 21.10
C LYS B 1111 -17.44 7.17 21.62
N TYR B 1112 -17.90 8.08 20.75
CA TYR B 1112 -18.24 9.41 21.22
C TYR B 1112 -19.59 9.42 21.92
N GLN B 1113 -20.59 8.73 21.38
CA GLN B 1113 -21.90 8.77 22.01
C GLN B 1113 -22.00 7.93 23.26
N ARG B 1114 -21.00 7.10 23.52
CA ARG B 1114 -20.90 6.40 24.80
C ARG B 1114 -20.73 7.37 25.97
N TYR B 1115 -20.15 8.55 25.74
CA TYR B 1115 -20.09 9.56 26.79
C TYR B 1115 -21.46 10.05 27.18
N HIS B 1116 -22.26 10.47 26.21
CA HIS B 1116 -23.61 10.94 26.47
C HIS B 1116 -24.52 9.84 26.93
N PHE B 1117 -24.15 8.59 26.70
CA PHE B 1117 -24.94 7.51 27.25
C PHE B 1117 -24.62 7.28 28.72
N ILE B 1118 -23.36 7.34 29.11
CA ILE B 1118 -23.01 7.07 30.51
C ILE B 1118 -23.40 8.24 31.41
N MET B 1119 -23.22 9.47 30.93
CA MET B 1119 -23.64 10.62 31.71
C MET B 1119 -25.15 10.76 31.84
N ALA B 1120 -25.94 9.98 31.12
CA ALA B 1120 -27.35 9.91 31.44
C ALA B 1120 -27.58 9.00 32.63
N TYR B 1121 -26.82 7.92 32.73
CA TYR B 1121 -26.97 7.00 33.85
C TYR B 1121 -26.28 7.47 35.10
N HIS B 1122 -25.55 8.57 35.08
CA HIS B 1122 -25.27 9.21 36.36
C HIS B 1122 -26.39 10.10 36.85
N GLU B 1123 -27.48 10.21 36.10
CA GLU B 1123 -28.56 11.10 36.46
C GLU B 1123 -29.89 10.39 36.63
N LYS B 1124 -30.06 9.21 36.05
CA LYS B 1124 -31.31 8.48 36.18
C LYS B 1124 -31.49 7.97 37.61
N PRO B 1125 -32.70 8.05 38.15
CA PRO B 1125 -32.94 7.53 39.50
C PRO B 1125 -32.93 6.02 39.48
N VAL B 1126 -32.66 5.38 40.61
CA VAL B 1126 -32.55 3.94 40.60
C VAL B 1126 -33.85 3.12 40.59
N LEU B 1127 -34.64 3.29 39.53
CA LEU B 1127 -35.86 2.51 39.39
C LEU B 1127 -36.33 2.38 37.94
N PRO B 1128 -36.82 1.13 37.55
CA PRO B 1128 -37.32 1.09 36.17
C PRO B 1128 -38.64 1.84 36.13
N PRO B 1129 -38.90 2.59 35.07
CA PRO B 1129 -40.11 3.40 34.97
C PRO B 1129 -41.43 2.79 35.41
N PRO B 1130 -41.64 1.47 35.55
CA PRO B 1130 -42.88 1.10 36.24
C PRO B 1130 -42.78 1.30 37.73
N LEU B 1131 -41.60 1.10 38.30
CA LEU B 1131 -41.33 1.35 39.69
C LEU B 1131 -41.00 2.81 39.96
N ILE B 1132 -40.92 3.65 38.93
CA ILE B 1132 -40.80 5.07 39.22
C ILE B 1132 -42.21 5.59 39.39
N ILE B 1133 -42.76 5.35 40.57
CA ILE B 1133 -43.78 6.20 41.14
C ILE B 1133 -43.26 6.83 42.41
N LEU B 1134 -42.14 6.34 42.94
CA LEU B 1134 -41.53 6.85 44.15
C LEU B 1134 -40.61 8.03 43.85
N SER B 1135 -39.61 7.82 42.98
CA SER B 1135 -38.49 8.74 42.86
C SER B 1135 -38.79 10.01 42.07
N HIS B 1136 -40.05 10.28 41.70
CA HIS B 1136 -40.42 11.65 41.35
C HIS B 1136 -41.37 12.28 42.35
N ILE B 1137 -42.08 11.49 43.16
CA ILE B 1137 -42.77 12.05 44.31
C ILE B 1137 -41.75 12.49 45.36
N VAL B 1138 -40.64 11.77 45.47
CA VAL B 1138 -39.55 12.16 46.37
C VAL B 1138 -38.89 13.44 45.87
N SER B 1139 -38.32 13.38 44.66
CA SER B 1139 -37.60 14.53 44.12
C SER B 1139 -37.88 14.72 42.64
N GLY B 1156 -22.95 17.97 41.32
CA GLY B 1156 -22.68 17.22 40.10
C GLY B 1156 -21.84 15.99 40.33
N PRO B 1157 -21.25 15.47 39.25
CA PRO B 1157 -20.39 14.29 39.38
C PRO B 1157 -18.93 14.58 39.66
N LYS B 1158 -18.60 15.75 40.22
CA LYS B 1158 -17.25 16.30 40.27
C LYS B 1158 -16.21 15.37 40.90
N LEU B 1159 -14.97 15.48 40.41
CA LEU B 1159 -13.84 14.70 40.90
C LEU B 1159 -13.28 15.40 42.13
N PHE B 1160 -12.97 14.63 43.17
CA PHE B 1160 -12.47 15.20 44.41
C PHE B 1160 -11.00 14.84 44.58
N LEU B 1161 -10.14 15.85 44.56
CA LEU B 1161 -8.72 15.71 44.86
C LEU B 1161 -8.38 16.53 46.09
N THR B 1162 -7.47 15.99 46.90
CA THR B 1162 -6.95 16.73 48.04
C THR B 1162 -6.02 17.84 47.57
N GLU B 1163 -5.57 18.67 48.51
CA GLU B 1163 -4.59 19.68 48.19
C GLU B 1163 -3.24 19.07 47.85
N GLU B 1164 -2.95 17.89 48.40
CA GLU B 1164 -1.71 17.21 48.08
C GLU B 1164 -1.72 16.68 46.66
N ASP B 1165 -2.76 15.94 46.29
CA ASP B 1165 -2.80 15.26 45.01
C ASP B 1165 -3.16 16.19 43.88
N GLN B 1166 -3.66 17.38 44.18
CA GLN B 1166 -3.82 18.37 43.12
C GLN B 1166 -2.47 18.93 42.72
N LYS B 1167 -1.52 18.98 43.65
CA LYS B 1167 -0.17 19.40 43.30
C LYS B 1167 0.61 18.26 42.66
N LYS B 1168 0.43 17.04 43.16
CA LYS B 1168 1.07 15.88 42.55
C LYS B 1168 0.52 15.62 41.15
N LEU B 1169 -0.74 15.96 40.91
CA LEU B 1169 -1.29 15.91 39.57
C LEU B 1169 -0.78 17.07 38.74
N HIS B 1170 -0.63 18.23 39.37
CA HIS B 1170 -0.29 19.42 38.62
C HIS B 1170 1.16 19.44 38.16
N ASP B 1171 2.05 18.69 38.81
CA ASP B 1171 3.37 18.50 38.21
C ASP B 1171 3.50 17.18 37.49
N PHE B 1172 2.40 16.45 37.33
CA PHE B 1172 2.35 15.39 36.33
C PHE B 1172 2.02 15.95 34.97
N GLU B 1173 1.11 16.93 34.93
CA GLU B 1173 0.75 17.50 33.64
C GLU B 1173 1.92 18.26 33.02
N GLU B 1174 2.71 18.95 33.83
CA GLU B 1174 3.85 19.68 33.31
C GLU B 1174 4.92 18.74 32.79
N GLN B 1175 5.11 17.61 33.46
CA GLN B 1175 6.06 16.63 32.99
C GLN B 1175 5.61 16.01 31.68
N CYS B 1176 4.31 15.78 31.52
CA CYS B 1176 3.86 15.20 30.25
C CYS B 1176 3.91 16.20 29.11
N VAL B 1177 3.75 17.48 29.39
CA VAL B 1177 3.87 18.46 28.31
C VAL B 1177 5.33 18.62 27.91
N GLU B 1178 6.24 18.69 28.88
CA GLU B 1178 7.65 18.83 28.56
C GLU B 1178 8.20 17.60 27.87
N MET B 1179 7.69 16.41 28.21
CA MET B 1179 8.07 15.24 27.45
C MET B 1179 7.42 15.23 26.09
N TYR B 1180 6.30 15.91 25.91
CA TYR B 1180 5.71 15.99 24.57
C TYR B 1180 6.55 16.86 23.65
N PHE B 1181 7.03 17.99 24.14
CA PHE B 1181 7.83 18.82 23.26
C PHE B 1181 9.27 18.33 23.13
N ASP B 1182 9.79 17.60 24.10
CA ASP B 1182 11.08 16.95 23.88
C ASP B 1182 10.96 15.80 22.92
N GLU B 1183 9.95 14.95 23.11
CA GLU B 1183 9.73 13.80 22.23
C GLU B 1183 9.26 14.22 20.84
N LYS B 1184 8.81 15.47 20.68
CA LYS B 1184 8.45 16.01 19.37
C LYS B 1184 9.66 16.12 18.45
N ASP B 1185 10.88 16.15 19.00
CA ASP B 1185 12.10 16.11 18.20
C ASP B 1185 12.61 14.70 17.95
N ASP B 1186 11.78 13.68 18.14
CA ASP B 1186 12.05 12.39 17.51
C ASP B 1186 11.68 12.43 16.04
N LYS B 1187 10.69 13.23 15.68
CA LYS B 1187 10.29 13.30 14.28
C LYS B 1187 11.08 14.37 13.54
N PHE B 1188 11.11 15.59 14.06
CA PHE B 1188 11.67 16.68 13.28
C PHE B 1188 13.18 16.61 13.22
N ASN B 1189 13.82 16.25 14.31
CA ASN B 1189 15.20 15.77 14.22
C ASN B 1189 15.15 14.27 14.07
N SER B 1190 16.30 13.67 13.76
CA SER B 1190 16.51 12.22 13.71
C SER B 1190 15.61 11.50 12.72
N GLY B 1191 15.01 12.22 11.78
CA GLY B 1191 14.37 11.59 10.66
C GLY B 1191 15.32 11.50 9.50
N SER B 1192 15.00 10.65 8.53
CA SER B 1192 15.84 10.54 7.34
C SER B 1192 15.88 11.85 6.59
N GLU B 1193 14.73 12.53 6.47
CA GLU B 1193 14.65 13.71 5.63
C GLU B 1193 15.39 14.90 6.24
N GLU B 1194 15.45 14.96 7.58
CA GLU B 1194 16.17 16.06 8.21
C GLU B 1194 17.66 15.80 8.23
N ARG B 1195 18.07 14.57 8.49
CA ARG B 1195 19.51 14.26 8.50
C ARG B 1195 20.12 14.39 7.11
N ILE B 1196 19.36 14.08 6.06
CA ILE B 1196 19.81 14.35 4.70
C ILE B 1196 19.90 15.86 4.47
N ARG B 1197 18.97 16.62 5.05
CA ARG B 1197 18.91 18.05 4.80
C ARG B 1197 20.09 18.75 5.45
N VAL B 1198 20.45 18.35 6.67
CA VAL B 1198 21.50 19.06 7.38
C VAL B 1198 22.86 18.73 6.79
N THR B 1199 23.08 17.47 6.40
CA THR B 1199 24.32 17.13 5.71
C THR B 1199 24.39 17.79 4.35
N PHE B 1200 23.26 18.03 3.70
CA PHE B 1200 23.28 18.80 2.46
C PHE B 1200 23.70 20.24 2.72
N GLU B 1201 23.28 20.79 3.85
CA GLU B 1201 23.72 22.14 4.20
C GLU B 1201 25.09 22.12 4.83
N ARG B 1202 25.48 21.03 5.47
CA ARG B 1202 26.83 20.98 6.02
C ARG B 1202 27.85 20.77 4.92
N VAL B 1203 27.59 19.89 3.95
CA VAL B 1203 28.58 19.61 2.91
C VAL B 1203 28.71 20.78 1.94
N GLU B 1204 27.63 21.51 1.70
CA GLU B 1204 27.66 22.65 0.78
C GLU B 1204 28.57 23.75 1.29
N GLN B 1205 28.42 24.12 2.57
CA GLN B 1205 29.32 25.11 3.14
C GLN B 1205 30.71 24.56 3.40
N MET B 1206 30.79 23.24 3.57
CA MET B 1206 32.03 22.52 3.80
C MET B 1206 32.96 22.53 2.59
N SER B 1207 32.39 22.33 1.40
CA SER B 1207 33.13 22.32 0.15
C SER B 1207 33.66 23.71 -0.17
N ILE B 1208 32.91 24.74 0.23
CA ILE B 1208 33.40 26.11 0.12
C ILE B 1208 34.64 26.32 0.98
N GLN B 1209 34.63 25.75 2.19
CA GLN B 1209 35.76 25.91 3.10
C GLN B 1209 36.99 25.15 2.62
N ILE B 1210 36.81 23.98 2.02
CA ILE B 1210 37.95 23.25 1.47
C ILE B 1210 38.49 23.95 0.24
N LYS B 1211 37.61 24.51 -0.58
CA LYS B 1211 38.05 25.31 -1.72
C LYS B 1211 38.82 26.54 -1.26
N GLU B 1212 38.42 27.14 -0.14
CA GLU B 1212 39.18 28.24 0.41
C GLU B 1212 40.52 27.76 0.97
N VAL B 1213 40.51 26.65 1.72
CA VAL B 1213 41.75 26.12 2.28
C VAL B 1213 42.64 25.57 1.19
N GLY B 1214 42.04 24.89 0.21
CA GLY B 1214 42.82 24.36 -0.91
C GLY B 1214 43.44 25.44 -1.76
N ASP B 1215 42.79 26.59 -1.86
CA ASP B 1215 43.45 27.75 -2.45
C ASP B 1215 44.43 28.40 -1.48
N ARG B 1216 44.19 28.28 -0.18
CA ARG B 1216 45.15 28.80 0.79
C ARG B 1216 46.36 27.90 0.93
N VAL B 1217 46.21 26.59 0.73
CA VAL B 1217 47.37 25.70 0.72
C VAL B 1217 48.21 25.98 -0.52
N ASN B 1218 47.57 26.22 -1.66
CA ASN B 1218 48.30 26.58 -2.87
C ASN B 1218 48.94 27.96 -2.75
N TYR B 1219 48.37 28.84 -1.92
CA TYR B 1219 48.98 30.15 -1.70
C TYR B 1219 50.22 30.04 -0.82
N ILE B 1220 50.16 29.21 0.22
CA ILE B 1220 51.32 29.01 1.09
C ILE B 1220 52.41 28.25 0.34
N LYS B 1221 52.05 27.31 -0.52
CA LYS B 1221 53.04 26.59 -1.31
C LYS B 1221 53.67 27.51 -2.35
N ARG B 1222 52.90 28.44 -2.91
CA ARG B 1222 53.44 29.37 -3.89
C ARG B 1222 54.36 30.39 -3.22
N SER B 1223 53.81 31.16 -2.28
CA SER B 1223 54.55 32.30 -1.75
C SER B 1223 55.67 31.87 -0.80
N LEU B 1224 55.36 31.00 0.16
CA LEU B 1224 56.32 30.70 1.21
C LEU B 1224 57.37 29.68 0.77
N GLN B 1225 56.93 28.57 0.17
CA GLN B 1225 57.84 27.46 -0.12
C GLN B 1225 58.78 27.76 -1.27
N SER B 1226 58.41 28.66 -2.19
CA SER B 1226 59.36 29.08 -3.20
C SER B 1226 60.36 30.10 -2.64
N LEU B 1227 59.98 30.81 -1.58
CA LEU B 1227 60.83 31.82 -0.97
C LEU B 1227 61.52 31.30 0.29
N ASP B 1228 61.86 30.00 0.31
CA ASP B 1228 62.56 29.41 1.44
C ASP B 1228 64.05 29.73 1.43
N SER B 1229 64.58 30.30 0.35
CA SER B 1229 65.99 30.63 0.28
C SER B 1229 66.23 32.12 0.51
N TRP C 5 49.39 7.69 -27.62
CA TRP C 5 48.80 7.80 -28.94
C TRP C 5 47.68 6.80 -29.10
N ILE C 6 47.86 5.85 -30.02
CA ILE C 6 46.79 4.93 -30.38
C ILE C 6 46.45 4.01 -29.22
N GLU C 7 47.45 3.55 -28.48
CA GLU C 7 47.20 2.70 -27.33
C GLU C 7 46.61 3.49 -26.17
N SER C 8 46.90 4.78 -26.09
CA SER C 8 46.39 5.58 -24.98
C SER C 8 44.97 6.05 -25.24
N THR C 9 44.64 6.39 -26.49
CA THR C 9 43.28 6.79 -26.81
C THR C 9 42.32 5.61 -26.79
N LEU C 10 42.81 4.42 -27.14
CA LEU C 10 41.96 3.24 -27.10
C LEU C 10 41.67 2.82 -25.67
N THR C 11 42.66 2.95 -24.79
CA THR C 11 42.45 2.65 -23.38
C THR C 11 41.54 3.68 -22.72
N LYS C 12 41.53 4.90 -23.25
CA LYS C 12 40.59 5.91 -22.79
C LYS C 12 39.16 5.56 -23.20
N ARG C 13 38.98 5.17 -24.45
CA ARG C 13 37.65 4.86 -24.95
C ARG C 13 37.11 3.56 -24.37
N GLU C 14 37.99 2.62 -24.05
CA GLU C 14 37.53 1.38 -23.44
C GLU C 14 37.13 1.60 -21.99
N CYS C 15 37.88 2.43 -21.27
CA CYS C 15 37.49 2.80 -19.91
C CYS C 15 36.34 3.80 -19.89
N VAL C 16 36.15 4.55 -20.98
CA VAL C 16 35.12 5.57 -21.14
C VAL C 16 35.12 6.61 -20.02
N HIS C 50 37.19 -5.40 -51.54
CA HIS C 50 38.13 -5.85 -50.52
C HIS C 50 37.84 -5.17 -49.19
N ALA C 51 37.17 -5.89 -48.29
CA ALA C 51 36.81 -5.37 -46.98
C ALA C 51 37.11 -6.42 -45.92
N CYS C 52 37.63 -5.98 -44.79
CA CYS C 52 37.87 -6.84 -43.64
C CYS C 52 37.18 -6.23 -42.43
N PHE C 53 36.62 -7.07 -41.58
CA PHE C 53 36.16 -6.65 -40.25
C PHE C 53 36.91 -7.43 -39.19
N THR C 54 37.58 -6.72 -38.28
CA THR C 54 38.33 -7.35 -37.21
C THR C 54 37.42 -7.56 -36.01
N ALA C 55 37.37 -8.77 -35.49
CA ALA C 55 36.47 -9.07 -34.39
C ALA C 55 37.22 -9.54 -33.15
N TYR C 61 43.73 -0.46 -48.86
CA TYR C 61 43.25 -1.65 -48.17
C TYR C 61 42.52 -1.27 -46.89
N SER C 62 41.21 -1.05 -46.98
CA SER C 62 40.45 -0.42 -45.92
C SER C 62 39.63 -1.46 -45.18
N ASP C 63 39.77 -1.49 -43.87
CA ASP C 63 39.13 -2.50 -43.04
C ASP C 63 38.41 -1.86 -41.86
N VAL C 64 37.12 -2.16 -41.71
CA VAL C 64 36.36 -1.71 -40.56
C VAL C 64 36.70 -2.56 -39.34
N LYS C 65 36.07 -2.26 -38.22
CA LYS C 65 36.30 -2.99 -36.99
C LYS C 65 34.99 -3.28 -36.29
N LEU C 66 35.03 -4.25 -35.39
CA LEU C 66 33.84 -4.69 -34.66
C LEU C 66 34.19 -5.31 -33.32
N GLN C 72 38.71 0.06 -28.05
CA GLN C 72 39.61 -0.14 -29.17
C GLN C 72 39.20 0.73 -30.35
N ALA C 73 40.18 1.07 -31.19
CA ALA C 73 39.99 2.02 -32.27
C ALA C 73 39.15 1.37 -33.36
N ILE C 74 37.85 1.68 -33.37
CA ILE C 74 36.91 1.10 -34.32
C ILE C 74 36.93 1.92 -35.60
N GLU C 75 37.80 1.55 -36.52
CA GLU C 75 37.94 2.26 -37.78
C GLU C 75 36.71 2.09 -38.65
N GLU C 76 36.68 2.82 -39.75
CA GLU C 76 35.55 2.72 -40.68
C GLU C 76 35.99 3.06 -42.10
N ASP C 89 33.07 6.95 -34.95
CA ASP C 89 34.09 7.50 -34.08
C ASP C 89 35.47 7.27 -34.67
N ALA C 90 36.36 6.65 -33.91
CA ALA C 90 37.80 6.74 -34.11
C ALA C 90 38.31 6.07 -35.37
N TYR C 91 38.43 6.84 -36.46
CA TYR C 91 38.89 6.30 -37.74
C TYR C 91 40.41 6.27 -37.74
N GLY C 92 40.96 5.26 -37.08
CA GLY C 92 42.40 5.13 -36.94
C GLY C 92 43.06 4.79 -38.26
N VAL C 93 44.10 5.53 -38.61
CA VAL C 93 44.77 5.33 -39.88
C VAL C 93 46.27 5.15 -39.69
N ARG C 150 45.64 10.23 -12.60
CA ARG C 150 45.05 11.56 -12.69
C ARG C 150 45.13 12.12 -14.10
N ILE C 151 46.36 12.32 -14.59
CA ILE C 151 46.53 12.94 -15.90
C ILE C 151 46.17 11.95 -17.01
N LYS C 152 46.32 10.66 -16.76
CA LYS C 152 45.92 9.65 -17.74
C LYS C 152 44.40 9.64 -17.93
N GLN C 153 43.65 9.86 -16.86
CA GLN C 153 42.20 9.91 -16.98
C GLN C 153 41.67 11.31 -17.25
N LEU C 154 42.46 12.36 -17.06
CA LEU C 154 42.01 13.67 -17.49
C LEU C 154 42.22 13.87 -18.98
N LEU C 155 43.41 13.58 -19.49
CA LEU C 155 43.60 13.62 -20.93
C LEU C 155 42.94 12.42 -21.61
N GLY C 156 42.61 11.38 -20.86
CA GLY C 156 41.88 10.27 -21.42
C GLY C 156 40.38 10.50 -21.47
N LYS C 157 39.80 10.93 -20.36
CA LYS C 157 38.36 11.16 -20.27
C LYS C 157 37.96 12.57 -20.67
N GLY C 158 38.91 13.41 -21.06
CA GLY C 158 38.56 14.73 -21.54
C GLY C 158 38.15 14.70 -22.99
N LEU C 159 38.93 14.03 -23.83
CA LEU C 159 38.59 13.98 -25.25
C LEU C 159 37.41 13.06 -25.52
N ILE C 160 37.03 12.21 -24.58
CA ILE C 160 35.80 11.45 -24.73
C ILE C 160 34.60 12.36 -24.60
N LYS C 161 34.57 13.18 -23.55
CA LYS C 161 33.49 14.17 -23.43
C LYS C 161 33.64 15.31 -24.44
N ALA C 162 34.77 15.43 -25.11
CA ALA C 162 34.88 16.37 -26.22
C ALA C 162 34.51 15.75 -27.55
N ALA C 163 34.49 14.42 -27.66
CA ALA C 163 34.20 13.77 -28.91
C ALA C 163 32.80 13.18 -28.97
N VAL C 164 32.16 12.95 -27.83
CA VAL C 164 30.78 12.48 -27.83
C VAL C 164 29.83 13.61 -28.13
N THR C 165 30.04 14.76 -27.48
CA THR C 165 29.11 15.88 -27.59
C THR C 165 29.20 16.60 -28.92
N THR C 166 30.17 16.29 -29.76
CA THR C 166 30.27 16.86 -31.09
C THR C 166 30.21 15.84 -32.21
N GLY C 167 30.38 14.56 -31.91
CA GLY C 167 30.37 13.53 -32.92
C GLY C 167 31.59 13.62 -33.82
N ALA C 168 32.74 13.25 -33.29
CA ALA C 168 34.00 13.54 -33.96
C ALA C 168 34.56 12.32 -34.67
N TRP C 169 35.65 12.55 -35.40
CA TRP C 169 36.50 11.50 -35.95
C TRP C 169 37.87 11.65 -35.34
N ILE C 170 38.17 10.86 -34.32
CA ILE C 170 39.52 10.86 -33.78
C ILE C 170 40.42 10.07 -34.73
N LEU C 171 41.57 10.64 -35.09
CA LEU C 171 42.35 9.98 -36.13
C LEU C 171 43.45 9.08 -35.60
N THR C 172 44.07 9.42 -34.46
CA THR C 172 45.16 8.64 -33.82
C THR C 172 46.31 8.22 -34.74
N ARG C 260 50.75 8.92 -44.22
CA ARG C 260 50.65 10.30 -43.76
C ARG C 260 50.03 11.20 -44.83
N LEU C 261 50.30 10.88 -46.09
CA LEU C 261 49.72 11.65 -47.18
C LEU C 261 48.22 11.42 -47.28
N ARG C 262 47.77 10.19 -47.05
CA ARG C 262 46.34 9.91 -46.99
C ARG C 262 45.70 10.59 -45.79
N ARG C 263 46.46 10.76 -44.70
CA ARG C 263 45.92 11.40 -43.52
C ARG C 263 45.76 12.91 -43.74
N GLU C 264 46.80 13.57 -44.23
CA GLU C 264 46.71 15.01 -44.46
C GLU C 264 45.78 15.35 -45.62
N LEU C 265 45.71 14.46 -46.62
CA LEU C 265 44.72 14.65 -47.68
C LEU C 265 43.31 14.49 -47.14
N GLU C 266 43.12 13.54 -46.21
CA GLU C 266 41.80 13.37 -45.59
C GLU C 266 41.43 14.56 -44.73
N LYS C 267 42.41 15.22 -44.11
CA LYS C 267 42.09 16.41 -43.33
C LYS C 267 41.80 17.60 -44.22
N THR C 268 42.66 17.87 -45.19
CA THR C 268 42.46 19.05 -46.02
C THR C 268 41.30 18.91 -46.99
N ILE C 269 40.75 17.70 -47.15
CA ILE C 269 39.51 17.53 -47.88
C ILE C 269 38.32 17.37 -46.95
N ASN C 270 38.54 16.92 -45.72
CA ASN C 270 37.46 16.86 -44.74
C ASN C 270 37.08 18.26 -44.26
N GLN C 271 38.07 19.17 -44.16
CA GLN C 271 37.80 20.53 -43.71
C GLN C 271 37.14 21.37 -44.80
N GLN C 272 37.18 20.95 -46.06
CA GLN C 272 36.54 21.70 -47.12
C GLN C 272 35.11 21.25 -47.34
N ARG C 273 34.53 20.54 -46.39
CA ARG C 273 33.16 20.08 -46.41
C ARG C 273 32.26 21.21 -45.89
N ILE C 274 30.93 21.04 -46.00
CA ILE C 274 29.95 22.01 -45.54
C ILE C 274 29.01 21.28 -44.58
N HIS C 275 28.55 21.98 -43.54
CA HIS C 275 27.50 21.48 -42.66
C HIS C 275 26.12 21.70 -43.29
N ALA C 276 25.08 21.53 -42.47
CA ALA C 276 23.71 21.48 -42.99
C ALA C 276 23.24 22.85 -43.50
N ARG C 277 23.24 23.85 -42.62
CA ARG C 277 22.74 25.19 -42.93
C ARG C 277 23.86 26.20 -42.74
N ILE C 278 25.07 25.73 -42.54
CA ILE C 278 26.18 26.52 -42.03
C ILE C 278 27.25 26.61 -43.11
N GLY C 279 27.79 27.81 -43.31
CA GLY C 279 28.70 28.02 -44.42
C GLY C 279 30.06 27.40 -44.19
N GLN C 280 30.47 27.28 -42.93
CA GLN C 280 31.83 26.89 -42.59
C GLN C 280 32.14 25.44 -42.86
N GLY C 281 33.43 25.12 -42.76
CA GLY C 281 33.92 23.78 -42.92
C GLY C 281 34.10 23.09 -41.59
N VAL C 282 34.23 21.76 -41.67
CA VAL C 282 34.42 20.91 -40.50
C VAL C 282 35.73 21.27 -39.84
N PRO C 283 35.76 21.62 -38.57
CA PRO C 283 37.00 22.13 -37.99
C PRO C 283 37.93 21.04 -37.47
N VAL C 284 39.22 21.19 -37.74
CA VAL C 284 40.22 20.19 -37.41
C VAL C 284 41.09 20.72 -36.28
N VAL C 285 41.31 19.91 -35.26
CA VAL C 285 42.15 20.25 -34.12
C VAL C 285 43.25 19.21 -34.03
N ALA C 286 44.48 19.65 -33.86
CA ALA C 286 45.60 18.75 -33.61
C ALA C 286 45.85 18.65 -32.12
N LEU C 287 45.75 17.46 -31.57
CA LEU C 287 45.99 17.23 -30.16
C LEU C 287 47.32 16.48 -30.08
N ILE C 288 48.42 17.22 -29.97
CA ILE C 288 49.75 16.64 -30.03
C ILE C 288 50.24 16.44 -28.60
N PHE C 289 49.30 16.45 -27.65
CA PHE C 289 49.65 16.15 -26.27
C PHE C 289 50.07 14.70 -26.09
N GLU C 290 49.41 13.78 -26.79
CA GLU C 290 49.72 12.36 -26.68
C GLU C 290 50.38 11.80 -27.93
N GLY C 291 51.01 12.65 -28.74
CA GLY C 291 51.72 12.19 -29.91
C GLY C 291 51.02 12.40 -31.23
N GLY C 292 50.12 13.37 -31.34
CA GLY C 292 49.45 13.61 -32.60
C GLY C 292 48.02 13.19 -32.91
N PRO C 293 47.18 12.80 -31.86
CA PRO C 293 45.81 12.47 -32.28
C PRO C 293 45.21 13.72 -32.91
N ASN C 294 44.34 13.58 -33.91
CA ASN C 294 43.85 14.75 -34.59
C ASN C 294 42.33 14.69 -34.57
N VAL C 295 41.72 15.26 -33.54
CA VAL C 295 40.28 15.23 -33.41
C VAL C 295 39.67 16.14 -34.46
N ILE C 296 38.86 15.54 -35.35
CA ILE C 296 38.12 16.28 -36.36
C ILE C 296 36.68 16.36 -35.89
N LEU C 297 36.23 17.56 -35.54
CA LEU C 297 35.18 17.68 -34.53
C LEU C 297 33.78 17.34 -35.00
N THR C 298 33.35 17.80 -36.19
CA THR C 298 31.96 17.55 -36.59
C THR C 298 31.94 16.85 -37.94
N VAL C 299 32.09 15.53 -37.91
CA VAL C 299 32.19 14.78 -39.13
C VAL C 299 30.81 14.31 -39.59
N LEU C 300 30.78 13.76 -40.79
CA LEU C 300 29.54 13.48 -41.49
C LEU C 300 28.97 12.09 -41.25
N GLU C 301 29.35 11.42 -40.14
CA GLU C 301 28.77 10.16 -39.63
C GLU C 301 28.67 9.05 -40.69
N TYR C 302 29.69 8.96 -41.54
CA TYR C 302 29.65 8.11 -42.72
C TYR C 302 29.55 6.63 -42.38
N LEU C 303 28.92 5.88 -43.28
CA LEU C 303 28.91 4.42 -43.25
C LEU C 303 29.99 3.91 -44.19
N GLN C 304 30.64 2.83 -43.79
CA GLN C 304 31.75 2.31 -44.59
C GLN C 304 31.23 1.63 -45.85
N VAL C 309 33.99 7.54 -46.67
CA VAL C 309 34.69 6.62 -47.54
C VAL C 309 34.79 7.11 -49.02
N PRO C 310 33.72 7.67 -49.63
CA PRO C 310 33.96 8.35 -50.92
C PRO C 310 34.84 9.58 -50.79
N VAL C 311 34.83 10.23 -49.62
CA VAL C 311 35.78 11.29 -49.33
C VAL C 311 37.21 10.75 -49.34
N VAL C 312 37.39 9.56 -48.76
CA VAL C 312 38.71 8.93 -48.76
C VAL C 312 39.08 8.47 -50.18
N VAL C 313 38.09 8.15 -51.00
CA VAL C 313 38.33 7.93 -52.43
C VAL C 313 38.83 9.22 -53.08
N CYS C 314 38.20 10.34 -52.77
CA CYS C 314 38.56 11.61 -53.36
C CYS C 314 39.74 12.28 -52.65
N GLU C 315 40.39 11.59 -51.72
CA GLU C 315 41.58 12.12 -51.07
C GLU C 315 42.77 12.23 -52.02
N GLY C 356 60.77 14.30 -35.08
CA GLY C 356 59.68 13.84 -34.23
C GLY C 356 58.38 14.56 -34.52
N GLN C 357 57.62 14.84 -33.45
CA GLN C 357 56.34 15.51 -33.60
C GLN C 357 56.46 17.02 -33.50
N SER C 358 57.52 17.53 -32.88
CA SER C 358 57.71 18.97 -32.78
C SER C 358 58.07 19.61 -34.12
N GLU C 359 58.47 18.81 -35.10
CA GLU C 359 58.56 19.25 -36.48
C GLU C 359 57.27 19.01 -37.24
N ALA C 360 56.28 18.38 -36.60
CA ALA C 360 54.96 18.21 -37.19
C ALA C 360 53.94 19.18 -36.62
N VAL C 361 54.26 19.86 -35.53
CA VAL C 361 53.46 20.99 -35.06
C VAL C 361 53.48 22.10 -36.09
N HIS C 362 54.66 22.37 -36.65
CA HIS C 362 54.84 23.50 -37.54
C HIS C 362 54.27 23.25 -38.93
N LEU C 363 54.01 22.00 -39.29
CA LEU C 363 53.33 21.74 -40.56
C LEU C 363 51.90 22.23 -40.53
N PHE C 364 51.23 22.06 -39.40
CA PHE C 364 49.83 22.43 -39.29
C PHE C 364 49.61 23.93 -39.24
N GLN C 365 50.59 24.70 -38.79
CA GLN C 365 50.35 26.12 -38.59
C GLN C 365 50.67 26.95 -39.82
N THR C 366 50.89 26.30 -40.97
CA THR C 366 50.96 26.99 -42.24
C THR C 366 49.80 26.65 -43.16
N MET C 367 49.02 25.62 -42.85
CA MET C 367 47.82 25.31 -43.64
C MET C 367 46.74 26.09 -42.89
N MET C 368 45.79 26.72 -43.61
CA MET C 368 44.70 27.63 -43.10
C MET C 368 44.91 27.97 -41.63
N GLU C 369 44.40 27.16 -40.73
CA GLU C 369 44.75 27.37 -39.34
C GLU C 369 45.32 26.12 -38.70
N CYS C 370 44.50 25.06 -38.63
CA CYS C 370 44.78 23.81 -37.93
C CYS C 370 45.34 24.04 -36.52
N MET C 371 44.51 24.63 -35.67
CA MET C 371 44.86 24.94 -34.29
C MET C 371 45.33 23.72 -33.53
N LYS C 372 46.49 23.82 -32.90
CA LYS C 372 47.14 22.70 -32.24
C LYS C 372 47.12 22.89 -30.74
N LYS C 373 46.54 21.94 -30.03
CA LYS C 373 46.48 21.97 -28.57
C LYS C 373 47.43 20.93 -28.03
N LYS C 374 48.42 21.36 -27.25
CA LYS C 374 49.45 20.48 -26.69
C LYS C 374 49.49 20.68 -25.19
N GLU C 375 48.92 19.75 -24.45
CA GLU C 375 48.93 19.79 -23.00
C GLU C 375 48.79 18.40 -22.40
N ASP C 389 41.38 24.46 -15.64
CA ASP C 389 41.19 24.10 -17.04
C ASP C 389 40.84 22.63 -17.22
N ILE C 390 39.89 22.37 -18.10
CA ILE C 390 39.43 21.02 -18.41
C ILE C 390 39.78 20.74 -19.87
N ASP C 391 40.22 19.50 -20.14
CA ASP C 391 40.58 19.12 -21.50
C ASP C 391 39.38 19.02 -22.42
N VAL C 392 38.16 19.00 -21.87
CA VAL C 392 36.95 19.02 -22.69
C VAL C 392 36.79 20.36 -23.38
N ALA C 393 36.72 21.43 -22.59
CA ALA C 393 36.45 22.75 -23.12
C ALA C 393 37.68 23.41 -23.72
N ILE C 394 38.88 22.90 -23.44
CA ILE C 394 40.07 23.47 -24.06
C ILE C 394 40.24 22.93 -25.48
N LEU C 395 39.90 21.65 -25.68
CA LEU C 395 40.04 21.02 -26.98
C LEU C 395 39.08 21.62 -27.99
N THR C 396 37.84 21.85 -27.58
CA THR C 396 36.87 22.49 -28.46
C THR C 396 37.00 24.01 -28.45
N ALA C 397 37.41 24.60 -27.34
CA ALA C 397 37.58 26.05 -27.29
C ALA C 397 38.86 26.51 -27.96
N LEU C 398 39.72 25.59 -28.40
CA LEU C 398 40.90 25.98 -29.15
C LEU C 398 40.57 26.52 -30.52
N LEU C 399 39.39 26.21 -31.05
CA LEU C 399 38.98 26.70 -32.36
C LEU C 399 38.50 28.14 -32.33
N LYS C 400 38.19 28.67 -31.15
CA LYS C 400 37.79 30.07 -31.03
C LYS C 400 38.98 30.99 -30.76
N GLY C 401 40.15 30.65 -31.28
CA GLY C 401 41.34 31.44 -31.04
C GLY C 401 41.99 31.95 -32.31
N THR C 402 41.38 31.65 -33.46
CA THR C 402 41.87 32.16 -34.73
C THR C 402 41.22 33.51 -35.02
N ASN C 403 41.42 34.00 -36.24
CA ASN C 403 40.93 35.32 -36.63
C ASN C 403 39.47 35.31 -37.11
N ALA C 404 38.71 34.25 -36.83
CA ALA C 404 37.33 34.17 -37.29
C ALA C 404 36.43 35.16 -36.55
N SER C 405 35.35 35.55 -37.22
CA SER C 405 34.37 36.47 -36.67
C SER C 405 33.65 35.88 -35.47
N ALA C 406 33.11 36.79 -34.62
CA ALA C 406 32.39 36.35 -33.44
C ALA C 406 31.11 35.60 -33.78
N PHE C 407 30.49 35.95 -34.90
CA PHE C 407 29.31 35.23 -35.36
C PHE C 407 29.64 33.79 -35.71
N ASP C 408 30.75 33.58 -36.42
CA ASP C 408 31.18 32.24 -36.77
C ASP C 408 31.60 31.44 -35.55
N GLN C 409 32.14 32.10 -34.53
CA GLN C 409 32.41 31.43 -33.27
C GLN C 409 31.12 30.96 -32.61
N LEU C 410 30.01 31.65 -32.85
CA LEU C 410 28.76 31.17 -32.33
C LEU C 410 28.24 30.00 -33.15
N ILE C 411 28.38 30.04 -34.48
CA ILE C 411 27.79 28.99 -35.29
C ILE C 411 28.55 27.68 -35.13
N LEU C 412 29.86 27.75 -34.84
CA LEU C 412 30.57 26.53 -34.50
C LEU C 412 30.01 25.89 -33.24
N THR C 413 29.70 26.70 -32.24
CA THR C 413 29.07 26.16 -31.05
C THR C 413 27.64 25.71 -31.32
N LEU C 414 27.01 26.27 -32.33
CA LEU C 414 25.63 25.92 -32.63
C LEU C 414 25.54 24.64 -33.45
N ALA C 415 26.55 24.33 -34.26
CA ALA C 415 26.56 23.04 -34.93
C ALA C 415 26.84 21.93 -33.94
N TRP C 416 27.63 22.23 -32.92
CA TRP C 416 27.78 21.38 -31.76
C TRP C 416 26.54 21.56 -30.89
N ASP C 417 26.41 20.77 -29.85
CA ASP C 417 25.33 21.01 -28.90
C ASP C 417 25.81 21.79 -27.71
N ARG C 418 26.95 22.46 -27.82
CA ARG C 418 27.69 22.93 -26.65
C ARG C 418 27.29 24.36 -26.36
N VAL C 419 26.44 24.53 -25.34
CA VAL C 419 26.12 25.85 -24.85
C VAL C 419 27.25 26.37 -23.98
N ASP C 420 27.92 25.46 -23.27
CA ASP C 420 28.89 25.85 -22.25
C ASP C 420 30.08 26.58 -22.83
N ILE C 421 30.39 26.31 -24.10
CA ILE C 421 31.37 27.13 -24.80
C ILE C 421 30.78 28.46 -25.18
N ALA C 422 29.52 28.48 -25.60
CA ALA C 422 28.95 29.69 -26.19
C ALA C 422 28.69 30.76 -25.15
N LYS C 423 28.28 30.38 -23.94
CA LYS C 423 28.18 31.35 -22.85
C LYS C 423 29.55 31.89 -22.49
N ASN C 424 30.47 30.98 -22.15
CA ASN C 424 31.69 31.36 -21.48
C ASN C 424 32.70 31.97 -22.44
N HIS C 425 32.71 31.55 -23.70
CA HIS C 425 33.77 31.93 -24.61
C HIS C 425 33.30 32.65 -25.86
N VAL C 426 32.00 32.71 -26.13
CA VAL C 426 31.47 33.46 -27.26
C VAL C 426 30.66 34.66 -26.82
N PHE C 427 30.07 34.63 -25.62
CA PHE C 427 29.38 35.79 -25.07
C PHE C 427 30.15 36.41 -23.93
N VAL C 428 31.47 36.53 -24.10
CA VAL C 428 32.30 37.30 -23.20
C VAL C 428 31.90 38.77 -23.32
N TYR C 429 31.97 39.49 -22.21
CA TYR C 429 31.70 40.93 -22.20
C TYR C 429 32.65 41.67 -23.14
N GLY C 430 32.11 42.65 -23.85
CA GLY C 430 32.88 43.34 -24.85
C GLY C 430 33.01 42.60 -26.15
N GLN C 431 32.04 41.74 -26.49
CA GLN C 431 32.16 40.90 -27.68
C GLN C 431 32.00 41.72 -28.96
N GLN C 432 31.24 42.81 -28.90
CA GLN C 432 31.00 43.74 -30.02
C GLN C 432 30.29 43.04 -31.18
N TRP C 433 29.11 42.51 -30.90
CA TRP C 433 28.27 41.90 -31.93
C TRP C 433 27.87 42.89 -33.01
N LEU C 434 27.60 42.35 -34.19
CA LEU C 434 26.96 43.13 -35.23
C LEU C 434 25.51 43.41 -34.82
N VAL C 435 24.96 44.52 -35.33
CA VAL C 435 23.63 44.96 -34.94
C VAL C 435 22.57 43.97 -35.42
N GLY C 436 22.77 43.40 -36.61
CA GLY C 436 22.00 42.27 -37.07
C GLY C 436 22.78 40.98 -36.90
N SER C 437 22.24 39.93 -37.52
CA SER C 437 22.86 38.62 -37.74
C SER C 437 23.03 37.79 -36.47
N LEU C 438 22.85 38.37 -35.28
CA LEU C 438 22.57 37.53 -34.13
C LEU C 438 21.13 37.03 -34.22
N GLU C 439 20.29 37.83 -34.86
CA GLU C 439 18.98 37.42 -35.34
C GLU C 439 19.08 36.24 -36.33
N GLN C 440 20.15 36.16 -37.11
CA GLN C 440 20.25 35.05 -38.06
C GLN C 440 20.65 33.76 -37.38
N ALA C 441 21.51 33.83 -36.36
CA ALA C 441 21.78 32.66 -35.54
C ALA C 441 20.56 32.27 -34.72
N MET C 442 19.73 33.25 -34.36
CA MET C 442 18.42 32.95 -33.81
C MET C 442 17.55 32.22 -34.81
N LEU C 443 17.70 32.50 -36.10
CA LEU C 443 16.96 31.74 -37.10
C LEU C 443 17.51 30.34 -37.26
N ASP C 444 18.82 30.16 -37.11
CA ASP C 444 19.37 28.83 -37.30
C ASP C 444 19.08 27.93 -36.11
N ALA C 445 19.09 28.49 -34.91
CA ALA C 445 18.85 27.70 -33.72
C ALA C 445 17.42 27.18 -33.66
N LEU C 446 16.48 27.90 -34.26
CA LEU C 446 15.11 27.41 -34.30
C LEU C 446 14.95 26.28 -35.30
N VAL C 447 15.54 26.42 -36.49
CA VAL C 447 15.40 25.41 -37.52
C VAL C 447 16.12 24.13 -37.13
N MET C 448 17.31 24.26 -36.57
CA MET C 448 18.09 23.10 -36.15
C MET C 448 17.67 22.53 -34.81
N ASP C 449 16.61 23.06 -34.20
CA ASP C 449 15.99 22.58 -32.97
C ASP C 449 16.97 22.64 -31.79
N ARG C 450 17.69 23.75 -31.70
CA ARG C 450 18.63 23.96 -30.59
C ARG C 450 17.89 24.78 -29.56
N VAL C 451 17.28 24.11 -28.58
CA VAL C 451 16.48 24.79 -27.58
C VAL C 451 17.37 25.64 -26.67
N SER C 452 18.44 25.04 -26.16
CA SER C 452 19.30 25.71 -25.20
C SER C 452 20.20 26.76 -25.83
N PHE C 453 20.10 26.97 -27.14
CA PHE C 453 20.64 28.14 -27.81
C PHE C 453 19.59 29.18 -28.07
N VAL C 454 18.32 28.79 -28.10
CA VAL C 454 17.28 29.79 -28.07
C VAL C 454 17.19 30.43 -26.70
N LYS C 455 17.37 29.63 -25.63
CA LYS C 455 17.43 30.15 -24.26
C LYS C 455 18.51 31.21 -24.12
N LEU C 456 19.74 30.83 -24.46
CA LEU C 456 20.87 31.73 -24.41
C LEU C 456 20.69 32.90 -25.36
N LEU C 457 20.16 32.64 -26.53
CA LEU C 457 20.26 33.64 -27.58
C LEU C 457 19.19 34.70 -27.45
N ILE C 458 18.06 34.40 -26.81
CA ILE C 458 17.14 35.49 -26.44
C ILE C 458 17.45 36.01 -25.05
N GLU C 459 18.10 35.21 -24.20
CA GLU C 459 18.49 35.67 -22.88
C GLU C 459 19.53 36.77 -22.97
N ASN C 460 20.40 36.71 -23.98
CA ASN C 460 21.36 37.81 -24.13
C ASN C 460 20.71 39.03 -24.74
N GLY C 461 20.44 39.02 -26.03
CA GLY C 461 20.01 40.27 -26.61
C GLY C 461 18.98 40.28 -27.72
N VAL C 462 18.39 39.15 -28.05
CA VAL C 462 17.51 39.07 -29.21
C VAL C 462 16.06 39.07 -28.73
N SER C 463 15.30 40.04 -29.23
CA SER C 463 13.87 40.07 -29.00
C SER C 463 13.18 39.28 -30.09
N MET C 464 12.16 38.51 -29.71
CA MET C 464 11.38 37.81 -30.71
C MET C 464 10.57 38.80 -31.55
N HIS C 465 10.10 39.87 -30.92
CA HIS C 465 9.68 41.05 -31.66
C HIS C 465 10.86 41.55 -32.47
N LYS C 466 10.58 41.89 -33.73
CA LYS C 466 11.53 42.29 -34.78
C LYS C 466 12.44 41.15 -35.21
N PHE C 467 12.30 39.96 -34.62
CA PHE C 467 12.89 38.77 -35.23
C PHE C 467 11.93 38.13 -36.22
N LEU C 468 10.69 37.89 -35.82
CA LEU C 468 9.75 37.21 -36.69
C LEU C 468 9.13 38.20 -37.64
N THR C 469 9.47 38.10 -38.90
CA THR C 469 8.69 38.71 -39.93
C THR C 469 7.87 37.61 -40.59
N ILE C 470 7.04 37.98 -41.55
CA ILE C 470 6.26 37.00 -42.29
C ILE C 470 7.13 36.07 -43.13
N PRO C 471 8.19 36.49 -43.85
CA PRO C 471 9.07 35.47 -44.45
C PRO C 471 9.91 34.68 -43.45
N ARG C 472 9.92 35.02 -42.17
CA ARG C 472 10.57 34.17 -41.18
C ARG C 472 9.68 33.05 -40.72
N LEU C 473 8.40 33.07 -41.10
CA LEU C 473 7.52 31.99 -40.72
C LEU C 473 7.40 31.07 -41.92
N GLU C 474 7.37 31.68 -43.11
CA GLU C 474 7.28 30.90 -44.33
C GLU C 474 8.54 30.08 -44.32
N GLU C 475 9.63 30.74 -43.99
CA GLU C 475 10.90 30.08 -43.81
C GLU C 475 10.69 29.68 -42.38
N LEU C 476 11.37 28.63 -41.93
CA LEU C 476 11.23 28.16 -40.56
C LEU C 476 10.01 27.28 -40.49
N TYR C 477 9.28 27.23 -41.59
CA TYR C 477 8.15 26.35 -41.68
C TYR C 477 8.29 25.40 -42.85
N ASN C 478 8.91 25.84 -43.94
CA ASN C 478 9.11 25.03 -45.12
C ASN C 478 10.54 24.56 -45.28
N THR C 479 11.32 24.53 -44.20
CA THR C 479 12.69 24.01 -44.25
C THR C 479 12.69 22.57 -43.78
N LYS C 480 13.41 21.73 -44.51
CA LYS C 480 13.64 20.35 -44.12
C LYS C 480 15.00 20.14 -43.48
N GLN C 481 15.55 21.18 -42.86
CA GLN C 481 16.88 21.15 -42.29
C GLN C 481 16.91 20.66 -40.86
N GLY C 482 15.78 20.23 -40.33
CA GLY C 482 15.73 19.70 -38.99
C GLY C 482 14.68 18.64 -38.87
N PRO C 483 14.34 18.26 -37.63
CA PRO C 483 13.29 17.25 -37.43
C PRO C 483 11.91 17.76 -37.81
N THR C 484 11.35 17.19 -38.87
CA THR C 484 10.12 17.71 -39.46
C THR C 484 8.95 16.81 -39.08
N ASN C 485 7.75 17.27 -39.39
CA ASN C 485 6.55 16.49 -39.16
C ASN C 485 6.10 15.97 -40.52
N PRO C 486 6.16 14.66 -40.76
CA PRO C 486 5.88 14.17 -42.11
C PRO C 486 4.43 14.24 -42.48
N MET C 487 3.54 14.26 -41.50
CA MET C 487 2.11 14.30 -41.78
C MET C 487 1.55 15.70 -41.87
N LEU C 488 2.37 16.73 -41.61
CA LEU C 488 1.93 18.10 -41.82
C LEU C 488 1.50 18.34 -43.25
N PHE C 489 2.19 17.72 -44.20
CA PHE C 489 1.80 17.81 -45.59
C PHE C 489 0.50 17.08 -45.87
N HIS C 490 0.18 16.04 -45.09
CA HIS C 490 -1.12 15.38 -45.24
C HIS C 490 -2.27 16.28 -44.80
N LEU C 491 -2.02 17.21 -43.88
CA LEU C 491 -3.03 18.17 -43.50
C LEU C 491 -3.11 19.34 -44.48
N ILE C 492 -2.02 19.65 -45.17
CA ILE C 492 -2.06 20.68 -46.20
C ILE C 492 -2.76 20.16 -47.46
N ARG C 493 -2.94 18.84 -47.58
CA ARG C 493 -3.70 18.28 -48.69
C ARG C 493 -5.19 18.63 -48.68
N ASP C 494 -5.71 19.30 -47.64
CA ASP C 494 -7.06 19.85 -47.73
C ASP C 494 -7.15 20.93 -48.81
N VAL C 495 -6.06 21.64 -49.07
CA VAL C 495 -5.99 22.66 -50.10
C VAL C 495 -6.18 22.09 -51.50
N LYS C 505 7.38 26.67 -50.37
CA LYS C 505 6.15 26.27 -51.01
C LYS C 505 4.96 26.61 -50.11
N ILE C 506 5.12 26.41 -48.81
CA ILE C 506 4.01 26.50 -47.87
C ILE C 506 3.80 27.96 -47.49
N THR C 507 2.58 28.44 -47.68
CA THR C 507 2.18 29.77 -47.28
C THR C 507 1.41 29.73 -45.98
N LEU C 508 1.44 30.84 -45.25
CA LEU C 508 0.79 30.92 -43.93
C LEU C 508 -0.71 30.78 -44.00
N ILE C 509 -1.32 31.10 -45.14
CA ILE C 509 -2.75 30.92 -45.28
C ILE C 509 -3.09 29.44 -45.36
N ASP C 510 -2.24 28.67 -46.04
CA ASP C 510 -2.37 27.23 -46.06
C ASP C 510 -2.04 26.62 -44.71
N ILE C 511 -1.31 27.34 -43.86
CA ILE C 511 -1.10 26.88 -42.49
C ILE C 511 -2.34 27.10 -41.65
N GLY C 512 -2.96 28.26 -41.77
CA GLY C 512 -4.13 28.47 -40.93
C GLY C 512 -5.34 27.74 -41.43
N LEU C 513 -5.35 27.26 -42.67
CA LEU C 513 -6.39 26.30 -42.99
C LEU C 513 -6.17 25.01 -42.24
N VAL C 514 -4.91 24.63 -42.00
CA VAL C 514 -4.63 23.47 -41.16
C VAL C 514 -5.04 23.73 -39.74
N ILE C 515 -4.76 24.92 -39.21
CA ILE C 515 -5.07 25.21 -37.80
C ILE C 515 -6.57 25.32 -37.59
N GLU C 516 -7.29 25.94 -38.53
CA GLU C 516 -8.75 25.92 -38.45
C GLU C 516 -9.31 24.53 -38.67
N TYR C 517 -8.58 23.66 -39.36
CA TYR C 517 -9.05 22.29 -39.49
C TYR C 517 -8.82 21.48 -38.23
N LEU C 518 -7.72 21.74 -37.52
CA LEU C 518 -7.38 20.95 -36.35
C LEU C 518 -8.17 21.37 -35.14
N MET C 519 -8.54 22.62 -35.06
CA MET C 519 -9.34 23.12 -33.96
C MET C 519 -10.71 23.41 -34.56
N GLY C 520 -11.61 22.44 -34.46
CA GLY C 520 -12.83 22.47 -35.23
C GLY C 520 -13.84 23.47 -34.70
N GLY C 521 -14.97 23.52 -35.38
CA GLY C 521 -15.99 24.48 -35.01
C GLY C 521 -15.70 25.83 -35.62
N THR C 522 -16.14 26.88 -34.92
CA THR C 522 -15.94 28.24 -35.40
C THR C 522 -14.67 28.82 -34.78
N TYR C 523 -13.54 28.23 -35.15
CA TYR C 523 -12.24 28.75 -34.77
C TYR C 523 -11.68 29.49 -35.98
N ARG C 524 -11.47 30.78 -35.84
CA ARG C 524 -10.90 31.60 -36.89
C ARG C 524 -9.47 31.95 -36.53
N CYS C 525 -8.52 31.43 -37.28
CA CYS C 525 -7.11 31.69 -37.01
C CYS C 525 -6.74 33.01 -37.65
N THR C 526 -5.79 33.71 -37.03
CA THR C 526 -5.49 35.09 -37.41
C THR C 526 -4.97 35.21 -38.83
N TYR C 527 -4.39 34.13 -39.37
CA TYR C 527 -3.78 34.22 -40.69
C TYR C 527 -4.83 34.27 -41.79
N THR C 528 -6.01 33.71 -41.56
CA THR C 528 -7.02 33.70 -42.62
C THR C 528 -7.93 34.91 -42.59
N ARG C 529 -7.68 35.88 -41.74
CA ARG C 529 -8.57 37.01 -41.74
C ARG C 529 -8.15 38.03 -42.80
N LYS C 530 -9.02 39.03 -43.01
CA LYS C 530 -8.84 39.98 -44.09
C LYS C 530 -7.64 40.87 -43.87
N ARG C 531 -7.40 41.29 -42.62
CA ARG C 531 -6.27 42.18 -42.36
C ARG C 531 -4.94 41.48 -42.57
N PHE C 532 -4.87 40.18 -42.25
CA PHE C 532 -3.63 39.47 -42.52
C PHE C 532 -3.51 39.13 -43.99
N ARG C 533 -4.62 38.94 -44.69
CA ARG C 533 -4.46 38.77 -46.13
C ARG C 533 -4.23 40.09 -46.86
N LEU C 534 -4.36 41.22 -46.19
CA LEU C 534 -3.94 42.49 -46.78
C LEU C 534 -2.51 42.86 -46.44
N ILE C 535 -2.06 42.59 -45.22
CA ILE C 535 -0.63 42.76 -44.92
C ILE C 535 0.18 41.73 -45.70
N TYR C 536 -0.33 40.51 -45.79
CA TYR C 536 0.17 39.52 -46.69
C TYR C 536 -0.20 39.90 -48.12
N ASN C 537 0.42 39.21 -49.09
CA ASN C 537 0.43 39.57 -50.51
C ASN C 537 1.03 40.95 -50.74
N SER C 538 1.96 41.33 -49.86
CA SER C 538 2.73 42.57 -49.92
C SER C 538 1.87 43.83 -50.00
N GLU C 613 7.75 46.52 -39.83
CA GLU C 613 6.90 47.44 -39.07
C GLU C 613 5.46 46.94 -38.99
N THR C 614 4.92 46.47 -40.11
CA THR C 614 3.61 45.85 -40.16
C THR C 614 3.69 44.37 -40.48
N LYS C 615 4.81 43.91 -40.98
CA LYS C 615 5.03 42.50 -41.24
C LYS C 615 5.61 41.78 -40.03
N ARG C 616 5.74 42.45 -38.90
CA ARG C 616 6.07 41.76 -37.67
C ARG C 616 4.81 41.14 -37.09
N PHE C 617 4.96 40.45 -35.97
CA PHE C 617 3.80 39.93 -35.29
C PHE C 617 3.67 40.58 -33.91
N PRO C 618 2.47 40.90 -33.47
CA PRO C 618 2.33 41.53 -32.16
C PRO C 618 2.59 40.58 -31.02
N TYR C 619 2.35 39.29 -31.22
CA TYR C 619 2.62 38.26 -30.24
C TYR C 619 3.37 37.16 -30.98
N PRO C 620 4.68 37.18 -30.93
CA PRO C 620 5.44 36.23 -31.73
C PRO C 620 5.40 34.83 -31.15
N LEU C 621 5.40 34.70 -29.83
CA LEU C 621 5.48 33.38 -29.23
C LEU C 621 4.16 32.63 -29.32
N ASN C 622 3.06 33.31 -29.61
CA ASN C 622 1.87 32.59 -30.01
C ASN C 622 2.01 32.00 -31.39
N GLU C 623 2.91 32.52 -32.22
CA GLU C 623 3.07 31.99 -33.56
C GLU C 623 4.05 30.84 -33.56
N LEU C 624 5.06 30.91 -32.73
CA LEU C 624 6.03 29.83 -32.63
C LEU C 624 5.59 28.74 -31.68
N LEU C 625 4.61 28.98 -30.83
CA LEU C 625 4.05 27.84 -30.13
C LEU C 625 3.25 26.98 -31.08
N ILE C 626 2.49 27.59 -31.99
CA ILE C 626 1.77 26.83 -32.99
C ILE C 626 2.72 26.18 -33.97
N TRP C 627 3.78 26.90 -34.35
CA TRP C 627 4.80 26.32 -35.23
C TRP C 627 5.47 25.12 -34.59
N ALA C 628 5.88 25.24 -33.34
CA ALA C 628 6.53 24.12 -32.69
C ALA C 628 5.57 23.02 -32.32
N CYS C 629 4.27 23.26 -32.34
CA CYS C 629 3.34 22.15 -32.16
C CYS C 629 3.04 21.45 -33.47
N LEU C 630 2.91 22.19 -34.57
CA LEU C 630 2.61 21.57 -35.85
C LEU C 630 3.80 20.81 -36.39
N MET C 631 5.00 21.33 -36.21
CA MET C 631 6.21 20.65 -36.64
C MET C 631 6.65 19.55 -35.69
N LYS C 632 5.88 19.28 -34.63
CA LYS C 632 6.01 18.10 -33.79
C LYS C 632 7.37 18.08 -33.10
N ARG C 633 7.80 19.24 -32.63
CA ARG C 633 9.05 19.35 -31.89
C ARG C 633 8.67 19.79 -30.48
N GLN C 634 8.77 18.86 -29.55
CA GLN C 634 8.14 19.02 -28.25
C GLN C 634 8.95 19.87 -27.31
N VAL C 635 10.28 19.70 -27.30
CA VAL C 635 11.10 20.45 -26.35
C VAL C 635 11.13 21.92 -26.73
N MET C 636 11.10 22.21 -28.03
CA MET C 636 10.92 23.58 -28.47
C MET C 636 9.56 24.11 -28.05
N ALA C 637 8.52 23.27 -28.07
CA ALA C 637 7.19 23.75 -27.73
C ALA C 637 7.05 24.00 -26.25
N ARG C 638 7.60 23.14 -25.40
CA ARG C 638 7.57 23.41 -23.97
C ARG C 638 8.56 24.45 -23.55
N PHE C 639 9.49 24.84 -24.41
CA PHE C 639 10.25 26.03 -24.09
C PHE C 639 9.54 27.30 -24.49
N LEU C 640 8.95 27.33 -25.69
CA LEU C 640 8.27 28.53 -26.15
C LEU C 640 6.96 28.74 -25.42
N TRP C 641 6.45 27.73 -24.76
CA TRP C 641 5.25 27.91 -23.96
C TRP C 641 5.52 28.73 -22.72
N GLN C 642 6.62 28.45 -22.03
CA GLN C 642 6.69 28.86 -20.64
C GLN C 642 7.06 30.32 -20.44
N HIS C 643 7.36 31.07 -21.50
CA HIS C 643 7.49 32.49 -21.34
C HIS C 643 6.73 33.22 -22.46
N GLY C 644 5.49 33.54 -22.18
CA GLY C 644 4.68 34.43 -22.98
C GLY C 644 3.56 34.86 -22.08
N GLU C 645 2.71 35.74 -22.60
CA GLU C 645 1.49 35.99 -21.88
C GLU C 645 0.52 34.83 -22.09
N GLU C 646 -0.55 34.82 -21.30
CA GLU C 646 -1.73 33.94 -21.39
C GLU C 646 -1.37 32.46 -21.56
N SER C 647 -0.53 31.97 -20.63
CA SER C 647 0.12 30.68 -20.83
C SER C 647 -0.83 29.50 -20.69
N MET C 648 -1.82 29.60 -19.79
CA MET C 648 -2.75 28.48 -19.62
C MET C 648 -3.65 28.30 -20.82
N ALA C 649 -3.85 29.33 -21.61
CA ALA C 649 -4.54 29.14 -22.87
C ALA C 649 -3.67 28.55 -23.94
N LYS C 650 -2.37 28.83 -23.91
CA LYS C 650 -1.48 28.20 -24.87
C LYS C 650 -1.31 26.72 -24.58
N ALA C 651 -1.39 26.32 -23.32
CA ALA C 651 -1.34 24.90 -23.00
C ALA C 651 -2.55 24.16 -23.54
N LEU C 652 -3.71 24.80 -23.58
CA LEU C 652 -4.91 24.14 -24.05
C LEU C 652 -5.01 24.15 -25.57
N VAL C 653 -4.55 25.23 -26.19
CA VAL C 653 -4.41 25.24 -27.64
C VAL C 653 -3.46 24.15 -28.10
N ALA C 654 -2.31 24.04 -27.44
CA ALA C 654 -1.35 22.99 -27.77
C ALA C 654 -1.90 21.59 -27.50
N CYS C 655 -2.71 21.45 -26.45
CA CYS C 655 -3.35 20.16 -26.19
C CYS C 655 -4.34 19.81 -27.28
N LYS C 656 -5.13 20.78 -27.74
CA LYS C 656 -6.11 20.48 -28.79
C LYS C 656 -5.44 20.19 -30.12
N ILE C 657 -4.41 20.96 -30.48
CA ILE C 657 -3.70 20.74 -31.74
C ILE C 657 -3.04 19.37 -31.76
N TYR C 658 -2.29 19.04 -30.71
CA TYR C 658 -1.70 17.70 -30.60
C TYR C 658 -2.73 16.60 -30.64
N ARG C 659 -3.82 16.76 -29.90
CA ARG C 659 -4.82 15.71 -29.83
C ARG C 659 -5.52 15.49 -31.17
N SER C 660 -5.85 16.56 -31.88
CA SER C 660 -6.49 16.36 -33.16
C SER C 660 -5.50 15.98 -34.26
N MET C 661 -4.21 16.25 -34.10
CA MET C 661 -3.27 15.65 -35.05
C MET C 661 -3.10 14.17 -34.80
N ALA C 662 -3.15 13.75 -33.53
CA ALA C 662 -3.17 12.33 -33.21
C ALA C 662 -4.36 11.63 -33.82
N TYR C 663 -5.53 12.26 -33.72
CA TYR C 663 -6.73 11.69 -34.33
C TYR C 663 -6.67 11.72 -35.85
N GLU C 664 -6.01 12.73 -36.43
CA GLU C 664 -5.84 12.75 -37.88
C GLU C 664 -4.55 12.08 -38.31
N ALA C 665 -3.97 11.27 -37.45
CA ALA C 665 -2.85 10.40 -37.81
C ALA C 665 -3.14 8.95 -37.54
N LYS C 666 -4.04 8.63 -36.61
CA LYS C 666 -4.49 7.26 -36.44
C LYS C 666 -5.20 6.76 -37.69
N GLN C 667 -5.92 7.65 -38.37
CA GLN C 667 -6.68 7.22 -39.55
C GLN C 667 -5.77 6.96 -40.74
N SER C 668 -5.00 7.96 -41.16
CA SER C 668 -4.28 7.86 -42.42
C SER C 668 -2.78 7.93 -42.19
N ASP C 669 -2.18 6.80 -41.85
CA ASP C 669 -0.75 6.54 -41.87
C ASP C 669 -0.53 5.04 -41.88
N LEU C 670 0.65 4.63 -42.30
CA LEU C 670 1.02 3.22 -42.24
C LEU C 670 2.28 2.94 -41.42
N VAL C 671 3.32 3.76 -41.54
CA VAL C 671 4.61 3.47 -40.94
C VAL C 671 4.95 4.60 -39.98
N ASP C 672 5.11 4.24 -38.70
CA ASP C 672 5.25 5.19 -37.58
C ASP C 672 4.16 6.24 -37.62
N ASP C 673 2.93 5.77 -37.34
CA ASP C 673 1.75 6.63 -37.39
C ASP C 673 1.85 7.76 -36.38
N THR C 674 2.50 7.51 -35.24
CA THR C 674 2.86 8.44 -34.18
C THR C 674 1.64 8.96 -33.43
N SER C 675 0.47 8.35 -33.56
CA SER C 675 -0.65 8.74 -32.72
C SER C 675 -0.37 8.41 -31.26
N GLU C 676 0.39 7.34 -31.02
CA GLU C 676 0.87 7.03 -29.68
C GLU C 676 1.86 8.07 -29.18
N GLU C 677 2.48 8.82 -30.09
CA GLU C 677 3.45 9.84 -29.70
C GLU C 677 2.80 11.22 -29.60
N LEU C 678 1.84 11.52 -30.48
CA LEU C 678 1.13 12.80 -30.39
C LEU C 678 0.17 12.83 -29.22
N LYS C 679 -0.61 11.79 -29.04
CA LYS C 679 -1.12 11.57 -27.71
C LYS C 679 0.09 11.23 -26.85
N GLN C 680 0.10 11.72 -25.60
CA GLN C 680 1.20 11.89 -24.63
C GLN C 680 2.03 13.12 -24.97
N TYR C 681 1.80 13.78 -26.09
CA TYR C 681 2.19 15.18 -26.22
C TYR C 681 1.04 16.10 -25.93
N SER C 682 -0.18 15.70 -26.24
CA SER C 682 -1.33 16.45 -25.76
C SER C 682 -1.56 16.21 -24.28
N ASN C 683 -1.19 15.06 -23.75
CA ASN C 683 -1.37 14.84 -22.33
C ASN C 683 -0.25 15.42 -21.49
N ASP C 684 0.79 15.94 -22.11
CA ASP C 684 1.83 16.65 -21.39
C ASP C 684 1.58 18.14 -21.33
N PHE C 685 0.79 18.70 -22.25
CA PHE C 685 0.29 20.06 -22.14
C PHE C 685 -1.02 20.12 -21.39
N GLY C 686 -1.89 19.16 -21.61
CA GLY C 686 -3.12 19.10 -20.85
C GLY C 686 -2.94 18.83 -19.38
N GLN C 687 -1.77 18.35 -18.98
CA GLN C 687 -1.44 18.29 -17.56
C GLN C 687 -0.87 19.60 -17.06
N LEU C 688 -0.19 20.36 -17.93
CA LEU C 688 0.28 21.68 -17.56
C LEU C 688 -0.88 22.62 -17.28
N ALA C 689 -1.91 22.56 -18.13
CA ALA C 689 -3.10 23.39 -17.92
C ALA C 689 -3.76 23.10 -16.59
N VAL C 690 -3.94 21.83 -16.27
CA VAL C 690 -4.51 21.42 -14.99
C VAL C 690 -3.65 21.90 -13.83
N GLU C 691 -2.34 21.72 -13.92
CA GLU C 691 -1.48 22.15 -12.83
C GLU C 691 -1.43 23.66 -12.67
N LEU C 692 -1.58 24.41 -13.76
CA LEU C 692 -1.67 25.86 -13.62
C LEU C 692 -2.99 26.29 -13.04
N LEU C 693 -4.07 25.58 -13.35
CA LEU C 693 -5.34 25.97 -12.76
C LEU C 693 -5.44 25.55 -11.31
N GLU C 694 -4.81 24.45 -10.94
CA GLU C 694 -4.69 24.09 -9.53
C GLU C 694 -3.78 25.07 -8.80
N GLN C 695 -2.83 25.66 -9.52
CA GLN C 695 -2.01 26.71 -8.90
C GLN C 695 -2.83 27.96 -8.65
N SER C 696 -3.53 28.43 -9.66
CA SER C 696 -4.26 29.69 -9.54
C SER C 696 -5.52 29.56 -8.69
N PHE C 697 -6.04 28.36 -8.51
CA PHE C 697 -7.17 28.16 -7.62
C PHE C 697 -6.78 28.36 -6.17
N ARG C 698 -5.57 27.96 -5.79
CA ARG C 698 -5.20 28.01 -4.39
C ARG C 698 -4.86 29.42 -3.92
N GLN C 699 -4.61 30.35 -4.83
CA GLN C 699 -4.30 31.69 -4.37
C GLN C 699 -5.56 32.53 -4.24
N ASP C 700 -6.44 32.52 -5.23
CA ASP C 700 -7.73 33.18 -5.13
C ASP C 700 -8.71 32.42 -5.99
N GLU C 701 -9.94 32.31 -5.50
CA GLU C 701 -10.92 31.46 -6.15
C GLU C 701 -11.81 32.23 -7.11
N THR C 702 -12.27 33.41 -6.70
CA THR C 702 -13.07 34.25 -7.56
C THR C 702 -12.27 34.80 -8.73
N MET C 703 -10.94 34.85 -8.63
CA MET C 703 -10.13 35.27 -9.77
C MET C 703 -9.83 34.10 -10.69
N ALA C 704 -9.60 32.92 -10.11
CA ALA C 704 -9.35 31.73 -10.91
C ALA C 704 -10.56 31.36 -11.72
N MET C 705 -11.76 31.59 -11.19
CA MET C 705 -12.94 31.39 -12.01
C MET C 705 -13.12 32.48 -13.06
N LYS C 706 -12.42 33.61 -12.94
CA LYS C 706 -12.42 34.55 -14.05
C LYS C 706 -11.45 34.14 -15.13
N LEU C 707 -10.37 33.43 -14.76
CA LEU C 707 -9.44 32.97 -15.78
C LEU C 707 -10.05 31.98 -16.73
N LEU C 708 -11.02 31.21 -16.27
CA LEU C 708 -11.66 30.21 -17.11
C LEU C 708 -12.60 30.70 -18.18
N THR C 709 -13.11 31.91 -18.08
CA THR C 709 -14.12 32.33 -19.04
C THR C 709 -13.88 33.67 -19.69
N TYR C 710 -12.72 34.29 -19.52
CA TYR C 710 -12.53 35.58 -20.15
C TYR C 710 -12.15 35.37 -21.60
N GLU C 711 -12.57 36.31 -22.45
CA GLU C 711 -12.31 36.21 -23.88
C GLU C 711 -10.82 36.35 -24.13
N LEU C 712 -10.27 35.50 -24.99
CA LEU C 712 -8.82 35.49 -25.13
C LEU C 712 -8.34 36.54 -26.11
N LYS C 713 -9.05 36.72 -27.23
CA LYS C 713 -8.89 37.74 -28.27
C LYS C 713 -7.67 37.50 -29.14
N ASN C 714 -6.81 36.53 -28.82
CA ASN C 714 -5.79 36.03 -29.71
C ASN C 714 -6.17 34.68 -30.27
N TRP C 715 -6.76 33.84 -29.42
CA TRP C 715 -7.13 32.50 -29.82
C TRP C 715 -8.61 32.45 -30.23
N SER C 716 -8.93 33.31 -31.20
CA SER C 716 -10.22 33.34 -31.88
C SER C 716 -11.40 33.60 -30.95
N ASN C 717 -11.18 34.46 -29.96
CA ASN C 717 -12.21 34.89 -28.99
C ASN C 717 -12.87 33.70 -28.32
N SER C 718 -12.10 32.69 -27.99
CA SER C 718 -12.64 31.52 -27.35
C SER C 718 -12.34 31.59 -25.87
N THR C 719 -13.35 31.26 -25.08
CA THR C 719 -13.20 31.02 -23.65
C THR C 719 -12.18 29.93 -23.41
N CYS C 720 -11.40 30.07 -22.35
CA CYS C 720 -10.39 29.07 -22.00
C CYS C 720 -11.02 27.73 -21.62
N LEU C 721 -12.19 27.76 -21.00
CA LEU C 721 -12.87 26.54 -20.61
C LEU C 721 -13.48 25.85 -21.81
N LYS C 722 -14.06 26.61 -22.74
CA LYS C 722 -14.55 26.01 -23.98
C LYS C 722 -13.40 25.45 -24.80
N LEU C 723 -12.24 26.07 -24.68
CA LEU C 723 -11.06 25.61 -25.38
C LEU C 723 -10.57 24.31 -24.77
N ALA C 724 -10.87 24.07 -23.50
CA ALA C 724 -10.56 22.79 -22.86
C ALA C 724 -11.70 21.82 -22.85
N VAL C 725 -12.83 22.15 -23.45
CA VAL C 725 -13.87 21.16 -23.69
C VAL C 725 -13.84 20.70 -25.15
N SER C 726 -13.31 21.52 -26.06
CA SER C 726 -13.16 21.12 -27.45
C SER C 726 -12.26 19.90 -27.57
N SER C 727 -11.08 19.95 -26.97
CA SER C 727 -10.41 18.71 -26.63
C SER C 727 -11.03 18.19 -25.35
N ARG C 728 -11.21 16.90 -25.26
CA ARG C 728 -11.98 16.34 -24.15
C ARG C 728 -11.01 16.20 -23.01
N LEU C 729 -10.74 17.30 -22.33
CA LEU C 729 -9.70 17.33 -21.32
C LEU C 729 -10.42 17.22 -20.00
N ARG C 730 -10.71 16.00 -19.60
CA ARG C 730 -11.46 15.71 -18.39
C ARG C 730 -10.83 16.15 -17.08
N PRO C 731 -9.52 16.08 -16.83
CA PRO C 731 -9.01 16.62 -15.55
C PRO C 731 -9.12 18.11 -15.39
N PHE C 732 -9.43 18.87 -16.43
CA PHE C 732 -9.61 20.30 -16.33
C PHE C 732 -11.06 20.62 -16.02
N VAL C 733 -11.98 20.05 -16.78
CA VAL C 733 -13.40 20.28 -16.59
C VAL C 733 -13.89 19.63 -15.31
N ALA C 734 -13.19 18.63 -14.80
CA ALA C 734 -13.53 18.03 -13.52
C ALA C 734 -12.68 18.53 -12.39
N HIS C 735 -12.07 19.70 -12.50
CA HIS C 735 -11.30 20.25 -11.41
C HIS C 735 -12.26 21.00 -10.51
N THR C 736 -11.80 21.47 -9.36
CA THR C 736 -12.74 22.15 -8.50
C THR C 736 -12.97 23.61 -8.88
N CYS C 737 -12.09 24.15 -9.72
CA CYS C 737 -12.28 25.47 -10.25
C CYS C 737 -13.43 25.53 -11.28
N THR C 738 -13.54 24.54 -12.17
CA THR C 738 -14.59 24.52 -13.16
C THR C 738 -15.86 23.94 -12.57
N GLN C 739 -15.75 23.01 -11.65
CA GLN C 739 -16.95 22.52 -11.00
C GLN C 739 -17.46 23.48 -9.94
N MET C 740 -16.69 24.49 -9.59
CA MET C 740 -17.21 25.54 -8.72
C MET C 740 -17.87 26.65 -9.55
N LEU C 741 -17.31 26.93 -10.72
CA LEU C 741 -17.91 27.90 -11.63
C LEU C 741 -19.19 27.38 -12.23
N LEU C 742 -19.27 26.09 -12.53
CA LEU C 742 -20.52 25.54 -13.03
C LEU C 742 -21.57 25.51 -11.95
N SER C 743 -21.17 25.33 -10.70
CA SER C 743 -22.12 25.43 -9.61
C SER C 743 -22.53 26.86 -9.33
N ASP C 744 -21.76 27.84 -9.80
CA ASP C 744 -22.22 29.22 -9.72
C ASP C 744 -22.99 29.67 -10.95
N MET C 745 -22.88 28.96 -12.07
CA MET C 745 -23.78 29.24 -13.17
C MET C 745 -25.11 28.54 -13.02
N TRP C 746 -25.13 27.46 -12.27
CA TRP C 746 -26.38 26.74 -12.04
C TRP C 746 -27.31 27.54 -11.18
N MET C 747 -26.78 28.26 -10.19
CA MET C 747 -27.59 29.14 -9.38
C MET C 747 -28.11 30.29 -10.20
N GLY C 748 -27.29 30.84 -11.07
CA GLY C 748 -27.70 31.98 -11.83
C GLY C 748 -27.63 33.19 -10.96
N ARG C 749 -28.70 33.98 -10.95
CA ARG C 749 -28.73 35.17 -10.13
C ARG C 749 -29.03 34.86 -8.67
N LEU C 750 -29.65 33.73 -8.39
CA LEU C 750 -30.09 33.38 -7.04
C LEU C 750 -28.90 33.04 -6.16
N ASN C 751 -29.15 32.82 -4.88
CA ASN C 751 -28.07 32.62 -3.92
C ASN C 751 -28.32 31.37 -3.09
N MET C 752 -28.03 30.21 -3.65
CA MET C 752 -28.30 28.94 -2.99
C MET C 752 -27.41 28.64 -1.81
N ARG C 753 -26.43 29.48 -1.48
CA ARG C 753 -25.65 29.24 -0.27
C ARG C 753 -26.49 29.46 0.98
N LYS C 754 -27.45 30.38 0.92
CA LYS C 754 -28.38 30.61 2.00
C LYS C 754 -29.83 30.39 1.63
N ASN C 755 -30.14 30.29 0.34
CA ASN C 755 -31.52 30.11 -0.11
C ASN C 755 -31.94 28.68 0.15
N SER C 756 -33.22 28.50 0.45
CA SER C 756 -33.75 27.16 0.64
C SER C 756 -33.84 26.46 -0.71
N TRP C 757 -33.55 25.16 -0.71
CA TRP C 757 -33.75 24.36 -1.92
C TRP C 757 -35.21 24.26 -2.30
N TYR C 758 -36.08 24.03 -1.32
CA TYR C 758 -37.49 23.83 -1.61
C TYR C 758 -38.19 25.15 -1.93
N LYS C 759 -37.61 26.28 -1.52
CA LYS C 759 -38.19 27.57 -1.85
C LYS C 759 -38.12 27.88 -3.34
N VAL C 760 -37.25 27.19 -4.09
CA VAL C 760 -37.26 27.32 -5.54
C VAL C 760 -38.50 26.68 -6.12
N ILE C 761 -38.81 25.45 -5.70
CA ILE C 761 -40.00 24.76 -6.19
C ILE C 761 -41.27 25.46 -5.74
N LEU C 762 -41.26 25.96 -4.50
CA LEU C 762 -42.39 26.72 -3.99
C LEU C 762 -42.59 28.01 -4.77
N SER C 763 -41.51 28.71 -5.07
CA SER C 763 -41.59 29.95 -5.82
C SER C 763 -41.89 29.73 -7.28
N ILE C 764 -41.65 28.51 -7.79
CA ILE C 764 -42.14 28.18 -9.13
C ILE C 764 -43.63 28.00 -9.11
N LEU C 765 -44.14 27.27 -8.12
CA LEU C 765 -45.59 27.04 -8.07
C LEU C 765 -46.34 28.28 -7.61
N VAL C 766 -45.74 29.07 -6.73
CA VAL C 766 -46.35 30.28 -6.18
C VAL C 766 -45.55 31.49 -6.64
N PRO C 767 -45.96 32.17 -7.71
CA PRO C 767 -45.16 33.28 -8.25
C PRO C 767 -45.04 34.51 -7.35
N PRO C 768 -45.95 34.80 -6.40
CA PRO C 768 -45.59 35.83 -5.42
C PRO C 768 -44.57 35.41 -4.38
N ALA C 769 -44.06 34.18 -4.40
CA ALA C 769 -42.95 33.85 -3.53
C ALA C 769 -41.60 34.09 -4.19
N ILE C 770 -41.60 34.48 -5.47
CA ILE C 770 -40.36 34.87 -6.14
C ILE C 770 -39.77 36.11 -5.49
N LEU C 771 -40.64 37.06 -5.14
CA LEU C 771 -40.20 38.42 -4.82
C LEU C 771 -39.38 38.50 -3.55
N MET C 772 -39.51 37.49 -2.69
CA MET C 772 -38.77 37.47 -1.42
C MET C 772 -38.05 36.17 -0.98
N LEU C 773 -36.94 35.81 -1.62
CA LEU C 773 -36.19 34.61 -1.20
C LEU C 773 -34.76 35.00 -0.82
N GLU C 774 -33.94 35.27 -1.82
CA GLU C 774 -32.57 35.78 -1.64
C GLU C 774 -31.91 35.79 -3.00
N TYR C 775 -31.05 36.78 -3.25
CA TYR C 775 -30.40 36.95 -4.54
C TYR C 775 -28.93 37.29 -4.37
N LYS C 776 -28.28 37.64 -5.48
CA LYS C 776 -26.88 38.01 -5.50
C LYS C 776 -26.70 39.38 -6.11
N THR C 777 -25.67 40.08 -5.64
CA THR C 777 -25.32 41.41 -6.11
C THR C 777 -24.27 41.31 -7.21
N LYS C 778 -23.96 42.46 -7.82
CA LYS C 778 -22.99 42.47 -8.91
C LYS C 778 -21.56 42.24 -8.44
N ALA C 779 -21.29 42.37 -7.14
CA ALA C 779 -19.99 41.99 -6.64
C ALA C 779 -19.86 40.49 -6.50
N GLU C 780 -20.98 39.77 -6.43
CA GLU C 780 -20.98 38.33 -6.37
C GLU C 780 -21.19 37.69 -7.74
N MET C 781 -21.71 38.44 -8.69
CA MET C 781 -21.93 37.96 -10.06
C MET C 781 -20.82 38.40 -10.98
N SER C 782 -19.63 38.68 -10.45
CA SER C 782 -18.58 39.26 -11.28
C SER C 782 -17.89 38.20 -12.11
N HIS C 783 -17.60 37.06 -11.51
CA HIS C 783 -16.89 35.99 -12.18
C HIS C 783 -17.79 35.08 -13.00
N ILE C 784 -19.10 35.16 -12.81
CA ILE C 784 -20.04 34.32 -13.53
C ILE C 784 -20.30 34.91 -14.90
N PRO C 785 -20.04 34.20 -15.96
CA PRO C 785 -20.31 34.73 -17.29
C PRO C 785 -21.79 34.78 -17.61
N GLN C 786 -22.33 35.99 -17.63
CA GLN C 786 -23.73 36.26 -17.84
C GLN C 786 -24.04 36.36 -19.32
N SER C 787 -25.32 36.32 -19.66
CA SER C 787 -25.70 36.49 -21.05
C SER C 787 -25.62 37.97 -21.43
N GLN C 788 -25.95 38.27 -22.69
CA GLN C 788 -25.85 39.64 -23.18
C GLN C 788 -26.86 40.55 -22.50
N ASP C 789 -28.02 40.00 -22.13
CA ASP C 789 -29.06 40.79 -21.47
C ASP C 789 -28.92 40.69 -19.94
N ALA C 790 -27.74 41.07 -19.46
CA ALA C 790 -27.47 41.17 -18.04
C ALA C 790 -26.31 42.11 -17.77
N ILE C 840 -37.59 45.17 -9.00
CA ILE C 840 -38.69 44.30 -8.60
C ILE C 840 -39.14 43.47 -9.80
N THR C 841 -39.31 44.12 -10.94
CA THR C 841 -39.53 43.36 -12.17
C THR C 841 -38.25 42.82 -12.77
N ARG C 842 -37.09 43.17 -12.21
CA ARG C 842 -35.86 42.49 -12.54
C ARG C 842 -35.66 41.24 -11.70
N LYS C 843 -36.50 41.03 -10.69
CA LYS C 843 -36.44 39.80 -9.92
C LYS C 843 -37.20 38.66 -10.57
N PHE C 844 -38.16 38.96 -11.45
CA PHE C 844 -38.78 37.92 -12.26
C PHE C 844 -37.88 37.49 -13.39
N TYR C 845 -37.25 38.45 -14.08
CA TYR C 845 -36.30 38.11 -15.12
C TYR C 845 -35.07 37.44 -14.53
N ALA C 846 -34.70 37.83 -13.32
CA ALA C 846 -33.55 37.22 -12.67
C ALA C 846 -33.87 35.82 -12.20
N PHE C 847 -35.10 35.60 -11.72
CA PHE C 847 -35.46 34.28 -11.22
C PHE C 847 -35.71 33.30 -12.34
N TYR C 848 -36.42 33.70 -13.39
CA TYR C 848 -36.83 32.73 -14.38
C TYR C 848 -35.72 32.29 -15.29
N HIS C 849 -34.72 33.12 -15.52
CA HIS C 849 -33.64 32.73 -16.40
C HIS C 849 -32.51 32.03 -15.68
N ALA C 850 -32.71 31.64 -14.46
CA ALA C 850 -31.70 30.83 -13.84
C ALA C 850 -31.83 29.40 -14.33
N PRO C 851 -30.72 28.67 -14.44
CA PRO C 851 -30.82 27.29 -14.88
C PRO C 851 -31.41 26.37 -13.86
N ILE C 852 -31.38 26.69 -12.56
CA ILE C 852 -32.14 25.92 -11.59
C ILE C 852 -33.62 26.01 -11.91
N VAL C 853 -34.11 27.22 -12.19
CA VAL C 853 -35.53 27.40 -12.36
C VAL C 853 -36.00 26.88 -13.70
N LYS C 854 -35.16 26.95 -14.73
CA LYS C 854 -35.49 26.27 -15.97
C LYS C 854 -35.50 24.76 -15.76
N PHE C 855 -34.59 24.25 -14.93
CA PHE C 855 -34.52 22.82 -14.71
C PHE C 855 -35.70 22.30 -13.94
N TRP C 856 -35.96 22.85 -12.75
CA TRP C 856 -37.07 22.40 -11.93
C TRP C 856 -38.40 22.70 -12.56
N PHE C 857 -38.49 23.75 -13.36
CA PHE C 857 -39.73 24.01 -14.06
C PHE C 857 -39.97 22.96 -15.13
N ASN C 858 -38.90 22.55 -15.79
CA ASN C 858 -38.98 21.49 -16.78
C ASN C 858 -39.26 20.12 -16.16
N THR C 859 -38.67 19.79 -15.01
CA THR C 859 -38.95 18.47 -14.46
C THR C 859 -40.28 18.41 -13.76
N LEU C 860 -40.77 19.51 -13.18
CA LEU C 860 -42.13 19.49 -12.66
C LEU C 860 -43.14 19.26 -13.78
N ALA C 861 -42.93 19.89 -14.92
CA ALA C 861 -43.83 19.57 -16.01
C ALA C 861 -43.58 18.20 -16.60
N TYR C 862 -42.38 17.64 -16.43
CA TYR C 862 -42.16 16.29 -16.92
C TYR C 862 -42.81 15.25 -16.03
N LEU C 863 -42.79 15.48 -14.72
CA LEU C 863 -43.51 14.58 -13.83
C LEU C 863 -45.01 14.72 -14.00
N GLY C 864 -45.49 15.91 -14.36
CA GLY C 864 -46.87 16.03 -14.78
C GLY C 864 -47.15 15.27 -16.05
N PHE C 865 -46.20 15.24 -16.97
CA PHE C 865 -46.35 14.45 -18.18
C PHE C 865 -46.39 12.96 -17.91
N LEU C 866 -45.58 12.48 -16.98
CA LEU C 866 -45.60 11.05 -16.70
C LEU C 866 -46.82 10.64 -15.92
N MET C 867 -47.27 11.47 -14.98
CA MET C 867 -48.50 11.14 -14.27
C MET C 867 -49.70 11.14 -15.20
N LEU C 868 -49.76 12.10 -16.12
CA LEU C 868 -50.85 12.07 -17.08
C LEU C 868 -50.70 10.94 -18.06
N TYR C 869 -49.48 10.57 -18.40
CA TYR C 869 -49.32 9.56 -19.43
C TYR C 869 -49.59 8.17 -18.89
N THR C 870 -49.36 7.94 -17.61
CA THR C 870 -49.75 6.65 -17.09
C THR C 870 -51.19 6.62 -16.60
N PHE C 871 -51.81 7.76 -16.32
CA PHE C 871 -53.26 7.71 -16.24
C PHE C 871 -53.85 7.41 -17.61
N VAL C 872 -53.22 7.88 -18.69
CA VAL C 872 -53.71 7.57 -20.02
C VAL C 872 -53.58 6.09 -20.32
N VAL C 873 -52.39 5.58 -20.11
CA VAL C 873 -52.06 4.18 -20.37
C VAL C 873 -52.73 3.11 -19.52
N LEU C 874 -52.87 3.35 -18.23
CA LEU C 874 -53.42 2.34 -17.34
C LEU C 874 -54.94 2.22 -17.45
N VAL C 875 -55.62 3.30 -17.76
CA VAL C 875 -57.07 3.37 -17.77
C VAL C 875 -57.57 3.07 -19.19
N LYS C 876 -58.80 2.55 -19.28
CA LYS C 876 -59.43 2.10 -20.52
C LYS C 876 -59.36 3.13 -21.63
N MET C 877 -58.73 2.74 -22.72
CA MET C 877 -58.64 3.59 -23.89
C MET C 877 -59.99 3.56 -24.59
N GLU C 878 -60.37 4.71 -25.14
CA GLU C 878 -61.63 4.84 -25.85
C GLU C 878 -61.34 5.27 -27.28
N GLN C 879 -62.39 5.38 -28.08
CA GLN C 879 -62.20 5.71 -29.49
C GLN C 879 -61.71 7.14 -29.67
N LEU C 880 -62.31 8.07 -28.96
CA LEU C 880 -61.92 9.47 -28.97
C LEU C 880 -61.02 9.72 -27.78
N PRO C 881 -59.88 10.39 -27.96
CA PRO C 881 -58.93 10.54 -26.86
C PRO C 881 -59.47 11.43 -25.76
N SER C 882 -59.08 11.11 -24.53
CA SER C 882 -59.58 11.85 -23.39
C SER C 882 -58.87 13.20 -23.28
N VAL C 883 -59.19 13.92 -22.21
CA VAL C 883 -58.54 15.20 -21.94
C VAL C 883 -57.06 15.00 -21.65
N GLN C 884 -56.74 13.94 -20.90
CA GLN C 884 -55.36 13.68 -20.51
C GLN C 884 -54.50 13.29 -21.69
N GLU C 885 -55.09 12.62 -22.68
CA GLU C 885 -54.31 12.13 -23.78
C GLU C 885 -53.90 13.25 -24.72
N TRP C 886 -54.73 14.29 -24.88
CA TRP C 886 -54.30 15.40 -25.71
C TRP C 886 -53.22 16.22 -25.03
N ILE C 887 -53.19 16.23 -23.70
CA ILE C 887 -52.06 16.87 -23.03
C ILE C 887 -50.80 16.06 -23.25
N VAL C 888 -50.93 14.73 -23.30
CA VAL C 888 -49.75 13.90 -23.60
C VAL C 888 -49.24 14.15 -25.00
N ILE C 889 -50.13 14.17 -25.99
CA ILE C 889 -49.72 14.39 -27.37
C ILE C 889 -49.22 15.81 -27.59
N ALA C 890 -49.74 16.77 -26.82
CA ALA C 890 -49.19 18.12 -26.86
C ALA C 890 -47.78 18.16 -26.32
N TYR C 891 -47.52 17.42 -25.23
CA TYR C 891 -46.17 17.38 -24.69
C TYR C 891 -45.20 16.73 -25.66
N ILE C 892 -45.58 15.61 -26.27
CA ILE C 892 -44.61 14.91 -27.09
C ILE C 892 -44.42 15.63 -28.41
N PHE C 893 -45.46 16.27 -28.94
CA PHE C 893 -45.32 17.04 -30.17
C PHE C 893 -44.43 18.26 -29.95
N THR C 894 -44.75 19.10 -28.98
CA THR C 894 -43.94 20.29 -28.79
C THR C 894 -42.57 19.97 -28.21
N TYR C 895 -42.45 18.85 -27.52
CA TYR C 895 -41.15 18.36 -27.10
C TYR C 895 -40.31 17.96 -28.30
N ALA C 896 -40.93 17.35 -29.31
CA ALA C 896 -40.20 17.02 -30.52
C ALA C 896 -39.79 18.27 -31.28
N ILE C 897 -40.63 19.31 -31.25
CA ILE C 897 -40.28 20.59 -31.85
C ILE C 897 -39.05 21.17 -31.17
N GLU C 898 -39.01 21.12 -29.83
CA GLU C 898 -37.84 21.63 -29.12
C GLU C 898 -36.60 20.79 -29.38
N LYS C 899 -36.76 19.49 -29.62
CA LYS C 899 -35.57 18.71 -29.96
C LYS C 899 -35.07 18.99 -31.37
N VAL C 900 -35.98 19.28 -32.31
CA VAL C 900 -35.53 19.69 -33.65
C VAL C 900 -34.84 21.04 -33.59
N ARG C 901 -35.34 21.96 -32.76
CA ARG C 901 -34.68 23.24 -32.56
C ARG C 901 -33.30 23.06 -31.90
N GLU C 902 -33.16 22.07 -31.02
CA GLU C 902 -31.87 21.83 -30.38
C GLU C 902 -30.90 21.06 -31.26
N VAL C 903 -31.38 20.38 -32.29
CA VAL C 903 -30.46 19.77 -33.25
C VAL C 903 -30.05 20.77 -34.34
N PHE C 904 -31.00 21.56 -34.85
CA PHE C 904 -30.69 22.54 -35.87
C PHE C 904 -29.94 23.74 -35.32
N MET C 905 -30.04 24.02 -34.03
CA MET C 905 -29.21 25.06 -33.42
C MET C 905 -28.48 24.55 -32.18
N LYS C 914 -23.21 17.62 -37.15
CA LYS C 914 -23.87 18.20 -35.98
C LYS C 914 -25.00 17.29 -35.52
N ILE C 915 -25.45 16.41 -36.42
CA ILE C 915 -26.44 15.41 -36.03
C ILE C 915 -25.77 14.21 -35.38
N LYS C 916 -24.62 13.79 -35.93
CA LYS C 916 -23.86 12.68 -35.34
C LYS C 916 -23.21 13.06 -34.03
N VAL C 917 -23.09 14.36 -33.74
CA VAL C 917 -22.72 14.78 -32.39
C VAL C 917 -23.87 14.51 -31.43
N TRP C 918 -25.09 14.79 -31.86
CA TRP C 918 -26.26 14.69 -31.00
C TRP C 918 -26.64 13.24 -30.71
N PHE C 919 -26.29 12.30 -31.59
CA PHE C 919 -26.55 10.89 -31.37
C PHE C 919 -25.54 10.24 -30.43
N SER C 920 -24.58 10.98 -29.91
CA SER C 920 -23.56 10.35 -29.07
C SER C 920 -24.05 10.11 -27.66
N ASP C 921 -25.01 10.89 -27.19
CA ASP C 921 -25.56 10.71 -25.85
C ASP C 921 -26.62 9.62 -25.87
N TYR C 922 -26.58 8.76 -24.86
CA TYR C 922 -27.47 7.60 -24.83
C TYR C 922 -28.91 7.97 -24.50
N PHE C 923 -29.16 9.19 -24.03
CA PHE C 923 -30.53 9.66 -23.81
C PHE C 923 -30.99 10.57 -24.93
N ASN C 924 -30.35 10.51 -26.08
CA ASN C 924 -30.86 11.11 -27.30
C ASN C 924 -31.20 10.08 -28.36
N VAL C 925 -30.53 8.94 -28.36
CA VAL C 925 -30.98 7.81 -29.15
C VAL C 925 -32.31 7.32 -28.63
N SER C 926 -32.50 7.34 -27.31
CA SER C 926 -33.78 6.96 -26.74
C SER C 926 -34.86 8.02 -26.97
N ASP C 927 -34.49 9.26 -27.27
CA ASP C 927 -35.51 10.25 -27.55
C ASP C 927 -36.05 10.13 -28.96
N THR C 928 -35.21 9.75 -29.91
CA THR C 928 -35.71 9.55 -31.27
C THR C 928 -36.63 8.36 -31.35
N ILE C 929 -36.29 7.27 -30.65
CA ILE C 929 -37.14 6.09 -30.66
C ILE C 929 -38.42 6.35 -29.89
N ALA C 930 -38.36 7.18 -28.85
CA ALA C 930 -39.56 7.48 -28.08
C ALA C 930 -40.53 8.32 -28.88
N ILE C 931 -40.02 9.30 -29.61
CA ILE C 931 -40.90 10.24 -30.29
C ILE C 931 -41.43 9.62 -31.58
N ILE C 932 -40.58 8.92 -32.33
CA ILE C 932 -41.02 8.31 -33.58
C ILE C 932 -42.02 7.19 -33.32
N SER C 933 -41.74 6.33 -32.34
CA SER C 933 -42.68 5.25 -32.04
C SER C 933 -43.91 5.73 -31.30
N PHE C 934 -43.91 6.94 -30.77
CA PHE C 934 -45.16 7.43 -30.21
C PHE C 934 -46.16 7.77 -31.29
N PHE C 935 -45.72 8.36 -32.38
CA PHE C 935 -46.66 8.75 -33.41
C PHE C 935 -46.99 7.61 -34.34
N VAL C 936 -46.13 6.60 -34.44
CA VAL C 936 -46.55 5.34 -35.04
C VAL C 936 -47.64 4.72 -34.20
N GLY C 937 -47.53 4.84 -32.88
CA GLY C 937 -48.58 4.35 -32.01
C GLY C 937 -49.82 5.23 -32.06
N PHE C 938 -49.63 6.54 -32.17
CA PHE C 938 -50.79 7.42 -32.29
C PHE C 938 -51.38 7.41 -33.69
N GLY C 939 -50.58 7.08 -34.70
CA GLY C 939 -51.15 6.90 -36.03
C GLY C 939 -52.07 5.70 -36.09
N LEU C 940 -51.66 4.58 -35.50
CA LEU C 940 -52.50 3.40 -35.48
C LEU C 940 -53.63 3.49 -34.47
N ARG C 941 -53.52 4.37 -33.49
CA ARG C 941 -54.60 4.51 -32.52
C ARG C 941 -55.72 5.34 -33.09
N PHE C 942 -55.37 6.48 -33.68
CA PHE C 942 -56.31 7.52 -34.06
C PHE C 942 -56.77 7.35 -35.50
N GLY C 943 -55.84 7.25 -36.43
CA GLY C 943 -56.18 6.98 -37.80
C GLY C 943 -56.40 5.50 -38.05
N ALA C 944 -57.52 4.98 -37.55
CA ALA C 944 -57.80 3.56 -37.63
C ALA C 944 -59.27 3.33 -37.95
N LYS C 945 -59.53 2.17 -38.53
CA LYS C 945 -60.91 1.71 -38.71
C LYS C 945 -61.51 1.36 -37.36
N TRP C 946 -62.77 1.75 -37.16
CA TRP C 946 -63.43 1.48 -35.88
C TRP C 946 -63.72 0.00 -35.72
N ASN C 947 -64.48 -0.57 -36.66
CA ASN C 947 -65.09 -1.91 -36.56
C ASN C 947 -65.82 -2.06 -35.22
N TYR C 948 -66.69 -1.09 -34.95
CA TYR C 948 -67.11 -0.78 -33.59
C TYR C 948 -68.01 -1.87 -33.02
N ILE C 949 -67.78 -2.18 -31.75
CA ILE C 949 -68.55 -3.18 -31.02
C ILE C 949 -68.50 -2.79 -29.56
N ASN C 950 -69.22 -3.54 -28.72
CA ASN C 950 -68.94 -3.51 -27.29
C ASN C 950 -67.49 -3.92 -27.01
N ALA C 951 -66.99 -4.89 -27.77
CA ALA C 951 -65.58 -5.22 -27.77
C ALA C 951 -64.82 -4.16 -28.57
N TYR C 952 -63.95 -3.42 -27.88
CA TYR C 952 -63.21 -2.33 -28.51
C TYR C 952 -61.95 -2.79 -29.23
N ASP C 953 -61.70 -4.08 -29.30
CA ASP C 953 -60.45 -4.58 -29.87
C ASP C 953 -60.59 -4.84 -31.37
N ASN C 954 -59.96 -3.98 -32.16
CA ASN C 954 -59.67 -4.22 -33.57
C ASN C 954 -58.16 -4.33 -33.71
N HIS C 955 -57.72 -4.99 -34.77
CA HIS C 955 -56.30 -5.35 -34.90
C HIS C 955 -55.39 -4.14 -35.07
N VAL C 956 -55.92 -3.02 -35.55
CA VAL C 956 -55.11 -1.83 -35.71
C VAL C 956 -55.07 -1.03 -34.42
N PHE C 957 -56.22 -0.90 -33.76
CA PHE C 957 -56.29 -0.16 -32.51
C PHE C 957 -55.49 -0.82 -31.41
N VAL C 958 -55.47 -2.14 -31.38
CA VAL C 958 -54.75 -2.87 -30.32
C VAL C 958 -53.25 -2.64 -30.47
N ALA C 959 -52.71 -2.74 -31.68
CA ALA C 959 -51.29 -2.50 -31.87
C ALA C 959 -50.92 -1.04 -31.63
N GLY C 960 -51.85 -0.13 -31.88
CA GLY C 960 -51.62 1.25 -31.50
C GLY C 960 -51.56 1.42 -30.01
N ARG C 961 -52.43 0.70 -29.29
CA ARG C 961 -52.39 0.81 -27.85
C ARG C 961 -51.20 0.05 -27.25
N LEU C 962 -50.62 -0.92 -27.94
CA LEU C 962 -49.46 -1.60 -27.37
C LEU C 962 -48.16 -0.90 -27.69
N ILE C 963 -48.06 -0.24 -28.86
CA ILE C 963 -46.95 0.68 -29.08
C ILE C 963 -47.14 1.93 -28.26
N TYR C 964 -48.32 2.11 -27.71
CA TYR C 964 -48.63 3.19 -26.79
C TYR C 964 -48.35 2.83 -25.34
N CYS C 965 -48.35 1.53 -24.99
CA CYS C 965 -48.04 1.01 -23.66
C CYS C 965 -46.56 0.75 -23.47
N LEU C 966 -45.92 0.11 -24.46
CA LEU C 966 -44.49 -0.14 -24.41
C LEU C 966 -43.65 1.11 -24.55
N ASN C 967 -44.24 2.26 -24.81
CA ASN C 967 -43.49 3.47 -25.04
C ASN C 967 -43.24 4.24 -23.77
N ILE C 968 -43.94 3.93 -22.67
CA ILE C 968 -43.74 4.70 -21.46
C ILE C 968 -42.40 4.38 -20.86
N ILE C 969 -41.87 3.19 -21.16
CA ILE C 969 -40.56 2.76 -20.72
C ILE C 969 -39.50 3.74 -21.14
N PHE C 970 -39.61 4.34 -22.32
CA PHE C 970 -38.60 5.29 -22.76
C PHE C 970 -38.66 6.58 -21.97
N TRP C 971 -39.85 6.96 -21.51
CA TRP C 971 -39.95 8.19 -20.77
C TRP C 971 -39.52 8.00 -19.33
N TYR C 972 -39.77 6.82 -18.77
CA TYR C 972 -39.24 6.53 -17.44
C TYR C 972 -37.74 6.39 -17.45
N VAL C 973 -37.16 5.85 -18.52
CA VAL C 973 -35.72 5.85 -18.62
C VAL C 973 -35.21 7.27 -18.75
N ARG C 974 -35.98 8.13 -19.42
CA ARG C 974 -35.61 9.54 -19.51
C ARG C 974 -35.64 10.23 -18.16
N LEU C 975 -36.37 9.71 -17.17
CA LEU C 975 -36.21 10.24 -15.81
C LEU C 975 -34.83 10.04 -15.19
N LEU C 976 -34.00 9.15 -15.72
CA LEU C 976 -32.66 9.03 -15.18
C LEU C 976 -31.77 10.16 -15.66
N ASP C 977 -32.12 10.82 -16.75
CA ASP C 977 -31.41 12.02 -17.18
C ASP C 977 -31.65 13.16 -16.22
N PHE C 978 -32.84 13.22 -15.63
CA PHE C 978 -33.15 14.26 -14.65
C PHE C 978 -32.45 14.02 -13.34
N LEU C 979 -32.52 12.78 -12.90
CA LEU C 979 -31.94 12.35 -11.64
C LEU C 979 -30.45 12.48 -11.65
N ALA C 980 -29.86 12.15 -12.78
CA ALA C 980 -28.41 12.17 -12.92
C ALA C 980 -27.88 13.59 -13.00
N VAL C 981 -28.43 14.52 -12.23
CA VAL C 981 -27.88 15.88 -12.21
C VAL C 981 -27.41 16.30 -10.84
N ASN C 982 -27.65 15.52 -9.80
CA ASN C 982 -27.11 15.89 -8.51
C ASN C 982 -25.84 15.12 -8.22
N GLN C 983 -25.14 15.56 -7.18
CA GLN C 983 -23.78 15.14 -6.90
C GLN C 983 -23.70 13.66 -6.61
N GLN C 984 -24.72 13.10 -5.99
CA GLN C 984 -24.66 11.74 -5.48
C GLN C 984 -25.25 10.71 -6.43
N ALA C 985 -26.34 11.02 -7.12
CA ALA C 985 -26.97 10.05 -8.00
C ALA C 985 -26.50 10.14 -9.42
N GLY C 986 -25.66 11.08 -9.75
CA GLY C 986 -25.10 11.17 -11.07
C GLY C 986 -24.15 10.06 -11.43
N PRO C 987 -23.11 9.83 -10.62
CA PRO C 987 -22.19 8.74 -10.90
C PRO C 987 -22.81 7.36 -10.92
N TYR C 988 -23.91 7.11 -10.24
CA TYR C 988 -24.48 5.79 -10.31
C TYR C 988 -25.19 5.56 -11.64
N VAL C 989 -25.86 6.57 -12.17
CA VAL C 989 -26.48 6.43 -13.47
C VAL C 989 -25.42 6.38 -14.55
N MET C 990 -24.33 7.13 -14.38
CA MET C 990 -23.24 7.04 -15.33
C MET C 990 -22.42 5.78 -15.14
N MET C 991 -22.71 5.01 -14.10
CA MET C 991 -21.96 3.83 -13.72
C MET C 991 -22.65 2.54 -14.13
N ILE C 992 -23.98 2.55 -14.12
CA ILE C 992 -24.78 1.39 -14.52
C ILE C 992 -24.49 1.02 -15.96
N GLY C 993 -24.46 1.97 -16.86
CA GLY C 993 -24.16 1.65 -18.25
C GLY C 993 -22.72 1.25 -18.46
N LYS C 994 -21.84 1.79 -17.65
CA LYS C 994 -20.42 1.47 -17.75
C LYS C 994 -20.11 0.12 -17.17
N MET C 995 -21.05 -0.49 -16.45
CA MET C 995 -20.84 -1.84 -15.97
C MET C 995 -21.71 -2.87 -16.70
N VAL C 996 -22.84 -2.46 -17.27
CA VAL C 996 -23.55 -3.29 -18.24
C VAL C 996 -22.68 -3.54 -19.46
N ALA C 997 -21.98 -2.51 -19.93
CA ALA C 997 -21.08 -2.71 -21.06
C ALA C 997 -19.85 -3.50 -20.72
N ASN C 998 -19.68 -3.88 -19.47
CA ASN C 998 -18.46 -4.46 -18.96
C ASN C 998 -18.65 -5.89 -18.49
N MET C 999 -19.88 -6.29 -18.16
CA MET C 999 -20.16 -7.65 -17.73
C MET C 999 -20.69 -8.53 -18.85
N PHE C 1000 -20.61 -8.05 -20.09
CA PHE C 1000 -21.31 -8.69 -21.21
C PHE C 1000 -20.80 -10.09 -21.44
N TYR C 1001 -19.53 -10.35 -21.23
CA TYR C 1001 -19.03 -11.67 -21.49
C TYR C 1001 -19.13 -12.61 -20.31
N ILE C 1002 -19.62 -12.16 -19.16
CA ILE C 1002 -20.06 -13.13 -18.17
C ILE C 1002 -21.51 -13.47 -18.45
N VAL C 1003 -22.29 -12.50 -18.94
CA VAL C 1003 -23.66 -12.81 -19.32
C VAL C 1003 -23.73 -13.71 -20.56
N VAL C 1004 -22.74 -13.69 -21.45
CA VAL C 1004 -22.76 -14.61 -22.57
C VAL C 1004 -22.54 -16.05 -22.09
N ILE C 1005 -21.59 -16.25 -21.18
CA ILE C 1005 -21.32 -17.58 -20.63
C ILE C 1005 -22.54 -18.09 -19.86
N MET C 1006 -23.23 -17.20 -19.16
CA MET C 1006 -24.48 -17.59 -18.52
C MET C 1006 -25.54 -17.95 -19.52
N ALA C 1007 -25.50 -17.36 -20.72
CA ALA C 1007 -26.49 -17.74 -21.72
C ALA C 1007 -26.16 -19.06 -22.40
N LEU C 1008 -24.88 -19.42 -22.49
CA LEU C 1008 -24.54 -20.76 -22.99
C LEU C 1008 -24.91 -21.84 -22.00
N VAL C 1009 -24.68 -21.59 -20.71
CA VAL C 1009 -25.13 -22.54 -19.71
C VAL C 1009 -26.65 -22.64 -19.71
N LEU C 1010 -27.30 -21.51 -19.96
CA LEU C 1010 -28.75 -21.50 -20.05
C LEU C 1010 -29.25 -22.34 -21.21
N LEU C 1011 -28.61 -22.25 -22.38
CA LEU C 1011 -29.03 -23.08 -23.51
C LEU C 1011 -28.69 -24.54 -23.31
N SER C 1012 -27.51 -24.82 -22.78
CA SER C 1012 -27.08 -26.21 -22.63
C SER C 1012 -27.79 -26.93 -21.51
N PHE C 1013 -28.58 -26.24 -20.68
CA PHE C 1013 -29.60 -26.95 -19.93
C PHE C 1013 -30.97 -26.88 -20.57
N GLY C 1014 -31.27 -25.82 -21.30
CA GLY C 1014 -32.60 -25.68 -21.85
C GLY C 1014 -32.92 -26.69 -22.91
N VAL C 1015 -31.94 -27.09 -23.71
CA VAL C 1015 -32.21 -27.98 -24.82
C VAL C 1015 -32.35 -29.45 -24.40
N PRO C 1016 -31.45 -30.08 -23.62
CA PRO C 1016 -31.73 -31.46 -23.24
C PRO C 1016 -32.83 -31.63 -22.22
N ARG C 1017 -33.26 -30.58 -21.53
CA ARG C 1017 -34.39 -30.74 -20.63
C ARG C 1017 -35.69 -30.89 -21.41
N LYS C 1018 -35.90 -30.06 -22.43
CA LYS C 1018 -37.05 -30.25 -23.30
C LYS C 1018 -36.92 -31.54 -24.09
N ALA C 1019 -35.74 -31.78 -24.64
CA ALA C 1019 -35.51 -32.94 -25.47
C ALA C 1019 -35.71 -34.25 -24.73
N ILE C 1020 -35.41 -34.28 -23.45
CA ILE C 1020 -35.71 -35.46 -22.66
C ILE C 1020 -37.18 -35.51 -22.30
N LEU C 1021 -37.74 -34.39 -21.85
CA LEU C 1021 -39.11 -34.41 -21.35
C LEU C 1021 -40.15 -34.48 -22.47
N TYR C 1022 -39.89 -33.87 -23.62
CA TYR C 1022 -40.89 -33.73 -24.68
C TYR C 1022 -40.38 -34.38 -25.96
N PRO C 1023 -40.49 -35.70 -26.10
CA PRO C 1023 -39.98 -36.33 -27.31
C PRO C 1023 -40.87 -36.14 -28.51
N HIS C 1024 -42.19 -36.03 -28.32
CA HIS C 1024 -43.12 -35.97 -29.43
C HIS C 1024 -43.50 -34.53 -29.71
N GLU C 1025 -42.69 -33.85 -30.52
CA GLU C 1025 -42.98 -32.49 -30.90
C GLU C 1025 -42.93 -32.35 -32.41
N GLU C 1026 -43.58 -31.31 -32.90
CA GLU C 1026 -43.52 -30.90 -34.28
C GLU C 1026 -42.83 -29.56 -34.31
N PRO C 1027 -42.18 -29.20 -35.42
CA PRO C 1027 -41.42 -27.95 -35.46
C PRO C 1027 -42.34 -26.74 -35.35
N SER C 1028 -42.08 -25.93 -34.32
CA SER C 1028 -42.85 -24.73 -34.07
C SER C 1028 -41.92 -23.71 -33.46
N TRP C 1029 -42.38 -22.46 -33.41
CA TRP C 1029 -41.59 -21.44 -32.75
C TRP C 1029 -41.79 -21.43 -31.25
N SER C 1030 -42.67 -22.28 -30.73
CA SER C 1030 -42.76 -22.47 -29.29
C SER C 1030 -41.67 -23.39 -28.75
N LEU C 1031 -40.82 -23.94 -29.61
CA LEU C 1031 -39.66 -24.66 -29.10
C LEU C 1031 -38.62 -23.70 -28.53
N ALA C 1032 -38.39 -22.57 -29.21
CA ALA C 1032 -37.45 -21.57 -28.70
C ALA C 1032 -37.93 -20.99 -27.39
N LYS C 1033 -39.22 -20.69 -27.31
CA LYS C 1033 -39.77 -20.10 -26.10
C LYS C 1033 -39.65 -21.03 -24.93
N ASP C 1034 -39.83 -22.32 -25.15
CA ASP C 1034 -39.78 -23.21 -24.02
C ASP C 1034 -38.39 -23.76 -23.73
N ILE C 1035 -37.41 -23.59 -24.62
CA ILE C 1035 -36.06 -23.95 -24.21
C ILE C 1035 -35.39 -22.80 -23.48
N VAL C 1036 -35.73 -21.55 -23.82
CA VAL C 1036 -35.13 -20.45 -23.09
C VAL C 1036 -35.93 -20.14 -21.83
N PHE C 1037 -37.25 -20.34 -21.90
CA PHE C 1037 -38.19 -19.83 -20.90
C PHE C 1037 -37.97 -20.42 -19.51
N HIS C 1038 -38.17 -21.74 -19.36
CA HIS C 1038 -38.14 -22.33 -18.04
C HIS C 1038 -36.77 -22.34 -17.36
N PRO C 1039 -35.63 -22.58 -18.02
CA PRO C 1039 -34.37 -22.39 -17.31
C PRO C 1039 -33.96 -20.96 -17.12
N TYR C 1040 -34.67 -19.99 -17.66
CA TYR C 1040 -34.26 -18.61 -17.40
C TYR C 1040 -34.69 -18.17 -16.02
N TRP C 1041 -35.85 -18.59 -15.56
CA TRP C 1041 -36.34 -18.13 -14.28
C TRP C 1041 -35.73 -18.88 -13.13
N MET C 1042 -34.87 -19.86 -13.38
CA MET C 1042 -34.22 -20.58 -12.31
C MET C 1042 -33.03 -19.83 -11.77
N ILE C 1043 -32.54 -18.84 -12.51
CA ILE C 1043 -31.51 -17.98 -11.98
C ILE C 1043 -32.08 -17.08 -10.90
N PHE C 1044 -33.38 -16.82 -10.95
CA PHE C 1044 -34.02 -15.76 -10.22
C PHE C 1044 -34.86 -16.27 -9.07
N GLY C 1045 -34.75 -17.54 -8.74
CA GLY C 1045 -35.40 -18.02 -7.54
C GLY C 1045 -36.34 -19.16 -7.76
N GLU C 1046 -36.98 -19.23 -8.92
CA GLU C 1046 -37.99 -20.24 -9.13
C GLU C 1046 -37.33 -21.54 -9.56
N VAL C 1047 -37.42 -22.55 -8.71
CA VAL C 1047 -36.75 -23.83 -8.98
C VAL C 1047 -37.69 -24.79 -9.68
N TYR C 1048 -38.98 -24.45 -9.78
CA TYR C 1048 -40.04 -25.30 -10.32
C TYR C 1048 -40.06 -26.64 -9.62
N ALA C 1049 -40.34 -26.58 -8.32
CA ALA C 1049 -40.01 -27.68 -7.42
C ALA C 1049 -40.81 -28.94 -7.71
N TYR C 1050 -42.06 -28.77 -8.16
CA TYR C 1050 -42.88 -29.94 -8.40
C TYR C 1050 -42.68 -30.49 -9.80
N GLU C 1051 -42.14 -29.68 -10.70
CA GLU C 1051 -41.86 -30.17 -12.04
C GLU C 1051 -40.59 -31.01 -12.08
N ILE C 1052 -39.69 -30.84 -11.13
CA ILE C 1052 -38.58 -31.75 -10.95
C ILE C 1052 -39.16 -33.08 -10.49
N ASP C 1053 -38.50 -34.20 -10.80
CA ASP C 1053 -39.01 -35.56 -10.57
C ASP C 1053 -40.41 -35.71 -11.13
N VAL C 1054 -40.47 -35.72 -12.46
CA VAL C 1054 -41.76 -35.70 -13.11
C VAL C 1054 -42.45 -37.04 -12.92
N CYS C 1055 -41.65 -38.09 -12.71
CA CYS C 1055 -42.18 -39.43 -12.45
C CYS C 1055 -42.77 -39.56 -11.06
N ALA C 1056 -42.34 -38.74 -10.11
CA ALA C 1056 -42.68 -38.98 -8.71
C ALA C 1056 -44.12 -38.58 -8.40
N ASN C 1057 -44.61 -39.09 -7.28
CA ASN C 1057 -45.84 -38.55 -6.71
C ASN C 1057 -45.56 -37.18 -6.12
N ASP C 1058 -46.65 -36.50 -5.72
CA ASP C 1058 -46.63 -35.12 -5.26
C ASP C 1058 -45.98 -34.21 -6.30
N SER C 1059 -46.52 -34.31 -7.51
CA SER C 1059 -45.95 -33.65 -8.67
C SER C 1059 -47.03 -33.13 -9.57
N THR C 1060 -46.84 -31.90 -10.03
CA THR C 1060 -47.56 -31.43 -11.20
C THR C 1060 -46.87 -32.03 -12.42
N LEU C 1061 -47.48 -31.82 -13.58
CA LEU C 1061 -47.15 -32.47 -14.85
C LEU C 1061 -47.06 -33.99 -14.77
N PRO C 1062 -48.07 -34.74 -14.31
CA PRO C 1062 -47.89 -36.18 -14.16
C PRO C 1062 -48.05 -36.97 -15.45
N THR C 1063 -48.42 -36.31 -16.55
CA THR C 1063 -48.54 -36.99 -17.83
C THR C 1063 -47.18 -37.22 -18.47
N ILE C 1064 -46.17 -36.46 -18.06
CA ILE C 1064 -44.84 -36.61 -18.63
C ILE C 1064 -44.09 -37.66 -17.82
N CYS C 1065 -44.31 -38.93 -18.09
CA CYS C 1065 -43.63 -39.96 -17.33
C CYS C 1065 -42.99 -40.97 -18.28
N GLY C 1066 -42.53 -40.52 -19.44
CA GLY C 1066 -41.87 -41.35 -20.40
C GLY C 1066 -40.55 -41.88 -19.90
N PRO C 1067 -40.00 -42.86 -20.61
CA PRO C 1067 -38.64 -43.32 -20.31
C PRO C 1067 -37.62 -42.22 -20.47
N GLY C 1068 -36.73 -42.08 -19.51
CA GLY C 1068 -35.67 -41.11 -19.57
C GLY C 1068 -35.87 -39.87 -18.74
N THR C 1069 -37.07 -39.63 -18.25
CA THR C 1069 -37.34 -38.40 -17.52
C THR C 1069 -36.77 -38.39 -16.12
N TRP C 1070 -36.10 -39.45 -15.68
CA TRP C 1070 -35.38 -39.46 -14.42
C TRP C 1070 -34.04 -38.75 -14.50
N LEU C 1071 -33.65 -38.26 -15.67
CA LEU C 1071 -32.40 -37.55 -15.83
C LEU C 1071 -32.50 -36.08 -15.52
N THR C 1072 -33.67 -35.48 -15.68
CA THR C 1072 -33.80 -34.04 -15.51
C THR C 1072 -33.57 -33.49 -14.09
N PRO C 1073 -33.79 -34.20 -12.98
CA PRO C 1073 -33.29 -33.66 -11.73
C PRO C 1073 -31.78 -33.60 -11.63
N PHE C 1074 -31.06 -34.47 -12.33
CA PHE C 1074 -29.61 -34.37 -12.29
C PHE C 1074 -29.13 -33.24 -13.18
N LEU C 1075 -29.79 -33.02 -14.32
CA LEU C 1075 -29.41 -31.90 -15.17
C LEU C 1075 -29.77 -30.58 -14.53
N GLN C 1076 -30.90 -30.51 -13.83
CA GLN C 1076 -31.24 -29.29 -13.14
C GLN C 1076 -30.38 -29.07 -11.92
N ALA C 1077 -29.90 -30.14 -11.31
CA ALA C 1077 -28.98 -29.99 -10.19
C ALA C 1077 -27.64 -29.43 -10.63
N VAL C 1078 -27.10 -29.93 -11.74
CA VAL C 1078 -25.82 -29.41 -12.22
C VAL C 1078 -26.00 -28.01 -12.78
N TYR C 1079 -27.13 -27.73 -13.41
CA TYR C 1079 -27.39 -26.40 -13.95
C TYR C 1079 -27.52 -25.36 -12.87
N LEU C 1080 -28.26 -25.66 -11.80
CA LEU C 1080 -28.38 -24.68 -10.73
C LEU C 1080 -27.11 -24.54 -9.95
N PHE C 1081 -26.31 -25.61 -9.86
CA PHE C 1081 -25.02 -25.47 -9.19
C PHE C 1081 -24.12 -24.54 -9.97
N VAL C 1082 -24.01 -24.76 -11.27
CA VAL C 1082 -23.08 -23.97 -12.08
C VAL C 1082 -23.55 -22.54 -12.22
N GLN C 1083 -24.83 -22.37 -12.50
CA GLN C 1083 -25.40 -21.05 -12.69
C GLN C 1083 -25.37 -20.25 -11.40
N TYR C 1084 -26.01 -20.77 -10.36
CA TYR C 1084 -26.22 -20.01 -9.15
C TYR C 1084 -25.01 -19.98 -8.24
N ILE C 1085 -24.12 -20.95 -8.32
CA ILE C 1085 -23.01 -21.00 -7.38
C ILE C 1085 -21.72 -20.56 -8.06
N ILE C 1086 -21.62 -20.73 -9.37
CA ILE C 1086 -20.42 -20.28 -10.05
C ILE C 1086 -20.66 -18.99 -10.81
N MET C 1087 -21.74 -18.90 -11.59
CA MET C 1087 -21.79 -17.80 -12.54
C MET C 1087 -22.32 -16.53 -11.90
N VAL C 1088 -23.43 -16.61 -11.16
CA VAL C 1088 -23.98 -15.41 -10.54
C VAL C 1088 -23.19 -15.04 -9.30
N ASN C 1089 -22.24 -15.86 -8.92
CA ASN C 1089 -21.35 -15.60 -7.82
C ASN C 1089 -19.97 -15.19 -8.31
N LEU C 1090 -19.66 -15.40 -9.57
CA LEU C 1090 -18.53 -14.77 -10.23
C LEU C 1090 -18.91 -13.40 -10.77
N LEU C 1091 -20.19 -13.12 -10.84
CA LEU C 1091 -20.66 -11.82 -11.25
C LEU C 1091 -20.67 -10.84 -10.09
N ILE C 1092 -20.96 -11.32 -8.88
CA ILE C 1092 -20.82 -10.49 -7.68
C ILE C 1092 -19.36 -10.13 -7.45
N ALA C 1093 -18.46 -11.09 -7.63
CA ALA C 1093 -17.04 -10.83 -7.52
C ALA C 1093 -16.56 -9.88 -8.60
N PHE C 1094 -17.14 -9.98 -9.79
CA PHE C 1094 -16.76 -9.08 -10.88
C PHE C 1094 -17.15 -7.64 -10.57
N PHE C 1095 -18.41 -7.40 -10.18
CA PHE C 1095 -18.82 -6.04 -9.85
C PHE C 1095 -18.10 -5.52 -8.65
N ASN C 1096 -17.85 -6.41 -7.71
CA ASN C 1096 -17.20 -6.07 -6.48
C ASN C 1096 -15.79 -5.57 -6.66
N ASN C 1097 -15.05 -6.19 -7.58
CA ASN C 1097 -13.67 -5.81 -7.80
C ASN C 1097 -13.51 -4.78 -8.91
N VAL C 1098 -14.55 -4.55 -9.71
CA VAL C 1098 -14.53 -3.50 -10.74
C VAL C 1098 -15.12 -2.19 -10.23
N TYR C 1099 -15.85 -2.22 -9.11
CA TYR C 1099 -16.63 -1.10 -8.62
C TYR C 1099 -15.79 0.13 -8.39
N LEU C 1100 -14.60 -0.01 -7.85
CA LEU C 1100 -13.90 1.18 -7.40
C LEU C 1100 -13.27 1.93 -8.56
N GLN C 1101 -12.77 1.20 -9.55
CA GLN C 1101 -12.26 1.88 -10.73
C GLN C 1101 -13.38 2.45 -11.59
N VAL C 1102 -14.55 1.80 -11.62
CA VAL C 1102 -15.63 2.38 -12.40
C VAL C 1102 -16.30 3.52 -11.65
N LYS C 1103 -16.20 3.56 -10.33
CA LYS C 1103 -16.68 4.73 -9.62
C LYS C 1103 -15.74 5.91 -9.83
N ALA C 1104 -14.43 5.66 -9.86
CA ALA C 1104 -13.50 6.76 -10.09
C ALA C 1104 -13.58 7.27 -11.51
N ILE C 1105 -13.81 6.41 -12.49
CA ILE C 1105 -13.98 6.86 -13.87
C ILE C 1105 -15.31 7.57 -14.04
N SER C 1106 -16.37 6.96 -13.57
CA SER C 1106 -17.73 7.45 -13.78
C SER C 1106 -18.00 8.74 -13.04
N ASN C 1107 -17.30 8.98 -11.95
CA ASN C 1107 -17.42 10.25 -11.26
C ASN C 1107 -16.86 11.39 -12.12
N ILE C 1108 -15.73 11.14 -12.78
CA ILE C 1108 -15.13 12.14 -13.65
C ILE C 1108 -15.93 12.32 -14.93
N VAL C 1109 -16.52 11.26 -15.47
CA VAL C 1109 -17.38 11.40 -16.63
C VAL C 1109 -18.63 12.18 -16.28
N TRP C 1110 -19.15 12.04 -15.07
CA TRP C 1110 -20.26 12.88 -14.65
C TRP C 1110 -19.83 14.33 -14.53
N LYS C 1111 -18.71 14.60 -13.85
CA LYS C 1111 -18.23 15.97 -13.69
C LYS C 1111 -17.91 16.64 -15.01
N TYR C 1112 -17.55 15.87 -16.03
CA TYR C 1112 -17.33 16.46 -17.33
C TYR C 1112 -18.64 16.72 -18.04
N GLN C 1113 -19.60 15.80 -17.97
CA GLN C 1113 -20.84 16.03 -18.69
C GLN C 1113 -21.77 17.02 -18.01
N ARG C 1114 -21.46 17.40 -16.78
CA ARG C 1114 -22.16 18.50 -16.12
C ARG C 1114 -21.95 19.82 -16.84
N TYR C 1115 -20.83 19.99 -17.55
CA TYR C 1115 -20.64 21.18 -18.37
C TYR C 1115 -21.64 21.25 -19.50
N HIS C 1116 -21.74 20.18 -20.29
CA HIS C 1116 -22.69 20.13 -21.39
C HIS C 1116 -24.12 20.10 -20.92
N PHE C 1117 -24.35 19.75 -19.66
CA PHE C 1117 -25.70 19.84 -19.15
C PHE C 1117 -26.06 21.27 -18.77
N ILE C 1118 -25.15 22.02 -18.16
CA ILE C 1118 -25.48 23.38 -17.74
C ILE C 1118 -25.53 24.33 -18.93
N MET C 1119 -24.62 24.16 -19.89
CA MET C 1119 -24.67 24.99 -21.08
C MET C 1119 -25.85 24.71 -21.99
N ALA C 1120 -26.62 23.65 -21.74
CA ALA C 1120 -27.90 23.54 -22.42
C ALA C 1120 -28.93 24.42 -21.75
N TYR C 1121 -28.89 24.53 -20.42
CA TYR C 1121 -29.84 25.36 -19.71
C TYR C 1121 -29.49 26.83 -19.73
N HIS C 1122 -28.35 27.23 -20.29
CA HIS C 1122 -28.26 28.63 -20.68
C HIS C 1122 -28.89 28.93 -22.02
N GLU C 1123 -29.45 27.93 -22.68
CA GLU C 1123 -30.01 28.12 -24.01
C GLU C 1123 -31.48 27.77 -24.10
N LYS C 1124 -32.00 26.96 -23.18
CA LYS C 1124 -33.40 26.58 -23.22
C LYS C 1124 -34.28 27.78 -22.86
N PRO C 1125 -35.41 27.96 -23.55
CA PRO C 1125 -36.31 29.06 -23.22
C PRO C 1125 -37.04 28.76 -21.92
N VAL C 1126 -37.52 29.78 -21.23
CA VAL C 1126 -38.13 29.53 -19.94
C VAL C 1126 -39.57 28.99 -19.92
N LEU C 1127 -39.76 27.81 -20.49
CA LEU C 1127 -41.07 27.18 -20.46
C LEU C 1127 -41.01 25.66 -20.61
N PRO C 1128 -41.88 24.92 -19.81
CA PRO C 1128 -41.83 23.47 -20.05
C PRO C 1128 -42.51 23.19 -21.38
N PRO C 1129 -41.99 22.27 -22.16
CA PRO C 1129 -42.53 21.97 -23.49
C PRO C 1129 -44.04 21.89 -23.65
N PRO C 1130 -44.91 21.71 -22.63
CA PRO C 1130 -46.32 21.94 -22.96
C PRO C 1130 -46.64 23.41 -23.06
N LEU C 1131 -45.99 24.24 -22.26
CA LEU C 1131 -46.12 25.68 -22.33
C LEU C 1131 -45.24 26.29 -23.40
N ILE C 1132 -44.42 25.51 -24.09
CA ILE C 1132 -43.73 26.08 -25.23
C ILE C 1132 -44.66 25.93 -26.41
N ILE C 1133 -45.63 26.84 -26.48
CA ILE C 1133 -46.23 27.25 -27.73
C ILE C 1133 -45.93 28.69 -27.98
N LEU C 1134 -45.46 29.42 -26.98
CA LEU C 1134 -45.13 30.83 -27.08
C LEU C 1134 -43.72 31.03 -27.60
N SER C 1135 -42.72 30.47 -26.92
CA SER C 1135 -41.33 30.85 -27.11
C SER C 1135 -40.68 30.25 -28.37
N HIS C 1136 -41.43 29.60 -29.26
CA HIS C 1136 -40.94 29.42 -30.62
C HIS C 1136 -41.74 30.20 -31.65
N ILE C 1137 -42.98 30.61 -31.33
CA ILE C 1137 -43.65 31.59 -32.16
C ILE C 1137 -42.98 32.95 -32.00
N VAL C 1138 -42.47 33.24 -30.79
CA VAL C 1138 -41.72 34.48 -30.56
C VAL C 1138 -40.39 34.43 -31.30
N SER C 1139 -39.55 33.46 -30.97
CA SER C 1139 -38.22 33.37 -31.58
C SER C 1139 -37.85 31.93 -31.90
N GLY C 1156 -23.83 35.59 -26.89
CA GLY C 1156 -23.55 34.38 -26.13
C GLY C 1156 -23.56 34.60 -24.63
N PRO C 1157 -22.97 33.67 -23.89
CA PRO C 1157 -22.90 33.81 -22.43
C PRO C 1157 -21.67 34.55 -21.92
N LYS C 1158 -21.04 35.39 -22.74
CA LYS C 1158 -19.70 35.93 -22.50
C LYS C 1158 -19.53 36.64 -21.16
N LEU C 1159 -18.31 36.56 -20.61
CA LEU C 1159 -17.96 37.20 -19.35
C LEU C 1159 -17.59 38.65 -19.65
N PHE C 1160 -18.07 39.56 -18.82
CA PHE C 1160 -17.81 40.99 -19.02
C PHE C 1160 -16.86 41.50 -17.94
N LEU C 1161 -15.68 41.91 -18.37
CA LEU C 1161 -14.71 42.58 -17.50
C LEU C 1161 -14.45 43.99 -18.01
N THR C 1162 -14.27 44.90 -17.07
CA THR C 1162 -13.88 46.26 -17.41
C THR C 1162 -12.42 46.29 -17.88
N GLU C 1163 -11.99 47.46 -18.35
CA GLU C 1163 -10.59 47.63 -18.70
C GLU C 1163 -9.69 47.58 -17.47
N GLU C 1164 -10.22 47.96 -16.31
CA GLU C 1164 -9.44 47.89 -15.09
C GLU C 1164 -9.22 46.45 -14.65
N ASP C 1165 -10.30 45.69 -14.57
CA ASP C 1165 -10.22 44.34 -14.03
C ASP C 1165 -9.67 43.34 -15.02
N GLN C 1166 -9.60 43.70 -16.29
CA GLN C 1166 -8.88 42.85 -17.23
C GLN C 1166 -7.38 42.96 -17.01
N LYS C 1167 -6.91 44.12 -16.54
CA LYS C 1167 -5.50 44.26 -16.20
C LYS C 1167 -5.21 43.67 -14.83
N LYS C 1168 -6.13 43.86 -13.88
CA LYS C 1168 -5.97 43.25 -12.56
C LYS C 1168 -6.05 41.73 -12.64
N LEU C 1169 -6.82 41.21 -13.58
CA LEU C 1169 -6.83 39.78 -13.85
C LEU C 1169 -5.57 39.36 -14.58
N HIS C 1170 -5.09 40.21 -15.48
CA HIS C 1170 -3.99 39.83 -16.33
C HIS C 1170 -2.66 39.81 -15.59
N ASP C 1171 -2.53 40.54 -14.48
CA ASP C 1171 -1.36 40.32 -13.64
C ASP C 1171 -1.65 39.43 -12.45
N PHE C 1172 -2.84 38.83 -12.40
CA PHE C 1172 -3.05 37.68 -11.53
C PHE C 1172 -2.58 36.41 -12.20
N GLU C 1173 -2.81 36.30 -13.50
CA GLU C 1173 -2.39 35.09 -14.20
C GLU C 1173 -0.87 34.98 -14.24
N GLU C 1174 -0.17 36.10 -14.41
CA GLU C 1174 1.28 36.08 -14.44
C GLU C 1174 1.86 35.72 -13.09
N GLN C 1175 1.23 36.19 -12.02
CA GLN C 1175 1.68 35.84 -10.69
C GLN C 1175 1.47 34.36 -10.41
N CYS C 1176 0.37 33.80 -10.89
CA CYS C 1176 0.16 32.37 -10.65
C CYS C 1176 1.07 31.50 -11.48
N VAL C 1177 1.47 31.95 -12.66
CA VAL C 1177 2.41 31.16 -13.44
C VAL C 1177 3.81 31.23 -12.82
N GLU C 1178 4.23 32.42 -12.39
CA GLU C 1178 5.54 32.54 -11.78
C GLU C 1178 5.62 31.82 -10.45
N MET C 1179 4.52 31.78 -9.70
CA MET C 1179 4.52 30.95 -8.51
C MET C 1179 4.45 29.49 -8.85
N TYR C 1180 3.94 29.12 -10.02
CA TYR C 1180 3.97 27.71 -10.41
C TYR C 1180 5.38 27.25 -10.72
N PHE C 1181 6.15 28.06 -11.44
CA PHE C 1181 7.50 27.62 -11.73
C PHE C 1181 8.46 27.81 -10.57
N ASP C 1182 8.19 28.74 -9.65
CA ASP C 1182 8.99 28.79 -8.43
C ASP C 1182 8.66 27.62 -7.53
N GLU C 1183 7.37 27.36 -7.32
CA GLU C 1183 6.94 26.25 -6.47
C GLU C 1183 7.24 24.89 -7.09
N LYS C 1184 7.54 24.85 -8.39
CA LYS C 1184 7.96 23.62 -9.05
C LYS C 1184 9.30 23.12 -8.52
N ASP C 1185 10.11 23.99 -7.90
CA ASP C 1185 11.34 23.59 -7.24
C ASP C 1185 11.15 23.23 -5.77
N ASP C 1186 9.92 22.98 -5.34
CA ASP C 1186 9.72 22.22 -4.10
C ASP C 1186 9.95 20.74 -4.34
N LYS C 1187 9.66 20.27 -5.55
CA LYS C 1187 9.86 18.85 -5.83
C LYS C 1187 11.27 18.58 -6.34
N PHE C 1188 11.71 19.32 -7.35
CA PHE C 1188 12.95 18.94 -8.00
C PHE C 1188 14.16 19.31 -7.15
N ASN C 1189 14.12 20.45 -6.49
CA ASN C 1189 15.03 20.67 -5.37
C ASN C 1189 14.30 20.24 -4.12
N SER C 1190 15.04 20.17 -3.02
CA SER C 1190 14.53 19.91 -1.67
C SER C 1190 13.79 18.58 -1.54
N GLY C 1191 13.98 17.67 -2.46
CA GLY C 1191 13.54 16.31 -2.27
C GLY C 1191 14.66 15.48 -1.72
N SER C 1192 14.32 14.31 -1.17
CA SER C 1192 15.34 13.42 -0.65
C SER C 1192 16.28 12.96 -1.75
N GLU C 1193 15.73 12.65 -2.93
CA GLU C 1193 16.53 12.06 -3.99
C GLU C 1193 17.48 13.07 -4.61
N GLU C 1194 17.11 14.35 -4.62
CA GLU C 1194 18.01 15.35 -5.17
C GLU C 1194 19.07 15.76 -4.17
N ARG C 1195 18.71 15.89 -2.90
CA ARG C 1195 19.71 16.25 -1.89
C ARG C 1195 20.74 15.15 -1.70
N ILE C 1196 20.34 13.89 -1.85
CA ILE C 1196 21.29 12.79 -1.85
C ILE C 1196 22.18 12.87 -3.09
N ARG C 1197 21.61 13.29 -4.22
CA ARG C 1197 22.35 13.32 -5.47
C ARG C 1197 23.41 14.40 -5.45
N VAL C 1198 23.09 15.57 -4.91
CA VAL C 1198 24.03 16.67 -4.95
C VAL C 1198 25.17 16.44 -3.97
N THR C 1199 24.86 15.90 -2.78
CA THR C 1199 25.93 15.55 -1.86
C THR C 1199 26.78 14.41 -2.39
N PHE C 1200 26.20 13.53 -3.20
CA PHE C 1200 27.02 12.51 -3.86
C PHE C 1200 27.96 13.14 -4.86
N GLU C 1201 27.51 14.19 -5.54
CA GLU C 1201 28.41 14.89 -6.46
C GLU C 1201 29.29 15.87 -5.72
N ARG C 1202 28.85 16.39 -4.58
CA ARG C 1202 29.72 17.28 -3.83
C ARG C 1202 30.80 16.50 -3.12
N VAL C 1203 30.50 15.34 -2.52
CA VAL C 1203 31.52 14.61 -1.78
C VAL C 1203 32.52 13.95 -2.72
N GLU C 1204 32.09 13.55 -3.91
CA GLU C 1204 32.99 12.90 -4.87
C GLU C 1204 34.08 13.85 -5.33
N GLN C 1205 33.71 15.08 -5.70
CA GLN C 1205 34.72 16.06 -6.08
C GLN C 1205 35.47 16.60 -4.88
N MET C 1206 34.84 16.53 -3.71
CA MET C 1206 35.40 16.97 -2.45
C MET C 1206 36.57 16.11 -1.98
N SER C 1207 36.42 14.79 -2.12
CA SER C 1207 37.44 13.82 -1.74
C SER C 1207 38.65 13.93 -2.65
N ILE C 1208 38.42 14.29 -3.92
CA ILE C 1208 39.52 14.58 -4.83
C ILE C 1208 40.31 15.79 -4.35
N GLN C 1209 39.62 16.81 -3.86
CA GLN C 1209 40.29 18.02 -3.40
C GLN C 1209 41.07 17.78 -2.11
N ILE C 1210 40.56 16.95 -1.21
CA ILE C 1210 41.31 16.62 0.00
C ILE C 1210 42.51 15.76 -0.33
N LYS C 1211 42.36 14.84 -1.28
CA LYS C 1211 43.48 14.04 -1.74
C LYS C 1211 44.55 14.92 -2.39
N GLU C 1212 44.13 15.97 -3.09
CA GLU C 1212 45.10 16.92 -3.63
C GLU C 1212 45.74 17.74 -2.51
N VAL C 1213 44.94 18.23 -1.56
CA VAL C 1213 45.49 19.01 -0.46
C VAL C 1213 46.31 18.14 0.47
N GLY C 1214 45.83 16.92 0.72
CA GLY C 1214 46.58 15.99 1.57
C GLY C 1214 47.90 15.58 0.96
N ASP C 1215 47.97 15.51 -0.36
CA ASP C 1215 49.26 15.36 -1.01
C ASP C 1215 50.04 16.67 -1.04
N ARG C 1216 49.34 17.80 -1.05
CA ARG C 1216 50.03 19.09 -0.98
C ARG C 1216 50.51 19.40 0.42
N VAL C 1217 49.82 18.92 1.45
CA VAL C 1217 50.33 19.08 2.81
C VAL C 1217 51.57 18.21 3.01
N ASN C 1218 51.55 17.00 2.45
CA ASN C 1218 52.73 16.14 2.52
C ASN C 1218 53.88 16.69 1.68
N TYR C 1219 53.57 17.47 0.64
CA TYR C 1219 54.62 18.10 -0.16
C TYR C 1219 55.26 19.26 0.58
N ILE C 1220 54.46 20.07 1.27
CA ILE C 1220 55.00 21.17 2.06
C ILE C 1220 55.75 20.65 3.27
N LYS C 1221 55.29 19.56 3.87
CA LYS C 1221 56.01 18.97 5.00
C LYS C 1221 57.33 18.34 4.53
N ARG C 1222 57.35 17.77 3.33
CA ARG C 1222 58.57 17.18 2.81
C ARG C 1222 59.57 18.26 2.42
N SER C 1223 59.19 19.13 1.49
CA SER C 1223 60.16 20.06 0.92
C SER C 1223 60.52 21.18 1.87
N LEU C 1224 59.52 21.83 2.47
CA LEU C 1224 59.79 23.04 3.23
C LEU C 1224 60.28 22.74 4.64
N GLN C 1225 59.59 21.85 5.35
CA GLN C 1225 59.89 21.63 6.77
C GLN C 1225 61.18 20.87 6.99
N SER C 1226 61.63 20.07 6.03
CA SER C 1226 62.95 19.47 6.15
C SER C 1226 64.05 20.47 5.81
N LEU C 1227 63.74 21.49 5.02
CA LEU C 1227 64.70 22.50 4.61
C LEU C 1227 64.58 23.78 5.42
N ASP C 1228 64.20 23.66 6.70
CA ASP C 1228 64.09 24.81 7.59
C ASP C 1228 65.45 25.29 8.10
N SER C 1229 66.52 24.54 7.87
CA SER C 1229 67.84 24.93 8.33
C SER C 1229 68.67 25.50 7.19
N TRP D 5 52.87 -10.33 18.95
CA TRP D 5 52.90 -11.72 18.53
C TRP D 5 51.58 -12.38 18.80
N ILE D 6 51.57 -13.37 19.70
CA ILE D 6 50.39 -14.18 19.92
C ILE D 6 49.27 -13.37 20.54
N GLU D 7 49.59 -12.47 21.46
CA GLU D 7 48.58 -11.62 22.06
C GLU D 7 48.09 -10.54 21.09
N SER D 8 48.93 -10.15 20.14
CA SER D 8 48.53 -9.10 19.21
C SER D 8 47.71 -9.67 18.06
N THR D 9 48.04 -10.88 17.59
CA THR D 9 47.25 -11.49 16.53
C THR D 9 45.90 -11.97 17.04
N LEU D 10 45.83 -12.38 18.31
CA LEU D 10 44.56 -12.81 18.87
C LEU D 10 43.63 -11.62 19.09
N THR D 11 44.19 -10.48 19.50
CA THR D 11 43.39 -9.28 19.66
C THR D 11 42.94 -8.73 18.32
N LYS D 12 43.70 -9.00 17.27
CA LYS D 12 43.28 -8.65 15.91
C LYS D 12 42.11 -9.51 15.47
N ARG D 13 42.20 -10.82 15.69
CA ARG D 13 41.16 -11.72 15.26
C ARG D 13 39.89 -11.58 16.09
N GLU D 14 40.02 -11.20 17.36
CA GLU D 14 38.84 -10.98 18.18
C GLU D 14 38.13 -9.69 17.80
N CYS D 15 38.89 -8.65 17.48
CA CYS D 15 38.29 -7.41 16.98
C CYS D 15 37.85 -7.54 15.53
N VAL D 16 38.44 -8.48 14.78
CA VAL D 16 38.16 -8.73 13.37
C VAL D 16 38.28 -7.48 12.49
N HIS D 50 44.89 -38.75 23.50
CA HIS D 50 45.07 -37.60 24.39
C HIS D 50 44.71 -36.32 23.67
N ALA D 51 43.51 -35.79 23.94
CA ALA D 51 43.04 -34.57 23.32
C ALA D 51 42.40 -33.69 24.39
N CYS D 52 42.65 -32.39 24.30
CA CYS D 52 42.02 -31.41 25.16
C CYS D 52 41.35 -30.35 24.30
N PHE D 53 40.20 -29.87 24.73
CA PHE D 53 39.58 -28.68 24.14
C PHE D 53 39.44 -27.61 25.21
N THR D 54 40.01 -26.43 24.96
CA THR D 54 39.94 -25.33 25.91
C THR D 54 38.70 -24.49 25.62
N ALA D 55 37.89 -24.24 26.64
CA ALA D 55 36.64 -23.53 26.43
C ALA D 55 36.60 -22.24 27.24
N TYR D 61 51.63 -33.43 22.73
CA TYR D 61 50.42 -33.14 23.50
C TYR D 61 49.59 -32.08 22.80
N SER D 62 48.68 -32.50 21.94
CA SER D 62 48.01 -31.61 21.01
C SER D 62 46.58 -31.34 21.48
N ASP D 63 46.24 -30.07 21.59
CA ASP D 63 44.95 -29.66 22.12
C ASP D 63 44.27 -28.64 21.22
N VAL D 64 43.05 -28.93 20.80
CA VAL D 64 42.26 -27.98 20.04
C VAL D 64 41.70 -26.90 20.95
N LYS D 65 40.96 -25.97 20.37
CA LYS D 65 40.36 -24.88 21.13
C LYS D 65 38.93 -24.66 20.70
N LEU D 66 38.17 -23.98 21.56
CA LEU D 66 36.76 -23.72 21.31
C LEU D 66 36.28 -22.48 22.04
N GLN D 72 40.72 -15.23 19.88
CA GLN D 72 41.73 -16.05 20.51
C GLN D 72 42.23 -17.12 19.54
N ALA D 73 43.47 -17.56 19.75
CA ALA D 73 44.15 -18.46 18.83
C ALA D 73 43.54 -19.85 18.93
N ILE D 74 42.65 -20.17 18.00
CA ILE D 74 41.93 -21.44 17.99
C ILE D 74 42.78 -22.48 17.29
N GLU D 75 43.62 -23.17 18.05
CA GLU D 75 44.52 -24.18 17.50
C GLU D 75 43.73 -25.38 16.99
N GLU D 76 44.44 -26.29 16.34
CA GLU D 76 43.81 -27.49 15.83
C GLU D 76 44.81 -28.65 15.75
N ASP D 89 41.91 -22.04 10.98
CA ASP D 89 42.70 -20.83 11.05
C ASP D 89 43.90 -21.03 11.97
N ALA D 90 44.06 -20.17 12.97
CA ALA D 90 45.33 -19.93 13.64
C ALA D 90 45.84 -21.10 14.46
N TYR D 91 46.69 -21.94 13.87
CA TYR D 91 47.23 -23.10 14.55
C TYR D 91 48.44 -22.68 15.37
N GLY D 92 48.16 -22.09 16.53
CA GLY D 92 49.20 -21.57 17.39
C GLY D 92 50.02 -22.69 18.01
N VAL D 93 51.34 -22.58 17.92
CA VAL D 93 52.22 -23.62 18.42
C VAL D 93 53.26 -23.04 19.36
N ARG D 150 45.95 3.18 14.98
CA ARG D 150 46.16 3.18 13.53
C ARG D 150 46.99 1.98 13.08
N ILE D 151 48.23 1.91 13.55
CA ILE D 151 49.13 0.85 13.09
C ILE D 151 48.73 -0.49 13.73
N LYS D 152 48.13 -0.46 14.92
CA LYS D 152 47.66 -1.68 15.56
C LYS D 152 46.50 -2.29 14.78
N GLN D 153 45.64 -1.46 14.21
CA GLN D 153 44.54 -1.98 13.41
C GLN D 153 44.89 -2.13 11.93
N LEU D 154 45.97 -1.53 11.46
CA LEU D 154 46.40 -1.82 10.09
C LEU D 154 47.17 -3.12 10.02
N LEU D 155 48.16 -3.30 10.89
CA LEU D 155 48.83 -4.60 10.94
C LEU D 155 47.94 -5.65 11.60
N GLY D 156 46.91 -5.23 12.32
CA GLY D 156 45.98 -6.18 12.89
C GLY D 156 44.90 -6.62 11.90
N LYS D 157 44.27 -5.66 11.25
CA LYS D 157 43.20 -5.94 10.30
C LYS D 157 43.70 -6.17 8.89
N GLY D 158 45.00 -6.11 8.66
CA GLY D 158 45.53 -6.41 7.35
C GLY D 158 45.67 -7.90 7.15
N LEU D 159 46.27 -8.59 8.12
CA LEU D 159 46.46 -10.03 7.96
C LEU D 159 45.15 -10.80 8.13
N ILE D 160 44.11 -10.17 8.67
CA ILE D 160 42.80 -10.81 8.67
C ILE D 160 42.24 -10.87 7.27
N LYS D 161 42.25 -9.74 6.56
CA LYS D 161 41.83 -9.75 5.16
C LYS D 161 42.85 -10.44 4.25
N ALA D 162 44.05 -10.72 4.74
CA ALA D 162 44.97 -11.56 3.98
C ALA D 162 44.83 -13.03 4.30
N ALA D 163 44.20 -13.38 5.43
CA ALA D 163 44.08 -14.76 5.82
C ALA D 163 42.69 -15.34 5.59
N VAL D 164 41.68 -14.49 5.46
CA VAL D 164 40.34 -14.97 5.15
C VAL D 164 40.22 -15.32 3.68
N THR D 165 40.73 -14.44 2.81
CA THR D 165 40.56 -14.59 1.38
C THR D 165 41.45 -15.68 0.79
N THR D 166 42.36 -16.25 1.56
CA THR D 166 43.18 -17.36 1.11
C THR D 166 43.02 -18.62 1.94
N GLY D 167 42.43 -18.53 3.12
CA GLY D 167 42.26 -19.68 3.98
C GLY D 167 43.59 -20.16 4.53
N ALA D 168 44.16 -19.40 5.46
CA ALA D 168 45.54 -19.61 5.86
C ALA D 168 45.64 -20.35 7.19
N TRP D 169 46.87 -20.68 7.55
CA TRP D 169 47.23 -21.15 8.89
C TRP D 169 48.20 -20.15 9.48
N ILE D 170 47.70 -19.25 10.32
CA ILE D 170 48.60 -18.36 11.03
C ILE D 170 49.26 -19.14 12.16
N LEU D 171 50.59 -19.04 12.27
CA LEU D 171 51.25 -19.91 13.23
C LEU D 171 51.51 -19.27 14.58
N THR D 172 51.79 -17.96 14.63
CA THR D 172 52.06 -17.19 15.87
C THR D 172 53.10 -17.80 16.82
N ARG D 260 60.25 -25.31 18.44
CA ARG D 260 60.68 -24.64 17.22
C ARG D 260 60.99 -25.66 16.12
N LEU D 261 61.49 -26.83 16.51
CA LEU D 261 61.77 -27.88 15.54
C LEU D 261 60.49 -28.45 14.96
N ARG D 262 59.44 -28.58 15.78
CA ARG D 262 58.14 -28.99 15.26
C ARG D 262 57.55 -27.92 14.37
N ARG D 263 57.86 -26.65 14.63
CA ARG D 263 57.35 -25.57 13.81
C ARG D 263 58.02 -25.54 12.44
N GLU D 264 59.35 -25.58 12.41
CA GLU D 264 60.06 -25.55 11.13
C GLU D 264 59.87 -26.85 10.35
N LEU D 265 59.73 -27.97 11.06
CA LEU D 265 59.39 -29.21 10.37
C LEU D 265 57.99 -29.13 9.78
N GLU D 266 57.06 -28.50 10.50
CA GLU D 266 55.71 -28.33 9.96
C GLU D 266 55.69 -27.40 8.76
N LYS D 267 56.58 -26.42 8.72
CA LYS D 267 56.64 -25.55 7.54
C LYS D 267 57.29 -26.26 6.36
N THR D 268 58.45 -26.87 6.57
CA THR D 268 59.15 -27.49 5.46
C THR D 268 58.48 -28.75 4.96
N ILE D 269 57.50 -29.29 5.70
CA ILE D 269 56.68 -30.37 5.19
C ILE D 269 55.32 -29.86 4.71
N ASN D 270 54.86 -28.72 5.23
CA ASN D 270 53.63 -28.13 4.72
C ASN D 270 53.85 -27.52 3.34
N GLN D 271 55.04 -26.97 3.08
CA GLN D 271 55.33 -26.38 1.78
C GLN D 271 55.59 -27.43 0.71
N GLN D 272 55.85 -28.68 1.08
CA GLN D 272 56.06 -29.72 0.09
C GLN D 272 54.77 -30.43 -0.28
N ARG D 273 53.63 -29.83 0.05
CA ARG D 273 52.32 -30.33 -0.29
C ARG D 273 51.96 -29.89 -1.71
N ILE D 274 50.85 -30.40 -2.26
CA ILE D 274 50.38 -30.07 -3.59
C ILE D 274 48.94 -29.59 -3.45
N HIS D 275 48.56 -28.61 -4.28
CA HIS D 275 47.17 -28.17 -4.40
C HIS D 275 46.38 -29.12 -5.30
N ALA D 276 45.18 -28.67 -5.70
CA ALA D 276 44.24 -29.57 -6.38
C ALA D 276 44.70 -29.92 -7.79
N ARG D 277 44.89 -28.91 -8.64
CA ARG D 277 45.25 -29.10 -10.04
C ARG D 277 46.57 -28.41 -10.32
N ILE D 278 47.24 -27.96 -9.28
CA ILE D 278 48.35 -27.02 -9.37
C ILE D 278 49.62 -27.70 -8.91
N GLY D 279 50.71 -27.51 -9.65
CA GLY D 279 51.93 -28.25 -9.36
C GLY D 279 52.63 -27.77 -8.12
N GLN D 280 52.47 -26.48 -7.79
CA GLN D 280 53.26 -25.85 -6.74
C GLN D 280 52.89 -26.29 -5.34
N GLY D 281 53.74 -25.88 -4.41
CA GLY D 281 53.53 -26.14 -3.00
C GLY D 281 52.89 -24.96 -2.31
N VAL D 282 52.37 -25.25 -1.11
CA VAL D 282 51.71 -24.26 -0.28
C VAL D 282 52.71 -23.19 0.11
N PRO D 283 52.47 -21.93 -0.16
CA PRO D 283 53.52 -20.94 0.06
C PRO D 283 53.55 -20.37 1.48
N VAL D 284 54.75 -20.24 2.03
CA VAL D 284 54.96 -19.83 3.40
C VAL D 284 55.53 -18.42 3.41
N VAL D 285 54.96 -17.54 4.23
CA VAL D 285 55.41 -16.17 4.39
C VAL D 285 55.75 -15.96 5.85
N ALA D 286 56.90 -15.36 6.12
CA ALA D 286 57.28 -14.98 7.47
C ALA D 286 56.92 -13.53 7.70
N LEU D 287 56.07 -13.26 8.67
CA LEU D 287 55.67 -11.91 9.01
C LEU D 287 56.34 -11.59 10.34
N ILE D 288 57.55 -11.03 10.29
CA ILE D 288 58.36 -10.81 11.48
C ILE D 288 58.16 -9.37 11.92
N PHE D 289 57.09 -8.75 11.43
CA PHE D 289 56.74 -7.40 11.88
C PHE D 289 56.32 -7.39 13.34
N GLU D 290 55.58 -8.40 13.78
CA GLU D 290 55.09 -8.48 15.14
C GLU D 290 55.78 -9.56 15.96
N GLY D 291 56.98 -9.99 15.56
CA GLY D 291 57.73 -10.97 16.31
C GLY D 291 57.72 -12.38 15.74
N GLY D 292 57.50 -12.55 14.44
CA GLY D 292 57.52 -13.89 13.88
C GLY D 292 56.26 -14.67 13.48
N PRO D 293 55.04 -13.99 13.39
CA PRO D 293 53.92 -14.84 12.95
C PRO D 293 54.27 -15.38 11.57
N ASN D 294 53.84 -16.59 11.22
CA ASN D 294 54.25 -17.15 9.96
C ASN D 294 53.00 -17.58 9.22
N VAL D 295 52.43 -16.68 8.43
CA VAL D 295 51.22 -16.97 7.71
C VAL D 295 51.53 -17.97 6.60
N ILE D 296 50.89 -19.14 6.68
CA ILE D 296 51.00 -20.17 5.65
C ILE D 296 49.72 -20.13 4.83
N LEU D 297 49.82 -19.70 3.58
CA LEU D 297 48.70 -19.03 2.94
C LEU D 297 47.57 -19.95 2.49
N THR D 298 47.85 -21.09 1.87
CA THR D 298 46.76 -21.92 1.35
C THR D 298 46.86 -23.33 1.92
N VAL D 299 46.33 -23.50 3.13
CA VAL D 299 46.46 -24.76 3.80
C VAL D 299 45.28 -25.67 3.48
N LEU D 300 45.40 -26.92 3.92
CA LEU D 300 44.51 -27.98 3.51
C LEU D 300 43.28 -28.17 4.40
N GLU D 301 42.88 -27.15 5.18
CA GLU D 301 41.63 -27.07 5.96
C GLU D 301 41.37 -28.30 6.84
N TYR D 302 42.44 -28.83 7.44
CA TYR D 302 42.40 -30.11 8.13
C TYR D 302 41.48 -30.09 9.35
N LEU D 303 40.92 -31.26 9.65
CA LEU D 303 40.18 -31.51 10.88
C LEU D 303 41.12 -32.17 11.88
N GLN D 304 40.98 -31.82 13.14
CA GLN D 304 41.90 -32.34 14.16
C GLN D 304 41.57 -33.80 14.46
N VAL D 309 46.96 -32.67 10.84
CA VAL D 309 47.37 -33.47 11.99
C VAL D 309 48.19 -34.74 11.61
N PRO D 310 47.82 -35.51 10.56
CA PRO D 310 48.79 -36.52 10.10
C PRO D 310 50.04 -35.92 9.51
N VAL D 311 49.95 -34.70 8.96
CA VAL D 311 51.13 -33.96 8.55
C VAL D 311 52.02 -33.66 9.76
N VAL D 312 51.39 -33.29 10.88
CA VAL D 312 52.14 -33.03 12.10
C VAL D 312 52.70 -34.34 12.67
N VAL D 313 52.03 -35.46 12.42
CA VAL D 313 52.60 -36.77 12.72
C VAL D 313 53.86 -37.00 11.88
N CYS D 314 53.79 -36.67 10.60
CA CYS D 314 54.91 -36.89 9.69
C CYS D 314 55.93 -35.76 9.75
N GLU D 315 55.80 -34.83 10.68
CA GLU D 315 56.79 -33.77 10.86
C GLU D 315 58.13 -34.30 11.38
N GLY D 356 67.79 -12.83 19.18
CA GLY D 356 66.40 -12.44 19.01
C GLY D 356 65.81 -12.94 17.71
N GLN D 357 64.96 -12.11 17.09
CA GLN D 357 64.31 -12.49 15.85
C GLN D 357 65.11 -12.08 14.62
N SER D 358 66.00 -11.09 14.75
CA SER D 358 66.82 -10.68 13.62
C SER D 358 67.88 -11.72 13.25
N GLU D 359 68.15 -12.67 14.13
CA GLU D 359 68.91 -13.86 13.78
C GLU D 359 68.01 -14.99 13.31
N ALA D 360 66.70 -14.79 13.34
CA ALA D 360 65.75 -15.76 12.79
C ALA D 360 65.21 -15.34 11.43
N VAL D 361 65.43 -14.09 11.03
CA VAL D 361 65.17 -13.67 9.65
C VAL D 361 66.09 -14.42 8.71
N HIS D 362 67.36 -14.56 9.09
CA HIS D 362 68.36 -15.12 8.21
C HIS D 362 68.25 -16.65 8.11
N LEU D 363 67.56 -17.29 9.03
CA LEU D 363 67.32 -18.73 8.90
C LEU D 363 66.39 -19.02 7.73
N PHE D 364 65.39 -18.18 7.53
CA PHE D 364 64.41 -18.41 6.48
C PHE D 364 64.95 -18.15 5.09
N GLN D 365 65.95 -17.30 4.95
CA GLN D 365 66.38 -16.91 3.63
C GLN D 365 67.47 -17.83 3.07
N THR D 366 67.73 -18.96 3.72
CA THR D 366 68.55 -20.01 3.16
C THR D 366 67.77 -21.27 2.83
N MET D 367 66.54 -21.39 3.31
CA MET D 367 65.69 -22.53 2.94
C MET D 367 64.94 -22.00 1.71
N MET D 368 64.74 -22.83 0.68
CA MET D 368 64.13 -22.49 -0.66
C MET D 368 63.96 -20.99 -0.83
N GLU D 369 62.84 -20.44 -0.40
CA GLU D 369 62.76 -18.99 -0.38
C GLU D 369 62.38 -18.46 0.99
N CYS D 370 61.19 -18.83 1.47
CA CYS D 370 60.56 -18.32 2.69
C CYS D 370 60.64 -16.80 2.80
N MET D 371 59.97 -16.13 1.87
CA MET D 371 59.93 -14.67 1.80
C MET D 371 59.45 -14.06 3.10
N LYS D 372 60.22 -13.11 3.62
CA LYS D 372 59.97 -12.52 4.92
C LYS D 372 59.53 -11.07 4.77
N LYS D 373 58.36 -10.75 5.28
CA LYS D 373 57.82 -9.39 5.24
C LYS D 373 57.90 -8.80 6.63
N LYS D 374 58.63 -7.71 6.78
CA LYS D 374 58.84 -7.05 8.08
C LYS D 374 58.45 -5.59 7.94
N GLU D 375 57.29 -5.23 8.45
CA GLU D 375 56.83 -3.85 8.43
C GLU D 375 55.83 -3.60 9.56
N ASP D 389 50.51 1.76 0.58
CA ASP D 389 50.67 0.32 0.78
C ASP D 389 49.73 -0.22 1.85
N ILE D 390 49.14 -1.37 1.57
CA ILE D 390 48.22 -2.05 2.47
C ILE D 390 48.86 -3.36 2.88
N ASP D 391 48.71 -3.73 4.16
CA ASP D 391 49.27 -4.97 4.66
C ASP D 391 48.58 -6.20 4.10
N VAL D 392 47.41 -6.04 3.50
CA VAL D 392 46.72 -7.15 2.84
C VAL D 392 47.48 -7.59 1.61
N ALA D 393 47.67 -6.67 0.67
CA ALA D 393 48.29 -7.00 -0.60
C ALA D 393 49.80 -7.09 -0.53
N ILE D 394 50.42 -6.58 0.53
CA ILE D 394 51.87 -6.72 0.66
C ILE D 394 52.23 -8.09 1.20
N LEU D 395 51.40 -8.62 2.10
CA LEU D 395 51.64 -9.92 2.70
C LEU D 395 51.51 -11.03 1.68
N THR D 396 50.49 -10.96 0.84
CA THR D 396 50.33 -11.95 -0.22
C THR D 396 51.16 -11.62 -1.45
N ALA D 397 51.40 -10.34 -1.73
CA ALA D 397 52.23 -9.98 -2.87
C ALA D 397 53.71 -10.15 -2.60
N LEU D 398 54.10 -10.49 -1.37
CA LEU D 398 55.50 -10.78 -1.09
C LEU D 398 55.97 -12.07 -1.75
N LEU D 399 55.05 -12.97 -2.11
CA LEU D 399 55.41 -14.22 -2.75
C LEU D 399 55.71 -14.06 -4.23
N LYS D 400 55.32 -12.95 -4.83
CA LYS D 400 55.64 -12.68 -6.23
C LYS D 400 56.95 -11.92 -6.39
N GLY D 401 57.90 -12.13 -5.50
CA GLY D 401 59.16 -11.42 -5.55
C GLY D 401 60.37 -12.32 -5.66
N THR D 402 60.13 -13.64 -5.72
CA THR D 402 61.20 -14.59 -5.92
C THR D 402 61.43 -14.80 -7.41
N ASN D 403 62.25 -15.80 -7.74
CA ASN D 403 62.63 -16.06 -9.13
C ASN D 403 61.62 -16.94 -9.88
N ALA D 404 60.40 -17.09 -9.37
CA ALA D 404 59.41 -17.93 -10.03
C ALA D 404 58.92 -17.31 -11.33
N SER D 405 58.47 -18.17 -12.24
CA SER D 405 57.95 -17.77 -13.53
C SER D 405 56.67 -16.96 -13.39
N ALA D 406 56.38 -16.15 -14.44
CA ALA D 406 55.18 -15.32 -14.43
C ALA D 406 53.91 -16.15 -14.46
N PHE D 407 53.97 -17.32 -15.09
CA PHE D 407 52.83 -18.22 -15.10
C PHE D 407 52.51 -18.72 -13.71
N ASP D 408 53.54 -19.11 -12.96
CA ASP D 408 53.35 -19.56 -11.59
C ASP D 408 52.88 -18.45 -10.67
N GLN D 409 53.29 -17.22 -10.95
CA GLN D 409 52.74 -16.08 -10.22
C GLN D 409 51.26 -15.92 -10.49
N LEU D 410 50.79 -16.34 -11.66
CA LEU D 410 49.36 -16.29 -11.89
C LEU D 410 48.66 -17.43 -11.18
N ILE D 411 49.25 -18.63 -11.15
CA ILE D 411 48.53 -19.76 -10.57
C ILE D 411 48.46 -19.63 -9.06
N LEU D 412 49.44 -18.97 -8.43
CA LEU D 412 49.30 -18.68 -7.01
C LEU D 412 48.11 -17.78 -6.75
N THR D 413 47.91 -16.77 -7.59
CA THR D 413 46.73 -15.93 -7.45
C THR D 413 45.46 -16.68 -7.81
N LEU D 414 45.58 -17.71 -8.63
CA LEU D 414 44.39 -18.45 -9.05
C LEU D 414 43.98 -19.49 -8.02
N ALA D 415 44.92 -20.02 -7.24
CA ALA D 415 44.53 -20.89 -6.13
C ALA D 415 43.87 -20.08 -5.03
N TRP D 416 44.30 -18.84 -4.87
CA TRP D 416 43.61 -17.87 -4.05
C TRP D 416 42.40 -17.37 -4.84
N ASP D 417 41.56 -16.58 -4.23
CA ASP D 417 40.48 -15.96 -4.99
C ASP D 417 40.84 -14.55 -5.39
N ARG D 418 42.12 -14.20 -5.36
CA ARG D 418 42.55 -12.81 -5.37
C ARG D 418 42.82 -12.37 -6.80
N VAL D 419 41.87 -11.63 -7.37
CA VAL D 419 42.09 -11.01 -8.66
C VAL D 419 42.95 -9.78 -8.51
N ASP D 420 42.80 -9.08 -7.37
CA ASP D 420 43.42 -7.77 -7.19
C ASP D 420 44.93 -7.85 -7.20
N ILE D 421 45.49 -8.99 -6.82
CA ILE D 421 46.91 -9.22 -7.01
C ILE D 421 47.22 -9.50 -8.46
N ALA D 422 46.36 -10.26 -9.13
CA ALA D 422 46.70 -10.75 -10.47
C ALA D 422 46.65 -9.65 -11.51
N LYS D 423 45.72 -8.70 -11.39
CA LYS D 423 45.74 -7.52 -12.25
C LYS D 423 46.98 -6.68 -11.99
N ASN D 424 47.16 -6.29 -10.74
CA ASN D 424 48.10 -5.22 -10.41
C ASN D 424 49.53 -5.72 -10.42
N HIS D 425 49.77 -6.98 -10.07
CA HIS D 425 51.11 -7.46 -9.85
C HIS D 425 51.52 -8.64 -10.72
N VAL D 426 50.59 -9.25 -11.45
CA VAL D 426 50.92 -10.32 -12.38
C VAL D 426 50.71 -9.91 -13.82
N PHE D 427 49.81 -8.97 -14.10
CA PHE D 427 49.63 -8.43 -15.44
C PHE D 427 50.16 -7.02 -15.55
N VAL D 428 51.34 -6.78 -14.97
CA VAL D 428 52.07 -5.55 -15.18
C VAL D 428 52.51 -5.51 -16.65
N TYR D 429 52.53 -4.30 -17.22
CA TYR D 429 53.02 -4.11 -18.58
C TYR D 429 54.46 -4.58 -18.72
N GLY D 430 54.75 -5.21 -19.85
CA GLY D 430 56.05 -5.81 -20.05
C GLY D 430 56.24 -7.13 -19.36
N GLN D 431 55.16 -7.89 -19.14
CA GLN D 431 55.25 -9.13 -18.37
C GLN D 431 55.95 -10.23 -19.17
N GLN D 432 55.86 -10.18 -20.49
CA GLN D 432 56.50 -11.13 -21.42
C GLN D 432 55.99 -12.56 -21.21
N TRP D 433 54.69 -12.73 -21.38
CA TRP D 433 54.06 -14.05 -21.30
C TRP D 433 54.59 -14.99 -22.36
N LEU D 434 54.53 -16.29 -22.05
CA LEU D 434 54.74 -17.29 -23.06
C LEU D 434 53.57 -17.27 -24.06
N VAL D 435 53.85 -17.71 -25.29
CA VAL D 435 52.86 -17.64 -26.36
C VAL D 435 51.69 -18.58 -26.07
N GLY D 436 51.98 -19.75 -25.50
CA GLY D 436 50.97 -20.61 -24.94
C GLY D 436 50.92 -20.47 -23.43
N SER D 437 50.18 -21.40 -22.82
CA SER D 437 50.11 -21.67 -21.38
C SER D 437 49.41 -20.59 -20.57
N LEU D 438 49.14 -19.42 -21.15
CA LEU D 438 48.11 -18.57 -20.57
C LEU D 438 46.74 -19.17 -20.89
N GLU D 439 46.68 -19.86 -22.02
CA GLU D 439 45.60 -20.77 -22.36
C GLU D 439 45.43 -21.88 -21.32
N GLN D 440 46.52 -22.32 -20.69
CA GLN D 440 46.38 -23.39 -19.70
C GLN D 440 45.85 -22.88 -18.38
N ALA D 441 46.22 -21.66 -17.99
CA ALA D 441 45.59 -21.03 -16.84
C ALA D 441 44.13 -20.69 -17.14
N MET D 442 43.83 -20.41 -18.40
CA MET D 442 42.44 -20.32 -18.82
C MET D 442 41.72 -21.64 -18.67
N LEU D 443 42.43 -22.76 -18.84
CA LEU D 443 41.80 -24.05 -18.59
C LEU D 443 41.62 -24.31 -17.11
N ASP D 444 42.53 -23.83 -16.26
CA ASP D 444 42.39 -24.10 -14.85
C ASP D 444 41.31 -23.23 -14.22
N ALA D 445 41.17 -21.99 -14.68
CA ALA D 445 40.19 -21.09 -14.12
C ALA D 445 38.77 -21.54 -14.42
N LEU D 446 38.57 -22.24 -15.54
CA LEU D 446 37.25 -22.77 -15.84
C LEU D 446 36.91 -23.96 -14.97
N VAL D 447 37.86 -24.88 -14.79
CA VAL D 447 37.61 -26.08 -14.00
C VAL D 447 37.42 -25.74 -12.54
N MET D 448 38.25 -24.85 -12.02
CA MET D 448 38.17 -24.45 -10.62
C MET D 448 37.10 -23.42 -10.34
N ASP D 449 36.29 -23.05 -11.34
CA ASP D 449 35.14 -22.16 -11.24
C ASP D 449 35.56 -20.76 -10.77
N ARG D 450 36.64 -20.26 -11.34
CA ARG D 450 37.12 -18.92 -11.02
C ARG D 450 36.57 -18.00 -12.09
N VAL D 451 35.42 -17.38 -11.83
CA VAL D 451 34.76 -16.53 -12.82
C VAL D 451 35.58 -15.28 -13.07
N SER D 452 35.97 -14.60 -12.00
CA SER D 452 36.66 -13.33 -12.11
C SER D 452 38.12 -13.47 -12.53
N PHE D 453 38.59 -14.68 -12.78
CA PHE D 453 39.82 -14.94 -13.50
C PHE D 453 39.57 -15.29 -14.95
N VAL D 454 38.37 -15.76 -15.27
CA VAL D 454 38.01 -15.85 -16.67
C VAL D 454 37.79 -14.46 -17.25
N LYS D 455 37.17 -13.56 -16.47
CA LYS D 455 37.01 -12.15 -16.86
C LYS D 455 38.34 -11.51 -17.19
N LEU D 456 39.26 -11.55 -16.24
CA LEU D 456 40.59 -11.01 -16.42
C LEU D 456 41.35 -11.74 -17.51
N LEU D 457 41.19 -13.04 -17.58
CA LEU D 457 42.12 -13.80 -18.39
C LEU D 457 41.73 -13.79 -19.86
N ILE D 458 40.46 -13.58 -20.19
CA ILE D 458 40.13 -13.29 -21.58
C ILE D 458 40.15 -11.79 -21.85
N GLU D 459 39.99 -10.96 -20.82
CA GLU D 459 40.07 -9.52 -21.00
C GLU D 459 41.48 -9.10 -21.39
N ASN D 460 42.49 -9.81 -20.91
CA ASN D 460 43.85 -9.47 -21.34
C ASN D 460 44.14 -10.00 -22.73
N GLY D 461 44.36 -11.30 -22.88
CA GLY D 461 44.82 -11.73 -24.17
C GLY D 461 44.38 -13.07 -24.73
N VAL D 462 43.46 -13.76 -24.07
CA VAL D 462 43.11 -15.11 -24.47
C VAL D 462 41.79 -15.09 -25.23
N SER D 463 41.81 -15.58 -26.45
CA SER D 463 40.61 -15.78 -27.22
C SER D 463 40.04 -17.14 -26.92
N MET D 464 38.72 -17.23 -26.80
CA MET D 464 38.09 -18.52 -26.62
C MET D 464 38.21 -19.35 -27.89
N HIS D 465 38.13 -18.70 -29.04
CA HIS D 465 38.63 -19.30 -30.28
C HIS D 465 40.10 -19.63 -30.09
N LYS D 466 40.47 -20.83 -30.55
CA LYS D 466 41.79 -21.46 -30.40
C LYS D 466 42.11 -21.82 -28.95
N PHE D 467 41.21 -21.53 -28.01
CA PHE D 467 41.31 -22.15 -26.69
C PHE D 467 40.57 -23.47 -26.65
N LEU D 468 39.32 -23.51 -27.09
CA LEU D 468 38.54 -24.72 -27.02
C LEU D 468 38.85 -25.60 -28.19
N THR D 469 39.50 -26.71 -27.94
CA THR D 469 39.52 -27.79 -28.88
C THR D 469 38.56 -28.85 -28.37
N ILE D 470 38.40 -29.92 -29.13
CA ILE D 470 37.55 -31.02 -28.72
C ILE D 470 38.08 -31.73 -27.47
N PRO D 471 39.38 -32.02 -27.29
CA PRO D 471 39.80 -32.53 -25.96
C PRO D 471 39.75 -31.50 -24.84
N ARG D 472 39.49 -30.23 -25.11
CA ARG D 472 39.25 -29.27 -24.04
C ARG D 472 37.83 -29.31 -23.54
N LEU D 473 36.94 -30.02 -24.23
CA LEU D 473 35.58 -30.12 -23.77
C LEU D 473 35.45 -31.45 -23.06
N GLU D 474 36.12 -32.47 -23.60
CA GLU D 474 36.09 -33.78 -23.00
C GLU D 474 36.70 -33.55 -21.64
N GLU D 475 37.80 -32.81 -21.63
CA GLU D 475 38.43 -32.41 -20.40
C GLU D 475 37.57 -31.20 -20.16
N LEU D 476 37.45 -30.77 -18.91
CA LEU D 476 36.64 -29.62 -18.56
C LEU D 476 35.20 -30.07 -18.45
N TYR D 477 34.97 -31.32 -18.80
CA TYR D 477 33.66 -31.90 -18.64
C TYR D 477 33.71 -33.13 -17.76
N ASN D 478 34.80 -33.89 -17.83
CA ASN D 478 34.97 -35.10 -17.04
C ASN D 478 35.94 -34.93 -15.90
N THR D 479 36.18 -33.69 -15.46
CA THR D 479 37.05 -33.44 -14.30
C THR D 479 36.19 -33.26 -13.06
N LYS D 480 36.61 -33.90 -11.98
CA LYS D 480 35.98 -33.74 -10.68
C LYS D 480 36.76 -32.78 -9.79
N GLN D 481 37.49 -31.85 -10.37
CA GLN D 481 38.35 -30.93 -9.65
C GLN D 481 37.65 -29.67 -9.21
N GLY D 482 36.35 -29.58 -9.42
CA GLY D 482 35.59 -28.44 -8.99
C GLY D 482 34.18 -28.82 -8.63
N PRO D 483 33.31 -27.82 -8.47
CA PRO D 483 31.90 -28.13 -8.15
C PRO D 483 31.17 -28.78 -9.31
N THR D 484 30.81 -30.05 -9.12
CA THR D 484 30.28 -30.85 -10.21
C THR D 484 28.77 -31.00 -10.05
N ASN D 485 28.13 -31.56 -11.07
CA ASN D 485 26.71 -31.83 -11.04
C ASN D 485 26.55 -33.33 -10.84
N PRO D 486 26.05 -33.78 -9.69
CA PRO D 486 26.05 -35.23 -9.43
C PRO D 486 25.04 -35.97 -10.26
N MET D 487 24.00 -35.30 -10.73
CA MET D 487 22.97 -35.98 -11.51
C MET D 487 23.24 -35.96 -13.00
N LEU D 488 24.31 -35.29 -13.45
CA LEU D 488 24.70 -35.35 -14.85
C LEU D 488 24.95 -36.78 -15.29
N PHE D 489 25.54 -37.59 -14.41
CA PHE D 489 25.74 -38.98 -14.71
C PHE D 489 24.44 -39.76 -14.77
N HIS D 490 23.40 -39.31 -14.04
CA HIS D 490 22.09 -39.95 -14.16
C HIS D 490 21.46 -39.70 -15.52
N LEU D 491 21.80 -38.59 -16.17
CA LEU D 491 21.32 -38.35 -17.52
C LEU D 491 22.16 -39.07 -18.57
N ILE D 492 23.42 -39.35 -18.27
CA ILE D 492 24.25 -40.14 -19.18
C ILE D 492 23.86 -41.62 -19.11
N ARG D 493 23.12 -42.02 -18.08
CA ARG D 493 22.61 -43.40 -18.01
C ARG D 493 21.58 -43.74 -19.08
N ASP D 494 21.14 -42.79 -19.92
CA ASP D 494 20.36 -43.16 -21.09
C ASP D 494 21.17 -44.00 -22.07
N VAL D 495 22.48 -43.79 -22.11
CA VAL D 495 23.39 -44.56 -22.96
C VAL D 495 23.44 -46.03 -22.58
N LYS D 505 36.18 -40.22 -19.40
CA LYS D 505 35.22 -41.25 -19.71
C LYS D 505 34.11 -40.68 -20.61
N ILE D 506 33.70 -39.45 -20.34
CA ILE D 506 32.54 -38.87 -20.99
C ILE D 506 32.95 -38.30 -22.34
N THR D 507 32.26 -38.74 -23.39
CA THR D 507 32.46 -38.23 -24.73
C THR D 507 31.37 -37.24 -25.08
N LEU D 508 31.68 -36.33 -26.01
CA LEU D 508 30.76 -35.27 -26.40
C LEU D 508 29.50 -35.79 -27.06
N ILE D 509 29.56 -36.98 -27.67
CA ILE D 509 28.37 -37.55 -28.26
C ILE D 509 27.41 -38.00 -27.17
N ASP D 510 27.95 -38.55 -26.09
CA ASP D 510 27.15 -38.86 -24.92
C ASP D 510 26.65 -37.62 -24.22
N ILE D 511 27.29 -36.47 -24.44
CA ILE D 511 26.77 -35.21 -23.92
C ILE D 511 25.60 -34.74 -24.75
N GLY D 512 25.70 -34.81 -26.07
CA GLY D 512 24.58 -34.33 -26.85
C GLY D 512 23.42 -35.27 -26.87
N LEU D 513 23.61 -36.53 -26.47
CA LEU D 513 22.41 -37.31 -26.20
C LEU D 513 21.70 -36.79 -24.97
N VAL D 514 22.44 -36.27 -23.99
CA VAL D 514 21.83 -35.62 -22.85
C VAL D 514 21.12 -34.34 -23.27
N ILE D 515 21.75 -33.55 -24.14
CA ILE D 515 21.16 -32.26 -24.53
C ILE D 515 19.94 -32.47 -25.40
N GLU D 516 19.98 -33.45 -26.32
CA GLU D 516 18.78 -33.79 -27.06
C GLU D 516 17.72 -34.42 -26.17
N TYR D 517 18.12 -35.02 -25.05
CA TYR D 517 17.12 -35.53 -24.13
C TYR D 517 16.48 -34.43 -23.31
N LEU D 518 17.24 -33.41 -22.94
CA LEU D 518 16.73 -32.36 -22.08
C LEU D 518 15.89 -31.36 -22.84
N MET D 519 16.17 -31.17 -24.10
CA MET D 519 15.40 -30.27 -24.93
C MET D 519 14.64 -31.17 -25.90
N GLY D 520 13.42 -31.52 -25.55
CA GLY D 520 12.71 -32.58 -26.22
C GLY D 520 12.21 -32.19 -27.59
N GLY D 521 11.56 -33.15 -28.23
CA GLY D 521 11.08 -32.91 -29.57
C GLY D 521 12.18 -33.14 -30.59
N THR D 522 12.10 -32.42 -31.70
CA THR D 522 13.09 -32.56 -32.76
C THR D 522 14.18 -31.50 -32.59
N TYR D 523 14.93 -31.64 -31.49
CA TYR D 523 16.09 -30.81 -31.25
C TYR D 523 17.32 -31.65 -31.61
N ARG D 524 18.07 -31.21 -32.60
CA ARG D 524 19.29 -31.89 -33.01
C ARG D 524 20.48 -31.07 -32.56
N CYS D 525 21.25 -31.60 -31.63
CA CYS D 525 22.41 -30.90 -31.11
C CYS D 525 23.57 -31.14 -32.04
N THR D 526 24.47 -30.15 -32.15
CA THR D 526 25.51 -30.17 -33.17
C THR D 526 26.47 -31.33 -33.01
N TYR D 527 26.60 -31.87 -31.80
CA TYR D 527 27.58 -32.92 -31.57
C TYR D 527 27.14 -34.25 -32.17
N THR D 528 25.83 -34.48 -32.30
CA THR D 528 25.38 -35.76 -32.83
C THR D 528 25.24 -35.77 -34.34
N ARG D 529 25.62 -34.71 -35.03
CA ARG D 529 25.45 -34.76 -36.46
C ARG D 529 26.65 -35.45 -37.12
N LYS D 530 26.51 -35.71 -38.43
CA LYS D 530 27.49 -36.50 -39.15
C LYS D 530 28.81 -35.77 -39.28
N ARG D 531 28.78 -34.46 -39.50
CA ARG D 531 30.03 -33.72 -39.67
C ARG D 531 30.83 -33.66 -38.38
N PHE D 532 30.15 -33.58 -37.24
CA PHE D 532 30.89 -33.62 -35.98
C PHE D 532 31.33 -35.03 -35.65
N ARG D 533 30.58 -36.04 -36.07
CA ARG D 533 31.11 -37.38 -35.86
C ARG D 533 32.20 -37.75 -36.87
N LEU D 534 32.42 -36.94 -37.89
CA LEU D 534 33.57 -37.15 -38.77
C LEU D 534 34.78 -36.34 -38.33
N ILE D 535 34.59 -35.11 -37.85
CA ILE D 535 35.72 -34.40 -37.25
C ILE D 535 36.14 -35.08 -35.96
N TYR D 536 35.16 -35.54 -35.19
CA TYR D 536 35.39 -36.43 -34.08
C TYR D 536 35.77 -37.81 -34.62
N ASN D 537 36.26 -38.67 -33.72
CA ASN D 537 36.93 -39.94 -34.04
C ASN D 537 38.16 -39.72 -34.90
N SER D 538 38.80 -38.56 -34.73
CA SER D 538 40.04 -38.16 -35.38
C SER D 538 40.00 -38.25 -36.91
N GLU D 613 42.55 -26.50 -36.03
CA GLU D 613 42.05 -25.86 -37.25
C GLU D 613 40.62 -26.29 -37.57
N THR D 614 40.34 -27.59 -37.47
CA THR D 614 39.00 -28.13 -37.62
C THR D 614 38.46 -28.69 -36.32
N LYS D 615 39.30 -28.91 -35.35
CA LYS D 615 38.88 -29.36 -34.03
C LYS D 615 38.58 -28.19 -33.10
N ARG D 616 38.63 -26.96 -33.60
CA ARG D 616 38.13 -25.84 -32.82
C ARG D 616 36.62 -25.78 -32.95
N PHE D 617 36.02 -24.82 -32.27
CA PHE D 617 34.60 -24.61 -32.43
C PHE D 617 34.35 -23.23 -33.03
N PRO D 618 33.38 -23.10 -33.93
CA PRO D 618 33.13 -21.79 -34.53
C PRO D 618 32.49 -20.82 -33.57
N TYR D 619 31.74 -21.32 -32.60
CA TYR D 619 31.11 -20.51 -31.57
C TYR D 619 31.43 -21.19 -30.25
N PRO D 620 32.48 -20.77 -29.57
CA PRO D 620 32.90 -21.48 -28.38
C PRO D 620 31.99 -21.21 -27.19
N LEU D 621 31.47 -20.00 -27.08
CA LEU D 621 30.68 -19.66 -25.90
C LEU D 621 29.29 -20.25 -25.95
N ASN D 622 28.84 -20.72 -27.11
CA ASN D 622 27.67 -21.57 -27.13
C ASN D 622 27.96 -22.94 -26.56
N GLU D 623 29.22 -23.36 -26.54
CA GLU D 623 29.55 -24.67 -26.01
C GLU D 623 29.78 -24.61 -24.53
N LEU D 624 30.34 -23.52 -24.05
CA LEU D 624 30.56 -23.35 -22.63
C LEU D 624 29.35 -22.79 -21.91
N LEU D 625 28.39 -22.23 -22.62
CA LEU D 625 27.15 -21.95 -21.93
C LEU D 625 26.40 -23.23 -21.62
N ILE D 626 26.41 -24.19 -22.55
CA ILE D 626 25.80 -25.48 -22.29
C ILE D 626 26.58 -26.24 -21.25
N TRP D 627 27.92 -26.16 -21.31
CA TRP D 627 28.75 -26.80 -20.29
C TRP D 627 28.48 -26.23 -18.91
N ALA D 628 28.45 -24.91 -18.79
CA ALA D 628 28.20 -24.33 -17.49
C ALA D 628 26.77 -24.46 -17.05
N CYS D 629 25.84 -24.82 -17.93
CA CYS D 629 24.49 -25.11 -17.47
C CYS D 629 24.36 -26.57 -17.04
N LEU D 630 24.99 -27.49 -17.76
CA LEU D 630 24.89 -28.90 -17.39
C LEU D 630 25.66 -29.21 -16.13
N MET D 631 26.82 -28.60 -15.94
CA MET D 631 27.60 -28.79 -14.74
C MET D 631 27.10 -27.97 -13.56
N LYS D 632 25.98 -27.24 -13.73
CA LYS D 632 25.22 -26.63 -12.64
C LYS D 632 26.07 -25.60 -11.91
N ARG D 633 26.82 -24.82 -12.67
CA ARG D 633 27.62 -23.75 -12.10
C ARG D 633 27.05 -22.44 -12.66
N GLN D 634 26.36 -21.71 -11.80
CA GLN D 634 25.49 -20.65 -12.26
C GLN D 634 26.23 -19.37 -12.55
N VAL D 635 27.21 -19.01 -11.71
CA VAL D 635 27.90 -17.75 -11.91
C VAL D 635 28.78 -17.82 -13.15
N MET D 636 29.34 -19.00 -13.43
CA MET D 636 30.02 -19.21 -14.70
C MET D 636 29.04 -19.11 -15.85
N ALA D 637 27.80 -19.57 -15.68
CA ALA D 637 26.85 -19.55 -16.78
C ALA D 637 26.35 -18.15 -17.06
N ARG D 638 26.08 -17.36 -16.02
CA ARG D 638 25.69 -15.97 -16.25
C ARG D 638 26.86 -15.10 -16.62
N PHE D 639 28.09 -15.57 -16.48
CA PHE D 639 29.17 -14.82 -17.09
C PHE D 639 29.36 -15.18 -18.55
N LEU D 640 29.32 -16.46 -18.90
CA LEU D 640 29.51 -16.86 -20.28
C LEU D 640 28.31 -16.51 -21.14
N TRP D 641 27.18 -16.23 -20.53
CA TRP D 641 26.03 -15.79 -21.30
C TRP D 641 26.23 -14.39 -21.85
N GLN D 642 26.73 -13.48 -21.03
CA GLN D 642 26.51 -12.07 -21.33
C GLN D 642 27.45 -11.52 -22.37
N HIS D 643 28.42 -12.28 -22.87
CA HIS D 643 29.16 -11.83 -24.02
C HIS D 643 29.30 -12.96 -25.04
N GLY D 644 28.36 -12.99 -25.96
CA GLY D 644 28.42 -13.81 -27.15
C GLY D 644 27.42 -13.21 -28.10
N GLU D 645 27.35 -13.78 -29.29
CA GLU D 645 26.23 -13.40 -30.14
C GLU D 645 24.96 -14.10 -29.66
N GLU D 646 23.83 -13.66 -30.20
CA GLU D 646 22.48 -14.26 -30.06
C GLU D 646 22.11 -14.58 -28.61
N SER D 647 22.23 -13.56 -27.76
CA SER D 647 22.18 -13.79 -26.31
C SER D 647 20.80 -14.16 -25.80
N MET D 648 19.74 -13.59 -26.39
CA MET D 648 18.40 -13.90 -25.92
C MET D 648 18.00 -15.32 -26.25
N ALA D 649 18.61 -15.93 -27.24
CA ALA D 649 18.39 -17.34 -27.46
C ALA D 649 19.17 -18.21 -26.50
N LYS D 650 20.34 -17.76 -26.06
CA LYS D 650 21.07 -18.52 -25.07
C LYS D 650 20.39 -18.48 -23.72
N ALA D 651 19.70 -17.39 -23.41
CA ALA D 651 18.94 -17.34 -22.17
C ALA D 651 17.79 -18.34 -22.18
N LEU D 652 17.19 -18.59 -23.33
CA LEU D 652 16.06 -19.49 -23.39
C LEU D 652 16.50 -20.95 -23.47
N VAL D 653 17.62 -21.20 -24.15
CA VAL D 653 18.23 -22.52 -24.10
C VAL D 653 18.62 -22.88 -22.68
N ALA D 654 19.27 -21.95 -21.98
CA ALA D 654 19.63 -22.18 -20.59
C ALA D 654 18.42 -22.35 -19.68
N CYS D 655 17.34 -21.62 -19.97
CA CYS D 655 16.10 -21.80 -19.21
C CYS D 655 15.51 -23.18 -19.43
N LYS D 656 15.51 -23.66 -20.68
CA LYS D 656 14.94 -24.97 -20.95
C LYS D 656 15.79 -26.09 -20.36
N ILE D 657 17.11 -25.98 -20.48
CA ILE D 657 18.02 -27.01 -19.94
C ILE D 657 17.88 -27.09 -18.42
N TYR D 658 17.95 -25.95 -17.74
CA TYR D 658 17.75 -25.93 -16.29
C TYR D 658 16.39 -26.47 -15.89
N ARG D 659 15.34 -26.06 -16.59
CA ARG D 659 14.00 -26.47 -16.21
C ARG D 659 13.79 -27.97 -16.41
N SER D 660 14.29 -28.53 -17.50
CA SER D 660 14.12 -29.97 -17.68
C SER D 660 15.10 -30.78 -16.85
N MET D 661 16.22 -30.21 -16.39
CA MET D 661 17.01 -30.94 -15.41
C MET D 661 16.33 -30.94 -14.05
N ALA D 662 15.66 -29.84 -13.71
CA ALA D 662 14.84 -29.81 -12.50
C ALA D 662 13.75 -30.85 -12.54
N TYR D 663 13.08 -30.97 -13.68
CA TYR D 663 12.05 -32.00 -13.83
C TYR D 663 12.63 -33.41 -13.84
N GLU D 664 13.85 -33.58 -14.36
CA GLU D 664 14.50 -34.88 -14.30
C GLU D 664 15.36 -35.05 -13.06
N ALA D 665 15.13 -34.21 -12.06
CA ALA D 665 15.73 -34.39 -10.74
C ALA D 665 14.70 -34.49 -9.65
N LYS D 666 13.50 -33.94 -9.84
CA LYS D 666 12.41 -34.17 -8.90
C LYS D 666 12.03 -35.64 -8.86
N GLN D 667 12.11 -36.32 -10.00
CA GLN D 667 11.70 -37.72 -10.04
C GLN D 667 12.71 -38.63 -9.36
N SER D 668 13.96 -38.62 -9.81
CA SER D 668 14.93 -39.62 -9.36
C SER D 668 16.09 -38.95 -8.64
N ASP D 669 15.90 -38.67 -7.35
CA ASP D 669 16.93 -38.33 -6.39
C ASP D 669 16.37 -38.55 -5.00
N LEU D 670 17.26 -38.69 -4.03
CA LEU D 670 16.85 -38.79 -2.64
C LEU D 670 17.45 -37.71 -1.74
N VAL D 671 18.72 -37.38 -1.89
CA VAL D 671 19.42 -36.48 -0.96
C VAL D 671 19.90 -35.28 -1.74
N ASP D 672 19.42 -34.10 -1.34
CA ASP D 672 19.62 -32.83 -2.06
C ASP D 672 19.26 -32.98 -3.53
N ASP D 673 17.95 -33.17 -3.77
CA ASP D 673 17.44 -33.39 -5.12
C ASP D 673 17.72 -32.20 -6.02
N THR D 674 17.74 -30.99 -5.45
CA THR D 674 18.11 -29.71 -6.05
C THR D 674 17.13 -29.26 -7.12
N SER D 675 15.94 -29.84 -7.21
CA SER D 675 14.94 -29.29 -8.12
C SER D 675 14.51 -27.90 -7.68
N GLU D 676 14.51 -27.66 -6.37
CA GLU D 676 14.29 -26.32 -5.84
C GLU D 676 15.42 -25.37 -6.20
N GLU D 677 16.60 -25.91 -6.53
CA GLU D 677 17.74 -25.09 -6.89
C GLU D 677 17.86 -24.91 -8.40
N LEU D 678 17.53 -25.95 -9.18
CA LEU D 678 17.56 -25.83 -10.63
C LEU D 678 16.39 -25.01 -11.15
N LYS D 679 15.20 -25.26 -10.66
CA LYS D 679 14.23 -24.19 -10.73
C LYS D 679 14.74 -23.10 -9.81
N GLN D 680 14.57 -21.83 -10.20
CA GLN D 680 15.19 -20.58 -9.76
C GLN D 680 16.58 -20.42 -10.38
N TYR D 681 17.10 -21.42 -11.08
CA TYR D 681 18.14 -21.17 -12.06
C TYR D 681 17.57 -21.06 -13.45
N SER D 682 16.49 -21.77 -13.75
CA SER D 682 15.77 -21.51 -14.98
C SER D 682 14.96 -20.23 -14.89
N ASN D 683 14.52 -19.84 -13.70
CA ASN D 683 13.78 -18.60 -13.60
C ASN D 683 14.67 -17.38 -13.50
N ASP D 684 15.98 -17.57 -13.41
CA ASP D 684 16.92 -16.46 -13.46
C ASP D 684 17.42 -16.19 -14.86
N PHE D 685 17.37 -17.18 -15.76
CA PHE D 685 17.60 -16.97 -17.18
C PHE D 685 16.32 -16.62 -17.91
N GLY D 686 15.22 -17.25 -17.54
CA GLY D 686 13.94 -16.92 -18.13
C GLY D 686 13.46 -15.54 -17.79
N GLN D 687 14.02 -14.91 -16.76
CA GLN D 687 13.77 -13.50 -16.52
C GLN D 687 14.70 -12.62 -17.34
N LEU D 688 15.92 -13.10 -17.65
CA LEU D 688 16.81 -12.36 -18.52
C LEU D 688 16.24 -12.27 -19.93
N ALA D 689 15.67 -13.36 -20.42
CA ALA D 689 15.05 -13.36 -21.74
C ALA D 689 13.92 -12.34 -21.83
N VAL D 690 13.05 -12.34 -20.84
CA VAL D 690 11.95 -11.37 -20.77
C VAL D 690 12.48 -9.96 -20.72
N GLU D 691 13.48 -9.69 -19.88
CA GLU D 691 14.01 -8.34 -19.79
C GLU D 691 14.73 -7.90 -21.06
N LEU D 692 15.34 -8.82 -21.78
CA LEU D 692 15.93 -8.44 -23.07
C LEU D 692 14.88 -8.20 -24.12
N LEU D 693 13.78 -8.93 -24.08
CA LEU D 693 12.75 -8.67 -25.06
C LEU D 693 11.96 -7.41 -24.75
N GLU D 694 11.81 -7.09 -23.47
CA GLU D 694 11.24 -5.80 -23.09
C GLU D 694 12.20 -4.67 -23.44
N GLN D 695 13.50 -4.96 -23.46
CA GLN D 695 14.46 -3.95 -23.92
C GLN D 695 14.32 -3.71 -25.41
N SER D 696 14.33 -4.78 -26.19
CA SER D 696 14.32 -4.64 -27.64
C SER D 696 12.95 -4.23 -28.18
N PHE D 697 11.89 -4.43 -27.43
CA PHE D 697 10.58 -3.95 -27.83
C PHE D 697 10.49 -2.44 -27.79
N ARG D 698 11.14 -1.82 -26.81
CA ARG D 698 10.98 -0.39 -26.64
C ARG D 698 11.78 0.41 -27.67
N GLN D 699 12.75 -0.19 -28.34
CA GLN D 699 13.49 0.58 -29.32
C GLN D 699 12.85 0.50 -30.69
N ASP D 700 12.48 -0.69 -31.15
CA ASP D 700 11.73 -0.84 -32.39
C ASP D 700 10.86 -2.07 -32.26
N GLU D 701 9.65 -1.99 -32.80
CA GLU D 701 8.67 -3.04 -32.59
C GLU D 701 8.66 -4.05 -33.72
N THR D 702 8.73 -3.57 -34.97
CA THR D 702 8.79 -4.46 -36.11
C THR D 702 10.11 -5.22 -36.17
N MET D 703 11.16 -4.73 -35.52
CA MET D 703 12.40 -5.50 -35.46
C MET D 703 12.39 -6.49 -34.32
N ALA D 704 11.80 -6.10 -33.19
CA ALA D 704 11.70 -7.00 -32.05
C ALA D 704 10.82 -8.19 -32.38
N MET D 705 9.79 -7.99 -33.19
CA MET D 705 9.02 -9.14 -33.65
C MET D 705 9.77 -9.97 -34.68
N LYS D 706 10.84 -9.45 -35.28
CA LYS D 706 11.68 -10.31 -36.10
C LYS D 706 12.62 -11.12 -35.24
N LEU D 707 13.02 -10.60 -34.08
CA LEU D 707 13.90 -11.38 -33.20
C LEU D 707 13.25 -12.63 -32.69
N LEU D 708 11.93 -12.60 -32.52
CA LEU D 708 11.21 -13.76 -32.01
C LEU D 708 11.20 -14.97 -32.91
N THR D 709 11.02 -14.77 -34.21
CA THR D 709 10.93 -15.89 -35.13
C THR D 709 12.02 -16.21 -36.14
N TYR D 710 13.18 -15.59 -36.08
CA TYR D 710 14.19 -15.88 -37.09
C TYR D 710 14.88 -17.18 -36.72
N GLU D 711 15.29 -17.92 -37.76
CA GLU D 711 15.94 -19.20 -37.54
C GLU D 711 17.29 -18.99 -36.89
N LEU D 712 17.61 -19.79 -35.89
CA LEU D 712 18.82 -19.52 -35.13
C LEU D 712 20.06 -20.10 -35.78
N LYS D 713 19.96 -21.32 -36.32
CA LYS D 713 20.94 -22.06 -37.11
C LYS D 713 22.10 -22.57 -36.28
N ASN D 714 22.21 -22.21 -35.00
CA ASN D 714 23.09 -22.85 -34.05
C ASN D 714 22.32 -23.73 -33.10
N TRP D 715 21.15 -23.26 -32.69
CA TRP D 715 20.32 -23.98 -31.74
C TRP D 715 19.26 -24.81 -32.47
N SER D 716 19.75 -25.65 -33.38
CA SER D 716 18.96 -26.66 -34.09
C SER D 716 17.82 -26.08 -34.92
N ASN D 717 18.08 -24.92 -35.53
CA ASN D 717 17.13 -24.22 -36.42
C ASN D 717 15.79 -24.00 -35.75
N SER D 718 15.81 -23.66 -34.48
CA SER D 718 14.58 -23.44 -33.75
C SER D 718 14.35 -21.95 -33.64
N THR D 719 13.11 -21.55 -33.88
CA THR D 719 12.62 -20.22 -33.59
C THR D 719 12.82 -19.90 -32.12
N CYS D 720 13.16 -18.65 -31.82
CA CYS D 720 13.37 -18.22 -30.44
C CYS D 720 12.08 -18.30 -29.62
N LEU D 721 10.94 -18.04 -30.25
CA LEU D 721 9.66 -18.10 -29.56
C LEU D 721 9.24 -19.54 -29.30
N LYS D 722 9.47 -20.43 -30.27
CA LYS D 722 9.21 -21.85 -30.02
C LYS D 722 10.14 -22.39 -28.95
N LEU D 723 11.33 -21.83 -28.88
CA LEU D 723 12.30 -22.24 -27.87
C LEU D 723 11.85 -21.77 -26.49
N ALA D 724 11.05 -20.70 -26.44
CA ALA D 724 10.46 -20.25 -25.18
C ALA D 724 9.06 -20.75 -24.94
N VAL D 725 8.52 -21.58 -25.82
CA VAL D 725 7.29 -22.29 -25.53
C VAL D 725 7.59 -23.74 -25.13
N SER D 726 8.73 -24.28 -25.56
CA SER D 726 9.13 -25.62 -25.15
C SER D 726 9.30 -25.71 -23.65
N SER D 727 10.07 -24.80 -23.07
CA SER D 727 9.88 -24.51 -21.66
C SER D 727 8.69 -23.59 -21.53
N ARG D 728 7.88 -23.79 -20.52
CA ARG D 728 6.61 -23.08 -20.43
C ARG D 728 6.94 -21.75 -19.80
N LEU D 729 7.45 -20.83 -20.58
CA LEU D 729 7.96 -19.58 -20.06
C LEU D 729 6.88 -18.57 -20.32
N ARG D 730 5.91 -18.50 -19.43
CA ARG D 730 4.75 -17.63 -19.57
C ARG D 730 5.03 -16.14 -19.60
N PRO D 731 5.96 -15.54 -18.85
CA PRO D 731 6.19 -14.09 -19.03
C PRO D 731 6.78 -13.69 -20.36
N PHE D 732 7.25 -14.62 -21.18
CA PHE D 732 7.77 -14.31 -22.50
C PHE D 732 6.66 -14.37 -23.53
N VAL D 733 5.90 -15.46 -23.52
CA VAL D 733 4.81 -15.65 -24.46
C VAL D 733 3.66 -14.70 -24.15
N ALA D 734 3.55 -14.21 -22.93
CA ALA D 734 2.56 -13.22 -22.58
C ALA D 734 3.09 -11.82 -22.54
N HIS D 735 4.19 -11.53 -23.22
CA HIS D 735 4.71 -10.18 -23.28
C HIS D 735 3.99 -9.47 -24.41
N THR D 736 4.20 -8.18 -24.57
CA THR D 736 3.48 -7.50 -25.63
C THR D 736 4.14 -7.65 -26.99
N CYS D 737 5.40 -8.09 -27.00
CA CYS D 737 6.06 -8.40 -28.24
C CYS D 737 5.52 -9.69 -28.90
N THR D 738 5.26 -10.74 -28.12
CA THR D 738 4.74 -11.97 -28.66
C THR D 738 3.24 -11.89 -28.82
N GLN D 739 2.56 -11.17 -27.96
CA GLN D 739 1.14 -10.99 -28.17
C GLN D 739 0.83 -9.97 -29.24
N MET D 740 1.82 -9.22 -29.70
CA MET D 740 1.62 -8.36 -30.86
C MET D 740 1.91 -9.12 -32.15
N LEU D 741 2.90 -10.01 -32.11
CA LEU D 741 3.20 -10.85 -33.26
C LEU D 741 2.13 -11.88 -33.50
N LEU D 742 1.54 -12.43 -32.43
CA LEU D 742 0.43 -13.36 -32.62
C LEU D 742 -0.80 -12.65 -33.14
N SER D 743 -0.99 -11.40 -32.76
CA SER D 743 -2.08 -10.63 -33.34
C SER D 743 -1.80 -10.22 -34.76
N ASP D 744 -0.54 -10.25 -35.20
CA ASP D 744 -0.27 -10.05 -36.62
C ASP D 744 -0.25 -11.35 -37.41
N MET D 745 -0.12 -12.49 -36.76
CA MET D 745 -0.33 -13.74 -37.48
C MET D 745 -1.79 -14.10 -37.58
N TRP D 746 -2.60 -13.61 -36.66
CA TRP D 746 -4.02 -13.89 -36.70
C TRP D 746 -4.67 -13.19 -37.86
N MET D 747 -4.24 -11.98 -38.18
CA MET D 747 -4.74 -11.28 -39.35
C MET D 747 -4.32 -12.00 -40.61
N GLY D 748 -3.09 -12.47 -40.66
CA GLY D 748 -2.60 -13.10 -41.86
C GLY D 748 -2.26 -12.03 -42.84
N ARG D 749 -2.74 -12.18 -44.07
CA ARG D 749 -2.45 -11.19 -45.10
C ARG D 749 -3.35 -9.97 -44.97
N LEU D 750 -4.50 -10.09 -44.33
CA LEU D 750 -5.48 -9.01 -44.25
C LEU D 750 -5.00 -7.91 -43.32
N ASN D 751 -5.74 -6.82 -43.25
CA ASN D 751 -5.29 -5.65 -42.51
C ASN D 751 -6.39 -5.17 -41.57
N MET D 752 -6.53 -5.83 -40.44
CA MET D 752 -7.60 -5.53 -39.49
C MET D 752 -7.43 -4.22 -38.75
N ARG D 753 -6.35 -3.47 -38.96
CA ARG D 753 -6.25 -2.16 -38.33
C ARG D 753 -7.24 -1.18 -38.95
N LYS D 754 -7.55 -1.35 -40.23
CA LYS D 754 -8.56 -0.55 -40.90
C LYS D 754 -9.70 -1.36 -41.48
N ASN D 755 -9.55 -2.68 -41.57
CA ASN D 755 -10.60 -3.52 -42.13
C ASN D 755 -11.72 -3.68 -41.13
N SER D 756 -12.94 -3.79 -41.64
CA SER D 756 -14.09 -4.02 -40.77
C SER D 756 -14.04 -5.44 -40.24
N TRP D 757 -14.44 -5.61 -38.98
CA TRP D 757 -14.57 -6.94 -38.41
C TRP D 757 -15.66 -7.74 -39.10
N TYR D 758 -16.81 -7.10 -39.34
CA TYR D 758 -17.94 -7.82 -39.91
C TYR D 758 -17.75 -8.08 -41.40
N LYS D 759 -16.87 -7.31 -42.06
CA LYS D 759 -16.60 -7.56 -43.46
C LYS D 759 -15.88 -8.88 -43.70
N VAL D 760 -15.26 -9.45 -42.68
CA VAL D 760 -14.71 -10.80 -42.81
C VAL D 760 -15.82 -11.82 -42.91
N ILE D 761 -16.81 -11.75 -42.02
CA ILE D 761 -17.93 -12.68 -42.06
C ILE D 761 -18.77 -12.49 -43.31
N LEU D 762 -18.94 -11.23 -43.73
CA LEU D 762 -19.65 -10.92 -44.96
C LEU D 762 -18.91 -11.47 -46.17
N SER D 763 -17.60 -11.32 -46.20
CA SER D 763 -16.80 -11.81 -47.31
C SER D 763 -16.66 -13.32 -47.29
N ILE D 764 -16.88 -13.96 -46.14
CA ILE D 764 -16.98 -15.41 -46.12
C ILE D 764 -18.27 -15.86 -46.75
N LEU D 765 -19.37 -15.21 -46.38
CA LEU D 765 -20.67 -15.62 -46.94
C LEU D 765 -20.82 -15.17 -48.38
N VAL D 766 -20.25 -14.02 -48.74
CA VAL D 766 -20.35 -13.46 -50.08
C VAL D 766 -18.96 -13.44 -50.71
N PRO D 767 -18.59 -14.43 -51.50
CA PRO D 767 -17.22 -14.50 -52.04
C PRO D 767 -16.83 -13.39 -53.02
N PRO D 768 -17.74 -12.71 -53.73
CA PRO D 768 -17.29 -11.49 -54.41
C PRO D 768 -17.03 -10.30 -53.51
N ALA D 769 -17.22 -10.40 -52.20
CA ALA D 769 -16.78 -9.33 -51.32
C ALA D 769 -15.35 -9.52 -50.83
N ILE D 770 -14.73 -10.64 -51.18
CA ILE D 770 -13.31 -10.85 -50.87
C ILE D 770 -12.46 -9.83 -51.61
N LEU D 771 -12.81 -9.58 -52.88
CA LEU D 771 -11.91 -8.89 -53.81
C LEU D 771 -11.64 -7.45 -53.43
N MET D 772 -12.58 -6.85 -52.71
CA MET D 772 -12.45 -5.45 -52.37
C MET D 772 -12.67 -5.08 -50.92
N LEU D 773 -11.73 -5.43 -50.05
CA LEU D 773 -11.82 -5.08 -48.66
C LEU D 773 -10.56 -4.30 -48.36
N GLU D 774 -9.49 -5.02 -48.04
CA GLU D 774 -8.21 -4.40 -47.76
C GLU D 774 -7.15 -5.48 -47.68
N TYR D 775 -5.89 -5.10 -47.62
CA TYR D 775 -4.84 -6.09 -47.43
C TYR D 775 -3.56 -5.44 -46.95
N LYS D 776 -2.49 -6.24 -46.93
CA LYS D 776 -1.18 -5.79 -46.51
C LYS D 776 -0.15 -6.05 -47.59
N THR D 777 0.85 -5.18 -47.64
CA THR D 777 1.95 -5.28 -48.60
C THR D 777 3.12 -6.02 -47.98
N LYS D 778 4.13 -6.30 -48.80
CA LYS D 778 5.30 -7.03 -48.31
C LYS D 778 6.16 -6.23 -47.36
N ALA D 779 6.00 -4.91 -47.32
CA ALA D 779 6.69 -4.14 -46.31
C ALA D 779 6.02 -4.24 -44.96
N GLU D 780 4.74 -4.63 -44.94
CA GLU D 780 4.02 -4.85 -43.71
C GLU D 780 4.01 -6.31 -43.29
N MET D 781 4.28 -7.22 -44.20
CA MET D 781 4.34 -8.65 -43.92
C MET D 781 5.77 -9.12 -43.73
N SER D 782 6.67 -8.23 -43.34
CA SER D 782 8.08 -8.60 -43.30
C SER D 782 8.40 -9.38 -42.04
N HIS D 783 7.88 -8.94 -40.91
CA HIS D 783 8.15 -9.57 -39.64
C HIS D 783 7.26 -10.77 -39.34
N ILE D 784 6.19 -10.95 -40.09
CA ILE D 784 5.27 -12.05 -39.87
C ILE D 784 5.82 -13.31 -40.52
N PRO D 785 6.05 -14.36 -39.79
CA PRO D 785 6.54 -15.59 -40.40
C PRO D 785 5.48 -16.30 -41.21
N GLN D 786 5.65 -16.25 -42.53
CA GLN D 786 4.73 -16.80 -43.49
C GLN D 786 5.03 -18.26 -43.76
N SER D 787 4.10 -18.95 -44.39
CA SER D 787 4.36 -20.34 -44.75
C SER D 787 5.27 -20.40 -45.97
N GLN D 788 5.59 -21.62 -46.41
CA GLN D 788 6.50 -21.79 -47.53
C GLN D 788 5.90 -21.28 -48.83
N ASP D 789 4.58 -21.37 -48.96
CA ASP D 789 3.90 -20.89 -50.17
C ASP D 789 3.44 -19.44 -50.00
N ALA D 790 4.41 -18.57 -49.70
CA ALA D 790 4.18 -17.13 -49.63
C ALA D 790 5.49 -16.38 -49.83
N ILE D 840 -5.09 -10.81 -58.24
CA ILE D 840 -6.53 -10.91 -58.06
C ILE D 840 -6.88 -12.32 -57.60
N THR D 841 -6.31 -13.33 -58.26
CA THR D 841 -6.44 -14.69 -57.74
C THR D 841 -5.47 -14.98 -56.61
N ARG D 842 -4.56 -14.06 -56.30
CA ARG D 842 -3.79 -14.14 -55.08
C ARG D 842 -4.53 -13.53 -53.90
N LYS D 843 -5.65 -12.86 -54.15
CA LYS D 843 -6.46 -12.34 -53.07
C LYS D 843 -7.40 -13.39 -52.50
N PHE D 844 -7.73 -14.44 -53.26
CA PHE D 844 -8.46 -15.57 -52.71
C PHE D 844 -7.56 -16.46 -51.88
N TYR D 845 -6.35 -16.74 -52.38
CA TYR D 845 -5.40 -17.51 -51.61
C TYR D 845 -4.94 -16.73 -50.39
N ALA D 846 -4.86 -15.41 -50.51
CA ALA D 846 -4.46 -14.58 -49.38
C ALA D 846 -5.56 -14.50 -48.35
N PHE D 847 -6.82 -14.44 -48.80
CA PHE D 847 -7.92 -14.32 -47.86
C PHE D 847 -8.22 -15.62 -47.17
N TYR D 848 -8.24 -16.74 -47.89
CA TYR D 848 -8.70 -17.97 -47.29
C TYR D 848 -7.71 -18.59 -46.33
N HIS D 849 -6.42 -18.37 -46.53
CA HIS D 849 -5.44 -18.96 -45.64
C HIS D 849 -5.13 -18.08 -44.45
N ALA D 850 -5.89 -17.07 -44.21
CA ALA D 850 -5.69 -16.34 -42.98
C ALA D 850 -6.33 -17.11 -41.84
N PRO D 851 -5.75 -17.03 -40.64
CA PRO D 851 -6.35 -17.73 -39.52
C PRO D 851 -7.63 -17.11 -39.02
N ILE D 852 -7.89 -15.83 -39.27
CA ILE D 852 -9.21 -15.28 -39.00
C ILE D 852 -10.24 -15.98 -39.85
N VAL D 853 -9.95 -16.16 -41.14
CA VAL D 853 -10.94 -16.70 -42.04
C VAL D 853 -11.11 -18.19 -41.85
N LYS D 854 -10.05 -18.90 -41.49
CA LYS D 854 -10.23 -20.29 -41.09
C LYS D 854 -11.05 -20.38 -39.81
N PHE D 855 -10.85 -19.42 -38.89
CA PHE D 855 -11.56 -19.47 -37.63
C PHE D 855 -13.03 -19.18 -37.79
N TRP D 856 -13.37 -18.03 -38.38
CA TRP D 856 -14.77 -17.67 -38.58
C TRP D 856 -15.47 -18.58 -39.53
N PHE D 857 -14.76 -19.17 -40.48
CA PHE D 857 -15.39 -20.13 -41.36
C PHE D 857 -15.73 -21.40 -40.60
N ASN D 858 -14.84 -21.79 -39.69
CA ASN D 858 -15.08 -22.94 -38.85
C ASN D 858 -16.19 -22.70 -37.82
N THR D 859 -16.27 -21.51 -37.21
CA THR D 859 -17.33 -21.32 -36.23
C THR D 859 -18.67 -21.06 -36.87
N LEU D 860 -18.72 -20.44 -38.05
CA LEU D 860 -20.00 -20.35 -38.74
C LEU D 860 -20.54 -21.73 -39.09
N ALA D 861 -19.67 -22.63 -39.52
CA ALA D 861 -20.18 -23.97 -39.73
C ALA D 861 -20.45 -24.71 -38.44
N TYR D 862 -19.81 -24.31 -37.33
CA TYR D 862 -20.12 -24.96 -36.07
C TYR D 862 -21.45 -24.50 -35.51
N LEU D 863 -21.78 -23.22 -35.69
CA LEU D 863 -23.10 -22.77 -35.29
C LEU D 863 -24.17 -23.34 -36.19
N GLY D 864 -23.86 -23.58 -37.46
CA GLY D 864 -24.77 -24.35 -38.28
C GLY D 864 -24.93 -25.77 -37.80
N PHE D 865 -23.86 -26.36 -37.28
CA PHE D 865 -23.96 -27.69 -36.71
C PHE D 865 -24.80 -27.73 -35.45
N LEU D 866 -24.71 -26.71 -34.60
CA LEU D 866 -25.52 -26.72 -33.39
C LEU D 866 -26.96 -26.41 -33.68
N MET D 867 -27.24 -25.50 -34.61
CA MET D 867 -28.63 -25.25 -34.96
C MET D 867 -29.28 -26.46 -35.60
N LEU D 868 -28.54 -27.17 -36.46
CA LEU D 868 -29.11 -28.39 -37.01
C LEU D 868 -29.20 -29.48 -35.98
N TYR D 869 -28.28 -29.52 -35.03
CA TYR D 869 -28.30 -30.63 -34.10
C TYR D 869 -29.38 -30.46 -33.05
N THR D 870 -29.74 -29.23 -32.72
CA THR D 870 -30.86 -29.10 -31.82
C THR D 870 -32.20 -29.06 -32.53
N PHE D 871 -32.24 -28.76 -33.83
CA PHE D 871 -33.45 -29.11 -34.54
C PHE D 871 -33.61 -30.63 -34.61
N VAL D 872 -32.51 -31.37 -34.69
CA VAL D 872 -32.59 -32.82 -34.70
C VAL D 872 -33.11 -33.34 -33.37
N VAL D 873 -32.47 -32.89 -32.31
CA VAL D 873 -32.79 -33.31 -30.94
C VAL D 873 -34.15 -32.90 -30.38
N LEU D 874 -34.58 -31.69 -30.64
CA LEU D 874 -35.83 -31.19 -30.05
C LEU D 874 -37.07 -31.75 -30.75
N VAL D 875 -36.98 -32.04 -32.03
CA VAL D 875 -38.10 -32.46 -32.84
C VAL D 875 -38.17 -33.98 -32.86
N LYS D 876 -39.38 -34.53 -33.06
CA LYS D 876 -39.68 -35.95 -33.02
C LYS D 876 -38.74 -36.79 -33.87
N MET D 877 -38.05 -37.70 -33.22
CA MET D 877 -37.17 -38.61 -33.91
C MET D 877 -38.02 -39.66 -34.60
N GLU D 878 -37.58 -40.08 -35.78
CA GLU D 878 -38.29 -41.09 -36.56
C GLU D 878 -37.35 -42.25 -36.79
N GLN D 879 -37.86 -43.29 -37.44
CA GLN D 879 -37.07 -44.50 -37.63
C GLN D 879 -35.92 -44.26 -38.60
N LEU D 880 -36.19 -43.59 -39.70
CA LEU D 880 -35.20 -43.23 -40.69
C LEU D 880 -34.75 -41.80 -40.42
N PRO D 881 -33.45 -41.53 -40.40
CA PRO D 881 -32.99 -40.19 -40.02
C PRO D 881 -33.37 -39.14 -41.05
N SER D 882 -33.63 -37.94 -40.57
CA SER D 882 -34.06 -36.87 -41.44
C SER D 882 -32.88 -36.31 -42.22
N VAL D 883 -33.15 -35.26 -43.00
CA VAL D 883 -32.10 -34.58 -43.74
C VAL D 883 -31.10 -33.92 -42.79
N GLN D 884 -31.61 -33.33 -41.71
CA GLN D 884 -30.77 -32.61 -40.77
C GLN D 884 -29.87 -33.55 -40.00
N GLU D 885 -30.32 -34.76 -39.75
CA GLU D 885 -29.56 -35.68 -38.93
C GLU D 885 -28.36 -36.23 -39.69
N TRP D 886 -28.47 -36.42 -41.00
CA TRP D 886 -27.30 -36.87 -41.74
C TRP D 886 -26.27 -35.77 -41.87
N ILE D 887 -26.69 -34.51 -41.84
CA ILE D 887 -25.71 -33.43 -41.80
C ILE D 887 -25.01 -33.43 -40.45
N VAL D 888 -25.74 -33.76 -39.38
CA VAL D 888 -25.11 -33.85 -38.06
C VAL D 888 -24.08 -34.98 -38.02
N ILE D 889 -24.45 -36.16 -38.52
CA ILE D 889 -23.55 -37.31 -38.50
C ILE D 889 -22.37 -37.10 -39.46
N ALA D 890 -22.59 -36.35 -40.54
CA ALA D 890 -21.48 -35.98 -41.40
C ALA D 890 -20.51 -35.05 -40.69
N TYR D 891 -21.03 -34.10 -39.92
CA TYR D 891 -20.15 -33.20 -39.17
C TYR D 891 -19.36 -33.96 -38.12
N ILE D 892 -20.01 -34.84 -37.37
CA ILE D 892 -19.28 -35.47 -36.27
C ILE D 892 -18.32 -36.53 -36.80
N PHE D 893 -18.67 -37.20 -37.89
CA PHE D 893 -17.76 -38.17 -38.49
C PHE D 893 -16.52 -37.49 -39.06
N THR D 894 -16.71 -36.51 -39.94
CA THR D 894 -15.54 -35.88 -40.54
C THR D 894 -14.79 -35.00 -39.54
N TYR D 895 -15.48 -34.52 -38.51
CA TYR D 895 -14.82 -33.85 -37.41
C TYR D 895 -13.93 -34.81 -36.65
N ALA D 896 -14.37 -36.05 -36.46
CA ALA D 896 -13.53 -37.04 -35.80
C ALA D 896 -12.34 -37.40 -36.66
N ILE D 897 -12.52 -37.42 -37.99
CA ILE D 897 -11.40 -37.64 -38.91
C ILE D 897 -10.36 -36.54 -38.75
N GLU D 898 -10.81 -35.28 -38.67
CA GLU D 898 -9.87 -34.18 -38.49
C GLU D 898 -9.20 -34.23 -37.13
N LYS D 899 -9.88 -34.74 -36.11
CA LYS D 899 -9.19 -34.86 -34.82
C LYS D 899 -8.17 -36.00 -34.82
N VAL D 900 -8.43 -37.09 -35.55
CA VAL D 900 -7.42 -38.14 -35.68
C VAL D 900 -6.22 -37.63 -36.47
N ARG D 901 -6.46 -36.82 -37.50
CA ARG D 901 -5.37 -36.20 -38.25
C ARG D 901 -4.58 -35.23 -37.37
N GLU D 902 -5.25 -34.55 -36.44
CA GLU D 902 -4.55 -33.62 -35.56
C GLU D 902 -3.85 -34.31 -34.41
N VAL D 903 -4.20 -35.54 -34.08
CA VAL D 903 -3.44 -36.29 -33.10
C VAL D 903 -2.25 -37.01 -33.75
N PHE D 904 -2.45 -37.61 -34.92
CA PHE D 904 -1.37 -38.30 -35.60
C PHE D 904 -0.37 -37.35 -36.23
N MET D 905 -0.76 -36.11 -36.51
CA MET D 905 0.20 -35.10 -36.95
C MET D 905 0.11 -33.82 -36.13
N LYS D 914 2.67 -38.28 -27.52
CA LYS D 914 2.02 -37.26 -28.35
C LYS D 914 0.51 -37.32 -28.15
N ILE D 915 0.03 -38.46 -27.65
CA ILE D 915 -1.39 -38.56 -27.30
C ILE D 915 -1.65 -37.99 -25.92
N LYS D 916 -0.75 -38.25 -24.97
CA LYS D 916 -0.88 -37.69 -23.63
C LYS D 916 -0.62 -36.19 -23.60
N VAL D 917 0.01 -35.64 -24.64
CA VAL D 917 0.05 -34.19 -24.79
C VAL D 917 -1.33 -33.67 -25.15
N TRP D 918 -2.03 -34.38 -26.03
CA TRP D 918 -3.32 -33.93 -26.55
C TRP D 918 -4.42 -34.03 -25.50
N PHE D 919 -4.30 -34.92 -24.53
CA PHE D 919 -5.27 -35.06 -23.46
C PHE D 919 -5.11 -34.01 -22.37
N SER D 920 -4.14 -33.10 -22.49
CA SER D 920 -3.92 -32.15 -21.42
C SER D 920 -4.92 -31.00 -21.45
N ASP D 921 -5.47 -30.69 -22.62
CA ASP D 921 -6.45 -29.62 -22.73
C ASP D 921 -7.83 -30.15 -22.36
N TYR D 922 -8.56 -29.35 -21.59
CA TYR D 922 -9.85 -29.79 -21.07
C TYR D 922 -10.94 -29.83 -22.13
N PHE D 923 -10.71 -29.23 -23.30
CA PHE D 923 -11.65 -29.33 -24.41
C PHE D 923 -11.20 -30.35 -25.44
N ASN D 924 -10.31 -31.26 -25.07
CA ASN D 924 -10.02 -32.43 -25.86
C ASN D 924 -10.44 -33.71 -25.17
N VAL D 925 -10.45 -33.73 -23.85
CA VAL D 925 -11.09 -34.82 -23.12
C VAL D 925 -12.58 -34.81 -23.40
N SER D 926 -13.18 -33.62 -23.50
CA SER D 926 -14.58 -33.53 -23.84
C SER D 926 -14.85 -33.85 -25.30
N ASP D 927 -13.84 -33.79 -26.17
CA ASP D 927 -14.09 -34.17 -27.55
C ASP D 927 -14.09 -35.66 -27.75
N THR D 928 -13.28 -36.39 -26.99
CA THR D 928 -13.31 -37.84 -27.10
C THR D 928 -14.61 -38.41 -26.56
N ILE D 929 -15.11 -37.86 -25.45
CA ILE D 929 -16.36 -38.33 -24.89
C ILE D 929 -17.53 -37.93 -25.77
N ALA D 930 -17.43 -36.78 -26.43
CA ALA D 930 -18.51 -36.35 -27.31
C ALA D 930 -18.61 -37.22 -28.54
N ILE D 931 -17.47 -37.57 -29.12
CA ILE D 931 -17.48 -38.29 -30.38
C ILE D 931 -17.77 -39.77 -30.15
N ILE D 932 -17.17 -40.36 -29.12
CA ILE D 932 -17.40 -41.77 -28.84
C ILE D 932 -18.83 -42.02 -28.40
N SER D 933 -19.37 -41.19 -27.51
CA SER D 933 -20.75 -41.38 -27.08
C SER D 933 -21.75 -40.94 -28.12
N PHE D 934 -21.35 -40.22 -29.15
CA PHE D 934 -22.30 -39.97 -30.22
C PHE D 934 -22.57 -41.20 -31.03
N PHE D 935 -21.56 -41.99 -31.32
CA PHE D 935 -21.77 -43.15 -32.15
C PHE D 935 -22.27 -44.34 -31.36
N VAL D 936 -22.03 -44.37 -30.05
CA VAL D 936 -22.78 -45.29 -29.20
C VAL D 936 -24.26 -44.93 -29.24
N GLY D 937 -24.55 -43.63 -29.26
CA GLY D 937 -25.93 -43.21 -29.40
C GLY D 937 -26.48 -43.45 -30.79
N PHE D 938 -25.66 -43.26 -31.81
CA PHE D 938 -26.12 -43.53 -33.16
C PHE D 938 -26.12 -45.01 -33.48
N GLY D 939 -25.28 -45.81 -32.80
CA GLY D 939 -25.38 -47.25 -32.95
C GLY D 939 -26.68 -47.80 -32.40
N LEU D 940 -27.10 -47.33 -31.23
CA LEU D 940 -28.36 -47.78 -30.66
C LEU D 940 -29.56 -47.14 -31.32
N ARG D 941 -29.39 -46.02 -32.00
CA ARG D 941 -30.52 -45.39 -32.67
C ARG D 941 -30.82 -46.09 -33.98
N PHE D 942 -29.78 -46.33 -34.77
CA PHE D 942 -29.89 -46.76 -36.15
C PHE D 942 -29.85 -48.28 -36.26
N GLY D 943 -28.83 -48.90 -35.70
CA GLY D 943 -28.77 -50.35 -35.66
C GLY D 943 -29.59 -50.91 -34.51
N ALA D 944 -30.90 -50.87 -34.66
CA ALA D 944 -31.80 -51.29 -33.59
C ALA D 944 -32.98 -52.05 -34.16
N LYS D 945 -33.56 -52.89 -33.31
CA LYS D 945 -34.83 -53.54 -33.64
C LYS D 945 -35.94 -52.51 -33.64
N TRP D 946 -36.84 -52.61 -34.63
CA TRP D 946 -37.93 -51.65 -34.73
C TRP D 946 -38.94 -51.86 -33.62
N ASN D 947 -39.51 -53.07 -33.54
CA ASN D 947 -40.69 -53.40 -32.71
C ASN D 947 -41.81 -52.37 -32.96
N TYR D 948 -42.12 -52.19 -34.24
CA TYR D 948 -42.77 -50.98 -34.70
C TYR D 948 -44.22 -50.90 -34.24
N ILE D 949 -44.63 -49.70 -33.85
CA ILE D 949 -45.98 -49.43 -33.39
C ILE D 949 -46.25 -47.96 -33.68
N ASN D 950 -47.49 -47.52 -33.41
CA ASN D 950 -47.74 -46.09 -33.27
C ASN D 950 -46.87 -45.49 -32.16
N ALA D 951 -46.68 -46.24 -31.08
CA ALA D 951 -45.70 -45.90 -30.06
C ALA D 951 -44.30 -46.23 -30.58
N TYR D 952 -43.48 -45.20 -30.75
CA TYR D 952 -42.14 -45.37 -31.30
C TYR D 952 -41.11 -45.77 -30.25
N ASP D 953 -41.51 -46.01 -29.02
CA ASP D 953 -40.55 -46.28 -27.95
C ASP D 953 -40.28 -47.77 -27.82
N ASN D 954 -39.08 -48.17 -28.23
CA ASN D 954 -38.49 -49.46 -27.89
C ASN D 954 -37.28 -49.18 -27.01
N HIS D 955 -36.88 -50.18 -26.23
CA HIS D 955 -35.88 -49.95 -25.18
C HIS D 955 -34.50 -49.62 -25.74
N VAL D 956 -34.22 -50.02 -26.97
CA VAL D 956 -32.92 -49.72 -27.56
C VAL D 956 -32.94 -48.34 -28.21
N PHE D 957 -34.03 -48.03 -28.92
CA PHE D 957 -34.16 -46.73 -29.58
C PHE D 957 -34.21 -45.59 -28.58
N VAL D 958 -34.86 -45.80 -27.44
CA VAL D 958 -34.99 -44.75 -26.44
C VAL D 958 -33.62 -44.41 -25.85
N ALA D 959 -32.82 -45.41 -25.50
CA ALA D 959 -31.50 -45.13 -24.96
C ALA D 959 -30.57 -44.54 -26.01
N GLY D 960 -30.79 -44.87 -27.27
CA GLY D 960 -30.06 -44.18 -28.33
C GLY D 960 -30.45 -42.73 -28.43
N ARG D 961 -31.73 -42.44 -28.26
CA ARG D 961 -32.15 -41.05 -28.32
C ARG D 961 -31.77 -40.29 -27.05
N LEU D 962 -31.54 -40.96 -25.92
CA LEU D 962 -31.13 -40.22 -24.73
C LEU D 962 -29.64 -40.02 -24.65
N ILE D 963 -28.84 -40.95 -25.17
CA ILE D 963 -27.42 -40.68 -25.39
C ILE D 963 -27.25 -39.72 -26.54
N TYR D 964 -28.29 -39.51 -27.30
CA TYR D 964 -28.33 -38.54 -28.37
C TYR D 964 -28.78 -37.16 -27.90
N CYS D 965 -29.53 -37.08 -26.79
CA CYS D 965 -29.99 -35.83 -26.17
C CYS D 965 -28.99 -35.28 -25.18
N LEU D 966 -28.45 -36.15 -24.31
CA LEU D 966 -27.44 -35.74 -23.35
C LEU D 966 -26.11 -35.39 -23.98
N ASN D 967 -25.93 -35.59 -25.27
CA ASN D 967 -24.66 -35.36 -25.91
C ASN D 967 -24.52 -33.95 -26.43
N ILE D 968 -25.60 -33.18 -26.52
CA ILE D 968 -25.49 -31.84 -27.05
C ILE D 968 -24.78 -30.95 -26.07
N ILE D 969 -24.83 -31.31 -24.79
CA ILE D 969 -24.14 -30.59 -23.73
C ILE D 969 -22.66 -30.50 -24.02
N PHE D 970 -22.05 -31.53 -24.60
CA PHE D 970 -20.63 -31.48 -24.89
C PHE D 970 -20.32 -30.51 -26.01
N TRP D 971 -21.24 -30.35 -26.95
CA TRP D 971 -20.98 -29.46 -28.05
C TRP D 971 -21.22 -28.01 -27.65
N TYR D 972 -22.19 -27.78 -26.77
CA TYR D 972 -22.36 -26.44 -26.23
C TYR D 972 -21.22 -26.03 -25.32
N VAL D 973 -20.65 -26.98 -24.57
CA VAL D 973 -19.46 -26.65 -23.82
C VAL D 973 -18.31 -26.37 -24.77
N ARG D 974 -18.28 -27.06 -25.91
CA ARG D 974 -17.27 -26.78 -26.92
C ARG D 974 -17.42 -25.38 -27.51
N LEU D 975 -18.60 -24.76 -27.44
CA LEU D 975 -18.67 -23.34 -27.80
C LEU D 975 -17.87 -22.40 -26.90
N LEU D 976 -17.47 -22.82 -25.71
CA LEU D 976 -16.63 -21.95 -24.90
C LEU D 976 -15.20 -21.94 -25.41
N ASP D 977 -14.78 -22.94 -26.16
CA ASP D 977 -13.48 -22.92 -26.82
C ASP D 977 -13.45 -21.87 -27.91
N PHE D 978 -14.61 -21.53 -28.47
CA PHE D 978 -14.70 -20.47 -29.46
C PHE D 978 -14.90 -19.13 -28.79
N LEU D 979 -15.69 -19.08 -27.73
CA LEU D 979 -15.96 -17.85 -27.01
C LEU D 979 -14.76 -17.39 -26.21
N ALA D 980 -13.74 -18.23 -26.15
CA ALA D 980 -12.54 -17.97 -25.37
C ALA D 980 -11.33 -17.51 -26.18
N VAL D 981 -11.56 -16.94 -27.35
CA VAL D 981 -10.47 -16.51 -28.22
C VAL D 981 -10.35 -15.01 -28.32
N ASN D 982 -11.29 -14.25 -27.77
CA ASN D 982 -11.11 -12.81 -27.79
C ASN D 982 -10.57 -12.32 -26.47
N GLN D 983 -10.15 -11.06 -26.47
CA GLN D 983 -9.35 -10.49 -25.39
C GLN D 983 -10.11 -10.47 -24.08
N GLN D 984 -11.42 -10.28 -24.14
CA GLN D 984 -12.20 -10.04 -22.94
C GLN D 984 -12.85 -11.30 -22.38
N ALA D 985 -13.34 -12.20 -23.22
CA ALA D 985 -14.02 -13.38 -22.73
C ALA D 985 -13.12 -14.57 -22.57
N GLY D 986 -11.87 -14.46 -22.95
CA GLY D 986 -10.92 -15.52 -22.75
C GLY D 986 -10.58 -15.80 -21.30
N PRO D 987 -10.13 -14.77 -20.56
CA PRO D 987 -9.83 -14.98 -19.15
C PRO D 987 -10.99 -15.44 -18.29
N TYR D 988 -12.24 -15.16 -18.65
CA TYR D 988 -13.31 -15.64 -17.82
C TYR D 988 -13.53 -17.13 -18.00
N VAL D 989 -13.40 -17.63 -19.23
CA VAL D 989 -13.53 -19.06 -19.44
C VAL D 989 -12.33 -19.78 -18.85
N MET D 990 -11.14 -19.16 -18.93
CA MET D 990 -9.98 -19.76 -18.29
C MET D 990 -10.01 -19.59 -16.79
N MET D 991 -10.96 -18.83 -16.27
CA MET D 991 -11.08 -18.49 -14.87
C MET D 991 -12.11 -19.30 -14.13
N ILE D 992 -13.18 -19.67 -14.83
CA ILE D 992 -14.25 -20.50 -14.27
C ILE D 992 -13.71 -21.83 -13.81
N GLY D 993 -12.91 -22.50 -14.62
CA GLY D 993 -12.35 -23.77 -14.20
C GLY D 993 -11.32 -23.63 -13.11
N LYS D 994 -10.62 -22.52 -13.10
CA LYS D 994 -9.61 -22.27 -12.10
C LYS D 994 -10.22 -21.89 -10.77
N MET D 995 -11.51 -21.59 -10.74
CA MET D 995 -12.17 -21.34 -9.47
C MET D 995 -13.11 -22.45 -9.05
N VAL D 996 -13.63 -23.24 -10.00
CA VAL D 996 -14.27 -24.51 -9.67
C VAL D 996 -13.28 -25.46 -9.02
N ALA D 997 -12.06 -25.51 -9.53
CA ALA D 997 -11.04 -26.36 -8.91
C ALA D 997 -10.55 -25.82 -7.58
N ASN D 998 -11.03 -24.67 -7.16
CA ASN D 998 -10.51 -23.95 -6.03
C ASN D 998 -11.52 -23.83 -4.90
N MET D 999 -12.82 -23.94 -5.19
CA MET D 999 -13.85 -23.88 -4.18
C MET D 999 -14.32 -25.25 -3.71
N PHE D 1000 -13.60 -26.30 -4.09
CA PHE D 1000 -14.09 -27.66 -3.92
C PHE D 1000 -14.28 -28.01 -2.47
N TYR D 1001 -13.46 -27.49 -1.58
CA TYR D 1001 -13.62 -27.83 -0.20
C TYR D 1001 -14.55 -26.93 0.56
N ILE D 1002 -15.13 -25.90 -0.06
CA ILE D 1002 -16.29 -25.29 0.54
C ILE D 1002 -17.52 -26.03 0.08
N VAL D 1003 -17.51 -26.53 -1.16
CA VAL D 1003 -18.63 -27.34 -1.62
C VAL D 1003 -18.71 -28.69 -0.90
N VAL D 1004 -17.59 -29.24 -0.41
CA VAL D 1004 -17.68 -30.47 0.36
C VAL D 1004 -18.36 -30.23 1.70
N ILE D 1005 -18.01 -29.14 2.38
CA ILE D 1005 -18.63 -28.79 3.66
C ILE D 1005 -20.12 -28.51 3.46
N MET D 1006 -20.49 -27.88 2.35
CA MET D 1006 -21.90 -27.71 2.04
C MET D 1006 -22.58 -29.03 1.78
N ALA D 1007 -21.85 -30.03 1.28
CA ALA D 1007 -22.49 -31.33 1.09
C ALA D 1007 -22.63 -32.12 2.38
N LEU D 1008 -21.75 -31.90 3.35
CA LEU D 1008 -21.95 -32.52 4.66
C LEU D 1008 -23.12 -31.90 5.40
N VAL D 1009 -23.26 -30.58 5.32
CA VAL D 1009 -24.42 -29.94 5.91
C VAL D 1009 -25.69 -30.40 5.20
N LEU D 1010 -25.58 -30.61 3.90
CA LEU D 1010 -26.71 -31.11 3.12
C LEU D 1010 -27.12 -32.50 3.57
N LEU D 1011 -26.17 -33.40 3.82
CA LEU D 1011 -26.52 -34.73 4.29
C LEU D 1011 -27.03 -34.72 5.71
N SER D 1012 -26.40 -33.94 6.58
CA SER D 1012 -26.78 -33.93 7.99
C SER D 1012 -28.08 -33.22 8.25
N PHE D 1013 -28.66 -32.54 7.26
CA PHE D 1013 -30.09 -32.26 7.34
C PHE D 1013 -30.93 -33.24 6.55
N GLY D 1014 -30.41 -33.81 5.48
CA GLY D 1014 -31.22 -34.69 4.66
C GLY D 1014 -31.61 -35.96 5.35
N VAL D 1015 -30.74 -36.51 6.20
CA VAL D 1015 -31.01 -37.80 6.80
C VAL D 1015 -31.98 -37.72 7.99
N PRO D 1016 -31.84 -36.84 9.00
CA PRO D 1016 -32.87 -36.82 10.04
C PRO D 1016 -34.17 -36.21 9.61
N ARG D 1017 -34.25 -35.49 8.51
CA ARG D 1017 -35.55 -35.00 8.06
C ARG D 1017 -36.39 -36.13 7.50
N LYS D 1018 -35.81 -36.99 6.67
CA LYS D 1018 -36.53 -38.18 6.23
C LYS D 1018 -36.78 -39.13 7.38
N ALA D 1019 -35.76 -39.35 8.20
CA ALA D 1019 -35.86 -40.28 9.30
C ALA D 1019 -36.91 -39.89 10.32
N ILE D 1020 -37.13 -38.60 10.52
CA ILE D 1020 -38.22 -38.17 11.38
C ILE D 1020 -39.54 -38.26 10.65
N LEU D 1021 -39.60 -37.79 9.41
CA LEU D 1021 -40.88 -37.72 8.71
C LEU D 1021 -41.36 -39.08 8.23
N TYR D 1022 -40.46 -39.97 7.82
CA TYR D 1022 -40.83 -41.23 7.17
C TYR D 1022 -40.30 -42.40 7.98
N PRO D 1023 -40.99 -42.82 9.05
CA PRO D 1023 -40.47 -43.92 9.84
C PRO D 1023 -40.68 -45.27 9.20
N HIS D 1024 -41.75 -45.45 8.42
CA HIS D 1024 -42.09 -46.75 7.87
C HIS D 1024 -41.60 -46.85 6.44
N GLU D 1025 -40.34 -47.25 6.28
CA GLU D 1025 -39.78 -47.44 4.97
C GLU D 1025 -39.16 -48.82 4.85
N GLU D 1026 -39.00 -49.27 3.62
CA GLU D 1026 -38.28 -50.48 3.29
C GLU D 1026 -37.06 -50.06 2.51
N PRO D 1027 -35.99 -50.85 2.53
CA PRO D 1027 -34.75 -50.43 1.85
C PRO D 1027 -34.94 -50.35 0.35
N SER D 1028 -34.68 -49.17 -0.19
CA SER D 1028 -34.80 -48.94 -1.62
C SER D 1028 -33.76 -47.91 -2.00
N TRP D 1029 -33.55 -47.75 -3.30
CA TRP D 1029 -32.64 -46.72 -3.75
C TRP D 1029 -33.31 -45.36 -3.85
N SER D 1030 -34.61 -45.28 -3.58
CA SER D 1030 -35.27 -43.99 -3.45
C SER D 1030 -35.03 -43.35 -2.09
N LEU D 1031 -34.32 -44.01 -1.18
CA LEU D 1031 -33.91 -43.34 0.04
C LEU D 1031 -32.80 -42.33 -0.23
N ALA D 1032 -31.83 -42.69 -1.08
CA ALA D 1032 -30.77 -41.75 -1.44
C ALA D 1032 -31.31 -40.55 -2.17
N LYS D 1033 -32.23 -40.78 -3.10
CA LYS D 1033 -32.80 -39.70 -3.89
C LYS D 1033 -33.57 -38.73 -3.01
N ASP D 1034 -34.26 -39.24 -2.01
CA ASP D 1034 -35.04 -38.33 -1.21
C ASP D 1034 -34.29 -37.76 -0.01
N ILE D 1035 -33.11 -38.28 0.34
CA ILE D 1035 -32.35 -37.57 1.36
C ILE D 1035 -31.50 -36.48 0.74
N VAL D 1036 -31.05 -36.67 -0.51
CA VAL D 1036 -30.28 -35.60 -1.13
C VAL D 1036 -31.20 -34.59 -1.80
N PHE D 1037 -32.33 -35.07 -2.32
CA PHE D 1037 -33.19 -34.31 -3.23
C PHE D 1037 -33.77 -33.05 -2.60
N HIS D 1038 -34.63 -33.21 -1.58
CA HIS D 1038 -35.34 -32.07 -1.04
C HIS D 1038 -34.48 -31.04 -0.31
N PRO D 1039 -33.45 -31.37 0.47
CA PRO D 1039 -32.59 -30.31 0.98
C PRO D 1039 -31.63 -29.75 -0.02
N TYR D 1040 -31.54 -30.28 -1.23
CA TYR D 1040 -30.63 -29.67 -2.19
C TYR D 1040 -31.23 -28.41 -2.77
N TRP D 1041 -32.53 -28.39 -3.02
CA TRP D 1041 -33.14 -27.24 -3.65
C TRP D 1041 -33.40 -26.12 -2.68
N MET D 1042 -33.11 -26.29 -1.40
CA MET D 1042 -33.30 -25.23 -0.44
C MET D 1042 -32.17 -24.25 -0.45
N ILE D 1043 -31.03 -24.61 -1.04
CA ILE D 1043 -29.97 -23.66 -1.24
C ILE D 1043 -30.36 -22.64 -2.29
N PHE D 1044 -31.26 -23.02 -3.19
CA PHE D 1044 -31.51 -22.31 -4.42
C PHE D 1044 -32.83 -21.57 -4.41
N GLY D 1045 -33.47 -21.46 -3.27
CA GLY D 1045 -34.63 -20.62 -3.18
C GLY D 1045 -35.87 -21.31 -2.71
N GLU D 1046 -36.02 -22.59 -2.99
CA GLU D 1046 -37.26 -23.27 -2.66
C GLU D 1046 -37.21 -23.73 -1.22
N VAL D 1047 -38.07 -23.14 -0.38
CA VAL D 1047 -38.06 -23.44 1.05
C VAL D 1047 -39.05 -24.55 1.37
N TYR D 1048 -39.88 -24.95 0.41
CA TYR D 1048 -40.96 -25.92 0.57
C TYR D 1048 -41.86 -25.52 1.71
N ALA D 1049 -42.51 -24.37 1.53
CA ALA D 1049 -43.09 -23.63 2.65
C ALA D 1049 -44.24 -24.37 3.30
N TYR D 1050 -45.01 -25.12 2.50
CA TYR D 1050 -46.16 -25.80 3.07
C TYR D 1050 -45.79 -27.15 3.63
N GLU D 1051 -44.65 -27.70 3.21
CA GLU D 1051 -44.21 -28.97 3.76
C GLU D 1051 -43.58 -28.80 5.14
N ILE D 1052 -43.10 -27.62 5.47
CA ILE D 1052 -42.72 -27.29 6.83
C ILE D 1052 -43.99 -27.28 7.66
N ASP D 1053 -43.89 -27.59 8.96
CA ASP D 1053 -45.05 -27.77 9.86
C ASP D 1053 -46.05 -28.73 9.25
N VAL D 1054 -45.65 -30.00 9.22
CA VAL D 1054 -46.45 -30.98 8.51
C VAL D 1054 -47.73 -31.24 9.30
N CYS D 1055 -47.67 -31.02 10.62
CA CYS D 1055 -48.83 -31.17 11.48
C CYS D 1055 -49.85 -30.06 11.30
N ALA D 1056 -49.44 -28.89 10.84
CA ALA D 1056 -50.30 -27.72 10.88
C ALA D 1056 -51.37 -27.77 9.79
N ASN D 1057 -52.40 -26.95 9.97
CA ASN D 1057 -53.31 -26.67 8.89
C ASN D 1057 -52.63 -25.78 7.87
N ASP D 1058 -53.30 -25.59 6.72
CA ASP D 1058 -52.77 -24.89 5.55
C ASP D 1058 -51.45 -25.52 5.11
N SER D 1059 -51.52 -26.82 4.90
CA SER D 1059 -50.34 -27.63 4.63
C SER D 1059 -50.65 -28.69 3.61
N THR D 1060 -49.74 -28.84 2.65
CA THR D 1060 -49.69 -30.05 1.87
C THR D 1060 -49.01 -31.11 2.72
N LEU D 1061 -49.00 -32.34 2.21
CA LEU D 1061 -48.61 -33.55 2.94
C LEU D 1061 -49.31 -33.74 4.28
N PRO D 1062 -50.64 -33.74 4.39
CA PRO D 1062 -51.25 -33.82 5.72
C PRO D 1062 -51.32 -35.22 6.30
N THR D 1063 -50.92 -36.24 5.52
CA THR D 1063 -50.91 -37.60 6.03
C THR D 1063 -49.71 -37.85 6.93
N ILE D 1064 -48.67 -37.04 6.81
CA ILE D 1064 -47.48 -37.22 7.63
C ILE D 1064 -47.67 -36.44 8.92
N CYS D 1065 -48.37 -36.99 9.89
CA CYS D 1065 -48.59 -36.28 11.13
C CYS D 1065 -48.24 -37.17 12.32
N GLY D 1066 -47.26 -38.04 12.16
CA GLY D 1066 -46.80 -38.91 13.21
C GLY D 1066 -46.17 -38.17 14.35
N PRO D 1067 -45.96 -38.86 15.47
CA PRO D 1067 -45.20 -38.26 16.57
C PRO D 1067 -43.79 -37.93 16.17
N GLY D 1068 -43.33 -36.74 16.52
CA GLY D 1068 -41.99 -36.31 16.24
C GLY D 1068 -41.83 -35.35 15.09
N THR D 1069 -42.84 -35.19 14.26
CA THR D 1069 -42.71 -34.35 13.08
C THR D 1069 -42.72 -32.87 13.38
N TRP D 1070 -42.86 -32.46 14.64
CA TRP D 1070 -42.71 -31.08 15.05
C TRP D 1070 -41.26 -30.64 15.13
N LEU D 1071 -40.32 -31.53 14.90
CA LEU D 1071 -38.91 -31.20 14.96
C LEU D 1071 -38.38 -30.65 13.65
N THR D 1072 -38.97 -31.03 12.52
CA THR D 1072 -38.43 -30.63 11.24
C THR D 1072 -38.47 -29.14 10.90
N PRO D 1073 -39.37 -28.29 11.40
CA PRO D 1073 -39.13 -26.86 11.21
C PRO D 1073 -37.92 -26.33 11.95
N PHE D 1074 -37.53 -26.94 13.06
CA PHE D 1074 -36.33 -26.48 13.74
C PHE D 1074 -35.09 -26.96 13.01
N LEU D 1075 -35.12 -28.18 12.47
CA LEU D 1075 -33.98 -28.65 11.70
C LEU D 1075 -33.85 -27.91 10.39
N GLN D 1076 -34.96 -27.57 9.76
CA GLN D 1076 -34.87 -26.79 8.54
C GLN D 1076 -34.49 -25.35 8.82
N ALA D 1077 -34.83 -24.85 9.99
CA ALA D 1077 -34.41 -23.50 10.35
C ALA D 1077 -32.91 -23.42 10.56
N VAL D 1078 -32.33 -24.40 11.26
CA VAL D 1078 -30.89 -24.39 11.48
C VAL D 1078 -30.16 -24.71 10.19
N TYR D 1079 -30.72 -25.57 9.35
CA TYR D 1079 -30.09 -25.90 8.08
C TYR D 1079 -30.06 -24.73 7.13
N LEU D 1080 -31.16 -23.99 7.02
CA LEU D 1080 -31.15 -22.84 6.13
C LEU D 1080 -30.33 -21.71 6.68
N PHE D 1081 -30.24 -21.60 8.01
CA PHE D 1081 -29.37 -20.58 8.57
C PHE D 1081 -27.93 -20.88 8.24
N VAL D 1082 -27.49 -22.11 8.48
CA VAL D 1082 -26.09 -22.46 8.27
C VAL D 1082 -25.72 -22.45 6.81
N GLN D 1083 -26.57 -23.05 5.99
CA GLN D 1083 -26.32 -23.15 4.56
C GLN D 1083 -26.35 -21.78 3.91
N TYR D 1084 -27.47 -21.08 4.03
CA TYR D 1084 -27.68 -19.86 3.28
C TYR D 1084 -27.00 -18.66 3.91
N ILE D 1085 -26.74 -18.65 5.20
CA ILE D 1085 -26.19 -17.46 5.83
C ILE D 1085 -24.71 -17.66 6.12
N ILE D 1086 -24.26 -18.89 6.30
CA ILE D 1086 -22.85 -19.10 6.54
C ILE D 1086 -22.15 -19.64 5.31
N MET D 1087 -22.71 -20.66 4.65
CA MET D 1087 -21.88 -21.36 3.68
C MET D 1087 -21.91 -20.68 2.33
N VAL D 1088 -23.09 -20.32 1.83
CA VAL D 1088 -23.16 -19.66 0.52
C VAL D 1088 -22.77 -18.21 0.63
N ASN D 1089 -22.53 -17.73 1.83
CA ASN D 1089 -22.07 -16.39 2.08
C ASN D 1089 -20.60 -16.38 2.44
N LEU D 1090 -20.02 -17.51 2.78
CA LEU D 1090 -18.58 -17.69 2.83
C LEU D 1090 -18.03 -18.05 1.45
N LEU D 1091 -18.90 -18.44 0.54
CA LEU D 1091 -18.50 -18.71 -0.82
C LEU D 1091 -18.43 -17.44 -1.65
N ILE D 1092 -19.31 -16.47 -1.38
CA ILE D 1092 -19.21 -15.16 -2.00
C ILE D 1092 -17.94 -14.45 -1.54
N ALA D 1093 -17.62 -14.55 -0.26
CA ALA D 1093 -16.39 -13.98 0.27
C ALA D 1093 -15.18 -14.68 -0.31
N PHE D 1094 -15.28 -15.99 -0.53
CA PHE D 1094 -14.16 -16.73 -1.11
C PHE D 1094 -13.88 -16.29 -2.54
N PHE D 1095 -14.91 -16.23 -3.40
CA PHE D 1095 -14.69 -15.79 -4.77
C PHE D 1095 -14.27 -14.35 -4.83
N ASN D 1096 -14.81 -13.57 -3.93
CA ASN D 1096 -14.55 -12.16 -3.86
C ASN D 1096 -13.12 -11.83 -3.55
N ASN D 1097 -12.51 -12.60 -2.66
CA ASN D 1097 -11.14 -12.34 -2.26
C ASN D 1097 -10.13 -13.14 -3.07
N VAL D 1098 -10.58 -14.15 -3.81
CA VAL D 1098 -9.70 -14.92 -4.71
C VAL D 1098 -9.71 -14.37 -6.13
N TYR D 1099 -10.69 -13.53 -6.47
CA TYR D 1099 -10.94 -13.08 -7.83
C TYR D 1099 -9.74 -12.40 -8.44
N LEU D 1100 -9.04 -11.57 -7.69
CA LEU D 1100 -8.05 -10.72 -8.34
C LEU D 1100 -6.79 -11.49 -8.66
N GLN D 1101 -6.40 -12.42 -7.79
CA GLN D 1101 -5.25 -13.25 -8.11
C GLN D 1101 -5.58 -14.27 -9.19
N VAL D 1102 -6.83 -14.76 -9.24
CA VAL D 1102 -7.15 -15.70 -10.31
C VAL D 1102 -7.39 -14.97 -11.63
N LYS D 1103 -7.74 -13.70 -11.59
CA LYS D 1103 -7.80 -12.94 -12.84
C LYS D 1103 -6.39 -12.65 -13.35
N ALA D 1104 -5.46 -12.35 -12.46
CA ALA D 1104 -4.09 -12.09 -12.91
C ALA D 1104 -3.42 -13.36 -13.41
N ILE D 1105 -3.69 -14.50 -12.80
CA ILE D 1105 -3.14 -15.76 -13.28
C ILE D 1105 -3.80 -16.18 -14.59
N SER D 1106 -5.11 -16.15 -14.62
CA SER D 1106 -5.89 -16.64 -15.75
C SER D 1106 -5.73 -15.79 -16.98
N ASN D 1107 -5.42 -14.51 -16.81
CA ASN D 1107 -5.13 -13.66 -17.95
C ASN D 1107 -3.84 -14.10 -18.64
N ILE D 1108 -2.83 -14.45 -17.84
CA ILE D 1108 -1.55 -14.90 -18.39
C ILE D 1108 -1.67 -16.30 -18.97
N VAL D 1109 -2.48 -17.16 -18.38
CA VAL D 1109 -2.71 -18.49 -18.96
C VAL D 1109 -3.45 -18.37 -20.28
N TRP D 1110 -4.35 -17.41 -20.41
CA TRP D 1110 -4.97 -17.18 -21.71
C TRP D 1110 -3.96 -16.67 -22.72
N LYS D 1111 -3.17 -15.66 -22.36
CA LYS D 1111 -2.17 -15.11 -23.27
C LYS D 1111 -1.14 -16.13 -23.70
N TYR D 1112 -0.87 -17.13 -22.85
CA TYR D 1112 0.04 -18.19 -23.26
C TYR D 1112 -0.64 -19.18 -24.18
N GLN D 1113 -1.88 -19.56 -23.89
CA GLN D 1113 -2.53 -20.55 -24.74
C GLN D 1113 -3.01 -19.99 -26.06
N ARG D 1114 -3.01 -18.68 -26.21
CA ARG D 1114 -3.26 -18.05 -27.50
C ARG D 1114 -2.20 -18.43 -28.53
N TYR D 1115 -0.97 -18.74 -28.10
CA TYR D 1115 0.04 -19.23 -29.03
C TYR D 1115 -0.34 -20.57 -29.61
N HIS D 1116 -0.67 -21.54 -28.76
CA HIS D 1116 -1.08 -22.85 -29.23
C HIS D 1116 -2.41 -22.83 -29.94
N PHE D 1117 -3.19 -21.78 -29.76
CA PHE D 1117 -4.41 -21.66 -30.53
C PHE D 1117 -4.14 -21.15 -31.93
N ILE D 1118 -3.25 -20.17 -32.09
CA ILE D 1118 -2.99 -19.62 -33.42
C ILE D 1118 -2.16 -20.57 -34.27
N MET D 1119 -1.18 -21.24 -33.66
CA MET D 1119 -0.41 -22.22 -34.40
C MET D 1119 -1.19 -23.47 -34.79
N ALA D 1120 -2.41 -23.65 -34.29
CA ALA D 1120 -3.25 -24.67 -34.87
C ALA D 1120 -3.89 -24.18 -36.15
N TYR D 1121 -4.25 -22.91 -36.21
CA TYR D 1121 -4.85 -22.35 -37.41
C TYR D 1121 -3.84 -21.99 -38.47
N HIS D 1122 -2.55 -22.12 -38.22
CA HIS D 1122 -1.66 -22.19 -39.37
C HIS D 1122 -1.56 -23.58 -39.98
N GLU D 1123 -2.27 -24.55 -39.43
CA GLU D 1123 -2.17 -25.92 -39.89
C GLU D 1123 -3.49 -26.49 -40.36
N LYS D 1124 -4.61 -25.93 -39.93
CA LYS D 1124 -5.91 -26.43 -40.34
C LYS D 1124 -6.16 -26.13 -41.82
N PRO D 1125 -6.74 -27.07 -42.56
CA PRO D 1125 -7.04 -26.81 -43.97
C PRO D 1125 -8.21 -25.86 -44.08
N VAL D 1126 -8.26 -25.13 -45.19
CA VAL D 1126 -9.25 -24.09 -45.36
C VAL D 1126 -10.65 -24.51 -45.73
N LEU D 1127 -11.22 -25.35 -44.87
CA LEU D 1127 -12.58 -25.80 -45.03
C LEU D 1127 -13.04 -26.24 -43.67
N PRO D 1128 -14.33 -26.07 -43.39
CA PRO D 1128 -14.84 -26.53 -42.15
C PRO D 1128 -15.16 -28.00 -42.25
N PRO D 1129 -15.28 -28.71 -41.13
CA PRO D 1129 -15.41 -30.17 -41.17
C PRO D 1129 -16.60 -30.77 -41.90
N PRO D 1130 -17.73 -30.10 -42.19
CA PRO D 1130 -18.64 -30.77 -43.12
C PRO D 1130 -18.15 -30.69 -44.55
N LEU D 1131 -17.49 -29.59 -44.91
CA LEU D 1131 -16.88 -29.43 -46.20
C LEU D 1131 -15.50 -30.06 -46.28
N ILE D 1132 -14.99 -30.62 -45.18
CA ILE D 1132 -13.77 -31.39 -45.32
C ILE D 1132 -14.19 -32.79 -45.70
N ILE D 1133 -14.50 -32.96 -46.97
CA ILE D 1133 -14.36 -34.23 -47.65
C ILE D 1133 -13.32 -34.12 -48.73
N LEU D 1134 -12.93 -32.91 -49.09
CA LEU D 1134 -11.94 -32.65 -50.13
C LEU D 1134 -10.53 -32.69 -49.56
N SER D 1135 -10.24 -31.86 -48.56
CA SER D 1135 -8.87 -31.58 -48.16
C SER D 1135 -8.21 -32.67 -47.32
N HIS D 1136 -8.82 -33.85 -47.17
CA HIS D 1136 -8.05 -35.03 -46.77
C HIS D 1136 -7.96 -36.08 -47.87
N ILE D 1137 -8.87 -36.06 -48.86
CA ILE D 1137 -8.64 -36.85 -50.05
C ILE D 1137 -7.49 -36.24 -50.86
N VAL D 1138 -7.35 -34.92 -50.83
CA VAL D 1138 -6.23 -34.25 -51.49
C VAL D 1138 -4.93 -34.57 -50.76
N SER D 1139 -4.85 -34.20 -49.49
CA SER D 1139 -3.61 -34.41 -48.73
C SER D 1139 -3.91 -34.87 -47.31
N GLY D 1156 7.42 -25.46 -43.06
CA GLY D 1156 6.79 -24.89 -41.88
C GLY D 1156 6.38 -23.44 -42.05
N PRO D 1157 6.15 -22.75 -40.94
CA PRO D 1157 5.77 -21.33 -41.01
C PRO D 1157 6.94 -20.36 -41.00
N LYS D 1158 8.14 -20.79 -41.39
CA LYS D 1158 9.40 -20.08 -41.15
C LYS D 1158 9.42 -18.64 -41.66
N LEU D 1159 10.18 -17.80 -40.95
CA LEU D 1159 10.34 -16.39 -41.29
C LEU D 1159 11.44 -16.29 -42.34
N PHE D 1160 11.22 -15.47 -43.36
CA PHE D 1160 12.19 -15.33 -44.45
C PHE D 1160 12.84 -13.96 -44.38
N LEU D 1161 14.13 -13.93 -44.11
CA LEU D 1161 14.93 -12.71 -44.17
C LEU D 1161 16.00 -12.85 -45.24
N THR D 1162 16.28 -11.74 -45.92
CA THR D 1162 17.37 -11.70 -46.87
C THR D 1162 18.72 -11.72 -46.15
N GLU D 1163 19.80 -11.81 -46.92
CA GLU D 1163 21.12 -11.71 -46.34
C GLU D 1163 21.40 -10.30 -45.82
N GLU D 1164 20.76 -9.30 -46.41
CA GLU D 1164 20.93 -7.94 -45.93
C GLU D 1164 20.26 -7.74 -44.58
N ASP D 1165 18.99 -8.11 -44.49
CA ASP D 1165 18.21 -7.83 -43.29
C ASP D 1165 18.51 -8.79 -42.16
N GLN D 1166 19.18 -9.90 -42.44
CA GLN D 1166 19.66 -10.73 -41.35
C GLN D 1166 20.85 -10.07 -40.66
N LYS D 1167 21.62 -9.28 -41.40
CA LYS D 1167 22.70 -8.53 -40.78
C LYS D 1167 22.18 -7.27 -40.11
N LYS D 1168 21.21 -6.60 -40.74
CA LYS D 1168 20.59 -5.43 -40.13
C LYS D 1168 19.81 -5.81 -38.88
N LEU D 1169 19.26 -7.02 -38.84
CA LEU D 1169 18.65 -7.54 -37.63
C LEU D 1169 19.71 -7.94 -36.62
N HIS D 1170 20.82 -8.50 -37.11
CA HIS D 1170 21.81 -9.04 -36.21
C HIS D 1170 22.61 -7.97 -35.50
N ASP D 1171 22.69 -6.76 -36.04
CA ASP D 1171 23.24 -5.67 -35.23
C ASP D 1171 22.16 -4.80 -34.62
N PHE D 1172 20.90 -5.21 -34.73
CA PHE D 1172 19.87 -4.67 -33.84
C PHE D 1172 19.86 -5.40 -32.52
N GLU D 1173 20.06 -6.71 -32.56
CA GLU D 1173 20.05 -7.47 -31.32
C GLU D 1173 21.23 -7.09 -30.43
N GLU D 1174 22.40 -6.84 -31.02
CA GLU D 1174 23.56 -6.45 -30.25
C GLU D 1174 23.39 -5.09 -29.63
N GLN D 1175 22.75 -4.17 -30.34
CA GLN D 1175 22.48 -2.86 -29.80
C GLN D 1175 21.50 -2.94 -28.65
N CYS D 1176 20.50 -3.81 -28.74
CA CYS D 1176 19.55 -3.91 -27.64
C CYS D 1176 20.15 -4.59 -26.42
N VAL D 1177 21.10 -5.50 -26.61
CA VAL D 1177 21.73 -6.11 -25.45
C VAL D 1177 22.67 -5.11 -24.78
N GLU D 1178 23.45 -4.37 -25.56
CA GLU D 1178 24.35 -3.40 -24.98
C GLU D 1178 23.61 -2.26 -24.31
N MET D 1179 22.44 -1.87 -24.85
CA MET D 1179 21.63 -0.91 -24.13
C MET D 1179 20.98 -1.52 -22.91
N TYR D 1180 20.79 -2.84 -22.88
CA TYR D 1180 20.27 -3.46 -21.67
C TYR D 1180 21.28 -3.44 -20.54
N PHE D 1181 22.54 -3.73 -20.84
CA PHE D 1181 23.51 -3.71 -19.76
C PHE D 1181 23.97 -2.30 -19.41
N ASP D 1182 23.90 -1.35 -20.34
CA ASP D 1182 24.14 0.04 -19.94
C ASP D 1182 23.00 0.58 -19.11
N GLU D 1183 21.76 0.35 -19.56
CA GLU D 1183 20.59 0.82 -18.84
C GLU D 1183 20.38 0.07 -17.53
N LYS D 1184 21.04 -1.08 -17.34
CA LYS D 1184 21.00 -1.79 -16.08
C LYS D 1184 21.66 -1.02 -14.95
N ASP D 1185 22.52 -0.04 -15.26
CA ASP D 1185 23.09 0.86 -14.27
C ASP D 1185 22.26 2.12 -14.05
N ASP D 1186 21.00 2.13 -14.48
CA ASP D 1186 20.05 3.09 -13.92
C ASP D 1186 19.59 2.66 -12.54
N LYS D 1187 19.54 1.35 -12.30
CA LYS D 1187 19.11 0.88 -10.99
C LYS D 1187 20.28 0.75 -10.03
N PHE D 1188 21.34 0.06 -10.44
CA PHE D 1188 22.38 -0.26 -9.47
C PHE D 1188 23.23 0.95 -9.15
N ASN D 1189 23.54 1.77 -10.13
CA ASN D 1189 23.99 3.13 -9.84
C ASN D 1189 22.77 4.01 -9.84
N SER D 1190 22.95 5.25 -9.38
CA SER D 1190 21.94 6.33 -9.41
C SER D 1190 20.66 5.99 -8.66
N GLY D 1191 20.68 5.00 -7.79
CA GLY D 1191 19.60 4.80 -6.87
C GLY D 1191 19.91 5.49 -5.56
N SER D 1192 18.88 5.69 -4.74
CA SER D 1192 19.08 6.31 -3.44
C SER D 1192 19.99 5.45 -2.58
N GLU D 1193 19.80 4.12 -2.61
CA GLU D 1193 20.52 3.25 -1.69
C GLU D 1193 21.99 3.13 -2.07
N GLU D 1194 22.32 3.25 -3.36
CA GLU D 1194 23.72 3.18 -3.75
C GLU D 1194 24.43 4.50 -3.53
N ARG D 1195 23.77 5.61 -3.81
CA ARG D 1195 24.40 6.92 -3.59
C ARG D 1195 24.63 7.19 -2.11
N ILE D 1196 23.74 6.70 -1.24
CA ILE D 1196 23.97 6.77 0.19
C ILE D 1196 25.15 5.87 0.57
N ARG D 1197 25.27 4.73 -0.10
CA ARG D 1197 26.31 3.77 0.25
C ARG D 1197 27.69 4.29 -0.11
N VAL D 1198 27.81 4.92 -1.28
CA VAL D 1198 29.12 5.36 -1.72
C VAL D 1198 29.59 6.57 -0.92
N THR D 1199 28.67 7.50 -0.61
CA THR D 1199 29.04 8.61 0.26
C THR D 1199 29.35 8.13 1.66
N PHE D 1200 28.73 7.05 2.11
CA PHE D 1200 29.12 6.47 3.40
C PHE D 1200 30.53 5.92 3.34
N GLU D 1201 30.91 5.35 2.21
CA GLU D 1201 32.29 4.87 2.07
C GLU D 1201 33.22 6.00 1.70
N ARG D 1202 32.72 7.04 1.04
CA ARG D 1202 33.60 8.16 0.74
C ARG D 1202 33.85 8.99 1.98
N VAL D 1203 32.84 9.26 2.81
CA VAL D 1203 33.05 10.11 3.98
C VAL D 1203 33.85 9.39 5.05
N GLU D 1204 33.72 8.08 5.16
CA GLU D 1204 34.45 7.31 6.17
C GLU D 1204 35.95 7.37 5.92
N GLN D 1205 36.38 7.14 4.68
CA GLN D 1205 37.79 7.26 4.37
C GLN D 1205 38.25 8.71 4.31
N MET D 1206 37.31 9.60 4.05
CA MET D 1206 37.54 11.04 3.98
C MET D 1206 37.90 11.65 5.33
N SER D 1207 37.18 11.23 6.38
CA SER D 1207 37.41 11.69 7.74
C SER D 1207 38.74 11.21 8.27
N ILE D 1208 39.16 10.02 7.82
CA ILE D 1208 40.50 9.53 8.15
C ILE D 1208 41.56 10.43 7.54
N GLN D 1209 41.34 10.89 6.30
CA GLN D 1209 42.31 11.74 5.63
C GLN D 1209 42.38 13.13 6.25
N ILE D 1210 41.26 13.67 6.70
CA ILE D 1210 41.28 14.97 7.39
C ILE D 1210 41.94 14.84 8.75
N LYS D 1211 41.69 13.73 9.45
CA LYS D 1211 42.37 13.47 10.71
C LYS D 1211 43.87 13.34 10.51
N GLU D 1212 44.29 12.75 9.39
CA GLU D 1212 45.71 12.70 9.08
C GLU D 1212 46.24 14.09 8.73
N VAL D 1213 45.51 14.84 7.90
CA VAL D 1213 45.96 16.18 7.53
C VAL D 1213 45.87 17.12 8.71
N GLY D 1214 44.81 17.00 9.50
CA GLY D 1214 44.67 17.84 10.69
C GLY D 1214 45.73 17.57 11.73
N ASP D 1215 46.21 16.33 11.81
CA ASP D 1215 47.40 16.07 12.61
C ASP D 1215 48.67 16.51 11.89
N ARG D 1216 48.66 16.51 10.56
CA ARG D 1216 49.82 17.01 9.82
C ARG D 1216 49.88 18.52 9.83
N VAL D 1217 48.74 19.20 9.88
CA VAL D 1217 48.76 20.66 10.03
C VAL D 1217 49.26 21.04 11.42
N ASN D 1218 48.85 20.28 12.44
CA ASN D 1218 49.36 20.51 13.79
C ASN D 1218 50.83 20.16 13.91
N TYR D 1219 51.33 19.25 13.07
CA TYR D 1219 52.75 18.91 13.08
C TYR D 1219 53.57 20.01 12.43
N ILE D 1220 53.08 20.58 11.32
CA ILE D 1220 53.79 21.68 10.67
C ILE D 1220 53.72 22.94 11.52
N LYS D 1221 52.62 23.17 12.22
CA LYS D 1221 52.52 24.32 13.11
C LYS D 1221 53.43 24.15 14.33
N ARG D 1222 53.58 22.91 14.82
CA ARG D 1222 54.45 22.67 15.95
C ARG D 1222 55.92 22.80 15.55
N SER D 1223 56.36 21.97 14.60
CA SER D 1223 57.79 21.88 14.31
C SER D 1223 58.30 23.10 13.55
N LEU D 1224 57.60 23.49 12.47
CA LEU D 1224 58.15 24.51 11.59
C LEU D 1224 57.91 25.92 12.12
N GLN D 1225 56.68 26.22 12.53
CA GLN D 1225 56.32 27.60 12.89
C GLN D 1225 56.92 28.04 14.21
N SER D 1226 57.22 27.11 15.12
CA SER D 1226 57.94 27.49 16.32
C SER D 1226 59.44 27.68 16.03
N LEU D 1227 59.95 27.03 14.99
CA LEU D 1227 61.36 27.12 14.63
C LEU D 1227 61.60 28.08 13.48
N ASP D 1228 60.81 29.15 13.40
CA ASP D 1228 60.97 30.17 12.37
C ASP D 1228 62.12 31.13 12.67
N SER D 1229 62.69 31.08 13.87
CA SER D 1229 63.78 31.97 14.23
C SER D 1229 65.12 31.24 14.17
CAA Y01 E . -42.22 -2.81 10.14
CBA Y01 E . -40.95 -3.61 9.84
CAB Y01 E . -41.31 -5.09 9.89
CAN Y01 E . -39.91 -3.32 10.91
CAJ Y01 E . -38.73 -2.62 10.26
CAO Y01 E . -37.79 -2.14 11.36
CBB Y01 E . -36.87 -1.04 10.84
CAC Y01 E . -37.68 0.19 10.48
CBE Y01 E . -35.91 -0.69 11.96
CAP Y01 E . -34.94 -1.86 12.16
CAQ Y01 E . -33.56 -1.22 12.35
CBG Y01 E . -33.91 0.22 12.62
CBI Y01 E . -35.00 0.46 11.61
CAE Y01 E . -34.48 0.37 10.17
CAU Y01 E . -35.58 1.83 11.86
CAS Y01 E . -34.45 2.86 11.65
CBF Y01 E . -33.28 2.56 12.59
CBD Y01 E . -32.77 1.16 12.36
CAK Y01 E . -31.67 0.89 13.38
CAI Y01 E . -30.66 1.86 13.43
CAZ Y01 E . -30.87 3.17 13.00
CAV Y01 E . -29.82 4.07 13.07
CBH Y01 E . -32.11 3.60 12.46
CAD Y01 E . -31.89 3.93 10.98
CAT Y01 E . -32.57 4.86 13.17
CAR Y01 E . -31.51 5.94 13.05
CBC Y01 E . -30.21 5.42 13.66
OAW Y01 E . -29.19 6.37 13.36
CAY Y01 E . -28.10 6.29 14.18
OAG Y01 E . -28.12 5.82 15.32
CAM Y01 E . -26.81 6.87 13.60
CAL Y01 E . -26.89 7.00 12.08
CAX Y01 E . -27.36 8.40 11.70
OAH Y01 E . -27.96 8.53 10.60
OAF Y01 E . -27.10 9.33 12.50
CAA Y01 F . -28.90 -29.18 12.41
CBA Y01 F . -28.72 -29.07 10.92
CAB Y01 F . -29.60 -30.13 10.36
CAN Y01 F . -27.30 -29.41 10.57
CAJ Y01 F . -26.49 -28.16 10.62
CAO Y01 F . -25.05 -28.54 10.89
CBB Y01 F . -24.42 -27.56 11.88
CAC Y01 F . -25.13 -27.82 13.21
CBE Y01 F . -22.88 -27.75 11.85
CAP Y01 F . -22.43 -27.39 10.43
CAQ Y01 F . -21.02 -26.82 10.54
CBG Y01 F . -20.69 -27.13 11.98
CBI Y01 F . -22.00 -26.80 12.69
CAE Y01 F . -22.43 -25.33 12.54
CAU Y01 F . -21.77 -27.18 14.17
CAS Y01 F . -20.62 -26.38 14.75
CBF Y01 F . -19.32 -26.59 13.95
CBD Y01 F . -19.53 -26.30 12.50
CAK Y01 F . -18.27 -26.72 11.77
CAI Y01 F . -17.12 -26.14 12.33
CAZ Y01 F . -17.07 -25.66 13.63
CAV Y01 F . -15.84 -25.13 14.06
CBH Y01 F . -18.24 -25.62 14.44
CAD Y01 F . -18.85 -24.20 14.42
CAT Y01 F . -17.90 -25.99 15.86
CAR Y01 F . -16.81 -25.09 16.34
CBC Y01 F . -15.56 -25.36 15.55
OAW Y01 F . -14.61 -24.43 16.02
CAY Y01 F . -13.34 -24.62 15.59
OAG Y01 F . -12.84 -25.72 15.38
CAM Y01 F . -12.55 -23.32 15.47
CAL Y01 F . -12.19 -22.80 16.87
CAX Y01 F . -10.78 -23.27 17.25
OAH Y01 F . -9.96 -23.40 16.32
OAF Y01 F . -10.56 -23.51 18.45
CAA Y01 G . -36.71 -9.99 22.25
CBA Y01 G . -37.26 -9.36 23.51
CAB Y01 G . -36.78 -10.18 24.71
CAN Y01 G . -38.79 -9.24 23.41
CAJ Y01 G . -39.54 -10.32 24.16
CAO Y01 G . -39.82 -11.55 23.30
CBB Y01 G . -41.30 -11.48 22.95
CAC Y01 G . -41.39 -10.91 21.58
CBE Y01 G . -42.00 -12.81 22.71
CAP Y01 G . -41.08 -13.94 22.30
CAQ Y01 G . -42.01 -15.13 22.50
CBG Y01 G . -43.28 -14.47 23.07
CBI Y01 G . -42.76 -13.37 23.88
CAE Y01 G . -41.90 -13.85 25.08
CAU Y01 G . -43.92 -12.55 24.36
CAS Y01 G . -44.89 -13.39 25.20
CBF Y01 G . -45.35 -14.65 24.42
CBD Y01 G . -44.12 -15.38 23.93
CAK Y01 G . -44.58 -16.46 23.05
CAI Y01 G . -45.43 -17.33 23.70
CAZ Y01 G . -46.20 -16.93 24.79
CAV Y01 G . -47.02 -17.91 25.31
CBH Y01 G . -46.10 -15.64 25.34
CAD Y01 G . -45.30 -15.78 26.65
CAT Y01 G . -47.47 -15.11 25.66
CAR Y01 G . -48.64 -16.05 25.24
CBC Y01 G . -48.40 -17.45 25.77
OAW Y01 G . -48.47 -17.50 27.20
CAY Y01 G . -48.95 -18.70 27.63
OAG Y01 G . -49.00 -19.74 26.98
CAM Y01 G . -49.49 -18.71 29.06
CAL Y01 G . -50.95 -19.14 29.03
CAX Y01 G . -51.13 -20.66 29.16
OAH Y01 G . -52.29 -21.07 29.39
OAF Y01 G . -50.11 -21.37 29.06
CAA Y01 H . -20.56 -38.87 3.33
CBA Y01 H . -20.30 -40.08 4.20
CAB Y01 H . -19.55 -41.10 3.34
CAN Y01 H . -21.62 -40.58 4.78
CAJ Y01 H . -22.16 -41.83 4.12
CAO Y01 H . -23.11 -41.50 2.98
CBB Y01 H . -24.49 -41.79 3.54
CAC Y01 H . -25.11 -40.49 3.95
CBE Y01 H . -25.51 -42.32 2.55
CAP Y01 H . -25.38 -41.71 1.17
CAQ Y01 H . -26.34 -42.61 0.41
CBG Y01 H . -26.78 -43.61 1.51
CBI Y01 H . -25.56 -43.82 2.28
CAE Y01 H . -24.41 -44.45 1.45
CAU Y01 H . -25.90 -44.70 3.47
CAS Y01 H . -26.53 -46.03 3.05
CBF Y01 H . -27.70 -45.81 2.08
CBD Y01 H . -27.24 -44.92 0.97
CAK Y01 H . -28.46 -44.58 0.27
CAI Y01 H . -29.06 -45.67 -0.32
CAZ Y01 H . -28.98 -46.91 0.27
CAV Y01 H . -29.64 -47.91 -0.39
CBH Y01 H . -28.22 -47.12 1.43
CAD Y01 H . -26.98 -47.99 1.06
CAT Y01 H . -29.10 -47.82 2.43
CAR Y01 H . -30.49 -48.30 1.90
CBC Y01 H . -30.42 -48.87 0.49
OAW Y01 H . -29.77 -50.14 0.48
CAY Y01 H . -30.25 -50.95 -0.53
OAG Y01 H . -30.96 -50.59 -1.46
CAM Y01 H . -29.93 -52.42 -0.38
CAL Y01 H . -31.23 -53.20 -0.28
CAX Y01 H . -31.76 -53.65 -1.66
OAH Y01 H . -32.70 -54.48 -1.65
OAF Y01 H . -31.21 -53.19 -2.67
CAA Y01 I . -5.19 -36.32 4.00
CBA Y01 I . -6.52 -35.65 4.37
CAB Y01 I . -7.11 -36.33 5.60
CAN Y01 I . -7.50 -35.76 3.21
CAJ Y01 I . -7.87 -37.24 3.00
CAO Y01 I . -9.38 -37.38 3.09
CBB Y01 I . -9.80 -37.24 4.53
CAC Y01 I . -9.81 -35.75 4.87
CBE Y01 I . -11.19 -37.89 4.75
CAP Y01 I . -11.78 -37.41 6.09
CAQ Y01 I . -12.98 -36.58 5.71
CBG Y01 I . -13.48 -37.43 4.60
CBI Y01 I . -12.26 -37.48 3.73
CAE Y01 I . -11.96 -36.14 3.03
CAU Y01 I . -12.56 -38.54 2.69
CAS Y01 I . -13.81 -38.15 1.86
CBF Y01 I . -15.03 -37.77 2.75
CBD Y01 I . -14.60 -36.80 3.84
CAK Y01 I . -15.80 -36.53 4.72
CAI Y01 I . -16.90 -36.03 4.00
CAZ Y01 I . -17.12 -36.35 2.65
CAV Y01 I . -18.23 -35.79 2.01
CBH Y01 I . -16.24 -37.18 1.92
CAD Y01 I . -15.71 -36.35 0.75
CAT Y01 I . -17.04 -38.34 1.37
CAR Y01 I . -18.15 -37.82 0.45
CBC Y01 I . -19.04 -36.84 1.24
OAW Y01 I . -19.92 -36.15 0.34
CAY Y01 I . -20.87 -36.99 -0.14
OAG Y01 I . -20.66 -38.15 -0.48
CAM Y01 I . -22.28 -36.40 -0.23
CAL Y01 I . -22.37 -35.46 -1.43
CAX Y01 I . -23.77 -35.54 -2.03
OAH Y01 I . -24.20 -36.66 -2.34
OAF Y01 I . -24.39 -34.46 -2.16
CAA Y01 J . -38.86 -3.91 -17.81
CBA Y01 J . -38.77 -2.67 -18.62
CAB Y01 J . -38.17 -3.03 -19.96
CAN Y01 J . -37.88 -1.68 -17.90
CAJ Y01 J . -36.45 -2.16 -17.81
CAO Y01 J . -35.58 -0.94 -17.54
CBB Y01 J . -34.33 -0.91 -18.44
CAC Y01 J . -34.78 -1.10 -19.90
CBE Y01 J . -33.57 0.43 -18.19
CAP Y01 J . -33.37 0.58 -16.66
CAQ Y01 J . -32.03 1.25 -16.46
CBG Y01 J . -31.72 1.71 -17.84
CBI Y01 J . -32.12 0.53 -18.70
CAE Y01 J . -31.34 -0.74 -18.37
CAU Y01 J . -31.89 0.96 -20.17
CAS Y01 J . -30.42 1.35 -20.40
CBF Y01 J . -30.01 2.49 -19.45
CBD Y01 J . -30.25 2.05 -18.03
CAK Y01 J . -29.94 3.22 -17.13
CAI Y01 J . -28.74 3.85 -17.41
CAZ Y01 J . -28.07 3.72 -18.61
CAV Y01 J . -26.89 4.45 -18.72
CBH Y01 J . -28.52 2.82 -19.61
CAD Y01 J . -27.70 1.52 -19.52
CAT Y01 J . -28.31 3.41 -20.99
CAR Y01 J . -26.89 3.90 -21.12
CBC Y01 J . -26.69 5.01 -20.11
OAW Y01 J . -25.35 5.46 -20.26
CAY Y01 J . -25.09 6.69 -19.77
OAG Y01 J . -25.94 7.51 -19.39
CAM Y01 J . -23.62 7.02 -19.74
CAL Y01 J . -22.84 5.72 -19.58
CAX Y01 J . -21.65 5.75 -20.53
OAH Y01 J . -21.17 6.88 -20.80
OAF Y01 J . -21.25 4.65 -20.99
CAA Y01 K . -23.12 -2.28 27.73
CBA Y01 K . -22.67 -3.53 28.51
CAB Y01 K . -21.28 -3.96 28.06
CAN Y01 K . -23.66 -4.70 28.32
CAJ Y01 K . -24.22 -4.78 26.90
CAO Y01 K . -25.73 -4.99 26.98
CBB Y01 K . -26.28 -5.80 25.79
CAC Y01 K . -25.31 -6.91 25.37
CBE Y01 K . -27.58 -6.45 26.24
CAP Y01 K . -28.55 -5.38 26.71
CAQ Y01 K . -29.93 -5.82 26.24
CBG Y01 K . -29.66 -7.21 25.71
CBI Y01 K . -28.32 -7.04 25.08
CAE Y01 K . -28.37 -6.09 23.87
CAU Y01 K . -27.82 -8.39 24.64
CAS Y01 K . -28.80 -8.94 23.59
CBF Y01 K . -30.21 -8.99 24.18
CBD Y01 K . -30.65 -7.62 24.67
CAK Y01 K . -32.05 -7.72 25.27
CAI Y01 K . -32.97 -8.53 24.57
CAZ Y01 K . -32.57 -9.39 23.55
CAV Y01 K . -33.59 -10.13 22.93
CBH Y01 K . -31.22 -9.47 23.14
CAD Y01 K . -31.07 -8.58 21.91
CAT Y01 K . -30.85 -10.88 22.83
CAR Y01 K . -31.68 -11.35 21.68
CBC Y01 K . -33.17 -11.30 22.02
OAW Y01 K . -33.93 -11.24 20.79
CAY Y01 K . -33.82 -12.42 20.13
OAG Y01 K . -32.76 -12.90 19.74
CAM Y01 K . -35.14 -13.19 19.90
CAL Y01 K . -34.82 -14.59 19.36
CAX Y01 K . -35.96 -15.11 18.49
OAH Y01 K . -37.05 -15.35 19.07
OAF Y01 K . -35.74 -15.25 17.27
CAA Y01 L . -41.94 8.59 -10.40
CBA Y01 L . -42.56 9.71 -11.19
CAB Y01 L . -43.05 10.78 -10.20
CAN Y01 L . -43.64 9.14 -12.12
CAJ Y01 L . -45.05 9.40 -11.61
CAO Y01 L . -45.57 8.26 -10.74
CBB Y01 L . -46.61 7.55 -11.57
CAC Y01 L . -45.92 6.35 -12.12
CBE Y01 L . -47.76 6.91 -10.83
CAP Y01 L . -47.44 6.56 -9.38
CAQ Y01 L . -48.84 6.31 -8.86
CBG Y01 L . -49.71 6.61 -10.08
CBI Y01 L . -49.03 7.73 -10.74
CAE Y01 L . -48.96 9.00 -9.87
CAU Y01 L . -49.72 8.01 -12.05
CAS Y01 L . -51.20 8.38 -11.83
CBF Y01 L . -51.92 7.30 -11.00
CBD Y01 L . -51.12 7.04 -9.75
CAK Y01 L . -51.71 5.87 -9.14
CAI Y01 L . -53.02 6.05 -8.79
CAZ Y01 L . -53.83 6.93 -9.48
CAV Y01 L . -55.14 6.97 -9.03
CBH Y01 L . -53.34 7.73 -10.53
CAD Y01 L . -53.24 9.18 -10.03
CAT Y01 L . -54.30 7.66 -11.69
CAR Y01 L . -55.56 6.76 -11.45
CBC Y01 L . -56.19 7.07 -10.11
OAW Y01 L . -56.78 8.39 -10.11
CAY Y01 L . -57.89 8.43 -9.33
OAG Y01 L . -58.18 7.64 -8.43
CAM Y01 L . -58.87 9.56 -9.63
CAL Y01 L . -60.21 8.93 -9.99
CAX Y01 L . -61.15 8.81 -8.79
OAH Y01 L . -62.37 8.68 -9.02
OAF Y01 L . -60.64 8.89 -7.65
CAA Y01 M . -30.12 19.20 -7.91
CBA Y01 M . -31.24 18.49 -7.16
CAB Y01 M . -30.83 18.22 -5.70
CAN Y01 M . -31.57 17.17 -7.87
CAJ Y01 M . -32.18 17.49 -9.22
CAO Y01 M . -32.69 16.22 -9.87
CBB Y01 M . -34.12 15.93 -9.44
CAC Y01 M . -35.07 16.12 -10.61
CBE Y01 M . -34.17 14.48 -9.00
CAP Y01 M . -33.60 14.43 -7.57
CAQ Y01 M . -34.60 13.60 -6.77
CBG Y01 M . -35.30 12.84 -7.86
CBI Y01 M . -35.57 13.93 -8.85
CAE Y01 M . -36.56 14.99 -8.31
CAU Y01 M . -36.15 13.30 -10.10
CAS Y01 M . -37.45 12.54 -9.74
CBF Y01 M . -37.24 11.55 -8.56
CBD Y01 M . -36.60 12.30 -7.40
CAK Y01 M . -36.36 11.31 -6.26
CAI Y01 M . -37.52 10.63 -5.89
CAZ Y01 M . -38.57 10.37 -6.78
CAV Y01 M . -39.68 9.67 -6.33
CBH Y01 M . -38.56 10.80 -8.12
CAD Y01 M . -39.77 11.71 -8.33
CAT Y01 M . -38.71 9.57 -9.02
CAR Y01 M . -39.91 8.68 -8.63
CBC Y01 M . -39.83 8.39 -7.11
OAW Y01 M . -41.05 7.75 -6.68
CAY Y01 M . -41.23 6.52 -7.21
OAG Y01 M . -40.77 6.14 -8.28
CAM Y01 M . -42.12 5.59 -6.37
CAL Y01 M . -41.28 4.43 -5.85
CAX Y01 M . -42.18 3.34 -5.25
OAH Y01 M . -41.73 2.18 -5.20
OAF Y01 M . -43.32 3.70 -4.86
CAA Y01 N . -24.92 -30.04 -17.10
CBA Y01 N . -25.79 -28.83 -17.33
CAB Y01 N . -27.01 -29.30 -18.07
CAN Y01 N . -25.00 -27.83 -18.15
CAJ Y01 N . -23.91 -27.32 -17.27
CAO Y01 N . -22.73 -26.90 -18.13
CBB Y01 N . -21.42 -27.26 -17.41
CAC Y01 N . -21.37 -28.78 -17.41
CBE Y01 N . -20.24 -26.52 -18.11
CAP Y01 N . -20.54 -25.02 -18.00
CAQ Y01 N . -19.19 -24.32 -17.88
CBG Y01 N . -18.25 -25.42 -18.21
CBI Y01 N . -18.83 -26.60 -17.46
CAE Y01 N . -18.90 -26.39 -15.93
CAU Y01 N . -17.96 -27.82 -17.81
CAS Y01 N . -16.50 -27.58 -17.41
CBF Y01 N . -15.94 -26.32 -18.09
CBD Y01 N . -16.82 -25.13 -17.77
CAK Y01 N . -16.32 -23.95 -18.56
CAI Y01 N . -14.95 -23.76 -18.47
CAZ Y01 N . -14.08 -24.75 -18.06
CAV Y01 N . -12.72 -24.41 -18.04
CBH Y01 N . -14.54 -26.01 -17.57
CAD Y01 N . -14.59 -25.98 -16.03
CAT Y01 N . -13.64 -27.13 -18.01
CAR Y01 N . -12.23 -26.79 -17.63
CBC Y01 N . -11.81 -25.58 -18.41
OAW Y01 N . -10.49 -25.29 -18.01
CAY Y01 N . -9.81 -24.45 -18.82
OAG Y01 N . -10.08 -24.21 -19.99
CAM Y01 N . -8.58 -23.84 -18.15
CAL Y01 N . -8.72 -23.94 -16.63
CAX Y01 N . -7.53 -24.73 -16.09
OAH Y01 N . -6.49 -24.72 -16.78
OAF Y01 N . -7.70 -25.34 -15.02
CAA Y01 O . -25.92 -20.23 -29.26
CBA Y01 O . -25.59 -20.94 -30.56
CAB Y01 O . -25.78 -19.94 -31.71
CAN Y01 O . -26.44 -22.21 -30.67
CAJ Y01 O . -27.62 -22.05 -31.61
CAO Y01 O . -28.88 -21.63 -30.89
CBB Y01 O . -29.77 -22.86 -30.88
CAC Y01 O . -29.64 -23.43 -29.51
CBE Y01 O . -31.27 -22.61 -30.93
CAP Y01 O . -31.67 -21.22 -30.46
CAQ Y01 O . -33.09 -21.16 -31.00
CBG Y01 O . -33.23 -22.52 -31.71
CBI Y01 O . -31.91 -22.75 -32.29
CAE Y01 O . -31.50 -21.69 -33.34
CAU Y01 O . -31.90 -24.13 -32.90
CAS Y01 O . -32.97 -24.27 -33.99
CBF Y01 O . -34.36 -23.88 -33.44
CBD Y01 O . -34.26 -22.52 -32.82
CAK Y01 O . -35.51 -22.30 -32.14
CAI Y01 O . -36.60 -22.35 -32.95
CAZ Y01 O . -36.60 -23.09 -34.11
CAV Y01 O . -37.80 -23.07 -34.79
CBH Y01 O . -35.45 -23.79 -34.56
CAD Y01 O . -34.83 -23.03 -35.75
CAT Y01 O . -35.86 -25.18 -34.98
CAR Y01 O . -37.39 -25.50 -34.90
CBC Y01 O . -38.21 -24.36 -35.49
OAW Y01 O . -38.01 -24.24 -36.90
CAY Y01 O . -39.17 -23.84 -37.52
OAG Y01 O . -40.04 -23.13 -37.02
CAM Y01 O . -39.38 -24.34 -38.94
CAL Y01 O . -40.70 -25.11 -38.98
CAX Y01 O . -41.84 -24.24 -39.50
OAH Y01 O . -42.77 -24.82 -40.09
OAF Y01 O . -41.76 -23.01 -39.30
CAA Y01 P . -10.94 -12.75 -33.51
CBA Y01 P . -11.37 -12.76 -32.05
CAB Y01 P . -11.25 -14.18 -31.48
CAN Y01 P . -12.81 -12.24 -31.92
CAJ Y01 P . -13.82 -13.30 -32.37
CAO Y01 P . -14.24 -14.17 -31.19
CBB Y01 P . -15.49 -14.96 -31.57
CAC Y01 P . -15.09 -16.36 -32.01
CBE Y01 P . -16.43 -15.08 -30.36
CAP Y01 P . -16.68 -13.66 -29.82
CAQ Y01 P . -18.20 -13.52 -29.72
CBG Y01 P . -18.61 -14.95 -29.61
CBI Y01 P . -17.83 -15.59 -30.72
CAE Y01 P . -18.29 -15.10 -32.09
CAU Y01 P . -18.02 -17.08 -30.64
CAS Y01 P . -19.53 -17.39 -30.79
CBF Y01 P . -20.37 -16.61 -29.75
CBD Y01 P . -20.07 -15.13 -29.87
CAK Y01 P . -20.86 -14.35 -28.81
CAI Y01 P . -22.19 -14.74 -28.67
CAZ Y01 P . -22.70 -15.94 -29.18
CAV Y01 P . -24.05 -16.22 -28.97
CBH Y01 P . -21.90 -16.85 -29.92
CAD Y01 P . -22.24 -16.68 -31.39
CAT Y01 P . -22.16 -18.30 -29.52
CAR Y01 P . -23.64 -18.61 -29.36
CBC Y01 P . -24.18 -17.61 -28.36
OAW Y01 P . -25.56 -17.92 -28.07
CAY Y01 P . -26.21 -17.00 -27.29
OAG Y01 P . -25.66 -16.09 -26.68
CAM Y01 P . -27.73 -17.20 -27.21
CAL Y01 P . -28.35 -16.29 -26.16
CAX Y01 P . -29.78 -16.74 -25.86
OAH Y01 P . -30.24 -16.49 -24.72
OAF Y01 P . -30.39 -17.31 -26.78
#